data_3W9H
#
_entry.id   3W9H
#
_cell.length_a   226.279
_cell.length_b   134.160
_cell.length_c   162.202
_cell.angle_alpha   90.000
_cell.angle_beta   97.830
_cell.angle_gamma   90.000
#
_symmetry.space_group_name_H-M   'C 1 2 1'
#
loop_
_entity.id
_entity.type
_entity.pdbx_description
1 polymer 'Acriflavine resistance protein B'
2 non-polymer [{2-[({[(3R)-1-{8-[(4-tert-butyl-1,3-thiazol-2-yl)carbamoyl]-4-oxo-3-[(E)-2-(1H-tetrazol-5-yl)ethenyl]-4H-pyrido[1,2-a]pyrimidin-2-yl}piperidin-3-yl]oxy}carbonyl)amino]ethyl}(dimethyl)ammonio]acetate
3 water water
#
_entity_poly.entity_id   1
_entity_poly.type   'polypeptide(L)'
_entity_poly.pdbx_seq_one_letter_code
;MPNFFIDRPIFAWVIAIIIMLAGGLAILKLPVAQYPTIAPPAVTISASYPGADAKTVQDTVTQVIEQNMNGIDNLMYMSS
NSDSTGTVQITLTFESGTDADIAQVQVQNKLQLAMPLLPQEVQQQGVSVEKSSSSFLMVVGVINTDGTMTQEDISDYVAA
NMKDAISRTSGVGDVQLFGSQYAMRIWMNPNELNKFQLTPVDVITAIKAQNAQVAAGQLGGTPPVKGQQLNASIIAQTRL
TSTEEFGKILLKVNQDGSRVLLRDVAKIELGGENYDIIAEFNGQPASGLGIKLATGANALDTAAAIRAELAKMEPFFPSG
LKIVYPYDTTPFVKISIHEVVKTLVEAIILVFLVMYLFLQNFRATLIPTIAVPVVLLGTFAVLAAFGFSINTLTMFGMVL
AIGLLVDDAIVVVENVERVMAEEGLPPKEATRKSMGQIQGALVGIAMVLSAVFVPMAFFGGSTGAIYRQFSITIVSAMAL
SVLVALILTPALCATMLKPIAKGDHGEGKKGFFGWFNRMFEKSTHHYTDSVGGILRSTGRYLVLYLIIVVGMAYLFVRLP
SSFLPDEDQGVFMTMVQLPAGATQERTQKVLNEVTHYYLTKEKNNVESVFAVNGFGFAGRGQNTGIAFVSLKDWADRPGE
ENKVEAITMRATRAFSQIKDAMVFAFNLPAIVELGTATGFDFELIDQAGLGHEKLTQARNQLLAEAAKHPDMLTSVRPNG
LEDTPQFKIDIDQEKAQALGVSINDINTTLGAAWGGSYVNDFIDRGRVKKVYVMSEAKYRMLPDDIGDWYVRAADGQMVP
FSAFSSSRWEYGSPRLERYNGLPSMEILGQAAPGKSTGEAMELMEQLASKLPTGVGYDWTGMSYQERLSGNQAPSLYAIS
LIVVFLCLAALYESWSIPFSVMLVVPLGVIGALLAATFRGLTNDVYFQVGLLTTIGLSAKNAILIVEFAKDLMDKEGKGL
IEATLDAVRMRLRPILMTSLAFILGVMPLVISTGAGSGAQNAVGTGVMGGMVTATVLAIFFVPVFFVVVRRRF
;
_entity_poly.pdbx_strand_id   A,B,C
#
# COMPACT_ATOMS: atom_id res chain seq x y z
N MET A 1 -7.25 24.68 -37.61
CA MET A 1 -8.14 23.93 -36.66
C MET A 1 -9.39 24.73 -36.34
N PRO A 2 -9.26 26.06 -36.12
CA PRO A 2 -10.48 26.85 -35.95
C PRO A 2 -11.27 26.88 -37.25
N ASN A 3 -10.55 26.95 -38.37
CA ASN A 3 -11.11 26.85 -39.72
C ASN A 3 -11.75 25.46 -39.97
N PHE A 4 -11.08 24.41 -39.50
CA PHE A 4 -11.58 23.02 -39.57
C PHE A 4 -12.97 22.93 -38.94
N PHE A 5 -13.07 23.44 -37.72
CA PHE A 5 -14.32 23.38 -36.95
C PHE A 5 -15.35 24.45 -37.37
N ILE A 6 -14.90 25.45 -38.12
CA ILE A 6 -15.80 26.44 -38.72
C ILE A 6 -16.70 25.78 -39.77
N ASP A 7 -16.11 24.95 -40.62
CA ASP A 7 -16.83 24.20 -41.62
C ASP A 7 -17.35 22.88 -41.03
N ARG A 8 -17.38 22.80 -39.70
CA ARG A 8 -17.85 21.61 -38.99
C ARG A 8 -18.48 21.96 -37.65
N PRO A 9 -19.71 22.53 -37.65
CA PRO A 9 -20.39 22.90 -36.39
C PRO A 9 -20.92 21.71 -35.58
N ILE A 10 -21.86 20.95 -36.16
CA ILE A 10 -22.43 19.76 -35.52
C ILE A 10 -21.33 18.83 -34.97
N PHE A 11 -20.11 18.94 -35.49
CA PHE A 11 -18.97 18.15 -34.99
C PHE A 11 -18.35 18.78 -33.73
N ALA A 12 -18.10 20.08 -33.78
CA ALA A 12 -17.59 20.82 -32.62
C ALA A 12 -18.69 20.92 -31.56
N TRP A 13 -19.92 20.67 -31.99
CA TRP A 13 -21.05 20.57 -31.10
C TRP A 13 -20.92 19.28 -30.26
N VAL A 14 -20.58 18.18 -30.93
CA VAL A 14 -20.41 16.87 -30.27
C VAL A 14 -19.31 16.92 -29.22
N ILE A 15 -18.12 17.36 -29.61
CA ILE A 15 -16.95 17.45 -28.71
C ILE A 15 -17.26 18.16 -27.38
N ALA A 16 -17.97 19.30 -27.44
CA ALA A 16 -18.38 20.03 -26.25
C ALA A 16 -19.40 19.30 -25.39
N ILE A 17 -20.18 18.42 -26.02
CA ILE A 17 -21.12 17.56 -25.28
C ILE A 17 -20.38 16.43 -24.53
N ILE A 18 -19.52 15.72 -25.27
CA ILE A 18 -18.64 14.72 -24.67
C ILE A 18 -17.72 15.30 -23.58
N ILE A 19 -17.28 16.55 -23.75
CA ILE A 19 -16.67 17.27 -22.64
C ILE A 19 -17.67 17.34 -21.49
N MET A 20 -18.88 17.82 -21.76
CA MET A 20 -19.86 18.09 -20.70
C MET A 20 -20.43 16.82 -20.07
N LEU A 21 -20.52 15.76 -20.86
CA LEU A 21 -21.01 14.48 -20.38
C LEU A 21 -20.00 13.92 -19.41
N ALA A 22 -18.72 14.07 -19.75
CA ALA A 22 -17.60 13.61 -18.91
C ALA A 22 -17.59 14.30 -17.55
N GLY A 23 -17.81 15.61 -17.55
CA GLY A 23 -17.79 16.42 -16.33
C GLY A 23 -19.07 16.31 -15.54
N GLY A 24 -20.14 15.88 -16.19
CA GLY A 24 -21.39 15.61 -15.49
C GLY A 24 -21.30 14.26 -14.80
N LEU A 25 -20.67 13.31 -15.49
CA LEU A 25 -20.31 11.99 -14.95
C LEU A 25 -19.44 12.16 -13.71
N ALA A 26 -18.27 12.75 -13.92
CA ALA A 26 -17.28 12.93 -12.87
C ALA A 26 -17.66 13.93 -11.75
N ILE A 27 -18.81 14.60 -11.85
CA ILE A 27 -19.37 15.32 -10.71
C ILE A 27 -20.12 14.31 -9.85
N LEU A 28 -20.89 13.46 -10.53
CA LEU A 28 -21.71 12.49 -9.83
C LEU A 28 -20.88 11.51 -9.03
N LYS A 29 -19.56 11.55 -9.23
CA LYS A 29 -18.63 10.61 -8.55
C LYS A 29 -17.39 11.25 -7.83
N LEU A 30 -17.20 12.57 -7.96
CA LEU A 30 -16.10 13.24 -7.25
C LEU A 30 -16.40 13.45 -5.75
N PRO A 31 -15.41 13.18 -4.88
CA PRO A 31 -15.63 13.32 -3.43
C PRO A 31 -15.78 14.77 -2.97
N VAL A 32 -16.71 15.06 -2.07
CA VAL A 32 -16.75 16.41 -1.49
C VAL A 32 -15.99 16.54 -0.15
N ALA A 33 -15.08 17.50 -0.10
CA ALA A 33 -14.39 17.88 1.11
C ALA A 33 -14.69 19.37 1.35
N GLN A 34 -14.46 19.85 2.59
CA GLN A 34 -14.48 21.30 2.87
C GLN A 34 -13.17 21.83 2.34
N TYR A 35 -12.17 21.87 3.21
CA TYR A 35 -10.77 21.99 2.80
C TYR A 35 -10.24 20.60 2.40
N PRO A 36 -9.14 20.56 1.64
CA PRO A 36 -8.83 19.26 1.12
C PRO A 36 -7.76 18.53 1.95
N THR A 37 -8.08 18.26 3.22
CA THR A 37 -7.30 17.36 4.11
C THR A 37 -5.74 17.54 4.11
N ILE A 38 -5.27 18.39 5.03
CA ILE A 38 -3.87 18.74 5.11
C ILE A 38 -3.46 18.79 6.57
N ALA A 39 -3.38 17.63 7.19
CA ALA A 39 -2.93 17.50 8.58
C ALA A 39 -2.12 16.23 8.72
N PRO A 40 -1.14 16.23 9.62
CA PRO A 40 -0.34 15.01 9.76
C PRO A 40 -1.24 13.87 10.21
N PRO A 41 -1.08 12.67 9.63
CA PRO A 41 -1.80 11.52 10.16
C PRO A 41 -1.34 11.36 11.58
N ALA A 42 -2.24 10.94 12.47
CA ALA A 42 -1.86 10.68 13.86
C ALA A 42 -2.48 9.39 14.40
N VAL A 43 -1.61 8.48 14.88
CA VAL A 43 -1.98 7.19 15.51
C VAL A 43 -1.89 7.33 17.03
N THR A 44 -2.80 6.70 17.76
CA THR A 44 -2.95 7.03 19.15
C THR A 44 -3.23 5.84 20.00
N ILE A 45 -2.17 5.17 20.47
CA ILE A 45 -2.31 4.04 21.43
C ILE A 45 -3.00 4.56 22.67
N SER A 46 -3.78 3.75 23.35
CA SER A 46 -4.36 4.18 24.62
C SER A 46 -4.79 3.00 25.46
N ALA A 47 -4.55 3.09 26.75
CA ALA A 47 -4.79 1.99 27.64
C ALA A 47 -5.31 2.50 28.95
N SER A 48 -5.90 1.62 29.72
CA SER A 48 -6.29 1.97 31.07
C SER A 48 -5.88 0.89 32.08
N TYR A 49 -5.99 1.25 33.35
CA TYR A 49 -5.42 0.51 34.45
C TYR A 49 -6.29 0.89 35.60
N PRO A 50 -7.42 0.20 35.79
CA PRO A 50 -8.47 0.76 36.62
C PRO A 50 -8.00 0.91 38.07
N GLY A 51 -8.45 2.00 38.71
CA GLY A 51 -8.01 2.32 40.06
C GLY A 51 -6.57 2.73 40.25
N ALA A 52 -5.84 3.01 39.17
CA ALA A 52 -4.45 3.41 39.32
C ALA A 52 -4.22 4.92 39.17
N ASP A 53 -3.35 5.47 40.03
CA ASP A 53 -2.86 6.85 40.00
C ASP A 53 -1.84 7.03 38.88
N ALA A 54 -1.68 8.29 38.48
CA ALA A 54 -0.85 8.66 37.35
C ALA A 54 0.57 8.12 37.41
N LYS A 55 1.22 8.15 38.58
CA LYS A 55 2.61 7.66 38.60
C LYS A 55 2.75 6.16 38.28
N THR A 56 1.73 5.41 38.65
CA THR A 56 1.71 3.97 38.45
C THR A 56 1.34 3.64 37.00
N VAL A 57 0.34 4.33 36.48
CA VAL A 57 -0.01 4.20 35.08
C VAL A 57 1.25 4.39 34.24
N GLN A 58 1.88 5.56 34.38
CA GLN A 58 3.13 5.91 33.72
C GLN A 58 4.31 4.97 33.93
N ASP A 59 4.49 4.41 35.12
CA ASP A 59 5.71 3.67 35.30
C ASP A 59 5.55 2.18 35.11
N THR A 60 4.40 1.82 34.56
CA THR A 60 3.97 0.44 34.53
C THR A 60 3.44 0.09 33.16
N VAL A 61 3.09 1.14 32.43
CA VAL A 61 2.37 1.00 31.21
C VAL A 61 3.08 1.87 30.22
N THR A 62 2.76 3.19 30.28
CA THR A 62 3.42 4.23 29.47
C THR A 62 4.90 4.04 29.14
N GLN A 63 5.78 4.12 30.13
CA GLN A 63 7.21 3.97 29.90
C GLN A 63 7.52 2.68 29.17
N VAL A 64 6.89 1.59 29.61
CA VAL A 64 7.11 0.28 28.99
C VAL A 64 6.75 0.36 27.51
N ILE A 65 5.57 0.90 27.18
CA ILE A 65 5.24 1.16 25.78
C ILE A 65 6.23 2.09 25.04
N GLU A 66 6.55 3.25 25.62
CA GLU A 66 7.31 4.28 24.89
C GLU A 66 8.58 3.71 24.34
N GLN A 67 9.39 3.11 25.20
CA GLN A 67 10.66 2.53 24.83
C GLN A 67 10.60 1.72 23.56
N ASN A 68 9.65 0.79 23.45
CA ASN A 68 9.50 0.03 22.21
C ASN A 68 9.02 0.84 20.99
N MET A 69 8.54 2.07 21.16
CA MET A 69 8.18 2.88 20.02
C MET A 69 9.43 3.38 19.31
N ASN A 70 10.16 2.50 18.67
CA ASN A 70 11.28 2.96 17.87
C ASN A 70 11.35 2.31 16.49
N GLY A 71 11.90 3.03 15.53
CA GLY A 71 12.02 2.50 14.19
C GLY A 71 10.63 2.37 13.62
N ILE A 72 10.07 3.53 13.30
CA ILE A 72 8.78 3.65 12.68
C ILE A 72 9.01 4.69 11.62
N ASP A 73 8.51 4.45 10.42
CA ASP A 73 8.74 5.40 9.33
C ASP A 73 8.04 6.72 9.66
N ASN A 74 8.63 7.83 9.25
CA ASN A 74 7.98 9.13 9.17
C ASN A 74 7.50 9.72 10.49
N LEU A 75 8.12 9.27 11.57
CA LEU A 75 7.62 9.71 12.86
C LEU A 75 8.17 11.09 13.15
N MET A 76 7.28 12.09 13.18
CA MET A 76 7.70 13.46 13.55
C MET A 76 7.96 13.66 15.05
N TYR A 77 6.99 13.28 15.89
CA TYR A 77 7.14 13.31 17.38
C TYR A 77 6.07 12.46 18.10
N MET A 78 6.30 12.22 19.39
CA MET A 78 5.43 11.34 20.21
C MET A 78 5.11 11.86 21.61
N SER A 79 3.91 12.46 21.78
CA SER A 79 3.48 12.93 23.11
C SER A 79 2.72 11.86 23.88
N SER A 80 2.53 12.07 25.19
CA SER A 80 1.74 11.13 26.04
C SER A 80 1.13 11.80 27.31
N ASN A 81 0.12 11.15 27.88
CA ASN A 81 -0.50 11.61 29.12
C ASN A 81 -0.79 10.45 30.02
N SER A 82 -0.45 10.58 31.29
CA SER A 82 -0.75 9.50 32.19
C SER A 82 -1.66 10.00 33.28
N ASP A 83 -2.89 10.35 32.91
CA ASP A 83 -3.85 10.83 33.89
C ASP A 83 -4.05 9.84 35.03
N SER A 84 -4.31 10.39 36.22
CA SER A 84 -4.51 9.64 37.45
C SER A 84 -5.93 9.09 37.59
N THR A 85 -6.65 9.03 36.48
CA THR A 85 -7.79 8.14 36.40
C THR A 85 -7.20 6.74 36.43
N GLY A 86 -6.63 6.37 35.29
CA GLY A 86 -5.75 5.22 35.19
C GLY A 86 -5.65 5.02 33.73
N THR A 87 -5.12 6.01 33.01
CA THR A 87 -5.34 6.09 31.58
C THR A 87 -4.09 6.62 30.94
N VAL A 88 -3.63 5.95 29.90
CA VAL A 88 -2.40 6.36 29.28
C VAL A 88 -3.01 6.55 27.97
N GLN A 89 -2.50 7.55 27.27
CA GLN A 89 -2.89 7.84 25.92
C GLN A 89 -1.63 8.45 25.33
N ILE A 90 -1.22 7.90 24.18
CA ILE A 90 0.09 8.15 23.60
C ILE A 90 -0.12 8.39 22.14
N THR A 91 0.45 9.46 21.65
CA THR A 91 0.06 9.91 20.34
C THR A 91 1.27 10.04 19.40
N LEU A 92 1.24 9.30 18.30
CA LEU A 92 2.30 9.45 17.32
C LEU A 92 1.78 10.32 16.20
N THR A 93 2.43 11.46 16.01
CA THR A 93 2.11 12.29 14.85
C THR A 93 3.11 11.96 13.76
N PHE A 94 2.65 11.88 12.52
CA PHE A 94 3.48 11.40 11.39
C PHE A 94 3.56 12.42 10.25
N GLU A 95 4.70 12.44 9.55
CA GLU A 95 4.90 13.34 8.39
C GLU A 95 3.66 13.42 7.52
N SER A 96 3.33 14.61 7.02
CA SER A 96 2.10 14.72 6.22
C SER A 96 2.21 13.95 4.94
N GLY A 97 1.16 13.23 4.60
CA GLY A 97 1.23 12.35 3.47
C GLY A 97 1.68 10.93 3.77
N THR A 98 1.94 10.60 5.03
CA THR A 98 2.31 9.21 5.37
C THR A 98 1.09 8.30 5.18
N ASP A 99 1.35 7.02 4.92
CA ASP A 99 0.26 6.04 4.83
C ASP A 99 -0.23 5.59 6.21
N ALA A 100 -1.38 6.10 6.62
CA ALA A 100 -1.84 5.84 7.97
C ALA A 100 -1.94 4.32 8.27
N ASP A 101 -2.55 3.57 7.35
CA ASP A 101 -2.61 2.12 7.41
C ASP A 101 -1.32 1.55 7.91
N ILE A 102 -0.29 1.78 7.12
CA ILE A 102 1.00 1.32 7.49
C ILE A 102 1.47 1.88 8.83
N ALA A 103 1.37 3.19 9.02
CA ALA A 103 1.81 3.76 10.28
C ALA A 103 1.21 2.94 11.43
N GLN A 104 -0.14 2.82 11.44
CA GLN A 104 -0.84 2.00 12.45
C GLN A 104 -0.25 0.55 12.53
N VAL A 105 -0.09 -0.11 11.38
CA VAL A 105 0.56 -1.39 11.37
C VAL A 105 1.92 -1.38 12.12
N GLN A 106 2.76 -0.39 11.82
CA GLN A 106 4.09 -0.35 12.42
C GLN A 106 3.96 -0.03 13.89
N VAL A 107 3.13 0.95 14.22
CA VAL A 107 2.95 1.35 15.60
C VAL A 107 2.77 0.09 16.43
N GLN A 108 1.92 -0.81 15.90
CA GLN A 108 1.38 -1.93 16.66
C GLN A 108 2.35 -3.04 16.74
N ASN A 109 3.16 -3.24 15.70
CA ASN A 109 4.26 -4.21 15.79
C ASN A 109 5.16 -3.95 17.01
N LYS A 110 5.30 -2.68 17.40
CA LYS A 110 6.12 -2.36 18.51
C LYS A 110 5.39 -2.61 19.81
N LEU A 111 4.13 -2.22 19.81
CA LEU A 111 3.29 -2.32 20.96
C LEU A 111 3.16 -3.76 21.43
N GLN A 112 2.94 -4.70 20.49
CA GLN A 112 2.84 -6.15 20.77
C GLN A 112 4.08 -6.62 21.53
N LEU A 113 5.24 -6.05 21.21
CA LEU A 113 6.49 -6.40 21.83
C LEU A 113 6.48 -6.10 23.33
N ALA A 114 5.75 -5.07 23.69
CA ALA A 114 5.62 -4.62 25.06
C ALA A 114 4.43 -5.23 25.75
N MET A 115 3.46 -5.70 24.96
CA MET A 115 2.20 -6.21 25.51
C MET A 115 2.30 -7.13 26.70
N PRO A 116 3.20 -8.14 26.66
CA PRO A 116 3.24 -9.09 27.77
C PRO A 116 4.03 -8.54 28.91
N LEU A 117 4.28 -7.24 28.89
CA LEU A 117 4.88 -6.56 30.04
C LEU A 117 3.85 -5.68 30.76
N LEU A 118 2.76 -5.37 30.11
CA LEU A 118 1.78 -4.58 30.82
C LEU A 118 1.21 -5.48 31.95
N PRO A 119 0.62 -4.84 32.97
CA PRO A 119 -0.02 -5.59 34.02
C PRO A 119 -1.20 -6.31 33.44
N GLN A 120 -1.48 -7.50 33.98
CA GLN A 120 -2.56 -8.34 33.49
C GLN A 120 -3.85 -7.55 33.40
N GLU A 121 -4.11 -6.70 34.40
CA GLU A 121 -5.37 -5.94 34.42
C GLU A 121 -5.45 -4.86 33.40
N VAL A 122 -4.29 -4.45 32.92
CA VAL A 122 -4.23 -3.47 31.85
C VAL A 122 -4.66 -4.12 30.55
N GLN A 123 -4.22 -5.35 30.34
CA GLN A 123 -4.51 -6.08 29.12
C GLN A 123 -5.98 -6.42 29.10
N GLN A 124 -6.54 -6.84 30.24
CA GLN A 124 -7.96 -7.20 30.32
C GLN A 124 -8.90 -6.05 29.98
N GLN A 125 -8.41 -4.82 29.99
CA GLN A 125 -9.28 -3.73 29.58
C GLN A 125 -9.11 -3.46 28.08
N GLY A 126 -8.03 -4.01 27.52
CA GLY A 126 -7.74 -3.86 26.10
C GLY A 126 -7.05 -2.55 25.85
N VAL A 127 -5.83 -2.66 25.34
CA VAL A 127 -5.12 -1.50 24.92
C VAL A 127 -5.66 -1.30 23.52
N SER A 128 -5.61 -0.10 22.98
CA SER A 128 -6.29 0.04 21.72
C SER A 128 -5.44 0.92 20.87
N VAL A 129 -5.36 0.64 19.56
CA VAL A 129 -4.45 1.41 18.71
C VAL A 129 -5.17 2.10 17.56
N GLU A 130 -5.90 3.18 17.84
CA GLU A 130 -6.60 3.89 16.76
C GLU A 130 -5.80 4.94 15.96
N LYS A 131 -6.41 5.35 14.85
CA LYS A 131 -5.84 6.32 13.93
C LYS A 131 -6.95 7.22 13.40
N SER A 132 -7.15 8.36 14.04
CA SER A 132 -8.21 9.22 13.58
C SER A 132 -7.97 10.70 13.86
N SER A 133 -8.80 11.52 13.21
CA SER A 133 -8.87 12.91 13.49
C SER A 133 -9.07 13.16 14.95
N SER A 134 -8.41 14.20 15.43
CA SER A 134 -8.47 14.55 16.84
C SER A 134 -9.88 15.01 17.27
N SER A 135 -10.63 15.55 16.31
CA SER A 135 -11.85 16.32 16.59
C SER A 135 -13.10 15.58 16.24
N PHE A 136 -14.15 15.80 17.03
CA PHE A 136 -15.45 15.26 16.64
C PHE A 136 -15.97 15.75 15.27
N LEU A 137 -16.30 14.77 14.43
CA LEU A 137 -16.93 14.99 13.16
C LEU A 137 -18.39 15.34 13.40
N MET A 138 -18.96 14.67 14.38
CA MET A 138 -20.37 14.81 14.71
C MET A 138 -20.60 14.08 16.04
N VAL A 139 -21.76 14.32 16.65
CA VAL A 139 -22.16 13.67 17.89
C VAL A 139 -23.61 13.22 17.72
N VAL A 140 -23.88 11.96 18.02
CA VAL A 140 -25.24 11.49 17.93
C VAL A 140 -25.79 11.43 19.32
N GLY A 141 -26.92 12.12 19.50
CA GLY A 141 -27.58 12.19 20.80
C GLY A 141 -28.68 11.16 20.83
N VAL A 142 -29.13 10.83 22.03
CA VAL A 142 -30.23 9.91 22.20
C VAL A 142 -30.98 10.18 23.49
N ILE A 143 -32.26 10.54 23.34
CA ILE A 143 -33.14 10.87 24.49
C ILE A 143 -34.38 9.98 24.58
N ASN A 144 -35.05 9.98 25.73
CA ASN A 144 -36.17 9.08 25.92
C ASN A 144 -37.58 9.59 25.61
N THR A 145 -37.89 10.83 25.97
CA THR A 145 -39.22 11.50 25.72
C THR A 145 -40.44 10.84 26.36
N ASP A 146 -40.26 9.76 27.11
CA ASP A 146 -41.37 9.20 27.89
C ASP A 146 -41.00 9.30 29.36
N GLY A 147 -39.78 9.78 29.62
CA GLY A 147 -39.15 9.71 30.94
C GLY A 147 -39.13 8.29 31.50
N THR A 148 -39.37 7.30 30.62
CA THR A 148 -39.46 5.87 30.95
C THR A 148 -38.11 5.13 31.06
N MET A 149 -37.05 5.77 30.57
CA MET A 149 -35.68 5.26 30.68
C MET A 149 -34.80 6.28 31.41
N THR A 150 -33.86 5.79 32.24
CA THR A 150 -32.95 6.67 32.96
C THR A 150 -31.73 7.10 32.13
N GLN A 151 -30.81 7.85 32.75
CA GLN A 151 -29.55 8.20 32.10
C GLN A 151 -28.87 6.86 31.95
N GLU A 152 -28.63 6.19 33.08
CA GLU A 152 -28.11 4.86 33.12
C GLU A 152 -28.61 4.03 31.94
N ASP A 153 -29.91 3.75 31.90
CA ASP A 153 -30.54 2.97 30.83
C ASP A 153 -30.08 3.31 29.40
N ILE A 154 -30.05 4.58 29.06
CA ILE A 154 -29.88 4.91 27.66
C ILE A 154 -28.44 4.68 27.27
N SER A 155 -27.53 5.08 28.13
CA SER A 155 -26.14 4.74 27.95
C SER A 155 -26.00 3.22 27.72
N ASP A 156 -26.75 2.40 28.44
CA ASP A 156 -26.76 0.98 28.11
C ASP A 156 -27.45 0.61 26.81
N TYR A 157 -28.65 1.14 26.49
CA TYR A 157 -29.21 0.77 25.20
C TYR A 157 -28.08 0.95 24.17
N VAL A 158 -27.51 2.16 24.20
CA VAL A 158 -26.73 2.69 23.11
C VAL A 158 -25.53 1.81 22.87
N ALA A 159 -24.81 1.52 23.95
CA ALA A 159 -23.64 0.63 23.96
C ALA A 159 -23.94 -0.75 23.41
N ALA A 160 -24.85 -1.49 24.07
CA ALA A 160 -25.21 -2.82 23.60
C ALA A 160 -25.81 -2.89 22.26
N ASN A 161 -26.41 -1.79 21.74
CA ASN A 161 -27.22 -1.84 20.47
C ASN A 161 -26.94 -0.91 19.31
N MET A 162 -25.92 -0.06 19.41
CA MET A 162 -25.72 0.93 18.40
C MET A 162 -24.26 1.20 18.18
N LYS A 163 -23.56 1.45 19.28
CA LYS A 163 -22.09 1.47 19.32
C LYS A 163 -21.46 0.49 18.35
N ASP A 164 -21.65 -0.83 18.59
CA ASP A 164 -20.93 -1.84 17.78
C ASP A 164 -20.86 -1.52 16.29
N ALA A 165 -22.01 -1.30 15.64
CA ALA A 165 -22.04 -0.95 14.19
C ALA A 165 -21.40 0.40 13.85
N ILE A 166 -21.46 1.36 14.75
CA ILE A 166 -20.93 2.64 14.34
C ILE A 166 -19.42 2.44 14.33
N SER A 167 -18.89 1.94 15.43
CA SER A 167 -17.49 1.50 15.53
C SER A 167 -17.07 0.76 14.29
N ARG A 168 -17.86 -0.23 13.89
CA ARG A 168 -17.51 -1.06 12.75
C ARG A 168 -17.62 -0.41 11.37
N THR A 169 -18.05 0.83 11.30
CA THR A 169 -18.40 1.45 10.02
C THR A 169 -17.24 2.17 9.33
N SER A 170 -16.82 1.63 8.21
CA SER A 170 -15.76 2.28 7.44
C SER A 170 -15.80 3.79 7.57
N GLY A 171 -14.64 4.33 7.93
CA GLY A 171 -14.41 5.76 7.98
C GLY A 171 -14.42 6.26 9.41
N VAL A 172 -15.17 5.58 10.27
CA VAL A 172 -15.21 5.87 11.72
C VAL A 172 -13.89 5.48 12.40
N GLY A 173 -13.09 6.48 12.72
CA GLY A 173 -11.75 6.19 13.19
C GLY A 173 -11.83 5.81 14.62
N ASP A 174 -12.57 6.61 15.38
CA ASP A 174 -12.87 6.39 16.79
C ASP A 174 -14.36 6.69 17.07
N VAL A 175 -14.90 6.02 18.09
CA VAL A 175 -16.16 6.45 18.64
C VAL A 175 -16.11 6.45 20.15
N GLN A 176 -16.21 7.66 20.68
CA GLN A 176 -16.41 7.91 22.08
C GLN A 176 -17.91 7.83 22.41
N LEU A 177 -18.26 7.19 23.54
CA LEU A 177 -19.64 7.22 23.98
C LEU A 177 -19.89 7.82 25.35
N PHE A 178 -20.96 8.60 25.41
CA PHE A 178 -21.18 9.48 26.51
C PHE A 178 -21.98 8.82 27.62
N GLY A 179 -21.34 7.83 28.21
CA GLY A 179 -21.97 7.04 29.23
C GLY A 179 -21.22 5.73 29.37
N SER A 180 -21.91 4.75 29.95
CA SER A 180 -21.35 3.44 30.09
C SER A 180 -22.42 2.42 29.82
N GLN A 181 -21.99 1.36 29.17
CA GLN A 181 -22.75 0.14 29.05
C GLN A 181 -22.86 -0.48 30.44
N TYR A 182 -23.88 -1.29 30.68
CA TYR A 182 -24.09 -1.87 32.00
C TYR A 182 -23.03 -2.89 32.43
N ALA A 183 -23.15 -3.37 33.67
CA ALA A 183 -22.23 -4.36 34.18
C ALA A 183 -22.81 -4.97 35.44
N MET A 184 -22.46 -6.22 35.73
CA MET A 184 -22.93 -6.77 36.99
C MET A 184 -22.08 -6.09 38.02
N ARG A 185 -22.75 -5.29 38.87
CA ARG A 185 -22.09 -4.50 39.89
C ARG A 185 -22.26 -5.08 41.27
N ILE A 186 -21.18 -5.60 41.81
CA ILE A 186 -21.19 -6.12 43.16
C ILE A 186 -20.62 -5.02 44.03
N TRP A 187 -21.50 -4.28 44.67
CA TRP A 187 -21.13 -3.20 45.59
C TRP A 187 -20.93 -3.73 47.02
N MET A 188 -19.70 -4.12 47.38
CA MET A 188 -19.51 -4.76 48.68
C MET A 188 -19.85 -3.80 49.82
N ASN A 189 -20.00 -4.40 51.01
CA ASN A 189 -20.19 -3.72 52.28
C ASN A 189 -19.22 -4.37 53.24
N PRO A 190 -18.36 -3.56 53.90
CA PRO A 190 -17.14 -4.02 54.58
C PRO A 190 -17.47 -4.53 55.95
N ASN A 191 -18.65 -4.11 56.41
CA ASN A 191 -19.16 -4.47 57.72
C ASN A 191 -19.68 -5.89 57.68
N GLU A 192 -20.68 -6.11 56.81
CA GLU A 192 -21.22 -7.43 56.56
C GLU A 192 -20.04 -8.36 56.34
N LEU A 193 -19.12 -7.95 55.46
CA LEU A 193 -18.01 -8.80 55.09
C LEU A 193 -17.26 -9.23 56.33
N ASN A 194 -17.17 -8.30 57.30
CA ASN A 194 -16.38 -8.55 58.52
C ASN A 194 -17.14 -9.43 59.51
N LYS A 195 -18.46 -9.22 59.52
CA LYS A 195 -19.39 -10.01 60.31
C LYS A 195 -19.16 -11.48 59.98
N PHE A 196 -19.46 -11.86 58.74
CA PHE A 196 -19.29 -13.25 58.32
C PHE A 196 -17.86 -13.60 58.07
N GLN A 197 -16.97 -12.74 58.54
CA GLN A 197 -15.53 -12.94 58.43
C GLN A 197 -15.01 -13.24 57.02
N LEU A 198 -15.36 -12.41 56.04
CA LEU A 198 -14.72 -12.54 54.73
C LEU A 198 -14.24 -11.20 54.07
N THR A 199 -13.15 -11.32 53.32
CA THR A 199 -12.56 -10.24 52.56
C THR A 199 -13.16 -10.19 51.13
N PRO A 200 -13.00 -9.06 50.44
CA PRO A 200 -13.21 -9.07 48.99
C PRO A 200 -12.53 -10.21 48.21
N VAL A 201 -11.38 -10.73 48.65
CA VAL A 201 -10.80 -11.85 47.91
C VAL A 201 -11.85 -12.95 47.71
N ASP A 202 -12.39 -13.43 48.82
CA ASP A 202 -13.50 -14.36 48.82
C ASP A 202 -14.58 -14.01 47.80
N VAL A 203 -15.24 -12.86 47.93
CA VAL A 203 -16.21 -12.50 46.92
C VAL A 203 -15.64 -12.77 45.53
N ILE A 204 -14.46 -12.27 45.25
CA ILE A 204 -13.91 -12.51 43.92
C ILE A 204 -13.82 -14.01 43.68
N THR A 205 -13.07 -14.74 44.52
CA THR A 205 -12.94 -16.19 44.25
C THR A 205 -14.27 -16.91 44.06
N ALA A 206 -15.25 -16.62 44.92
CA ALA A 206 -16.63 -17.04 44.66
C ALA A 206 -17.01 -16.71 43.22
N ILE A 207 -17.16 -15.43 42.90
CA ILE A 207 -17.73 -15.06 41.59
C ILE A 207 -17.04 -15.80 40.43
N LYS A 208 -15.72 -15.95 40.52
CA LYS A 208 -14.97 -16.71 39.51
C LYS A 208 -15.52 -18.13 39.40
N ALA A 209 -15.54 -18.87 40.51
CA ALA A 209 -15.98 -20.28 40.53
C ALA A 209 -17.41 -20.44 40.06
N GLN A 210 -18.28 -19.64 40.64
CA GLN A 210 -19.70 -19.74 40.45
C GLN A 210 -20.32 -18.92 39.30
N ASN A 211 -19.58 -18.03 38.65
CA ASN A 211 -20.07 -17.46 37.38
C ASN A 211 -19.09 -17.80 36.30
N ALA A 212 -19.21 -19.04 35.79
CA ALA A 212 -18.31 -19.64 34.80
C ALA A 212 -19.06 -20.39 33.68
N GLN A 213 -18.38 -20.62 32.56
CA GLN A 213 -18.89 -21.33 31.38
C GLN A 213 -17.80 -22.33 31.01
N VAL A 214 -18.10 -23.61 31.08
CA VAL A 214 -17.04 -24.58 30.87
C VAL A 214 -17.30 -25.46 29.62
N ALA A 215 -16.29 -26.25 29.26
CA ALA A 215 -16.44 -27.14 28.15
C ALA A 215 -16.38 -28.51 28.71
N ALA A 216 -17.42 -29.28 28.43
CA ALA A 216 -17.63 -30.54 29.12
C ALA A 216 -17.60 -31.76 28.18
N GLY A 217 -16.96 -31.63 27.02
CA GLY A 217 -16.91 -32.69 26.01
C GLY A 217 -18.27 -33.22 25.54
N GLN A 218 -18.24 -34.46 25.07
CA GLN A 218 -19.40 -35.09 24.44
C GLN A 218 -19.58 -36.56 24.82
N LEU A 219 -20.84 -36.94 24.96
CA LEU A 219 -21.24 -38.34 24.89
C LEU A 219 -21.05 -38.82 23.46
N GLY A 220 -20.35 -39.96 23.34
CA GLY A 220 -20.02 -40.48 22.02
C GLY A 220 -18.81 -39.73 21.48
N GLY A 221 -17.87 -39.43 22.37
CA GLY A 221 -16.67 -38.73 21.95
C GLY A 221 -15.82 -39.47 20.92
N THR A 222 -15.84 -39.00 19.68
CA THR A 222 -14.76 -39.28 18.75
C THR A 222 -13.40 -39.06 19.47
N PRO A 223 -12.48 -40.05 19.41
CA PRO A 223 -12.64 -41.33 18.75
C PRO A 223 -13.47 -42.25 19.66
N PRO A 224 -14.39 -43.04 19.08
CA PRO A 224 -15.38 -43.77 19.86
C PRO A 224 -15.06 -45.26 20.13
N VAL A 225 -16.08 -46.04 20.49
CA VAL A 225 -15.97 -47.47 20.65
C VAL A 225 -16.81 -48.04 19.53
N LYS A 226 -16.51 -49.26 19.12
CA LYS A 226 -17.25 -49.81 18.01
C LYS A 226 -18.75 -49.82 18.28
N GLY A 227 -19.49 -49.33 17.30
CA GLY A 227 -20.94 -49.34 17.31
C GLY A 227 -21.57 -48.52 18.40
N GLN A 228 -21.05 -47.32 18.62
CA GLN A 228 -21.67 -46.35 19.53
C GLN A 228 -22.79 -45.72 18.73
N GLN A 229 -23.99 -45.58 19.29
CA GLN A 229 -25.07 -45.10 18.44
C GLN A 229 -25.66 -43.72 18.74
N LEU A 230 -25.41 -43.22 19.95
CA LEU A 230 -25.83 -41.92 20.45
C LEU A 230 -24.66 -40.94 20.49
N ASN A 231 -24.92 -39.67 20.22
CA ASN A 231 -23.90 -38.64 20.35
C ASN A 231 -24.42 -37.26 20.76
N ALA A 232 -24.02 -36.77 21.93
CA ALA A 232 -24.55 -35.49 22.44
C ALA A 232 -23.56 -34.67 23.28
N SER A 233 -23.75 -33.35 23.27
CA SER A 233 -22.90 -32.44 24.02
C SER A 233 -23.04 -32.68 25.53
N ILE A 234 -21.95 -32.58 26.29
CA ILE A 234 -22.15 -32.38 27.74
C ILE A 234 -22.19 -30.88 28.12
N ILE A 235 -22.99 -30.52 29.08
CA ILE A 235 -23.13 -29.11 29.34
C ILE A 235 -22.96 -28.95 30.83
N ALA A 236 -22.08 -28.05 31.22
CA ALA A 236 -21.91 -27.84 32.64
C ALA A 236 -22.26 -26.40 32.92
N GLN A 237 -21.56 -25.74 33.82
CA GLN A 237 -22.01 -24.42 34.24
C GLN A 237 -21.86 -23.46 33.12
N THR A 238 -22.71 -22.45 33.18
CA THR A 238 -22.74 -21.40 32.16
C THR A 238 -22.91 -20.07 32.84
N ARG A 239 -22.29 -19.06 32.29
CA ARG A 239 -22.31 -17.71 32.88
C ARG A 239 -23.72 -17.26 33.33
N LEU A 240 -23.82 -16.88 34.60
CA LEU A 240 -25.08 -16.39 35.20
C LEU A 240 -25.55 -15.22 34.39
N THR A 241 -26.79 -14.77 34.58
CA THR A 241 -27.36 -13.76 33.63
C THR A 241 -28.39 -12.84 34.18
N SER A 242 -28.47 -12.77 35.51
CA SER A 242 -29.32 -11.83 36.18
C SER A 242 -28.68 -11.48 37.51
N THR A 243 -28.97 -10.27 38.01
CA THR A 243 -28.57 -9.88 39.36
C THR A 243 -29.03 -10.93 40.34
N GLU A 244 -30.23 -11.44 40.08
CA GLU A 244 -30.85 -12.36 40.97
C GLU A 244 -29.96 -13.60 41.14
N GLU A 245 -29.37 -14.08 40.05
CA GLU A 245 -28.59 -15.32 40.10
C GLU A 245 -27.26 -15.05 40.80
N PHE A 246 -26.67 -13.90 40.52
CA PHE A 246 -25.45 -13.49 41.20
C PHE A 246 -25.65 -13.43 42.73
N GLY A 247 -26.80 -12.93 43.16
CA GLY A 247 -27.09 -12.78 44.60
C GLY A 247 -27.05 -14.12 45.30
N LYS A 248 -27.64 -15.11 44.66
CA LYS A 248 -27.71 -16.45 45.22
C LYS A 248 -26.38 -17.20 45.27
N ILE A 249 -25.26 -16.50 45.10
CA ILE A 249 -23.92 -17.09 45.15
C ILE A 249 -23.55 -17.49 46.58
N LEU A 250 -22.82 -18.58 46.71
CA LEU A 250 -22.57 -19.15 48.02
C LEU A 250 -21.13 -18.86 48.45
N LEU A 251 -20.93 -18.09 49.52
CA LEU A 251 -19.55 -17.71 49.93
C LEU A 251 -19.02 -18.67 50.95
N LYS A 252 -19.79 -18.86 52.02
CA LYS A 252 -19.52 -19.93 52.98
C LYS A 252 -20.81 -20.47 53.61
N VAL A 253 -20.68 -21.65 54.21
CA VAL A 253 -21.73 -22.22 55.03
C VAL A 253 -21.39 -22.09 56.51
N ASN A 254 -22.37 -21.61 57.26
CA ASN A 254 -22.18 -21.17 58.64
C ASN A 254 -22.19 -22.28 59.68
N GLN A 255 -21.91 -21.90 60.93
CA GLN A 255 -21.86 -22.89 61.98
C GLN A 255 -23.22 -23.50 62.31
N ASP A 256 -24.21 -22.63 62.53
CA ASP A 256 -25.60 -23.06 62.69
C ASP A 256 -26.14 -23.71 61.42
N GLY A 257 -25.32 -23.69 60.36
CA GLY A 257 -25.70 -24.35 59.14
C GLY A 257 -26.20 -23.40 58.07
N SER A 258 -26.55 -22.16 58.44
CA SER A 258 -27.03 -21.18 57.45
C SER A 258 -25.94 -20.82 56.43
N ARG A 259 -26.34 -20.20 55.33
CA ARG A 259 -25.44 -20.01 54.21
C ARG A 259 -25.07 -18.55 54.13
N VAL A 260 -23.85 -18.26 53.68
CA VAL A 260 -23.50 -16.88 53.41
C VAL A 260 -23.54 -16.62 51.92
N LEU A 261 -24.68 -16.05 51.53
CA LEU A 261 -24.89 -15.63 50.17
C LEU A 261 -24.24 -14.29 49.83
N LEU A 262 -23.79 -14.16 48.59
CA LEU A 262 -23.26 -12.89 48.09
C LEU A 262 -24.21 -11.71 48.31
N ARG A 263 -25.52 -11.96 48.33
CA ARG A 263 -26.49 -10.88 48.46
C ARG A 263 -26.52 -10.35 49.90
N ASP A 264 -25.85 -11.09 50.78
CA ASP A 264 -25.73 -10.82 52.23
C ASP A 264 -24.66 -9.78 52.58
N VAL A 265 -23.75 -9.57 51.64
CA VAL A 265 -22.55 -8.79 51.89
C VAL A 265 -22.32 -7.87 50.71
N ALA A 266 -23.40 -7.49 50.02
CA ALA A 266 -23.30 -6.68 48.78
C ALA A 266 -24.66 -6.28 48.20
N LYS A 267 -24.84 -5.03 47.79
CA LYS A 267 -25.97 -4.72 46.96
C LYS A 267 -25.50 -5.41 45.72
N ILE A 268 -26.43 -5.92 44.91
CA ILE A 268 -26.08 -6.53 43.65
C ILE A 268 -26.96 -5.85 42.63
N GLU A 269 -26.38 -4.97 41.82
CA GLU A 269 -27.19 -4.28 40.83
C GLU A 269 -26.56 -4.17 39.46
N LEU A 270 -27.42 -3.90 38.48
CA LEU A 270 -26.96 -3.70 37.13
C LEU A 270 -26.55 -2.24 37.14
N GLY A 271 -25.40 -1.94 36.55
CA GLY A 271 -24.78 -0.61 36.65
C GLY A 271 -23.63 -0.37 35.70
N GLY A 272 -23.26 0.88 35.50
CA GLY A 272 -22.25 1.24 34.50
C GLY A 272 -20.88 0.73 34.87
N GLU A 273 -20.14 0.24 33.87
CA GLU A 273 -18.73 -0.18 34.01
C GLU A 273 -17.96 0.99 34.63
N ASN A 274 -18.35 2.20 34.21
CA ASN A 274 -17.87 3.40 34.82
C ASN A 274 -18.95 4.45 35.00
N TYR A 275 -18.74 5.32 35.98
CA TYR A 275 -19.61 6.45 36.22
C TYR A 275 -18.82 7.74 35.97
N ASP A 276 -18.07 7.75 34.85
CA ASP A 276 -17.28 8.90 34.46
C ASP A 276 -18.06 9.92 33.66
N ILE A 277 -18.81 9.48 32.68
CA ILE A 277 -19.52 10.46 31.88
C ILE A 277 -21.01 10.57 32.20
N ILE A 278 -21.49 11.78 32.43
CA ILE A 278 -22.93 12.01 32.54
C ILE A 278 -23.32 13.03 31.49
N ALA A 279 -24.23 12.67 30.60
CA ALA A 279 -24.58 13.58 29.52
C ALA A 279 -25.99 14.17 29.66
N GLU A 280 -26.30 15.16 28.83
CA GLU A 280 -27.58 15.87 28.89
C GLU A 280 -27.86 16.63 27.61
N PHE A 281 -28.95 16.27 26.94
CA PHE A 281 -29.44 17.08 25.81
C PHE A 281 -30.46 18.05 26.34
N ASN A 282 -30.28 19.32 26.00
CA ASN A 282 -31.10 20.42 26.53
C ASN A 282 -31.60 20.24 27.96
N GLY A 283 -30.70 19.88 28.87
CA GLY A 283 -31.05 19.79 30.29
C GLY A 283 -31.85 18.54 30.64
N GLN A 284 -32.25 17.82 29.60
CA GLN A 284 -32.91 16.52 29.72
C GLN A 284 -31.89 15.35 29.70
N PRO A 285 -32.14 14.29 30.51
CA PRO A 285 -31.46 12.99 30.47
C PRO A 285 -31.10 12.45 29.11
N ALA A 286 -29.80 12.21 28.88
CA ALA A 286 -29.36 11.72 27.56
C ALA A 286 -28.08 10.84 27.51
N SER A 287 -27.85 10.29 26.34
CA SER A 287 -26.63 9.61 26.05
C SER A 287 -26.31 9.87 24.60
N GLY A 288 -25.10 9.54 24.21
CA GLY A 288 -24.78 9.65 22.82
C GLY A 288 -23.42 9.07 22.58
N LEU A 289 -23.04 9.06 21.31
CA LEU A 289 -21.71 8.74 20.97
C LEU A 289 -21.23 9.75 19.95
N GLY A 290 -20.16 10.44 20.34
CA GLY A 290 -19.43 11.28 19.41
C GLY A 290 -18.50 10.41 18.58
N ILE A 291 -18.41 10.78 17.29
CA ILE A 291 -17.69 10.07 16.25
C ILE A 291 -16.54 10.93 15.75
N LYS A 292 -15.37 10.30 15.56
CA LYS A 292 -14.16 10.98 15.10
C LYS A 292 -13.65 10.39 13.79
N LEU A 293 -14.09 11.00 12.69
CA LEU A 293 -13.62 10.64 11.33
C LEU A 293 -12.15 10.09 11.24
N ALA A 294 -11.99 8.91 10.64
CA ALA A 294 -10.71 8.20 10.55
C ALA A 294 -9.75 8.93 9.67
N THR A 295 -8.48 8.87 10.05
CA THR A 295 -7.46 9.59 9.28
C THR A 295 -7.58 9.23 7.82
N GLY A 296 -7.95 10.21 7.00
CA GLY A 296 -7.97 10.06 5.57
C GLY A 296 -9.36 9.91 4.99
N ALA A 297 -10.25 9.30 5.75
CA ALA A 297 -11.63 9.06 5.29
C ALA A 297 -12.29 10.36 4.90
N ASN A 298 -13.27 10.27 4.03
CA ASN A 298 -14.05 11.45 3.63
C ASN A 298 -15.16 11.70 4.66
N ALA A 299 -15.16 12.90 5.24
CA ALA A 299 -16.15 13.24 6.27
C ALA A 299 -17.59 13.11 5.76
N LEU A 300 -17.88 13.77 4.64
CA LEU A 300 -19.22 13.73 4.07
C LEU A 300 -19.74 12.31 3.82
N ASP A 301 -18.87 11.43 3.32
CA ASP A 301 -19.26 10.05 3.01
C ASP A 301 -19.47 9.25 4.28
N THR A 302 -18.67 9.55 5.27
CA THR A 302 -18.73 8.74 6.46
C THR A 302 -19.95 9.21 7.23
N ALA A 303 -20.23 10.50 7.17
CA ALA A 303 -21.50 10.98 7.72
C ALA A 303 -22.72 10.30 7.07
N ALA A 304 -22.69 10.10 5.75
CA ALA A 304 -23.81 9.48 5.04
C ALA A 304 -24.12 8.13 5.64
N ALA A 305 -23.05 7.38 5.89
CA ALA A 305 -23.14 5.98 6.26
C ALA A 305 -23.59 5.84 7.70
N ILE A 306 -23.06 6.69 8.57
CA ILE A 306 -23.48 6.65 9.94
C ILE A 306 -24.99 6.84 9.97
N ARG A 307 -25.51 7.84 9.27
CA ARG A 307 -26.96 8.06 9.16
C ARG A 307 -27.75 6.80 8.74
N ALA A 308 -27.35 6.19 7.63
CA ALA A 308 -28.09 5.07 7.06
C ALA A 308 -27.99 3.77 7.87
N GLU A 309 -26.93 3.63 8.67
CA GLU A 309 -26.80 2.52 9.58
C GLU A 309 -27.83 2.77 10.66
N LEU A 310 -27.81 3.99 11.20
CA LEU A 310 -28.77 4.47 12.18
C LEU A 310 -30.24 4.27 11.76
N ALA A 311 -30.53 4.44 10.46
CA ALA A 311 -31.82 4.08 9.91
C ALA A 311 -32.15 2.60 10.20
N LYS A 312 -31.23 1.69 9.85
CA LYS A 312 -31.42 0.25 10.12
C LYS A 312 -31.71 -0.05 11.59
N MET A 313 -31.28 0.82 12.51
CA MET A 313 -31.53 0.58 13.94
C MET A 313 -32.93 0.94 14.44
N GLU A 314 -33.40 2.10 13.99
CA GLU A 314 -34.53 2.79 14.60
C GLU A 314 -35.84 2.02 14.74
N PRO A 315 -36.25 1.34 13.65
CA PRO A 315 -37.42 0.47 13.74
C PRO A 315 -37.50 -0.40 15.00
N PHE A 316 -36.42 -0.51 15.79
CA PHE A 316 -36.39 -1.52 16.86
C PHE A 316 -36.09 -1.02 18.26
N PHE A 317 -36.08 0.30 18.44
CA PHE A 317 -35.84 0.87 19.77
C PHE A 317 -36.99 0.56 20.71
N PRO A 318 -36.76 0.68 22.02
CA PRO A 318 -37.88 0.85 22.96
C PRO A 318 -38.75 2.08 22.58
N SER A 319 -39.94 2.20 23.18
CA SER A 319 -40.75 3.38 22.88
C SER A 319 -40.19 4.59 23.63
N GLY A 320 -40.39 5.74 23.00
CA GLY A 320 -39.83 6.98 23.50
C GLY A 320 -38.55 7.28 22.77
N LEU A 321 -37.54 6.46 23.04
CA LEU A 321 -36.18 6.65 22.54
C LEU A 321 -36.03 7.21 21.10
N LYS A 322 -35.74 8.52 21.02
CA LYS A 322 -35.55 9.22 19.76
C LYS A 322 -34.08 9.56 19.61
N ILE A 323 -33.59 9.52 18.38
CA ILE A 323 -32.26 10.00 18.09
C ILE A 323 -32.36 11.50 17.95
N VAL A 324 -31.37 12.23 18.44
CA VAL A 324 -31.27 13.68 18.24
C VAL A 324 -29.90 14.04 17.71
N TYR A 325 -29.79 15.22 17.08
CA TYR A 325 -28.57 15.60 16.38
C TYR A 325 -27.76 16.81 16.90
N PRO A 326 -27.43 16.82 18.23
CA PRO A 326 -26.93 17.99 18.94
C PRO A 326 -25.73 18.75 18.38
N TYR A 327 -25.01 18.18 17.39
CA TYR A 327 -23.75 18.75 16.86
C TYR A 327 -23.20 17.98 15.66
N ASP A 328 -22.98 18.70 14.57
CA ASP A 328 -22.55 18.12 13.31
C ASP A 328 -21.89 19.16 12.42
N THR A 329 -20.80 18.77 11.79
CA THR A 329 -19.93 19.70 11.11
C THR A 329 -19.95 19.33 9.65
N THR A 330 -20.87 18.47 9.25
CA THR A 330 -21.05 18.19 7.84
C THR A 330 -22.07 19.12 7.15
N PRO A 331 -23.24 19.39 7.79
CA PRO A 331 -24.25 20.03 6.96
C PRO A 331 -23.84 21.44 6.58
N PHE A 332 -22.76 21.95 7.18
CA PHE A 332 -22.18 23.22 6.77
C PHE A 332 -21.32 22.99 5.54
N VAL A 333 -20.30 22.13 5.64
CA VAL A 333 -19.47 21.75 4.50
C VAL A 333 -20.35 21.49 3.28
N LYS A 334 -21.45 20.76 3.47
CA LYS A 334 -22.44 20.55 2.42
C LYS A 334 -23.11 21.88 2.00
N ILE A 335 -23.79 22.57 2.92
CA ILE A 335 -24.55 23.82 2.62
C ILE A 335 -23.67 24.88 1.99
N SER A 336 -22.56 25.18 2.66
CA SER A 336 -21.49 26.01 2.12
C SER A 336 -21.22 25.76 0.62
N ILE A 337 -20.79 24.54 0.27
CA ILE A 337 -20.46 24.20 -1.13
C ILE A 337 -21.59 24.61 -2.09
N HIS A 338 -22.84 24.42 -1.68
CA HIS A 338 -24.00 24.78 -2.50
C HIS A 338 -24.10 26.28 -2.81
N GLU A 339 -24.11 27.12 -1.78
CA GLU A 339 -24.18 28.58 -1.98
C GLU A 339 -23.10 29.09 -2.95
N VAL A 340 -22.06 28.28 -3.14
CA VAL A 340 -21.03 28.61 -4.11
C VAL A 340 -21.35 28.12 -5.52
N VAL A 341 -21.98 26.95 -5.61
CA VAL A 341 -22.40 26.40 -6.91
C VAL A 341 -23.49 27.34 -7.45
N LYS A 342 -24.24 27.95 -6.51
CA LYS A 342 -25.21 28.98 -6.83
C LYS A 342 -24.49 30.17 -7.45
N THR A 343 -23.66 30.88 -6.67
CA THR A 343 -23.00 32.10 -7.19
C THR A 343 -22.23 31.83 -8.49
N LEU A 344 -22.02 30.54 -8.76
CA LEU A 344 -21.39 30.04 -9.97
C LEU A 344 -22.42 29.96 -11.10
N VAL A 345 -23.64 29.48 -10.79
CA VAL A 345 -24.76 29.57 -11.75
C VAL A 345 -25.11 31.04 -11.92
N GLU A 346 -25.36 31.73 -10.80
CA GLU A 346 -25.60 33.18 -10.76
C GLU A 346 -24.80 33.99 -11.76
N ALA A 347 -23.47 33.83 -11.72
CA ALA A 347 -22.60 34.51 -12.68
C ALA A 347 -22.91 34.15 -14.16
N ILE A 348 -23.30 32.90 -14.42
CA ILE A 348 -23.67 32.45 -15.77
C ILE A 348 -25.02 33.06 -16.20
N ILE A 349 -25.80 33.50 -15.21
CA ILE A 349 -27.13 34.07 -15.42
C ILE A 349 -27.08 35.60 -15.65
N LEU A 350 -26.06 36.25 -15.08
CA LEU A 350 -25.85 37.69 -15.30
C LEU A 350 -24.50 37.96 -15.99
N VAL A 351 -24.17 37.10 -16.96
CA VAL A 351 -23.25 37.44 -18.05
C VAL A 351 -24.08 37.32 -19.32
N PHE A 352 -25.06 36.41 -19.29
CA PHE A 352 -26.08 36.25 -20.32
C PHE A 352 -26.80 37.58 -20.51
N LEU A 353 -26.90 38.35 -19.44
CA LEU A 353 -27.42 39.71 -19.50
C LEU A 353 -26.39 40.67 -20.13
N VAL A 354 -25.28 40.95 -19.43
CA VAL A 354 -24.26 41.93 -19.92
C VAL A 354 -23.66 41.61 -21.30
N MET A 355 -23.86 40.39 -21.79
CA MET A 355 -23.51 40.08 -23.17
C MET A 355 -24.62 40.50 -24.13
N TYR A 356 -25.64 41.17 -23.60
CA TYR A 356 -26.78 41.61 -24.37
C TYR A 356 -26.66 43.12 -24.55
N LEU A 357 -26.85 43.85 -23.45
CA LEU A 357 -26.54 45.28 -23.35
C LEU A 357 -25.44 45.71 -24.35
N PHE A 358 -24.48 44.81 -24.56
CA PHE A 358 -23.28 45.09 -25.36
C PHE A 358 -23.23 44.40 -26.73
N LEU A 359 -24.19 43.52 -27.00
CA LEU A 359 -24.29 42.80 -28.28
C LEU A 359 -25.72 42.77 -28.80
N GLN A 360 -26.68 42.74 -27.87
CA GLN A 360 -28.12 42.78 -28.20
C GLN A 360 -28.59 41.67 -29.16
N ASN A 361 -27.73 40.68 -29.39
CA ASN A 361 -27.95 39.65 -30.41
C ASN A 361 -28.19 38.26 -29.75
N PHE A 362 -29.45 37.97 -29.38
CA PHE A 362 -29.80 36.79 -28.55
C PHE A 362 -28.99 35.50 -28.84
N ARG A 363 -29.30 34.82 -29.94
CA ARG A 363 -28.57 33.62 -30.32
C ARG A 363 -27.25 34.02 -31.00
N ALA A 364 -26.42 34.75 -30.25
CA ALA A 364 -25.10 35.25 -30.67
C ALA A 364 -24.37 35.88 -29.48
N THR A 365 -25.14 36.11 -28.41
CA THR A 365 -24.61 36.36 -27.08
C THR A 365 -24.54 34.99 -26.42
N LEU A 366 -25.51 34.15 -26.79
CA LEU A 366 -25.60 32.76 -26.36
C LEU A 366 -24.29 31.99 -26.62
N ILE A 367 -23.35 32.62 -27.30
CA ILE A 367 -22.10 31.98 -27.67
C ILE A 367 -21.04 32.07 -26.58
N PRO A 368 -20.70 33.30 -26.12
CA PRO A 368 -19.79 33.36 -24.97
C PRO A 368 -20.39 32.70 -23.72
N THR A 369 -21.71 32.74 -23.61
CA THR A 369 -22.43 32.15 -22.48
C THR A 369 -22.32 30.62 -22.46
N ILE A 370 -22.17 30.00 -23.63
CA ILE A 370 -22.16 28.54 -23.71
C ILE A 370 -20.81 27.93 -23.38
N ALA A 371 -19.74 28.68 -23.64
CA ALA A 371 -18.39 28.17 -23.47
C ALA A 371 -17.79 28.49 -22.11
N VAL A 372 -18.61 28.35 -21.07
CA VAL A 372 -18.15 28.46 -19.70
C VAL A 372 -18.69 27.26 -18.92
N PRO A 373 -20.00 26.97 -19.05
CA PRO A 373 -20.49 25.65 -18.65
C PRO A 373 -19.68 24.51 -19.24
N VAL A 374 -19.22 24.65 -20.49
CA VAL A 374 -18.44 23.61 -21.17
C VAL A 374 -17.06 23.49 -20.55
N VAL A 375 -16.41 24.64 -20.35
CA VAL A 375 -15.10 24.71 -19.74
C VAL A 375 -15.17 24.21 -18.30
N LEU A 376 -16.14 24.72 -17.56
CA LEU A 376 -16.36 24.32 -16.18
C LEU A 376 -16.75 22.85 -16.01
N LEU A 377 -17.90 22.43 -16.56
CA LEU A 377 -18.30 21.02 -16.56
C LEU A 377 -17.18 20.13 -17.08
N GLY A 378 -16.14 20.75 -17.63
CA GLY A 378 -15.00 20.02 -18.14
C GLY A 378 -13.87 20.01 -17.15
N THR A 379 -13.76 21.09 -16.36
CA THR A 379 -12.73 21.21 -15.34
C THR A 379 -12.90 20.12 -14.28
N PHE A 380 -14.15 19.96 -13.79
CA PHE A 380 -14.52 18.89 -12.86
C PHE A 380 -13.98 17.55 -13.32
N ALA A 381 -14.08 17.27 -14.62
CA ALA A 381 -13.49 16.06 -15.23
C ALA A 381 -11.96 16.04 -15.19
N VAL A 382 -11.31 17.20 -15.33
CA VAL A 382 -9.84 17.23 -15.31
C VAL A 382 -9.34 17.10 -13.88
N LEU A 383 -10.03 17.77 -12.95
CA LEU A 383 -9.81 17.58 -11.53
C LEU A 383 -9.90 16.11 -11.21
N ALA A 384 -11.00 15.49 -11.64
CA ALA A 384 -11.23 14.05 -11.48
C ALA A 384 -10.06 13.16 -11.91
N ALA A 385 -9.57 13.34 -13.13
CA ALA A 385 -8.44 12.52 -13.61
C ALA A 385 -7.24 12.76 -12.70
N PHE A 386 -6.97 14.04 -12.43
CA PHE A 386 -5.89 14.46 -11.53
C PHE A 386 -6.19 14.16 -10.07
N GLY A 387 -7.30 13.46 -9.83
CA GLY A 387 -7.67 12.93 -8.50
C GLY A 387 -7.84 13.91 -7.35
N PHE A 388 -8.61 14.97 -7.58
CA PHE A 388 -8.87 16.01 -6.59
C PHE A 388 -10.30 15.91 -6.08
N SER A 389 -10.63 16.79 -5.13
CA SER A 389 -11.99 16.81 -4.63
C SER A 389 -12.70 18.08 -5.08
N ILE A 390 -14.02 17.96 -5.30
CA ILE A 390 -14.92 19.10 -5.23
C ILE A 390 -14.90 19.68 -3.81
N ASN A 391 -14.22 20.81 -3.64
CA ASN A 391 -14.10 21.41 -2.32
C ASN A 391 -14.01 22.92 -2.36
N THR A 392 -14.31 23.58 -1.23
CA THR A 392 -14.08 25.01 -1.04
C THR A 392 -13.04 25.59 -2.03
N LEU A 393 -11.80 25.11 -1.94
CA LEU A 393 -10.73 25.72 -2.71
C LEU A 393 -10.92 25.59 -4.23
N THR A 394 -11.17 24.38 -4.71
CA THR A 394 -11.43 24.16 -6.13
C THR A 394 -12.83 24.58 -6.56
N MET A 395 -13.47 25.43 -5.77
CA MET A 395 -14.81 25.90 -6.11
C MET A 395 -14.80 27.38 -6.27
N PHE A 396 -14.04 28.05 -5.40
CA PHE A 396 -13.60 29.39 -5.67
C PHE A 396 -12.57 29.35 -6.78
N GLY A 397 -12.19 28.14 -7.18
CA GLY A 397 -11.28 27.93 -8.30
C GLY A 397 -12.05 28.14 -9.59
N MET A 398 -13.23 27.54 -9.67
CA MET A 398 -14.13 27.74 -10.80
C MET A 398 -14.58 29.21 -10.88
N VAL A 399 -15.05 29.76 -9.76
CA VAL A 399 -15.56 31.13 -9.71
C VAL A 399 -14.51 32.15 -10.22
N LEU A 400 -13.32 32.14 -9.64
CA LEU A 400 -12.22 32.97 -10.15
C LEU A 400 -11.77 32.66 -11.58
N ALA A 401 -12.00 31.43 -12.05
CA ALA A 401 -11.67 31.09 -13.44
C ALA A 401 -12.67 31.71 -14.42
N ILE A 402 -13.94 31.82 -14.01
CA ILE A 402 -15.03 32.37 -14.85
C ILE A 402 -14.67 33.73 -15.44
N GLY A 403 -13.85 34.48 -14.71
CA GLY A 403 -13.17 35.64 -15.30
C GLY A 403 -12.41 35.28 -16.56
N LEU A 404 -11.30 34.56 -16.40
CA LEU A 404 -10.44 34.18 -17.52
C LEU A 404 -11.09 33.32 -18.62
N LEU A 405 -12.25 32.75 -18.33
CA LEU A 405 -12.88 31.80 -19.25
C LEU A 405 -13.91 32.46 -20.11
N VAL A 406 -14.65 33.41 -19.53
CA VAL A 406 -15.55 34.29 -20.30
C VAL A 406 -14.73 35.18 -21.24
N ASP A 407 -13.60 35.70 -20.75
CA ASP A 407 -12.70 36.55 -21.53
C ASP A 407 -12.33 35.90 -22.87
N ASP A 408 -11.65 34.75 -22.83
CA ASP A 408 -11.25 34.04 -24.05
C ASP A 408 -12.43 33.73 -25.00
N ALA A 409 -13.66 33.99 -24.55
CA ALA A 409 -14.85 33.79 -25.39
C ALA A 409 -15.43 35.12 -25.86
N ILE A 410 -15.27 36.15 -25.05
CA ILE A 410 -15.68 37.50 -25.41
C ILE A 410 -14.87 37.96 -26.62
N VAL A 411 -13.55 37.79 -26.54
CA VAL A 411 -12.62 38.16 -27.62
C VAL A 411 -13.01 37.53 -28.97
N VAL A 412 -13.13 36.20 -29.02
CA VAL A 412 -13.47 35.50 -30.27
C VAL A 412 -14.84 35.89 -30.84
N VAL A 413 -15.80 36.21 -29.97
CA VAL A 413 -17.08 36.73 -30.44
C VAL A 413 -16.97 38.21 -30.84
N GLU A 414 -16.40 39.03 -29.96
CA GLU A 414 -16.30 40.49 -30.21
C GLU A 414 -15.38 40.84 -31.38
N ASN A 415 -14.15 40.32 -31.38
CA ASN A 415 -13.20 40.57 -32.46
C ASN A 415 -13.65 39.98 -33.81
N VAL A 416 -14.83 39.35 -33.84
CA VAL A 416 -15.46 38.98 -35.10
C VAL A 416 -16.54 39.99 -35.50
N GLU A 417 -17.22 40.57 -34.51
CA GLU A 417 -18.18 41.66 -34.74
C GLU A 417 -17.52 42.87 -35.41
N ARG A 418 -16.32 43.20 -34.95
CA ARG A 418 -15.46 44.23 -35.54
C ARG A 418 -15.18 43.96 -37.04
N VAL A 419 -14.70 42.75 -37.35
CA VAL A 419 -14.40 42.33 -38.73
C VAL A 419 -15.67 42.00 -39.52
N MET A 420 -16.85 42.26 -38.93
CA MET A 420 -18.11 42.16 -39.64
C MET A 420 -18.61 43.54 -40.06
N ALA A 421 -18.34 44.53 -39.21
CA ALA A 421 -18.68 45.92 -39.52
C ALA A 421 -17.57 46.55 -40.35
N GLU A 422 -16.44 46.83 -39.69
CA GLU A 422 -15.28 47.47 -40.29
C GLU A 422 -14.67 46.71 -41.50
N GLU A 423 -15.37 45.70 -42.00
CA GLU A 423 -14.92 44.92 -43.17
C GLU A 423 -16.05 44.55 -44.12
N GLY A 424 -17.19 44.14 -43.56
CA GLY A 424 -18.40 43.87 -44.34
C GLY A 424 -18.83 42.43 -44.59
N LEU A 425 -17.90 41.49 -44.41
CA LEU A 425 -18.08 40.07 -44.80
C LEU A 425 -19.26 39.39 -44.12
N PRO A 426 -19.61 38.17 -44.58
CA PRO A 426 -20.66 37.41 -43.90
C PRO A 426 -20.12 36.81 -42.59
N PRO A 427 -20.97 36.08 -41.83
CA PRO A 427 -20.49 35.27 -40.72
C PRO A 427 -19.14 34.55 -40.98
N LYS A 428 -19.17 33.49 -41.79
CA LYS A 428 -18.02 32.59 -42.03
C LYS A 428 -16.61 33.22 -42.11
N GLU A 429 -16.30 33.91 -43.21
CA GLU A 429 -14.94 34.43 -43.46
C GLU A 429 -14.56 35.60 -42.55
N ALA A 430 -15.57 36.33 -42.05
CA ALA A 430 -15.34 37.34 -41.04
C ALA A 430 -14.61 36.75 -39.84
N THR A 431 -15.02 35.56 -39.42
CA THR A 431 -14.35 34.83 -38.34
C THR A 431 -13.03 34.20 -38.80
N ARG A 432 -12.96 33.72 -40.04
CA ARG A 432 -11.70 33.18 -40.61
C ARG A 432 -10.58 34.22 -40.57
N LYS A 433 -10.95 35.47 -40.88
CA LYS A 433 -10.04 36.61 -40.88
C LYS A 433 -9.75 37.05 -39.43
N SER A 434 -10.77 36.93 -38.59
CA SER A 434 -10.65 37.21 -37.18
C SER A 434 -9.69 36.19 -36.55
N MET A 435 -10.12 34.94 -36.50
CA MET A 435 -9.31 33.83 -35.99
C MET A 435 -7.96 33.73 -36.69
N GLY A 436 -7.90 34.13 -37.97
CA GLY A 436 -6.66 34.14 -38.75
C GLY A 436 -5.54 34.94 -38.10
N GLN A 437 -5.88 36.12 -37.58
CA GLN A 437 -4.90 36.95 -36.89
C GLN A 437 -4.73 36.49 -35.43
N ILE A 438 -5.71 36.84 -34.58
CA ILE A 438 -5.66 36.56 -33.15
C ILE A 438 -5.11 35.15 -32.79
N GLN A 439 -5.82 34.11 -33.23
CA GLN A 439 -5.53 32.68 -32.97
C GLN A 439 -4.23 32.38 -32.24
N GLY A 440 -3.10 32.74 -32.83
CA GLY A 440 -1.78 32.35 -32.30
C GLY A 440 -1.33 33.14 -31.08
N ALA A 441 -2.15 34.10 -30.66
CA ALA A 441 -1.87 34.91 -29.48
C ALA A 441 -2.66 34.44 -28.25
N LEU A 442 -3.88 33.95 -28.46
CA LEU A 442 -4.69 33.31 -27.39
C LEU A 442 -3.91 32.17 -26.73
N VAL A 443 -3.16 31.45 -27.55
CA VAL A 443 -2.23 30.38 -27.12
C VAL A 443 -1.14 30.95 -26.22
N GLY A 444 -0.44 31.97 -26.71
CA GLY A 444 0.58 32.67 -25.93
C GLY A 444 0.08 33.17 -24.59
N ILE A 445 -1.15 33.66 -24.55
CA ILE A 445 -1.73 34.13 -23.29
C ILE A 445 -1.85 32.99 -22.27
N ALA A 446 -2.65 31.96 -22.55
CA ALA A 446 -2.77 30.82 -21.64
C ALA A 446 -1.38 30.24 -21.31
N MET A 447 -0.45 30.42 -22.25
CA MET A 447 0.95 30.08 -22.07
C MET A 447 1.66 31.02 -21.07
N VAL A 448 1.29 32.29 -21.07
CA VAL A 448 1.90 33.29 -20.19
C VAL A 448 1.05 33.51 -18.94
N LEU A 449 -0.22 33.18 -19.06
CA LEU A 449 -1.16 33.34 -17.96
C LEU A 449 -1.41 31.99 -17.34
N SER A 450 -0.41 31.11 -17.45
CA SER A 450 -0.34 29.90 -16.66
C SER A 450 0.81 30.07 -15.67
N ALA A 451 1.90 30.68 -16.13
CA ALA A 451 3.10 30.92 -15.31
C ALA A 451 2.88 31.97 -14.22
N VAL A 452 1.80 32.75 -14.33
CA VAL A 452 1.36 33.61 -13.23
C VAL A 452 0.75 32.72 -12.14
N PHE A 453 -0.12 31.80 -12.57
CA PHE A 453 -0.87 30.97 -11.66
C PHE A 453 -0.17 29.72 -11.12
N VAL A 454 0.81 29.19 -11.85
CA VAL A 454 1.47 27.94 -11.44
C VAL A 454 2.36 28.04 -10.19
N PRO A 455 3.24 29.07 -10.10
CA PRO A 455 4.26 29.07 -9.03
C PRO A 455 3.74 28.85 -7.60
N MET A 456 2.47 29.19 -7.35
CA MET A 456 1.85 28.95 -6.04
C MET A 456 1.51 27.48 -5.77
N ALA A 457 1.76 26.61 -6.75
CA ALA A 457 1.66 25.17 -6.53
C ALA A 457 2.86 24.66 -5.75
N PHE A 458 3.92 25.46 -5.71
CA PHE A 458 5.21 25.01 -5.17
C PHE A 458 5.54 25.53 -3.77
N PHE A 459 4.54 26.08 -3.08
CA PHE A 459 4.76 26.56 -1.72
C PHE A 459 5.18 25.43 -0.78
N GLY A 460 6.13 25.73 0.10
CA GLY A 460 6.56 24.78 1.14
C GLY A 460 5.58 24.71 2.31
N GLY A 461 5.73 23.68 3.13
CA GLY A 461 4.87 23.49 4.30
C GLY A 461 3.51 22.91 3.94
N SER A 462 2.64 22.83 4.94
CA SER A 462 1.26 22.38 4.75
C SER A 462 0.48 23.38 3.92
N THR A 463 0.72 24.67 4.21
CA THR A 463 0.23 25.80 3.43
C THR A 463 -0.19 25.40 2.01
N GLY A 464 0.80 25.29 1.13
CA GLY A 464 0.61 25.27 -0.31
C GLY A 464 0.01 24.04 -0.96
N ALA A 465 -0.39 23.04 -0.16
CA ALA A 465 -1.25 21.97 -0.67
C ALA A 465 -2.69 22.51 -0.74
N ILE A 466 -2.90 23.63 -0.02
CA ILE A 466 -4.08 24.49 -0.17
C ILE A 466 -4.04 25.24 -1.50
N TYR A 467 -2.98 26.00 -1.72
CA TYR A 467 -2.75 26.74 -2.96
C TYR A 467 -2.66 25.85 -4.21
N ARG A 468 -1.98 24.72 -4.06
CA ARG A 468 -1.87 23.72 -5.13
C ARG A 468 -3.27 23.44 -5.68
N GLN A 469 -4.30 23.71 -4.87
CA GLN A 469 -5.69 23.47 -5.24
C GLN A 469 -6.28 24.58 -6.10
N PHE A 470 -5.57 25.68 -6.25
CA PHE A 470 -6.06 26.77 -7.05
C PHE A 470 -5.37 26.79 -8.39
N SER A 471 -4.04 26.70 -8.36
CA SER A 471 -3.28 26.62 -9.59
C SER A 471 -3.88 25.56 -10.53
N ILE A 472 -4.25 24.40 -9.99
CA ILE A 472 -4.65 23.26 -10.81
C ILE A 472 -6.09 23.35 -11.31
N THR A 473 -7.01 23.92 -10.54
CA THR A 473 -8.34 24.21 -11.09
C THR A 473 -8.22 25.18 -12.25
N ILE A 474 -7.59 26.32 -11.97
CA ILE A 474 -7.41 27.44 -12.91
C ILE A 474 -6.69 27.10 -14.24
N VAL A 475 -5.44 26.65 -14.15
CA VAL A 475 -4.64 26.23 -15.31
C VAL A 475 -5.30 25.10 -16.08
N SER A 476 -6.12 24.29 -15.42
CA SER A 476 -6.93 23.30 -16.14
C SER A 476 -8.00 24.03 -16.90
N ALA A 477 -8.75 24.85 -16.18
CA ALA A 477 -9.80 25.64 -16.76
C ALA A 477 -9.30 26.54 -17.89
N MET A 478 -8.03 26.97 -17.84
CA MET A 478 -7.50 27.88 -18.89
C MET A 478 -7.06 27.21 -20.16
N ALA A 479 -6.17 26.23 -20.06
CA ALA A 479 -5.87 25.38 -21.21
C ALA A 479 -7.18 24.84 -21.84
N LEU A 480 -8.19 24.63 -21.01
CA LEU A 480 -9.51 24.23 -21.46
C LEU A 480 -10.19 25.32 -22.29
N SER A 481 -10.18 26.56 -21.80
CA SER A 481 -10.76 27.71 -22.53
C SER A 481 -9.99 27.97 -23.83
N VAL A 482 -8.69 27.72 -23.79
CA VAL A 482 -7.80 27.80 -24.95
C VAL A 482 -8.05 26.68 -25.95
N LEU A 483 -8.59 25.55 -25.49
CA LEU A 483 -8.94 24.48 -26.40
C LEU A 483 -10.39 24.59 -26.90
N VAL A 484 -11.21 25.42 -26.26
CA VAL A 484 -12.60 25.66 -26.69
C VAL A 484 -12.66 26.89 -27.61
N ALA A 485 -11.80 27.87 -27.32
CA ALA A 485 -11.54 28.99 -28.21
C ALA A 485 -11.30 28.51 -29.65
N LEU A 486 -10.33 27.61 -29.80
CA LEU A 486 -9.93 26.99 -31.08
C LEU A 486 -10.97 26.09 -31.78
N ILE A 487 -12.00 25.65 -31.06
CA ILE A 487 -12.91 24.64 -31.59
C ILE A 487 -14.34 25.12 -31.69
N LEU A 488 -14.91 25.49 -30.56
CA LEU A 488 -16.34 25.69 -30.47
C LEU A 488 -16.80 27.10 -30.82
N THR A 489 -16.17 28.10 -30.20
CA THR A 489 -16.51 29.49 -30.49
C THR A 489 -16.30 29.83 -31.97
N PRO A 490 -15.24 29.30 -32.61
CA PRO A 490 -15.13 29.40 -34.06
C PRO A 490 -16.43 28.99 -34.76
N ALA A 491 -16.88 27.75 -34.50
CA ALA A 491 -18.04 27.16 -35.16
C ALA A 491 -19.35 27.90 -34.86
N LEU A 492 -19.44 28.44 -33.65
CA LEU A 492 -20.63 29.18 -33.24
C LEU A 492 -20.61 30.63 -33.75
N CYS A 493 -19.45 31.27 -33.69
CA CYS A 493 -19.27 32.59 -34.32
C CYS A 493 -19.49 32.53 -35.85
N ALA A 494 -19.12 31.41 -36.45
CA ALA A 494 -19.31 31.19 -37.89
C ALA A 494 -20.77 30.95 -38.25
N THR A 495 -21.45 30.10 -37.50
CA THR A 495 -22.81 29.69 -37.86
C THR A 495 -23.87 30.03 -36.80
N MET A 496 -23.74 31.20 -36.17
CA MET A 496 -24.78 31.70 -35.26
C MET A 496 -24.96 33.22 -35.25
N LEU A 497 -23.92 33.96 -35.66
CA LEU A 497 -23.97 35.43 -35.69
C LEU A 497 -24.80 35.95 -36.87
N LYS A 498 -25.74 36.86 -36.57
CA LYS A 498 -26.53 37.56 -37.60
C LYS A 498 -25.59 38.48 -38.38
N PRO A 499 -25.56 38.33 -39.73
CA PRO A 499 -24.57 39.04 -40.58
C PRO A 499 -24.60 40.54 -40.37
N ILE A 500 -23.47 41.12 -39.98
CA ILE A 500 -23.39 42.56 -39.74
C ILE A 500 -22.96 43.30 -41.03
N ALA A 501 -23.83 44.22 -41.48
CA ALA A 501 -23.67 44.96 -42.73
C ALA A 501 -22.58 46.02 -42.63
N LYS A 502 -21.60 45.99 -43.52
CA LYS A 502 -20.38 46.82 -43.43
C LYS A 502 -20.57 48.26 -42.91
N GLY A 503 -19.64 48.71 -42.07
CA GLY A 503 -19.65 50.07 -41.52
C GLY A 503 -20.64 50.28 -40.39
N ASP A 504 -21.81 49.62 -40.49
CA ASP A 504 -22.89 49.71 -39.49
C ASP A 504 -22.41 49.38 -38.07
N HIS A 505 -22.06 50.42 -37.32
CA HIS A 505 -21.81 50.26 -35.90
C HIS A 505 -23.14 50.21 -35.13
N GLY A 506 -24.07 49.42 -35.68
CA GLY A 506 -25.36 49.08 -35.08
C GLY A 506 -26.28 50.24 -34.71
N GLU A 507 -26.49 51.16 -35.65
CA GLU A 507 -27.15 52.42 -35.29
C GLU A 507 -28.53 52.67 -35.90
N GLY A 508 -29.24 51.59 -36.24
CA GLY A 508 -30.65 51.68 -36.67
C GLY A 508 -31.56 52.15 -35.55
N LYS A 509 -32.02 51.20 -34.72
CA LYS A 509 -32.96 51.46 -33.61
C LYS A 509 -32.46 52.49 -32.60
N LYS A 510 -33.41 53.17 -31.96
CA LYS A 510 -33.11 54.15 -30.89
C LYS A 510 -33.98 53.87 -29.65
N GLY A 511 -33.49 53.02 -28.74
CA GLY A 511 -34.17 52.71 -27.48
C GLY A 511 -33.20 52.71 -26.32
N PHE A 512 -33.24 51.65 -25.50
CA PHE A 512 -32.16 51.37 -24.56
C PHE A 512 -31.08 50.67 -25.38
N PHE A 513 -31.53 49.86 -26.34
CA PHE A 513 -30.68 49.24 -27.36
C PHE A 513 -30.00 50.31 -28.20
N GLY A 514 -30.69 51.44 -28.41
CA GLY A 514 -30.18 52.57 -29.20
C GLY A 514 -29.36 53.56 -28.41
N TRP A 515 -29.94 54.12 -27.35
CA TRP A 515 -29.24 55.01 -26.38
C TRP A 515 -27.77 54.61 -26.36
N PHE A 516 -27.56 53.31 -26.21
CA PHE A 516 -26.26 52.67 -26.05
C PHE A 516 -25.33 52.87 -27.25
N ASN A 517 -25.76 52.40 -28.42
CA ASN A 517 -24.93 52.38 -29.64
C ASN A 517 -24.06 53.62 -29.84
N ARG A 518 -24.62 54.79 -29.57
CA ARG A 518 -23.96 56.06 -29.83
C ARG A 518 -23.37 56.65 -28.55
N MET A 519 -23.93 56.26 -27.41
CA MET A 519 -23.39 56.62 -26.09
C MET A 519 -21.99 56.01 -25.96
N PHE A 520 -21.85 54.78 -26.43
CA PHE A 520 -20.55 54.12 -26.53
C PHE A 520 -19.68 54.76 -27.62
N GLU A 521 -20.18 54.77 -28.86
CA GLU A 521 -19.42 55.21 -30.06
C GLU A 521 -18.81 56.62 -30.00
N LYS A 522 -19.55 57.56 -29.42
CA LYS A 522 -19.01 58.89 -29.19
C LYS A 522 -18.12 58.89 -27.92
N SER A 523 -18.37 57.94 -27.01
CA SER A 523 -17.49 57.76 -25.85
C SER A 523 -16.15 57.12 -26.20
N THR A 524 -16.13 56.33 -27.28
CA THR A 524 -14.88 55.79 -27.84
C THR A 524 -14.10 56.97 -28.38
N HIS A 525 -14.71 57.69 -29.31
CA HIS A 525 -14.22 58.97 -29.80
C HIS A 525 -13.70 59.77 -28.60
N HIS A 526 -14.59 60.09 -27.66
CA HIS A 526 -14.27 60.88 -26.47
C HIS A 526 -13.05 60.36 -25.75
N TYR A 527 -12.98 59.04 -25.61
CA TYR A 527 -11.88 58.35 -24.93
C TYR A 527 -10.55 58.45 -25.72
N THR A 528 -10.57 58.07 -26.98
CA THR A 528 -9.37 58.09 -27.84
C THR A 528 -8.72 59.48 -27.96
N ASP A 529 -9.54 60.53 -27.90
CA ASP A 529 -9.06 61.90 -28.02
C ASP A 529 -8.60 62.44 -26.67
N SER A 530 -8.97 61.73 -25.60
CA SER A 530 -8.34 61.91 -24.31
C SER A 530 -7.10 61.02 -24.24
N VAL A 531 -7.10 59.92 -25.00
CA VAL A 531 -5.89 59.11 -25.19
C VAL A 531 -4.90 59.89 -26.03
N GLY A 532 -5.37 60.51 -27.11
CA GLY A 532 -4.59 61.47 -27.86
C GLY A 532 -4.09 62.55 -26.93
N GLY A 533 -5.03 63.26 -26.30
CA GLY A 533 -4.73 64.35 -25.36
C GLY A 533 -4.05 63.94 -24.06
N ILE A 534 -3.78 62.64 -23.94
CA ILE A 534 -3.05 62.07 -22.81
C ILE A 534 -1.67 61.55 -23.28
N LEU A 535 -1.62 61.08 -24.53
CA LEU A 535 -0.38 60.52 -25.10
C LEU A 535 0.67 61.56 -25.42
N ARG A 536 0.24 62.79 -25.67
CA ARG A 536 1.19 63.88 -25.94
C ARG A 536 1.84 64.33 -24.63
N SER A 537 1.64 63.53 -23.58
CA SER A 537 2.23 63.77 -22.26
C SER A 537 3.45 62.88 -22.05
N THR A 538 3.23 61.57 -22.03
CA THR A 538 4.29 60.54 -21.89
C THR A 538 5.50 60.95 -21.03
N GLY A 539 5.19 61.59 -19.90
CA GLY A 539 6.20 62.04 -18.93
C GLY A 539 5.58 62.56 -17.65
N ARG A 540 4.32 63.03 -17.76
CA ARG A 540 3.54 63.57 -16.63
C ARG A 540 2.63 62.48 -16.03
N TYR A 541 2.13 61.60 -16.89
CA TYR A 541 1.42 60.39 -16.47
C TYR A 541 2.40 59.27 -16.10
N LEU A 542 3.66 59.43 -16.54
CA LEU A 542 4.77 58.51 -16.24
C LEU A 542 5.35 58.78 -14.84
N VAL A 543 4.76 59.75 -14.14
CA VAL A 543 5.09 60.04 -12.74
C VAL A 543 3.82 59.86 -11.91
N LEU A 544 2.66 59.84 -12.58
CA LEU A 544 1.40 59.42 -11.95
C LEU A 544 1.40 57.92 -11.72
N TYR A 545 2.17 57.20 -12.55
CA TYR A 545 2.42 55.78 -12.34
C TYR A 545 3.37 55.53 -11.15
N LEU A 546 4.52 56.21 -11.12
CA LEU A 546 5.44 56.11 -9.96
C LEU A 546 4.72 56.48 -8.67
N ILE A 547 3.74 57.38 -8.76
CA ILE A 547 2.89 57.77 -7.64
C ILE A 547 2.02 56.58 -7.15
N ILE A 548 1.38 55.88 -8.09
CA ILE A 548 0.61 54.66 -7.82
C ILE A 548 1.42 53.54 -7.10
N VAL A 549 2.63 53.23 -7.58
CA VAL A 549 3.52 52.23 -6.92
C VAL A 549 3.86 52.58 -5.46
N VAL A 550 4.25 53.84 -5.21
CA VAL A 550 4.54 54.30 -3.84
C VAL A 550 3.27 54.31 -2.97
N GLY A 551 2.11 54.39 -3.62
CA GLY A 551 0.81 54.27 -2.93
C GLY A 551 0.28 52.84 -2.90
N MET A 552 1.08 51.90 -3.41
CA MET A 552 0.76 50.48 -3.34
C MET A 552 1.58 49.80 -2.25
N ALA A 553 2.89 49.64 -2.48
CA ALA A 553 3.81 49.08 -1.48
C ALA A 553 3.51 49.59 -0.08
N TYR A 554 2.94 50.80 0.00
CA TYR A 554 2.46 51.34 1.27
C TYR A 554 1.37 50.45 1.87
N LEU A 555 0.20 50.45 1.23
CA LEU A 555 -0.96 49.67 1.68
C LEU A 555 -0.69 48.17 1.78
N PHE A 556 0.40 47.73 1.16
CA PHE A 556 0.79 46.32 1.18
C PHE A 556 1.70 46.02 2.37
N VAL A 557 2.72 46.83 2.59
CA VAL A 557 3.55 46.67 3.79
C VAL A 557 2.72 47.04 5.01
N ARG A 558 1.55 47.65 4.75
CA ARG A 558 0.59 48.08 5.78
C ARG A 558 -0.45 47.02 6.16
N LEU A 559 -1.15 46.45 5.17
CA LEU A 559 -2.23 45.48 5.40
C LEU A 559 -1.78 44.20 6.13
N PRO A 560 -2.42 43.87 7.27
CA PRO A 560 -2.03 42.66 7.99
C PRO A 560 -2.31 41.39 7.16
N SER A 561 -1.83 40.25 7.65
CA SER A 561 -2.00 39.00 6.93
C SER A 561 -2.53 37.89 7.85
N SER A 562 -3.26 36.95 7.27
CA SER A 562 -3.77 35.80 8.01
C SER A 562 -3.73 34.54 7.14
N PHE A 563 -4.53 33.52 7.47
CA PHE A 563 -4.53 32.29 6.67
C PHE A 563 -5.84 32.03 5.97
N LEU A 564 -6.86 31.66 6.74
CA LEU A 564 -8.20 31.46 6.21
C LEU A 564 -9.27 31.91 7.20
N PRO A 565 -10.24 32.70 6.71
CA PRO A 565 -11.30 33.23 7.57
C PRO A 565 -11.90 32.17 8.48
N ASP A 566 -12.08 32.54 9.75
CA ASP A 566 -12.90 31.79 10.65
C ASP A 566 -14.33 32.03 10.16
N GLU A 567 -15.20 31.02 10.29
CA GLU A 567 -16.55 31.09 9.71
C GLU A 567 -17.59 30.42 10.58
N ASP A 568 -18.83 30.93 10.52
CA ASP A 568 -19.91 30.44 11.36
C ASP A 568 -20.40 29.13 10.77
N GLN A 569 -20.05 28.02 11.41
CA GLN A 569 -20.39 26.68 10.90
C GLN A 569 -21.74 26.16 11.37
N GLY A 570 -22.39 26.91 12.26
CA GLY A 570 -23.70 26.53 12.81
C GLY A 570 -23.57 25.85 14.15
N VAL A 571 -22.33 25.73 14.64
CA VAL A 571 -21.98 24.91 15.82
C VAL A 571 -20.70 25.39 16.46
N PHE A 572 -20.67 25.35 17.80
CA PHE A 572 -19.40 25.58 18.51
C PHE A 572 -19.32 24.79 19.80
N MET A 573 -18.12 24.71 20.35
CA MET A 573 -17.99 24.09 21.66
C MET A 573 -17.78 25.07 22.79
N THR A 574 -17.92 24.56 24.02
CA THR A 574 -17.59 25.34 25.20
C THR A 574 -16.79 24.47 26.14
N MET A 575 -15.47 24.66 26.18
CA MET A 575 -14.65 23.95 27.15
C MET A 575 -15.16 24.30 28.56
N VAL A 576 -15.13 23.35 29.51
CA VAL A 576 -15.31 23.62 30.96
C VAL A 576 -14.20 22.93 31.80
N GLN A 577 -13.10 23.62 32.08
CA GLN A 577 -12.16 23.08 33.06
C GLN A 577 -12.59 23.46 34.45
N LEU A 578 -11.90 22.89 35.42
CA LEU A 578 -12.17 23.08 36.84
C LEU A 578 -10.94 22.64 37.61
N PRO A 579 -10.71 23.24 38.79
CA PRO A 579 -9.55 22.85 39.58
C PRO A 579 -9.45 21.33 39.58
N ALA A 580 -8.22 20.81 39.65
CA ALA A 580 -7.97 19.35 39.67
C ALA A 580 -8.38 18.76 41.03
N GLY A 581 -9.28 17.78 40.99
CA GLY A 581 -9.85 17.18 42.20
C GLY A 581 -11.24 17.65 42.57
N ALA A 582 -11.68 18.78 42.01
CA ALA A 582 -13.02 19.30 42.26
C ALA A 582 -14.09 18.29 41.84
N THR A 583 -15.02 17.98 42.75
CA THR A 583 -16.05 16.95 42.54
C THR A 583 -16.94 17.07 41.28
N GLN A 584 -17.60 15.96 40.93
CA GLN A 584 -18.35 15.79 39.70
C GLN A 584 -19.70 16.51 39.84
N GLU A 585 -20.27 16.33 41.03
CA GLU A 585 -21.43 17.11 41.44
C GLU A 585 -21.21 18.59 41.07
N ARG A 586 -20.02 19.11 41.36
CA ARG A 586 -19.71 20.53 41.16
C ARG A 586 -19.36 20.87 39.71
N THR A 587 -18.67 19.95 39.05
CA THR A 587 -18.41 20.06 37.63
C THR A 587 -19.76 20.24 36.93
N GLN A 588 -20.79 19.58 37.47
CA GLN A 588 -22.07 19.50 36.77
C GLN A 588 -22.86 20.75 36.94
N LYS A 589 -22.86 21.25 38.18
CA LYS A 589 -23.44 22.52 38.55
C LYS A 589 -23.09 23.55 37.50
N VAL A 590 -21.80 23.63 37.14
CA VAL A 590 -21.36 24.56 36.11
C VAL A 590 -22.17 24.37 34.82
N LEU A 591 -22.21 23.13 34.32
CA LEU A 591 -22.77 22.85 33.01
C LEU A 591 -24.23 23.17 32.98
N ASN A 592 -24.90 23.00 34.12
CA ASN A 592 -26.29 23.41 34.26
C ASN A 592 -26.38 24.89 34.02
N GLU A 593 -25.62 25.63 34.84
CA GLU A 593 -25.47 27.06 34.67
C GLU A 593 -25.23 27.37 33.19
N VAL A 594 -24.26 26.69 32.59
CA VAL A 594 -23.96 26.95 31.20
C VAL A 594 -25.19 26.73 30.33
N THR A 595 -25.71 25.50 30.32
CA THR A 595 -26.90 25.16 29.57
C THR A 595 -27.93 26.26 29.73
N HIS A 596 -28.23 26.58 30.99
CA HIS A 596 -29.07 27.74 31.33
C HIS A 596 -28.78 28.97 30.45
N TYR A 597 -27.66 29.65 30.65
CA TYR A 597 -27.26 30.80 29.83
C TYR A 597 -27.66 30.63 28.37
N TYR A 598 -27.25 29.54 27.75
CA TYR A 598 -27.45 29.38 26.32
C TYR A 598 -28.94 29.30 26.03
N LEU A 599 -29.65 28.54 26.85
CA LEU A 599 -31.06 28.26 26.66
C LEU A 599 -31.99 29.41 27.03
N THR A 600 -31.46 30.46 27.65
CA THR A 600 -32.27 31.63 27.96
C THR A 600 -31.70 32.87 27.27
N LYS A 601 -30.55 33.33 27.79
CA LYS A 601 -29.83 34.51 27.32
C LYS A 601 -29.39 34.53 25.85
N GLU A 602 -29.88 33.58 25.04
CA GLU A 602 -29.53 33.49 23.63
C GLU A 602 -30.58 32.71 22.88
N LYS A 603 -31.69 32.40 23.55
CA LYS A 603 -32.64 31.44 22.99
C LYS A 603 -33.04 31.78 21.55
N ASN A 604 -32.84 33.03 21.15
CA ASN A 604 -33.01 33.42 19.76
C ASN A 604 -32.10 32.65 18.81
N ASN A 605 -30.88 32.41 19.25
CA ASN A 605 -29.87 31.73 18.42
C ASN A 605 -29.60 30.23 18.66
N VAL A 606 -29.79 29.76 19.88
CA VAL A 606 -29.39 28.41 20.27
C VAL A 606 -30.53 27.40 20.04
N GLU A 607 -30.23 26.37 19.24
CA GLU A 607 -31.17 25.27 18.96
C GLU A 607 -31.07 24.16 20.00
N SER A 608 -29.86 23.82 20.40
CA SER A 608 -29.66 22.73 21.35
C SER A 608 -28.35 22.89 22.05
N VAL A 609 -28.30 22.30 23.24
CA VAL A 609 -27.10 22.24 24.05
C VAL A 609 -26.94 20.81 24.52
N PHE A 610 -25.98 20.11 23.91
CA PHE A 610 -25.53 18.80 24.41
C PHE A 610 -24.44 19.01 25.44
N ALA A 611 -24.77 18.77 26.70
CA ALA A 611 -23.81 19.01 27.75
C ALA A 611 -23.24 17.71 28.28
N VAL A 612 -21.91 17.61 28.35
CA VAL A 612 -21.27 16.32 28.69
C VAL A 612 -20.27 16.44 29.82
N ASN A 613 -20.58 15.84 30.95
CA ASN A 613 -19.75 15.93 32.16
C ASN A 613 -18.85 14.69 32.25
N GLY A 614 -17.56 14.92 32.44
CA GLY A 614 -16.61 13.84 32.61
C GLY A 614 -15.62 13.81 31.48
N PHE A 615 -15.99 14.46 30.37
CA PHE A 615 -15.19 14.39 29.17
C PHE A 615 -14.53 15.72 28.83
N GLY A 616 -13.20 15.74 28.83
CA GLY A 616 -12.46 16.87 28.28
C GLY A 616 -11.91 16.41 26.94
N PHE A 617 -11.68 17.36 26.02
CA PHE A 617 -10.98 17.01 24.79
C PHE A 617 -9.55 16.72 25.21
N ALA A 618 -9.14 17.41 26.28
CA ALA A 618 -7.93 17.10 27.03
C ALA A 618 -7.92 15.63 27.48
N GLY A 619 -9.10 15.14 27.85
CA GLY A 619 -9.27 13.79 28.35
C GLY A 619 -10.22 13.63 29.52
N ARG A 620 -10.49 12.37 29.81
CA ARG A 620 -11.34 11.87 30.89
C ARG A 620 -10.97 12.52 32.23
N GLY A 621 -11.91 13.28 32.78
CA GLY A 621 -11.70 13.88 34.08
C GLY A 621 -13.01 14.07 34.80
N GLN A 622 -13.01 13.94 36.13
CA GLN A 622 -14.19 14.12 36.98
C GLN A 622 -14.40 15.63 37.28
N ASN A 623 -13.41 16.41 36.85
CA ASN A 623 -13.35 17.86 36.99
C ASN A 623 -13.43 18.61 35.66
N THR A 624 -13.85 17.96 34.59
CA THR A 624 -13.75 18.60 33.27
C THR A 624 -14.94 18.18 32.45
N GLY A 625 -15.52 19.13 31.73
CA GLY A 625 -16.72 18.86 30.94
C GLY A 625 -16.73 19.61 29.63
N ILE A 626 -17.63 19.21 28.73
CA ILE A 626 -17.82 20.00 27.51
C ILE A 626 -19.28 20.13 27.01
N ALA A 627 -19.64 21.28 26.44
CA ALA A 627 -21.02 21.48 25.97
C ALA A 627 -21.06 21.84 24.51
N PHE A 628 -21.56 20.93 23.70
CA PHE A 628 -21.68 21.14 22.28
C PHE A 628 -22.93 21.97 22.03
N VAL A 629 -22.75 23.11 21.39
CA VAL A 629 -23.88 23.99 21.10
C VAL A 629 -24.18 23.99 19.62
N SER A 630 -25.47 23.85 19.32
CA SER A 630 -25.93 23.87 17.96
C SER A 630 -26.95 24.99 17.78
N LEU A 631 -26.64 25.90 16.85
CA LEU A 631 -27.46 27.08 16.58
C LEU A 631 -28.65 26.81 15.67
N LYS A 632 -29.71 27.61 15.82
CA LYS A 632 -30.82 27.70 14.84
C LYS A 632 -30.26 28.15 13.50
N ASP A 633 -30.96 27.89 12.41
CA ASP A 633 -30.37 28.01 11.07
C ASP A 633 -29.69 29.38 10.84
N TRP A 634 -28.93 29.52 9.75
CA TRP A 634 -28.24 30.79 9.45
C TRP A 634 -29.16 31.96 9.09
N ALA A 635 -30.20 31.67 8.31
CA ALA A 635 -31.18 32.68 7.93
C ALA A 635 -31.76 33.38 9.17
N ASP A 636 -32.15 32.57 10.16
CA ASP A 636 -32.74 33.06 11.42
C ASP A 636 -31.77 33.89 12.26
N ARG A 637 -30.51 33.95 11.83
CA ARG A 637 -29.51 34.68 12.60
C ARG A 637 -28.79 35.74 11.75
N PRO A 638 -29.56 36.73 11.22
CA PRO A 638 -28.93 37.81 10.45
C PRO A 638 -28.26 38.83 11.37
N GLY A 639 -27.14 39.36 10.90
CA GLY A 639 -26.44 40.42 11.61
C GLY A 639 -25.44 39.85 12.58
N GLU A 640 -24.18 40.26 12.43
CA GLU A 640 -23.01 39.70 13.14
C GLU A 640 -23.07 39.63 14.67
N GLU A 641 -24.11 40.26 15.25
CA GLU A 641 -24.51 40.06 16.64
C GLU A 641 -24.97 38.61 16.86
N ASN A 642 -25.47 37.99 15.78
CA ASN A 642 -26.05 36.65 15.78
C ASN A 642 -25.16 35.51 15.26
N LYS A 643 -23.88 35.77 15.04
CA LYS A 643 -22.98 34.74 14.54
C LYS A 643 -21.96 34.32 15.60
N VAL A 644 -21.15 33.32 15.29
CA VAL A 644 -20.30 32.68 16.29
C VAL A 644 -19.30 33.65 16.93
N GLU A 645 -18.51 34.33 16.11
CA GLU A 645 -17.52 35.26 16.63
C GLU A 645 -18.14 36.22 17.63
N ALA A 646 -19.39 36.62 17.39
CA ALA A 646 -20.12 37.48 18.32
C ALA A 646 -20.72 36.72 19.51
N ILE A 647 -21.54 35.71 19.24
CA ILE A 647 -22.23 34.95 20.30
C ILE A 647 -21.28 34.42 21.38
N THR A 648 -20.18 33.80 20.94
CA THR A 648 -19.13 33.32 21.81
C THR A 648 -18.58 34.43 22.69
N MET A 649 -17.99 35.45 22.05
CA MET A 649 -17.40 36.60 22.74
C MET A 649 -18.23 37.06 23.95
N ARG A 650 -19.51 37.35 23.71
CA ARG A 650 -20.49 37.68 24.76
C ARG A 650 -20.41 36.63 25.86
N ALA A 651 -20.71 35.40 25.42
CA ALA A 651 -20.76 34.19 26.23
C ALA A 651 -19.55 34.06 27.13
N THR A 652 -18.36 34.04 26.54
CA THR A 652 -17.13 33.86 27.30
C THR A 652 -16.95 34.91 28.41
N ARG A 653 -17.31 36.16 28.11
CA ARG A 653 -17.26 37.28 29.07
C ARG A 653 -18.32 37.08 30.15
N ALA A 654 -19.56 36.92 29.71
CA ALA A 654 -20.65 36.47 30.57
C ALA A 654 -20.30 35.25 31.44
N PHE A 655 -19.36 34.43 30.97
CA PHE A 655 -19.00 33.15 31.63
C PHE A 655 -17.79 33.25 32.55
N SER A 656 -16.95 34.27 32.38
CA SER A 656 -15.79 34.49 33.26
C SER A 656 -16.29 34.93 34.64
N GLN A 657 -17.61 35.09 34.72
CA GLN A 657 -18.34 35.32 35.96
C GLN A 657 -18.55 34.00 36.72
N ILE A 658 -17.69 33.03 36.46
CA ILE A 658 -17.79 31.74 37.13
C ILE A 658 -16.65 31.59 38.11
N LYS A 659 -17.02 31.81 39.37
CA LYS A 659 -16.14 31.68 40.53
C LYS A 659 -15.40 30.35 40.52
N ASP A 660 -14.12 30.42 40.12
CA ASP A 660 -13.25 29.26 39.95
C ASP A 660 -13.79 28.10 39.09
N ALA A 661 -13.57 28.28 37.79
CA ALA A 661 -13.73 27.27 36.76
C ALA A 661 -13.51 27.95 35.41
N MET A 662 -12.46 27.53 34.71
CA MET A 662 -12.16 28.07 33.38
C MET A 662 -13.22 27.60 32.37
N VAL A 663 -14.14 28.50 32.04
CA VAL A 663 -15.24 28.19 31.13
C VAL A 663 -15.16 29.09 29.93
N PHE A 664 -14.70 28.58 28.81
CA PHE A 664 -14.67 29.43 27.63
C PHE A 664 -15.34 28.84 26.42
N ALA A 665 -16.16 29.64 25.75
CA ALA A 665 -16.70 29.24 24.44
C ALA A 665 -15.79 29.70 23.29
N PHE A 666 -15.84 28.98 22.17
CA PHE A 666 -15.03 29.28 20.98
C PHE A 666 -15.46 28.44 19.75
N ASN A 667 -15.27 29.03 18.57
CA ASN A 667 -15.50 28.38 17.27
C ASN A 667 -14.24 27.64 16.88
N LEU A 668 -14.41 26.50 16.22
CA LEU A 668 -13.28 25.76 15.68
C LEU A 668 -12.66 26.63 14.61
N PRO A 669 -11.32 26.63 14.55
CA PRO A 669 -10.63 27.51 13.59
C PRO A 669 -10.70 26.98 12.15
N ALA A 670 -10.15 27.74 11.19
CA ALA A 670 -10.12 27.40 9.75
C ALA A 670 -9.83 25.92 9.46
N ILE A 671 -8.54 25.56 9.40
CA ILE A 671 -8.11 24.15 9.51
C ILE A 671 -7.94 23.89 11.01
N VAL A 672 -8.32 22.69 11.42
CA VAL A 672 -8.13 22.25 12.82
C VAL A 672 -6.64 22.27 13.31
N GLU A 673 -5.69 22.59 12.42
CA GLU A 673 -4.23 22.53 12.69
C GLU A 673 -3.49 23.86 12.55
N LEU A 674 -4.04 24.79 11.75
CA LEU A 674 -3.45 26.13 11.54
C LEU A 674 -3.17 26.84 12.87
N GLY A 675 -4.03 26.59 13.85
CA GLY A 675 -3.81 27.08 15.21
C GLY A 675 -4.30 28.47 15.50
N THR A 676 -3.85 29.01 16.63
CA THR A 676 -4.36 30.26 17.17
C THR A 676 -3.80 31.50 16.44
N ALA A 677 -3.55 31.38 15.13
CA ALA A 677 -3.08 32.49 14.27
C ALA A 677 -1.68 33.04 14.59
N THR A 678 -1.43 33.38 15.86
CA THR A 678 -0.09 33.71 16.37
C THR A 678 0.20 33.03 17.72
N GLY A 679 -0.27 31.78 17.87
CA GLY A 679 -0.04 31.00 19.08
C GLY A 679 1.16 30.05 18.99
N PHE A 680 1.48 29.41 20.10
CA PHE A 680 2.62 28.48 20.11
C PHE A 680 2.46 27.35 21.12
N ASP A 681 3.24 26.27 20.91
CA ASP A 681 3.21 25.03 21.69
C ASP A 681 4.58 24.72 22.22
N PHE A 682 4.98 25.42 23.26
CA PHE A 682 6.28 25.22 23.88
C PHE A 682 6.19 23.97 24.70
N GLU A 683 6.87 22.90 24.32
CA GLU A 683 6.94 21.75 25.25
C GLU A 683 8.12 22.03 26.11
N LEU A 684 7.98 21.87 27.42
CA LEU A 684 9.13 21.99 28.33
C LEU A 684 9.67 20.65 28.83
N ILE A 685 10.87 20.30 28.40
CA ILE A 685 11.46 18.92 28.61
C ILE A 685 12.42 18.75 29.78
N ASP A 686 12.27 17.71 30.60
CA ASP A 686 13.31 17.34 31.58
C ASP A 686 14.31 16.40 30.95
N GLN A 687 15.57 16.83 30.86
CA GLN A 687 16.54 16.06 30.08
C GLN A 687 17.75 15.55 30.83
N ALA A 688 17.75 15.60 32.16
CA ALA A 688 18.86 15.03 32.92
C ALA A 688 18.38 14.11 34.05
N GLY A 689 17.08 13.88 34.10
CA GLY A 689 16.52 12.90 34.99
C GLY A 689 16.31 13.53 36.33
N LEU A 690 15.81 14.77 36.27
CA LEU A 690 15.65 15.64 37.43
C LEU A 690 14.52 15.25 38.37
N GLY A 691 13.34 14.97 37.82
CA GLY A 691 12.15 14.71 38.64
C GLY A 691 10.96 15.64 38.37
N HIS A 692 9.78 15.23 38.84
CA HIS A 692 8.58 15.98 38.55
C HIS A 692 8.66 17.28 39.26
N GLU A 693 9.24 17.25 40.46
CA GLU A 693 9.31 18.42 41.36
C GLU A 693 10.11 19.51 40.71
N LYS A 694 11.43 19.29 40.63
CA LYS A 694 12.33 20.24 39.97
C LYS A 694 11.71 20.80 38.68
N LEU A 695 11.07 19.95 37.89
CA LEU A 695 10.46 20.34 36.64
C LEU A 695 9.33 21.35 36.82
N THR A 696 8.39 21.08 37.73
CA THR A 696 7.22 21.99 37.93
C THR A 696 7.70 23.41 38.24
N GLN A 697 8.74 23.47 39.10
CA GLN A 697 9.51 24.67 39.45
C GLN A 697 10.11 25.34 38.23
N ALA A 698 11.11 24.67 37.63
CA ALA A 698 11.79 25.18 36.45
C ALA A 698 10.75 25.69 35.48
N ARG A 699 9.64 24.99 35.43
CA ARG A 699 8.49 25.41 34.65
C ARG A 699 7.98 26.74 35.17
N ASN A 700 7.65 26.78 36.47
CA ASN A 700 7.16 28.00 37.15
C ASN A 700 8.07 29.19 36.89
N GLN A 701 9.38 28.93 37.02
CA GLN A 701 10.40 29.95 36.80
C GLN A 701 10.22 30.68 35.46
N LEU A 702 10.27 29.95 34.33
CA LEU A 702 9.93 30.43 32.99
C LEU A 702 8.53 31.09 32.87
N LEU A 703 7.54 30.58 33.62
CA LEU A 703 6.19 31.16 33.60
C LEU A 703 6.15 32.54 34.29
N ALA A 704 6.91 32.67 35.37
CA ALA A 704 7.07 33.93 36.10
C ALA A 704 7.72 35.02 35.21
N GLU A 705 8.84 34.65 34.56
CA GLU A 705 9.67 35.54 33.75
C GLU A 705 8.95 36.07 32.53
N ALA A 706 8.13 35.23 31.91
CA ALA A 706 7.31 35.63 30.77
C ALA A 706 6.13 36.51 31.17
N ALA A 707 5.91 36.64 32.48
CA ALA A 707 4.86 37.50 33.00
C ALA A 707 5.32 38.96 32.96
N LYS A 708 6.63 39.13 33.14
CA LYS A 708 7.29 40.41 33.26
C LYS A 708 7.71 40.95 31.89
N HIS A 709 7.23 40.32 30.82
CA HIS A 709 7.37 40.90 29.49
C HIS A 709 6.01 40.94 28.85
N PRO A 710 5.06 41.70 29.42
CA PRO A 710 3.73 41.66 28.81
C PRO A 710 3.70 42.30 27.42
N ASP A 711 4.83 42.92 27.05
CA ASP A 711 5.04 43.52 25.73
C ASP A 711 5.02 42.50 24.57
N MET A 712 5.80 41.42 24.72
CA MET A 712 5.97 40.41 23.66
C MET A 712 4.89 39.31 23.68
N LEU A 713 4.67 38.68 24.85
CA LEU A 713 3.72 37.56 25.01
C LEU A 713 2.47 37.73 25.92
N THR A 714 1.40 37.01 25.59
CA THR A 714 0.10 37.11 26.26
C THR A 714 -0.42 35.70 26.63
N SER A 715 -1.03 35.58 27.81
CA SER A 715 -1.72 34.35 28.21
C SER A 715 -0.81 33.11 28.18
N VAL A 716 0.36 33.21 28.79
CA VAL A 716 1.31 32.10 28.73
C VAL A 716 1.06 31.05 29.82
N ARG A 717 0.19 30.08 29.52
CA ARG A 717 -0.30 29.12 30.54
C ARG A 717 0.40 27.76 30.54
N PRO A 718 0.27 26.97 31.63
CA PRO A 718 0.58 25.56 31.53
C PRO A 718 -0.56 24.91 30.79
N ASN A 719 -0.27 23.85 30.02
CA ASN A 719 -1.37 23.13 29.43
C ASN A 719 -1.83 22.02 30.35
N GLY A 720 -0.86 21.47 31.10
CA GLY A 720 -1.13 20.41 32.08
C GLY A 720 -2.15 20.72 33.16
N LEU A 721 -2.09 19.94 34.25
CA LEU A 721 -2.89 20.17 35.45
C LEU A 721 -1.96 20.26 36.64
N GLU A 722 -2.38 21.01 37.67
CA GLU A 722 -1.56 21.29 38.82
C GLU A 722 -1.53 20.09 39.74
N ASP A 723 -0.40 19.91 40.45
CA ASP A 723 -0.28 18.89 41.50
C ASP A 723 -1.42 19.07 42.51
N THR A 724 -1.73 17.99 43.22
CA THR A 724 -2.84 18.04 44.18
C THR A 724 -2.69 16.97 45.28
N PRO A 725 -3.43 17.16 46.38
CA PRO A 725 -3.27 16.34 47.58
C PRO A 725 -3.76 14.94 47.32
N GLN A 726 -2.96 13.98 47.75
CA GLN A 726 -3.27 12.60 47.51
C GLN A 726 -2.84 11.87 48.78
N PHE A 727 -3.58 10.82 49.11
CA PHE A 727 -3.44 10.12 50.39
C PHE A 727 -2.61 8.80 50.28
N LYS A 728 -1.46 8.78 50.91
CA LYS A 728 -0.60 7.59 50.82
C LYS A 728 -0.98 6.57 51.88
N ILE A 729 -0.74 5.27 51.61
CA ILE A 729 -0.88 4.20 52.62
C ILE A 729 0.36 3.26 52.66
N ASP A 730 1.10 3.30 53.77
CA ASP A 730 2.30 2.48 53.85
C ASP A 730 2.08 1.08 54.45
N ILE A 731 2.32 0.04 53.67
CA ILE A 731 1.93 -1.28 54.18
C ILE A 731 3.11 -2.05 54.74
N ASP A 732 3.14 -2.14 56.06
CA ASP A 732 4.24 -2.78 56.74
C ASP A 732 4.29 -4.30 56.51
N GLN A 733 5.11 -4.70 55.54
CA GLN A 733 5.32 -6.10 55.21
C GLN A 733 5.57 -6.97 56.44
N GLU A 734 6.24 -6.40 57.44
CA GLU A 734 6.56 -7.14 58.66
C GLU A 734 5.38 -7.35 59.62
N LYS A 735 4.70 -6.27 60.02
CA LYS A 735 3.43 -6.36 60.77
C LYS A 735 2.40 -7.29 60.07
N ALA A 736 2.57 -7.46 58.77
CA ALA A 736 1.74 -8.35 57.97
C ALA A 736 2.08 -9.84 58.19
N GLN A 737 3.32 -10.25 57.87
CA GLN A 737 3.84 -11.60 58.22
C GLN A 737 3.66 -11.88 59.73
N ALA A 738 3.90 -10.86 60.53
CA ALA A 738 3.66 -10.94 61.95
C ALA A 738 2.27 -11.46 62.23
N LEU A 739 1.29 -11.04 61.44
CA LEU A 739 -0.07 -11.36 61.78
C LEU A 739 -0.69 -12.44 60.89
N GLY A 740 0.15 -13.19 60.17
CA GLY A 740 -0.32 -14.12 59.15
C GLY A 740 -1.33 -13.49 58.20
N VAL A 741 -1.06 -12.26 57.79
CA VAL A 741 -1.86 -11.55 56.77
C VAL A 741 -0.97 -11.50 55.55
N SER A 742 -1.51 -11.82 54.37
CA SER A 742 -0.72 -11.85 53.13
C SER A 742 -0.77 -10.50 52.39
N ILE A 743 0.40 -10.01 51.99
CA ILE A 743 0.48 -8.73 51.32
C ILE A 743 -0.56 -8.68 50.21
N ASN A 744 -0.64 -9.77 49.45
CA ASN A 744 -1.69 -10.00 48.45
C ASN A 744 -3.14 -9.78 48.90
N ASP A 745 -3.49 -10.47 49.99
CA ASP A 745 -4.80 -10.32 50.54
C ASP A 745 -5.10 -8.86 50.81
N ILE A 746 -4.10 -8.12 51.31
CA ILE A 746 -4.23 -6.68 51.62
C ILE A 746 -4.47 -5.89 50.34
N ASN A 747 -3.48 -5.96 49.44
CA ASN A 747 -3.48 -5.35 48.12
C ASN A 747 -4.84 -5.47 47.48
N THR A 748 -5.28 -6.71 47.28
CA THR A 748 -6.57 -6.98 46.62
C THR A 748 -7.67 -6.28 47.36
N THR A 749 -7.64 -6.41 48.69
CA THR A 749 -8.70 -5.88 49.53
C THR A 749 -8.89 -4.39 49.36
N LEU A 750 -7.77 -3.66 49.34
CA LEU A 750 -7.77 -2.21 49.16
C LEU A 750 -8.16 -1.87 47.73
N GLY A 751 -7.42 -2.45 46.80
CA GLY A 751 -7.63 -2.21 45.39
C GLY A 751 -9.03 -2.48 44.89
N ALA A 752 -9.66 -3.54 45.40
CA ALA A 752 -10.97 -3.93 44.91
C ALA A 752 -12.03 -3.06 45.54
N ALA A 753 -11.85 -2.78 46.82
CA ALA A 753 -12.82 -1.98 47.55
C ALA A 753 -12.85 -0.58 46.99
N TRP A 754 -11.64 -0.07 46.72
CA TRP A 754 -11.44 1.36 46.53
C TRP A 754 -11.23 1.79 45.10
N GLY A 755 -10.87 0.84 44.25
CA GLY A 755 -10.84 1.14 42.83
C GLY A 755 -11.64 0.15 42.02
N GLY A 756 -12.22 -0.84 42.68
CA GLY A 756 -12.96 -1.86 41.96
C GLY A 756 -12.09 -2.81 41.16
N SER A 757 -12.63 -4.01 40.93
CA SER A 757 -12.05 -5.00 40.05
C SER A 757 -13.06 -5.57 39.05
N TYR A 758 -12.59 -5.67 37.80
CA TYR A 758 -13.14 -6.49 36.75
C TYR A 758 -12.83 -7.94 37.06
N VAL A 759 -13.86 -8.67 37.47
CA VAL A 759 -13.74 -10.09 37.78
C VAL A 759 -13.85 -11.00 36.53
N ASN A 760 -14.93 -10.90 35.79
CA ASN A 760 -15.13 -11.78 34.65
C ASN A 760 -16.42 -11.36 33.94
N ASP A 761 -16.88 -12.11 32.94
CA ASP A 761 -18.10 -11.71 32.21
C ASP A 761 -19.40 -12.43 32.58
N PHE A 762 -20.51 -11.71 32.52
CA PHE A 762 -21.79 -12.37 32.65
C PHE A 762 -22.41 -12.22 31.30
N ILE A 763 -23.70 -12.53 31.20
CA ILE A 763 -24.35 -12.38 29.89
C ILE A 763 -25.65 -11.73 30.14
N ASP A 764 -25.77 -10.49 29.74
CA ASP A 764 -27.00 -9.77 30.00
C ASP A 764 -27.79 -9.65 28.74
N ARG A 765 -29.06 -10.08 28.76
CA ARG A 765 -29.95 -9.98 27.58
C ARG A 765 -29.23 -10.52 26.35
N GLY A 766 -28.47 -11.59 26.55
CA GLY A 766 -27.67 -12.18 25.46
C GLY A 766 -26.45 -11.43 24.95
N ARG A 767 -26.03 -10.41 25.69
CA ARG A 767 -24.78 -9.70 25.42
C ARG A 767 -23.69 -10.10 26.40
N VAL A 768 -22.44 -10.12 25.94
CA VAL A 768 -21.39 -10.32 26.92
C VAL A 768 -21.13 -8.95 27.51
N LYS A 769 -21.13 -8.93 28.84
CA LYS A 769 -20.79 -7.75 29.62
C LYS A 769 -19.97 -8.14 30.86
N LYS A 770 -19.42 -7.13 31.54
CA LYS A 770 -18.43 -7.35 32.59
C LYS A 770 -19.01 -7.49 34.00
N VAL A 771 -18.19 -8.01 34.92
CA VAL A 771 -18.61 -8.13 36.30
C VAL A 771 -17.58 -7.44 37.18
N TYR A 772 -17.89 -6.23 37.64
CA TYR A 772 -17.10 -5.52 38.67
C TYR A 772 -17.53 -5.70 40.14
N VAL A 773 -16.65 -6.34 40.90
CA VAL A 773 -16.62 -6.27 42.34
C VAL A 773 -15.95 -4.94 42.74
N MET A 774 -16.62 -4.13 43.56
CA MET A 774 -16.08 -2.86 44.12
C MET A 774 -16.78 -2.56 45.49
N SER A 775 -16.32 -1.57 46.26
CA SER A 775 -17.09 -1.16 47.45
C SER A 775 -18.36 -0.29 47.17
N GLU A 776 -19.37 -0.33 48.03
CA GLU A 776 -20.53 0.58 47.85
C GLU A 776 -19.90 1.93 48.00
N ALA A 777 -20.59 3.00 47.59
CA ALA A 777 -19.97 4.34 47.64
C ALA A 777 -19.69 4.80 49.08
N LYS A 778 -20.66 4.64 49.97
CA LYS A 778 -20.48 5.24 51.30
C LYS A 778 -19.25 4.70 52.03
N TYR A 779 -18.86 3.45 51.78
CA TYR A 779 -17.75 2.85 52.51
C TYR A 779 -16.37 3.19 51.96
N ARG A 780 -16.32 4.23 51.10
CA ARG A 780 -15.08 4.69 50.45
C ARG A 780 -15.05 6.20 50.01
N MET A 781 -15.51 7.13 50.86
CA MET A 781 -15.46 8.56 50.54
C MET A 781 -14.40 9.38 51.29
N LEU A 782 -14.13 9.05 52.55
CA LEU A 782 -13.17 9.83 53.32
C LEU A 782 -12.16 8.85 53.80
N PRO A 783 -10.93 9.31 54.12
CA PRO A 783 -9.87 8.42 54.59
C PRO A 783 -10.26 7.71 55.87
N ASP A 784 -11.27 8.23 56.56
CA ASP A 784 -11.89 7.60 57.74
C ASP A 784 -12.44 6.22 57.39
N ASP A 785 -12.71 6.00 56.12
CA ASP A 785 -13.32 4.78 55.69
C ASP A 785 -12.36 3.60 55.63
N ILE A 786 -11.05 3.84 55.63
CA ILE A 786 -10.13 2.71 55.68
C ILE A 786 -10.38 1.92 56.95
N GLY A 787 -10.95 2.59 57.94
CA GLY A 787 -11.26 1.96 59.23
C GLY A 787 -12.07 0.68 59.12
N ASP A 788 -13.04 0.69 58.22
CA ASP A 788 -14.00 -0.38 58.10
C ASP A 788 -13.38 -1.70 57.60
N TRP A 789 -12.30 -1.63 56.83
CA TRP A 789 -11.80 -2.81 56.10
C TRP A 789 -10.91 -3.73 56.96
N TYR A 790 -11.31 -4.99 57.08
CA TYR A 790 -10.49 -5.99 57.74
C TYR A 790 -10.02 -6.99 56.71
N VAL A 791 -9.17 -7.90 57.14
CA VAL A 791 -8.61 -8.91 56.27
C VAL A 791 -8.47 -10.13 57.13
N ARG A 792 -8.87 -11.30 56.64
CA ARG A 792 -8.77 -12.53 57.46
C ARG A 792 -7.33 -12.99 57.43
N ALA A 793 -6.75 -13.11 58.61
CA ALA A 793 -5.39 -13.59 58.72
C ALA A 793 -5.38 -15.08 58.43
N ALA A 794 -4.22 -15.69 58.59
CA ALA A 794 -4.08 -17.14 58.54
C ALA A 794 -4.71 -17.85 59.76
N ASP A 795 -5.88 -17.38 60.19
CA ASP A 795 -6.63 -17.91 61.34
C ASP A 795 -7.72 -16.90 61.71
N GLY A 796 -8.92 -17.05 61.15
CA GLY A 796 -10.02 -16.09 61.38
C GLY A 796 -9.54 -14.67 61.68
N GLN A 797 -9.39 -14.38 62.97
CA GLN A 797 -8.87 -13.10 63.48
C GLN A 797 -9.55 -11.84 62.95
N MET A 798 -9.33 -11.52 61.67
CA MET A 798 -9.88 -10.29 61.07
C MET A 798 -9.15 -9.06 61.57
N VAL A 799 -7.86 -9.02 61.27
CA VAL A 799 -7.04 -7.89 61.59
C VAL A 799 -7.55 -6.71 60.76
N PRO A 800 -7.59 -5.49 61.34
CA PRO A 800 -7.96 -4.28 60.62
C PRO A 800 -6.75 -3.62 60.03
N PHE A 801 -6.96 -2.70 59.09
CA PHE A 801 -5.86 -2.08 58.37
C PHE A 801 -4.86 -1.35 59.28
N SER A 802 -5.38 -0.74 60.34
CA SER A 802 -4.56 0.07 61.24
C SER A 802 -3.53 -0.76 61.98
N ALA A 803 -3.64 -2.07 61.93
CA ALA A 803 -2.70 -2.94 62.59
C ALA A 803 -1.46 -3.24 61.73
N PHE A 804 -1.53 -2.93 60.43
CA PHE A 804 -0.38 -3.23 59.55
C PHE A 804 0.02 -2.06 58.65
N SER A 805 -0.51 -0.88 58.93
CA SER A 805 -0.28 0.26 58.06
C SER A 805 -0.19 1.59 58.80
N SER A 806 0.46 2.56 58.15
CA SER A 806 0.37 3.97 58.51
C SER A 806 -0.10 4.77 57.28
N SER A 807 -0.66 5.94 57.50
CA SER A 807 -0.92 6.84 56.38
C SER A 807 -0.57 8.34 56.61
N ARG A 808 -0.39 9.09 55.51
CA ARG A 808 -0.35 10.56 55.55
C ARG A 808 -0.69 11.16 54.21
N TRP A 809 -1.20 12.39 54.22
CA TRP A 809 -1.49 13.06 52.97
C TRP A 809 -0.18 13.54 52.35
N GLU A 810 -0.24 13.94 51.07
CA GLU A 810 0.92 14.49 50.36
C GLU A 810 0.44 14.98 49.01
N TYR A 811 1.34 15.65 48.30
CA TYR A 811 1.04 16.30 47.02
C TYR A 811 1.68 15.48 45.86
N GLY A 812 0.87 15.08 44.88
CA GLY A 812 1.34 14.35 43.73
C GLY A 812 0.55 14.84 42.52
N SER A 813 0.88 14.34 41.32
CA SER A 813 0.25 14.90 40.11
C SER A 813 -0.82 14.09 39.46
N PRO A 814 -1.95 14.72 39.14
CA PRO A 814 -3.07 14.02 38.53
C PRO A 814 -2.91 13.75 37.02
N ARG A 815 -1.74 14.04 36.44
CA ARG A 815 -1.57 14.02 34.99
C ARG A 815 -0.08 14.19 34.68
N LEU A 816 0.52 13.22 33.96
CA LEU A 816 1.98 13.22 33.78
C LEU A 816 2.44 13.16 32.33
N GLU A 817 2.72 14.33 31.77
CA GLU A 817 3.11 14.48 30.38
C GLU A 817 4.50 13.94 30.07
N ARG A 818 4.66 13.51 28.82
CA ARG A 818 5.94 13.12 28.30
C ARG A 818 6.00 13.49 26.83
N TYR A 819 7.17 13.94 26.41
CA TYR A 819 7.37 14.38 25.05
C TYR A 819 8.62 13.68 24.62
N ASN A 820 8.53 13.13 23.42
CA ASN A 820 9.52 12.21 22.87
C ASN A 820 10.15 11.22 23.84
N GLY A 821 9.43 10.86 24.89
CA GLY A 821 9.94 9.86 25.82
C GLY A 821 10.64 10.47 27.01
N LEU A 822 10.53 11.79 27.13
CA LEU A 822 11.05 12.44 28.33
C LEU A 822 9.99 13.27 29.05
N PRO A 823 10.11 13.40 30.40
CA PRO A 823 9.06 14.08 31.10
C PRO A 823 8.92 15.45 30.51
N SER A 824 7.75 15.77 29.97
CA SER A 824 7.56 17.08 29.35
C SER A 824 6.87 18.00 30.30
N MET A 825 6.25 19.04 29.72
CA MET A 825 5.27 19.96 30.33
C MET A 825 4.99 20.98 29.25
N GLU A 826 3.89 20.80 28.51
CA GLU A 826 3.41 21.79 27.52
C GLU A 826 3.15 23.07 28.25
N ILE A 827 3.50 24.18 27.58
CA ILE A 827 3.16 25.59 27.92
C ILE A 827 2.57 26.24 26.67
N LEU A 828 1.43 26.92 26.77
CA LEU A 828 0.86 27.57 25.60
C LEU A 828 0.83 29.06 25.77
N GLY A 829 0.66 29.76 24.64
CA GLY A 829 0.48 31.21 24.61
C GLY A 829 0.42 31.80 23.21
N GLN A 830 -0.10 33.02 23.13
CA GLN A 830 -0.10 33.78 21.89
C GLN A 830 1.05 34.81 21.89
N ALA A 831 1.27 35.48 20.76
CA ALA A 831 2.17 36.63 20.70
C ALA A 831 1.33 37.91 20.79
N ALA A 832 1.82 38.89 21.56
CA ALA A 832 1.04 40.08 21.92
C ALA A 832 0.72 40.94 20.70
N PRO A 833 -0.57 41.37 20.56
CA PRO A 833 -1.11 42.05 19.38
C PRO A 833 -0.12 42.99 18.73
N GLY A 834 0.07 42.89 17.42
CA GLY A 834 1.04 43.73 16.74
C GLY A 834 2.41 43.08 16.52
N LYS A 835 2.87 42.30 17.51
CA LYS A 835 4.09 41.48 17.36
C LYS A 835 3.81 40.21 16.56
N SER A 836 4.86 39.54 16.12
CA SER A 836 4.70 38.34 15.29
C SER A 836 5.13 37.07 16.03
N THR A 837 4.32 36.02 15.90
CA THR A 837 4.63 34.69 16.44
C THR A 837 6.12 34.47 16.69
N GLY A 838 6.91 34.55 15.63
CA GLY A 838 8.35 34.25 15.69
C GLY A 838 9.21 35.12 16.58
N GLU A 839 8.70 36.29 16.96
CA GLU A 839 9.36 37.12 17.97
C GLU A 839 9.16 36.51 19.36
N ALA A 840 7.89 36.31 19.74
CA ALA A 840 7.52 35.68 21.01
C ALA A 840 8.27 34.35 21.14
N MET A 841 8.27 33.61 20.03
CA MET A 841 8.96 32.33 19.98
C MET A 841 10.40 32.48 20.43
N GLU A 842 11.04 33.55 19.95
CA GLU A 842 12.46 33.74 20.19
C GLU A 842 12.67 34.09 21.63
N LEU A 843 11.81 34.98 22.13
CA LEU A 843 11.87 35.37 23.54
C LEU A 843 11.89 34.11 24.40
N MET A 844 10.83 33.30 24.23
CA MET A 844 10.65 32.06 24.97
C MET A 844 11.94 31.22 25.08
N GLU A 845 12.69 31.13 23.98
CA GLU A 845 13.89 30.30 23.96
C GLU A 845 15.04 30.97 24.71
N GLN A 846 15.04 32.31 24.66
CA GLN A 846 15.94 33.08 25.49
C GLN A 846 15.61 32.74 26.94
N LEU A 847 14.38 33.04 27.37
CA LEU A 847 13.92 32.73 28.73
C LEU A 847 14.33 31.32 29.13
N ALA A 848 14.11 30.41 28.18
CA ALA A 848 14.29 28.99 28.34
C ALA A 848 15.74 28.51 28.24
N SER A 849 16.68 29.43 28.31
CA SER A 849 18.08 29.05 28.46
C SER A 849 18.54 29.51 29.84
N LYS A 850 17.83 30.50 30.39
CA LYS A 850 18.09 30.91 31.77
C LYS A 850 17.29 30.06 32.78
N LEU A 851 16.86 28.87 32.37
CA LEU A 851 16.25 27.91 33.29
C LEU A 851 17.34 27.04 33.88
N PRO A 852 17.05 26.30 34.97
CA PRO A 852 18.07 25.51 35.65
C PRO A 852 18.76 24.48 34.77
N THR A 853 19.67 23.70 35.35
CA THR A 853 20.29 22.57 34.64
C THR A 853 19.25 21.61 34.06
N GLY A 854 19.66 20.85 33.03
CA GLY A 854 18.88 19.72 32.56
C GLY A 854 17.55 20.07 31.93
N VAL A 855 17.10 21.30 32.09
CA VAL A 855 15.83 21.67 31.54
C VAL A 855 16.01 22.15 30.11
N GLY A 856 15.49 21.37 29.17
CA GLY A 856 15.54 21.72 27.76
C GLY A 856 14.15 22.09 27.28
N TYR A 857 14.00 22.26 25.98
CA TYR A 857 12.71 22.55 25.39
C TYR A 857 12.64 21.96 24.01
N ASP A 858 11.52 22.19 23.33
CA ASP A 858 11.29 21.68 21.99
C ASP A 858 9.97 22.23 21.58
N TRP A 859 9.72 22.36 20.27
CA TRP A 859 8.43 22.91 19.83
C TRP A 859 7.57 21.76 19.33
N THR A 860 6.25 21.93 19.34
CA THR A 860 5.38 20.84 18.94
C THR A 860 4.17 21.43 18.29
N GLY A 861 3.27 20.58 17.81
CA GLY A 861 2.05 21.03 17.18
C GLY A 861 2.32 22.10 16.14
N MET A 862 1.58 23.20 16.27
CA MET A 862 1.66 24.34 15.34
C MET A 862 3.04 24.98 15.20
N SER A 863 3.92 24.78 16.18
CA SER A 863 5.25 25.35 16.11
C SER A 863 6.29 24.35 15.57
N TYR A 864 5.83 23.40 14.77
CA TYR A 864 6.70 22.53 14.02
C TYR A 864 6.39 22.83 12.56
N GLN A 865 5.17 23.34 12.33
CA GLN A 865 4.77 23.90 11.03
C GLN A 865 5.55 25.18 10.68
N GLU A 866 5.90 25.95 11.71
CA GLU A 866 6.94 26.98 11.59
C GLU A 866 8.27 26.29 11.94
N ARG A 867 9.39 26.95 11.64
CA ARG A 867 10.73 26.34 11.75
C ARG A 867 11.00 25.45 10.53
N LEU A 868 9.94 25.16 9.79
CA LEU A 868 9.99 24.63 8.42
C LEU A 868 8.75 25.24 7.73
N SER A 869 8.90 26.53 7.39
CA SER A 869 7.80 27.46 7.09
C SER A 869 6.86 27.20 5.90
N GLY A 870 6.22 28.28 5.46
CA GLY A 870 5.35 28.33 4.28
C GLY A 870 5.62 29.63 3.52
N ASN A 871 4.56 30.27 3.03
CA ASN A 871 4.64 31.52 2.24
C ASN A 871 6.06 32.00 1.88
N GLN A 872 6.57 31.55 0.72
CA GLN A 872 7.92 31.92 0.23
C GLN A 872 7.90 32.66 -1.14
N ALA A 873 6.95 33.61 -1.27
CA ALA A 873 6.60 34.28 -2.54
C ALA A 873 7.63 35.25 -3.17
N PRO A 874 8.17 36.22 -2.39
CA PRO A 874 9.29 37.00 -2.94
C PRO A 874 10.36 36.13 -3.63
N SER A 875 10.34 34.82 -3.38
CA SER A 875 11.30 33.88 -3.95
C SER A 875 10.78 33.13 -5.17
N LEU A 876 9.50 32.79 -5.17
CA LEU A 876 8.91 32.15 -6.34
C LEU A 876 8.37 33.17 -7.33
N TYR A 877 8.10 34.38 -6.86
CA TYR A 877 7.70 35.48 -7.74
C TYR A 877 8.87 36.17 -8.43
N ALA A 878 10.07 36.06 -7.85
CA ALA A 878 11.28 36.34 -8.61
C ALA A 878 11.22 35.42 -9.83
N ILE A 879 11.04 34.13 -9.58
CA ILE A 879 11.00 33.14 -10.64
C ILE A 879 9.71 33.21 -11.48
N SER A 880 8.65 33.85 -10.98
CA SER A 880 7.44 34.02 -11.81
C SER A 880 7.57 35.18 -12.77
N LEU A 881 8.08 36.32 -12.27
CA LEU A 881 8.50 37.48 -13.10
C LEU A 881 9.40 37.02 -14.21
N ILE A 882 10.55 36.48 -13.83
CA ILE A 882 11.57 36.01 -14.75
C ILE A 882 11.02 35.03 -15.83
N VAL A 883 9.86 34.45 -15.57
CA VAL A 883 9.21 33.54 -16.53
C VAL A 883 8.15 34.27 -17.38
N VAL A 884 7.34 35.14 -16.79
CA VAL A 884 6.40 35.95 -17.57
C VAL A 884 7.08 37.03 -18.46
N PHE A 885 8.38 37.26 -18.23
CA PHE A 885 9.20 38.08 -19.13
C PHE A 885 9.41 37.29 -20.41
N LEU A 886 10.00 36.10 -20.28
CA LEU A 886 10.41 35.30 -21.45
C LEU A 886 9.26 34.71 -22.26
N CYS A 887 8.03 34.78 -21.74
CA CYS A 887 6.87 34.39 -22.53
C CYS A 887 6.51 35.53 -23.47
N LEU A 888 6.43 36.74 -22.91
CA LEU A 888 6.20 37.94 -23.70
C LEU A 888 7.35 38.16 -24.72
N ALA A 889 8.59 38.10 -24.24
CA ALA A 889 9.76 38.16 -25.12
C ALA A 889 9.70 37.16 -26.30
N ALA A 890 8.88 36.13 -26.19
CA ALA A 890 8.73 35.14 -27.25
C ALA A 890 7.52 35.43 -28.11
N LEU A 891 6.45 35.88 -27.46
CA LEU A 891 5.25 36.25 -28.17
C LEU A 891 5.55 37.45 -29.06
N TYR A 892 6.36 38.36 -28.55
CA TYR A 892 6.63 39.63 -29.24
C TYR A 892 7.91 39.64 -30.07
N GLU A 893 8.79 38.68 -29.79
CA GLU A 893 10.10 38.62 -30.43
C GLU A 893 10.95 39.85 -30.06
N SER A 894 10.60 40.48 -28.94
CA SER A 894 11.30 41.65 -28.41
C SER A 894 11.75 41.43 -26.96
N TRP A 895 12.80 42.14 -26.54
CA TRP A 895 13.18 42.15 -25.14
C TRP A 895 12.69 43.42 -24.49
N SER A 896 11.72 44.07 -25.10
CA SER A 896 11.29 45.37 -24.59
C SER A 896 9.79 45.61 -24.58
N ILE A 897 9.09 45.05 -25.56
CA ILE A 897 7.65 45.07 -25.49
C ILE A 897 7.17 44.19 -24.30
N PRO A 898 7.96 43.15 -23.90
CA PRO A 898 7.67 42.53 -22.60
C PRO A 898 7.66 43.54 -21.45
N PHE A 899 8.67 44.42 -21.40
CA PHE A 899 8.77 45.47 -20.37
C PHE A 899 7.59 46.44 -20.37
N SER A 900 6.60 46.18 -21.22
CA SER A 900 5.46 47.09 -21.43
C SER A 900 4.10 46.48 -21.10
N VAL A 901 4.07 45.15 -20.92
CA VAL A 901 2.89 44.44 -20.38
C VAL A 901 3.10 44.25 -18.89
N MET A 902 4.33 43.92 -18.52
CA MET A 902 4.70 43.69 -17.13
C MET A 902 4.43 44.92 -16.27
N LEU A 903 4.49 46.11 -16.88
CA LEU A 903 4.15 47.39 -16.22
C LEU A 903 2.72 47.47 -15.67
N VAL A 904 1.82 46.64 -16.18
CA VAL A 904 0.43 46.61 -15.73
C VAL A 904 0.31 45.91 -14.37
N VAL A 905 1.20 44.95 -14.10
CA VAL A 905 1.16 44.18 -12.84
C VAL A 905 0.57 44.96 -11.66
N PRO A 906 1.14 46.15 -11.33
CA PRO A 906 0.69 46.83 -10.10
C PRO A 906 -0.56 47.71 -10.19
N LEU A 907 -1.18 47.83 -11.37
CA LEU A 907 -2.37 48.70 -11.54
C LEU A 907 -3.62 48.17 -10.84
N GLY A 908 -3.87 46.86 -10.97
CA GLY A 908 -4.93 46.17 -10.25
C GLY A 908 -4.62 45.89 -8.79
N VAL A 909 -3.32 45.69 -8.48
CA VAL A 909 -2.84 45.35 -7.13
C VAL A 909 -3.25 46.44 -6.14
N ILE A 910 -2.95 47.69 -6.48
CA ILE A 910 -3.34 48.85 -5.67
C ILE A 910 -4.86 49.06 -5.62
N GLY A 911 -5.57 48.43 -6.55
CA GLY A 911 -7.00 48.43 -6.50
C GLY A 911 -7.51 47.62 -5.33
N ALA A 912 -7.09 46.36 -5.28
CA ALA A 912 -7.46 45.44 -4.21
C ALA A 912 -7.08 45.98 -2.84
N LEU A 913 -5.79 46.25 -2.64
CA LEU A 913 -5.25 46.76 -1.38
C LEU A 913 -6.00 47.95 -0.82
N LEU A 914 -6.77 48.64 -1.66
CA LEU A 914 -7.69 49.69 -1.21
C LEU A 914 -9.01 49.09 -0.71
N ALA A 915 -9.67 48.31 -1.59
CA ALA A 915 -10.94 47.66 -1.24
C ALA A 915 -10.79 46.79 0.02
N ALA A 916 -9.76 45.95 0.02
CA ALA A 916 -9.38 45.18 1.18
C ALA A 916 -9.07 46.05 2.41
N THR A 917 -8.36 47.17 2.22
CA THR A 917 -8.05 48.05 3.36
C THR A 917 -9.29 48.78 3.92
N PHE A 918 -10.04 49.46 3.06
CA PHE A 918 -11.28 50.17 3.48
C PHE A 918 -12.36 49.19 3.94
N ARG A 919 -12.63 48.14 3.16
CA ARG A 919 -13.59 47.10 3.59
C ARG A 919 -13.01 46.29 4.74
N GLY A 920 -11.72 46.47 5.02
CA GLY A 920 -11.10 45.98 6.25
C GLY A 920 -10.71 44.52 6.34
N LEU A 921 -10.56 43.86 5.20
CA LEU A 921 -10.11 42.47 5.16
C LEU A 921 -8.61 42.31 5.38
N THR A 922 -8.03 41.26 4.79
CA THR A 922 -6.67 40.88 5.16
C THR A 922 -5.88 40.12 4.07
N ASN A 923 -4.56 40.12 4.17
CA ASN A 923 -3.74 39.42 3.19
C ASN A 923 -3.65 37.89 3.43
N ASP A 924 -4.17 37.12 2.48
CA ASP A 924 -4.27 35.67 2.67
C ASP A 924 -4.66 34.89 1.41
N VAL A 925 -5.40 33.81 1.61
CA VAL A 925 -5.76 32.87 0.55
C VAL A 925 -6.72 33.48 -0.47
N TYR A 926 -7.93 33.83 -0.04
CA TYR A 926 -8.95 34.33 -0.98
C TYR A 926 -8.64 35.75 -1.46
N PHE A 927 -7.53 36.31 -0.96
CA PHE A 927 -7.04 37.57 -1.47
C PHE A 927 -6.12 37.31 -2.66
N GLN A 928 -5.00 36.64 -2.40
CA GLN A 928 -4.03 36.30 -3.43
C GLN A 928 -4.65 35.69 -4.68
N VAL A 929 -5.47 34.65 -4.51
CA VAL A 929 -6.09 34.01 -5.67
C VAL A 929 -6.96 34.98 -6.47
N GLY A 930 -7.48 36.00 -5.79
CA GLY A 930 -8.21 37.07 -6.46
C GLY A 930 -7.32 38.18 -6.98
N LEU A 931 -6.11 38.26 -6.42
CA LEU A 931 -5.09 39.20 -6.85
C LEU A 931 -4.21 38.61 -7.95
N LEU A 932 -4.21 37.30 -8.07
CA LEU A 932 -3.50 36.64 -9.16
C LEU A 932 -4.35 36.53 -10.43
N THR A 933 -5.67 36.40 -10.22
CA THR A 933 -6.69 36.46 -11.27
C THR A 933 -6.64 37.82 -11.94
N THR A 934 -6.49 38.88 -11.14
CA THR A 934 -6.33 40.24 -11.68
C THR A 934 -4.97 40.48 -12.35
N ILE A 935 -3.84 40.39 -11.61
CA ILE A 935 -2.52 40.38 -12.25
C ILE A 935 -2.68 39.74 -13.63
N GLY A 936 -3.39 38.61 -13.64
CA GLY A 936 -3.70 37.87 -14.86
C GLY A 936 -4.61 38.56 -15.84
N LEU A 937 -5.81 38.95 -15.40
CA LEU A 937 -6.81 39.48 -16.33
C LEU A 937 -6.44 40.81 -17.02
N SER A 938 -5.84 41.72 -16.27
CA SER A 938 -5.36 42.98 -16.85
C SER A 938 -4.30 42.72 -17.93
N ALA A 939 -3.21 42.07 -17.51
CA ALA A 939 -2.09 41.74 -18.40
C ALA A 939 -2.47 40.71 -19.45
N LYS A 940 -3.76 40.68 -19.81
CA LYS A 940 -4.26 39.82 -20.87
C LYS A 940 -4.68 40.71 -22.03
N ASN A 941 -5.61 41.62 -21.75
CA ASN A 941 -5.96 42.67 -22.71
C ASN A 941 -4.81 43.67 -22.81
N ALA A 942 -3.93 43.66 -21.80
CA ALA A 942 -2.70 44.43 -21.83
C ALA A 942 -1.67 43.79 -22.76
N ILE A 943 -1.80 42.48 -22.96
CA ILE A 943 -1.04 41.77 -24.00
C ILE A 943 -1.72 42.05 -25.35
N LEU A 944 -3.04 42.18 -25.33
CA LEU A 944 -3.84 42.33 -26.54
C LEU A 944 -3.84 43.75 -27.13
N ILE A 945 -3.56 44.75 -26.29
CA ILE A 945 -3.31 46.11 -26.77
C ILE A 945 -1.91 46.14 -27.39
N VAL A 946 -0.87 46.01 -26.55
CA VAL A 946 0.51 46.20 -27.01
C VAL A 946 0.94 45.16 -28.07
N GLU A 947 -0.07 44.68 -28.81
CA GLU A 947 0.04 43.58 -29.76
C GLU A 947 -0.59 44.00 -31.07
N PHE A 948 -1.89 44.28 -31.03
CA PHE A 948 -2.58 44.94 -32.13
C PHE A 948 -1.71 46.08 -32.63
N ALA A 949 -1.09 46.76 -31.66
CA ALA A 949 -0.25 47.93 -31.90
C ALA A 949 1.13 47.61 -32.49
N LYS A 950 1.64 46.39 -32.25
CA LYS A 950 2.87 45.97 -32.90
C LYS A 950 2.52 45.42 -34.30
N ASP A 951 1.28 44.98 -34.46
CA ASP A 951 0.78 44.49 -35.75
C ASP A 951 0.17 45.62 -36.59
N LEU A 952 0.14 46.81 -36.00
CA LEU A 952 -0.09 48.03 -36.74
C LEU A 952 1.25 48.76 -36.86
N MET A 953 2.29 47.98 -37.12
CA MET A 953 3.69 48.44 -37.29
C MET A 953 4.47 47.34 -38.00
N ASP A 954 4.05 46.10 -37.77
CA ASP A 954 4.69 44.95 -38.39
C ASP A 954 4.00 44.59 -39.69
N LYS A 955 2.95 43.77 -39.59
CA LYS A 955 2.28 43.19 -40.75
C LYS A 955 1.17 44.10 -41.29
N GLU A 956 1.27 45.37 -40.93
CA GLU A 956 0.40 46.44 -41.42
C GLU A 956 1.03 47.73 -40.87
N GLY A 957 1.50 48.60 -41.76
CA GLY A 957 2.31 49.76 -41.36
C GLY A 957 1.56 51.05 -41.06
N LYS A 958 1.79 51.60 -39.86
CA LYS A 958 1.28 52.93 -39.43
C LYS A 958 2.29 53.55 -38.45
N GLY A 959 1.92 54.68 -37.83
CA GLY A 959 2.81 55.37 -36.88
C GLY A 959 2.56 54.93 -35.45
N LEU A 960 3.56 55.06 -34.58
CA LEU A 960 3.40 54.66 -33.18
C LEU A 960 2.18 55.34 -32.56
N ILE A 961 2.16 56.68 -32.65
CA ILE A 961 1.06 57.50 -32.13
C ILE A 961 -0.33 57.13 -32.71
N GLU A 962 -0.32 56.28 -33.74
CA GLU A 962 -1.54 55.82 -34.44
C GLU A 962 -1.74 54.30 -34.29
N ALA A 963 -0.65 53.55 -34.28
CA ALA A 963 -0.69 52.11 -33.98
C ALA A 963 -1.46 51.97 -32.68
N THR A 964 -0.91 52.60 -31.65
CA THR A 964 -1.53 52.67 -30.33
C THR A 964 -2.98 53.17 -30.43
N LEU A 965 -3.16 54.32 -31.07
CA LEU A 965 -4.48 54.97 -31.17
C LEU A 965 -5.57 54.12 -31.87
N ASP A 966 -5.16 53.16 -32.68
CA ASP A 966 -6.10 52.31 -33.43
C ASP A 966 -6.29 50.93 -32.79
N ALA A 967 -5.30 50.51 -32.03
CA ALA A 967 -5.42 49.32 -31.19
C ALA A 967 -6.31 49.67 -30.01
N VAL A 968 -5.80 50.57 -29.16
CA VAL A 968 -6.37 50.89 -27.85
C VAL A 968 -7.77 51.55 -27.94
N ARG A 969 -8.51 51.15 -28.98
CA ARG A 969 -9.89 51.59 -29.19
C ARG A 969 -10.74 50.42 -29.71
N MET A 970 -10.17 49.67 -30.65
CA MET A 970 -10.71 48.38 -31.08
C MET A 970 -10.80 47.52 -29.83
N ARG A 971 -9.66 47.40 -29.16
CA ARG A 971 -9.50 46.59 -27.96
C ARG A 971 -10.34 47.09 -26.78
N LEU A 972 -10.66 48.39 -26.76
CA LEU A 972 -11.42 49.00 -25.66
C LEU A 972 -12.79 48.36 -25.43
N ARG A 973 -13.68 48.40 -26.42
CA ARG A 973 -15.04 47.85 -26.27
C ARG A 973 -15.12 46.52 -25.50
N PRO A 974 -14.35 45.49 -25.96
CA PRO A 974 -14.39 44.15 -25.34
C PRO A 974 -13.96 44.12 -23.87
N ILE A 975 -12.82 44.74 -23.57
CA ILE A 975 -12.38 44.92 -22.19
C ILE A 975 -13.55 45.36 -21.30
N LEU A 976 -14.23 46.43 -21.69
CA LEU A 976 -15.37 46.93 -20.94
C LEU A 976 -16.54 45.95 -20.86
N MET A 977 -16.62 45.01 -21.80
CA MET A 977 -17.58 43.91 -21.73
C MET A 977 -17.10 42.86 -20.72
N THR A 978 -15.86 42.39 -20.86
CA THR A 978 -15.29 41.41 -19.93
C THR A 978 -15.43 41.93 -18.51
N SER A 979 -14.96 43.15 -18.29
CA SER A 979 -14.96 43.72 -16.95
C SER A 979 -16.35 44.02 -16.38
N LEU A 980 -17.33 44.32 -17.22
CA LEU A 980 -18.71 44.54 -16.75
C LEU A 980 -19.54 43.25 -16.79
N ALA A 981 -18.92 42.19 -17.32
CA ALA A 981 -19.47 40.83 -17.23
C ALA A 981 -19.10 40.25 -15.88
N PHE A 982 -17.82 40.33 -15.56
CA PHE A 982 -17.26 39.84 -14.30
C PHE A 982 -17.87 40.51 -13.05
N ILE A 983 -17.72 41.84 -12.92
CA ILE A 983 -18.11 42.56 -11.68
C ILE A 983 -19.53 42.29 -11.14
N LEU A 984 -20.51 42.19 -12.02
CA LEU A 984 -21.86 41.80 -11.57
C LEU A 984 -21.89 40.33 -11.14
N GLY A 985 -21.08 39.50 -11.80
CA GLY A 985 -20.97 38.07 -11.49
C GLY A 985 -20.44 37.78 -10.10
N VAL A 986 -19.63 38.71 -9.56
CA VAL A 986 -19.09 38.61 -8.20
C VAL A 986 -19.84 39.50 -7.21
N MET A 987 -20.95 40.09 -7.66
CA MET A 987 -21.84 40.84 -6.76
C MET A 987 -22.43 39.93 -5.68
N PRO A 988 -22.88 38.72 -6.07
CA PRO A 988 -23.13 37.66 -5.12
C PRO A 988 -22.05 37.59 -4.04
N LEU A 989 -20.79 37.37 -4.43
CA LEU A 989 -19.72 37.16 -3.45
C LEU A 989 -19.53 38.37 -2.54
N VAL A 990 -19.35 39.53 -3.14
CA VAL A 990 -18.97 40.75 -2.40
C VAL A 990 -19.97 41.14 -1.31
N ILE A 991 -21.26 40.99 -1.59
CA ILE A 991 -22.31 41.26 -0.61
C ILE A 991 -23.05 39.95 -0.40
N SER A 992 -22.78 39.29 0.73
CA SER A 992 -23.34 37.96 1.02
C SER A 992 -23.35 37.64 2.50
N THR A 993 -24.49 37.16 3.02
CA THR A 993 -24.55 36.64 4.40
C THR A 993 -25.33 35.33 4.51
N GLY A 994 -25.00 34.56 5.54
CA GLY A 994 -25.60 33.26 5.79
C GLY A 994 -24.64 32.18 5.35
N ALA A 995 -25.21 31.14 4.74
CA ALA A 995 -24.45 30.00 4.24
C ALA A 995 -22.98 30.33 4.04
N GLY A 996 -22.17 30.03 5.07
CA GLY A 996 -20.71 30.16 5.03
C GLY A 996 -20.10 31.32 4.24
N SER A 997 -20.68 32.50 4.40
CA SER A 997 -20.33 33.68 3.60
C SER A 997 -18.91 34.23 3.75
N GLY A 998 -18.34 34.17 4.96
CA GLY A 998 -17.01 34.74 5.23
C GLY A 998 -15.91 34.49 4.18
N ALA A 999 -16.12 33.48 3.33
CA ALA A 999 -15.19 33.15 2.25
C ALA A 999 -15.39 34.08 1.07
N GLN A 1000 -16.59 34.02 0.49
CA GLN A 1000 -16.98 34.82 -0.69
C GLN A 1000 -16.87 36.35 -0.54
N ASN A 1001 -17.25 36.85 0.65
CA ASN A 1001 -17.02 38.25 0.99
C ASN A 1001 -15.58 38.60 0.67
N ALA A 1002 -14.66 37.75 1.19
CA ALA A 1002 -13.22 37.88 0.96
C ALA A 1002 -12.86 37.81 -0.54
N VAL A 1003 -13.18 36.70 -1.20
CA VAL A 1003 -12.81 36.53 -2.62
C VAL A 1003 -13.24 37.73 -3.44
N GLY A 1004 -14.51 38.10 -3.37
CA GLY A 1004 -15.06 39.23 -4.08
C GLY A 1004 -14.43 40.59 -3.84
N THR A 1005 -14.44 41.08 -2.59
CA THR A 1005 -14.00 42.45 -2.31
C THR A 1005 -12.49 42.62 -2.28
N GLY A 1006 -11.82 41.92 -3.20
CA GLY A 1006 -10.39 42.08 -3.42
C GLY A 1006 -10.15 41.80 -4.89
N VAL A 1007 -11.19 41.27 -5.54
CA VAL A 1007 -11.22 41.08 -6.98
C VAL A 1007 -11.99 42.25 -7.60
N MET A 1008 -13.27 42.42 -7.20
CA MET A 1008 -14.06 43.55 -7.68
C MET A 1008 -13.35 44.88 -7.40
N GLY A 1009 -12.92 45.07 -6.15
CA GLY A 1009 -12.04 46.18 -5.81
C GLY A 1009 -10.66 46.25 -6.48
N GLY A 1010 -10.12 45.11 -6.90
CA GLY A 1010 -8.87 45.09 -7.69
C GLY A 1010 -9.05 45.09 -9.21
N MET A 1011 -10.32 45.12 -9.65
CA MET A 1011 -10.73 45.10 -11.06
C MET A 1011 -11.10 46.48 -11.56
N VAL A 1012 -12.11 47.07 -10.92
CA VAL A 1012 -12.59 48.41 -11.25
C VAL A 1012 -11.42 49.41 -11.31
N THR A 1013 -10.44 49.19 -10.44
CA THR A 1013 -9.22 49.97 -10.39
C THR A 1013 -8.15 49.27 -11.20
N ALA A 1014 -8.50 48.82 -12.40
CA ALA A 1014 -7.58 48.15 -13.31
C ALA A 1014 -8.30 47.93 -14.62
N THR A 1015 -9.56 48.32 -14.66
CA THR A 1015 -10.28 48.53 -15.90
C THR A 1015 -10.04 49.97 -16.34
N VAL A 1016 -10.60 50.94 -15.58
CA VAL A 1016 -10.43 52.36 -15.95
C VAL A 1016 -9.02 52.88 -15.67
N LEU A 1017 -8.49 52.65 -14.47
CA LEU A 1017 -7.06 52.97 -14.20
C LEU A 1017 -6.09 52.04 -14.95
N ALA A 1018 -6.45 51.64 -16.18
CA ALA A 1018 -5.61 50.77 -17.01
C ALA A 1018 -5.86 50.88 -18.52
N ILE A 1019 -7.01 51.44 -18.91
CA ILE A 1019 -7.31 51.62 -20.33
C ILE A 1019 -6.65 52.87 -20.89
N PHE A 1020 -6.48 53.87 -20.03
CA PHE A 1020 -5.72 55.09 -20.34
C PHE A 1020 -4.22 54.91 -20.07
N PHE A 1021 -3.85 53.96 -19.22
CA PHE A 1021 -2.44 53.77 -18.85
C PHE A 1021 -1.65 52.84 -19.76
N VAL A 1022 -2.26 51.72 -20.18
CA VAL A 1022 -1.60 50.74 -21.08
C VAL A 1022 -0.92 51.37 -22.32
N PRO A 1023 -1.63 52.31 -23.01
CA PRO A 1023 -1.01 53.01 -24.15
C PRO A 1023 0.38 53.61 -23.83
N VAL A 1024 0.45 54.55 -22.88
CA VAL A 1024 1.70 55.23 -22.45
C VAL A 1024 2.93 54.29 -22.34
N PHE A 1025 2.73 53.13 -21.72
CA PHE A 1025 3.82 52.18 -21.47
C PHE A 1025 4.40 51.69 -22.79
N PHE A 1026 3.51 51.43 -23.73
CA PHE A 1026 3.90 51.01 -25.06
C PHE A 1026 4.71 52.11 -25.78
N VAL A 1027 4.14 53.31 -25.87
CA VAL A 1027 4.78 54.45 -26.56
C VAL A 1027 6.07 54.92 -25.88
N VAL A 1028 6.10 54.97 -24.55
CA VAL A 1028 7.34 55.28 -23.83
C VAL A 1028 8.38 54.15 -23.91
N VAL A 1029 7.91 52.90 -23.89
CA VAL A 1029 8.82 51.74 -24.01
C VAL A 1029 9.15 51.42 -25.48
N ARG A 1030 8.55 52.16 -26.40
CA ARG A 1030 9.03 52.15 -27.77
C ARG A 1030 9.97 53.33 -27.99
N ARG A 1031 9.46 54.54 -27.75
CA ARG A 1031 10.26 55.75 -27.84
C ARG A 1031 11.41 55.74 -26.83
N ARG A 1032 11.61 54.61 -26.15
CA ARG A 1032 12.75 54.41 -25.24
C ARG A 1032 13.45 53.09 -25.54
N PHE A 1033 12.66 52.04 -25.69
CA PHE A 1033 13.17 50.73 -26.08
C PHE A 1033 12.73 50.40 -27.52
N MET B 1 -3.20 9.41 -42.63
CA MET B 1 -2.24 8.51 -41.93
C MET B 1 -1.97 7.23 -42.70
N PRO B 2 -3.04 6.52 -43.15
CA PRO B 2 -2.78 5.36 -43.99
C PRO B 2 -2.09 5.81 -45.27
N ASN B 3 -2.35 7.05 -45.68
CA ASN B 3 -1.62 7.70 -46.77
C ASN B 3 -0.14 7.78 -46.45
N PHE B 4 0.20 8.36 -45.30
CA PHE B 4 1.59 8.38 -44.85
C PHE B 4 2.18 6.98 -44.74
N PHE B 5 1.34 5.98 -44.48
CA PHE B 5 1.80 4.60 -44.38
C PHE B 5 1.72 3.81 -45.69
N ILE B 6 0.93 4.30 -46.65
CA ILE B 6 0.92 3.74 -48.01
C ILE B 6 2.26 3.99 -48.65
N ASP B 7 2.77 5.21 -48.50
CA ASP B 7 4.12 5.56 -48.91
C ASP B 7 5.15 4.81 -48.07
N ARG B 8 5.32 5.20 -46.80
CA ARG B 8 6.26 4.54 -45.88
C ARG B 8 5.80 3.09 -45.66
N PRO B 9 6.52 2.12 -46.28
CA PRO B 9 6.10 0.72 -46.25
C PRO B 9 6.71 -0.06 -45.08
N ILE B 10 8.02 0.10 -44.87
CA ILE B 10 8.74 -0.57 -43.80
C ILE B 10 8.35 -0.07 -42.38
N PHE B 11 8.03 1.22 -42.26
CA PHE B 11 7.56 1.80 -41.00
C PHE B 11 6.37 0.99 -40.51
N ALA B 12 5.40 0.80 -41.42
CA ALA B 12 4.27 -0.06 -41.16
C ALA B 12 4.64 -1.55 -40.99
N TRP B 13 5.81 -1.95 -41.46
CA TRP B 13 6.30 -3.30 -41.12
C TRP B 13 6.97 -3.33 -39.73
N VAL B 14 7.75 -2.30 -39.38
CA VAL B 14 8.40 -2.28 -38.06
C VAL B 14 7.38 -2.37 -36.94
N ILE B 15 6.52 -1.35 -36.84
CA ILE B 15 5.36 -1.34 -35.96
C ILE B 15 4.75 -2.74 -35.76
N ALA B 16 4.44 -3.42 -36.87
CA ALA B 16 3.99 -4.80 -36.80
C ALA B 16 4.99 -5.72 -36.13
N ILE B 17 6.28 -5.62 -36.49
CA ILE B 17 7.29 -6.48 -35.89
C ILE B 17 7.24 -6.31 -34.37
N ILE B 18 7.31 -5.07 -33.89
CA ILE B 18 7.17 -4.78 -32.45
C ILE B 18 5.94 -5.48 -31.87
N ILE B 19 4.75 -4.92 -32.08
CA ILE B 19 3.48 -5.46 -31.58
C ILE B 19 3.44 -6.98 -31.29
N MET B 20 3.71 -7.81 -32.30
CA MET B 20 3.75 -9.27 -32.07
C MET B 20 4.90 -9.62 -31.14
N LEU B 21 6.05 -9.03 -31.40
CA LEU B 21 7.23 -9.19 -30.57
C LEU B 21 7.00 -8.71 -29.13
N ALA B 22 6.00 -7.86 -28.92
CA ALA B 22 5.64 -7.40 -27.59
C ALA B 22 4.69 -8.43 -27.00
N GLY B 23 3.54 -8.61 -27.65
CA GLY B 23 2.59 -9.61 -27.23
C GLY B 23 3.06 -11.03 -27.43
N GLY B 24 4.37 -11.21 -27.57
CA GLY B 24 4.98 -12.52 -27.64
C GLY B 24 5.84 -12.63 -26.41
N LEU B 25 6.64 -11.60 -26.14
CA LEU B 25 7.36 -11.49 -24.87
C LEU B 25 6.33 -11.64 -23.76
N ALA B 26 5.12 -11.14 -24.00
CA ALA B 26 4.00 -11.20 -23.04
C ALA B 26 3.19 -12.52 -23.05
N ILE B 27 2.86 -13.07 -24.23
CA ILE B 27 2.22 -14.39 -24.31
C ILE B 27 3.10 -15.38 -23.57
N LEU B 28 4.33 -15.54 -24.06
CA LEU B 28 5.28 -16.48 -23.46
C LEU B 28 5.91 -15.89 -22.19
N LYS B 29 5.05 -15.29 -21.36
CA LYS B 29 5.27 -15.00 -19.93
C LYS B 29 4.18 -14.06 -19.37
N LEU B 30 3.12 -14.67 -18.82
CA LEU B 30 1.84 -14.03 -18.39
C LEU B 30 0.97 -15.06 -17.64
N PRO B 31 0.23 -14.66 -16.56
CA PRO B 31 -0.44 -15.69 -15.72
C PRO B 31 -1.60 -16.45 -16.38
N VAL B 32 -1.65 -17.75 -16.11
CA VAL B 32 -2.76 -18.60 -16.53
C VAL B 32 -3.43 -19.25 -15.30
N ALA B 33 -4.73 -18.97 -15.14
CA ALA B 33 -5.55 -19.64 -14.14
C ALA B 33 -6.90 -19.86 -14.79
N GLN B 34 -7.72 -20.71 -14.18
CA GLN B 34 -8.99 -21.06 -14.81
C GLN B 34 -9.85 -19.82 -14.88
N TYR B 35 -10.03 -19.16 -13.74
CA TYR B 35 -10.75 -17.90 -13.74
C TYR B 35 -9.85 -16.81 -13.17
N PRO B 36 -10.30 -15.54 -13.20
CA PRO B 36 -9.57 -14.47 -12.53
C PRO B 36 -10.00 -14.34 -11.06
N THR B 37 -10.39 -13.14 -10.64
CA THR B 37 -10.90 -12.97 -9.29
C THR B 37 -12.18 -12.14 -9.23
N ILE B 38 -13.26 -12.88 -9.08
CA ILE B 38 -14.61 -12.37 -9.15
C ILE B 38 -15.13 -11.92 -7.80
N ALA B 39 -14.95 -12.74 -6.75
CA ALA B 39 -15.56 -12.45 -5.42
C ALA B 39 -14.85 -11.35 -4.59
N PRO B 40 -15.64 -10.42 -3.99
CA PRO B 40 -15.04 -9.45 -3.11
C PRO B 40 -14.25 -10.23 -2.06
N PRO B 41 -13.06 -9.69 -1.66
CA PRO B 41 -12.06 -10.34 -0.81
C PRO B 41 -12.58 -10.43 0.61
N ALA B 42 -12.32 -11.54 1.28
CA ALA B 42 -12.84 -11.66 2.63
C ALA B 42 -11.96 -12.52 3.52
N VAL B 43 -11.74 -11.98 4.71
CA VAL B 43 -10.87 -12.63 5.65
C VAL B 43 -11.72 -13.30 6.69
N THR B 44 -11.25 -14.51 7.06
CA THR B 44 -11.93 -15.44 7.94
C THR B 44 -11.09 -15.61 9.23
N ILE B 45 -11.75 -15.60 10.38
CA ILE B 45 -11.12 -15.89 11.67
C ILE B 45 -11.70 -17.16 12.28
N SER B 46 -10.79 -18.05 12.73
CA SER B 46 -11.08 -19.44 13.10
C SER B 46 -10.47 -19.83 14.42
N ALA B 47 -11.18 -20.64 15.20
CA ALA B 47 -10.65 -21.08 16.49
C ALA B 47 -11.32 -22.31 17.05
N SER B 48 -10.52 -23.06 17.82
CA SER B 48 -10.99 -24.25 18.47
C SER B 48 -10.92 -24.03 19.93
N TYR B 49 -11.99 -24.41 20.60
CA TYR B 49 -12.07 -24.47 22.05
C TYR B 49 -12.35 -25.92 22.36
N PRO B 50 -11.30 -26.77 22.37
CA PRO B 50 -11.41 -28.21 22.53
C PRO B 50 -12.39 -28.59 23.62
N GLY B 51 -13.56 -29.07 23.20
CA GLY B 51 -14.56 -29.61 24.10
C GLY B 51 -15.79 -28.77 24.24
N ALA B 52 -15.72 -27.52 23.83
CA ALA B 52 -16.82 -26.58 24.09
C ALA B 52 -18.05 -26.84 23.28
N ASP B 53 -19.23 -26.73 23.89
CA ASP B 53 -20.48 -26.65 23.10
C ASP B 53 -20.67 -25.28 22.43
N ALA B 54 -21.65 -25.19 21.54
CA ALA B 54 -21.93 -23.99 20.70
C ALA B 54 -22.17 -22.71 21.45
N LYS B 55 -22.89 -22.77 22.55
CA LYS B 55 -23.09 -21.58 23.38
C LYS B 55 -21.80 -21.14 24.09
N THR B 56 -21.15 -22.08 24.77
CA THR B 56 -19.84 -21.82 25.37
C THR B 56 -18.93 -21.17 24.37
N VAL B 57 -18.83 -21.76 23.18
CA VAL B 57 -17.95 -21.17 22.19
C VAL B 57 -18.41 -19.79 21.97
N GLN B 58 -19.73 -19.67 21.82
CA GLN B 58 -20.30 -18.41 21.40
C GLN B 58 -20.16 -17.25 22.36
N ASP B 59 -20.31 -17.54 23.66
CA ASP B 59 -20.24 -16.54 24.70
C ASP B 59 -18.85 -16.33 25.29
N THR B 60 -17.94 -17.27 25.12
CA THR B 60 -16.63 -17.00 25.64
C THR B 60 -15.67 -16.53 24.56
N VAL B 61 -16.01 -16.77 23.28
CA VAL B 61 -15.09 -16.50 22.16
C VAL B 61 -15.68 -15.67 21.02
N THR B 62 -16.64 -16.20 20.29
CA THR B 62 -17.25 -15.37 19.23
C THR B 62 -17.67 -13.94 19.60
N GLN B 63 -18.46 -13.78 20.65
CA GLN B 63 -19.02 -12.46 20.95
C GLN B 63 -17.92 -11.46 21.24
N VAL B 64 -16.78 -11.99 21.67
CA VAL B 64 -15.72 -11.14 22.13
C VAL B 64 -14.95 -10.65 20.93
N ILE B 65 -14.40 -11.60 20.18
CA ILE B 65 -13.90 -11.25 18.87
C ILE B 65 -14.85 -10.34 18.08
N GLU B 66 -16.13 -10.65 18.03
CA GLU B 66 -17.00 -9.72 17.29
C GLU B 66 -17.04 -8.26 17.88
N GLN B 67 -17.01 -8.12 19.21
CA GLN B 67 -17.24 -6.80 19.86
C GLN B 67 -16.07 -5.90 19.59
N ASN B 68 -15.18 -6.39 18.72
CA ASN B 68 -13.83 -5.87 18.60
C ASN B 68 -13.36 -5.54 17.21
N MET B 69 -14.09 -5.96 16.18
CA MET B 69 -13.75 -5.64 14.80
C MET B 69 -14.14 -4.19 14.46
N ASN B 70 -13.43 -3.25 15.07
CA ASN B 70 -13.78 -1.85 14.95
C ASN B 70 -12.60 -1.09 14.38
N GLY B 71 -12.90 0.04 13.72
CA GLY B 71 -11.87 0.83 13.06
C GLY B 71 -11.05 0.05 12.03
N ILE B 72 -11.68 -0.99 11.50
CA ILE B 72 -11.19 -1.79 10.38
C ILE B 72 -11.88 -1.27 9.12
N ASP B 73 -11.08 -0.79 8.17
CA ASP B 73 -11.57 -0.10 6.98
C ASP B 73 -12.20 -1.00 5.91
N ASN B 74 -13.34 -0.56 5.38
CA ASN B 74 -14.01 -1.16 4.20
C ASN B 74 -14.77 -2.44 4.38
N LEU B 75 -15.30 -2.68 5.57
CA LEU B 75 -16.19 -3.80 5.79
C LEU B 75 -17.53 -3.67 5.09
N MET B 76 -18.07 -4.77 4.60
CA MET B 76 -19.38 -4.73 4.01
C MET B 76 -20.34 -5.30 4.96
N TYR B 77 -20.04 -6.51 5.41
CA TYR B 77 -20.81 -7.16 6.44
C TYR B 77 -19.89 -8.15 7.15
N MET B 78 -20.37 -8.68 8.27
CA MET B 78 -19.62 -9.61 9.07
C MET B 78 -20.52 -10.71 9.64
N SER B 79 -20.48 -11.90 9.05
CA SER B 79 -21.17 -13.08 9.62
C SER B 79 -20.23 -14.09 10.34
N SER B 80 -20.83 -14.98 11.15
CA SER B 80 -20.07 -15.88 12.00
C SER B 80 -20.87 -17.09 12.51
N ASN B 81 -20.24 -18.26 12.41
CA ASN B 81 -20.75 -19.50 13.00
C ASN B 81 -20.12 -19.91 14.36
N SER B 82 -20.95 -20.43 15.29
CA SER B 82 -20.45 -21.01 16.52
C SER B 82 -21.01 -22.39 16.78
N ASP B 83 -20.18 -23.41 16.50
CA ASP B 83 -20.59 -24.84 16.36
C ASP B 83 -20.33 -25.63 17.62
N SER B 84 -21.10 -26.69 17.85
CA SER B 84 -20.98 -27.52 19.06
C SER B 84 -19.80 -28.52 19.04
N THR B 85 -18.95 -28.38 18.04
CA THR B 85 -17.70 -29.11 17.96
C THR B 85 -16.53 -28.31 18.51
N GLY B 86 -16.82 -27.24 19.24
CA GLY B 86 -15.78 -26.34 19.73
C GLY B 86 -15.28 -25.35 18.69
N THR B 87 -15.95 -25.31 17.55
CA THR B 87 -15.43 -24.54 16.46
C THR B 87 -16.13 -23.21 16.27
N VAL B 88 -15.34 -22.23 15.86
CA VAL B 88 -15.89 -20.90 15.61
C VAL B 88 -15.15 -20.25 14.47
N GLN B 89 -15.93 -19.73 13.54
CA GLN B 89 -15.37 -19.06 12.43
C GLN B 89 -16.26 -17.87 12.15
N ILE B 90 -15.59 -16.79 11.74
CA ILE B 90 -16.09 -15.43 11.65
C ILE B 90 -15.52 -14.93 10.34
N THR B 91 -16.38 -14.52 9.44
CA THR B 91 -15.91 -14.13 8.12
C THR B 91 -16.32 -12.65 7.99
N LEU B 92 -15.40 -11.82 7.49
CA LEU B 92 -15.70 -10.42 7.21
C LEU B 92 -15.49 -10.12 5.71
N THR B 93 -16.53 -9.62 5.05
CA THR B 93 -16.45 -9.33 3.63
C THR B 93 -16.23 -7.86 3.43
N PHE B 94 -15.27 -7.58 2.57
CA PHE B 94 -14.80 -6.23 2.29
C PHE B 94 -15.35 -5.71 0.99
N GLU B 95 -15.22 -4.41 0.79
CA GLU B 95 -15.52 -3.76 -0.49
C GLU B 95 -14.73 -4.39 -1.62
N SER B 96 -15.35 -4.43 -2.79
CA SER B 96 -14.66 -4.88 -4.00
C SER B 96 -13.52 -3.93 -4.21
N GLY B 97 -12.32 -4.47 -4.40
CA GLY B 97 -11.16 -3.65 -4.70
C GLY B 97 -10.43 -3.20 -3.45
N THR B 98 -10.84 -3.73 -2.31
CA THR B 98 -10.07 -3.60 -1.10
C THR B 98 -8.79 -4.42 -1.20
N ASP B 99 -7.69 -3.94 -0.64
CA ASP B 99 -6.47 -4.76 -0.60
C ASP B 99 -6.61 -5.92 0.42
N ALA B 100 -6.69 -7.15 -0.07
CA ALA B 100 -6.81 -8.29 0.85
C ALA B 100 -5.70 -8.35 1.88
N ASP B 101 -4.52 -7.85 1.49
CA ASP B 101 -3.36 -7.87 2.35
C ASP B 101 -3.48 -6.86 3.48
N ILE B 102 -4.12 -5.75 3.20
CA ILE B 102 -4.38 -4.81 4.24
C ILE B 102 -5.50 -5.26 5.15
N ALA B 103 -6.63 -5.60 4.54
CA ALA B 103 -7.77 -6.03 5.32
C ALA B 103 -7.30 -7.10 6.30
N GLN B 104 -6.65 -8.15 5.80
CA GLN B 104 -6.21 -9.21 6.73
C GLN B 104 -5.23 -8.70 7.78
N VAL B 105 -4.28 -7.84 7.41
CA VAL B 105 -3.49 -7.23 8.49
C VAL B 105 -4.37 -6.57 9.54
N GLN B 106 -5.23 -5.60 9.16
CA GLN B 106 -6.06 -4.89 10.13
C GLN B 106 -6.85 -5.81 11.10
N VAL B 107 -7.55 -6.81 10.54
CA VAL B 107 -8.28 -7.80 11.33
C VAL B 107 -7.32 -8.47 12.30
N GLN B 108 -6.26 -9.02 11.71
CA GLN B 108 -5.26 -9.81 12.42
C GLN B 108 -4.74 -9.01 13.58
N ASN B 109 -4.58 -7.70 13.38
CA ASN B 109 -4.18 -6.78 14.46
C ASN B 109 -5.26 -6.63 15.52
N LYS B 110 -6.49 -6.35 15.10
CA LYS B 110 -7.54 -6.06 16.05
C LYS B 110 -7.85 -7.28 16.91
N LEU B 111 -7.70 -8.47 16.31
CA LEU B 111 -7.65 -9.72 17.11
C LEU B 111 -6.58 -9.65 18.15
N GLN B 112 -5.37 -9.38 17.69
CA GLN B 112 -4.20 -9.49 18.54
C GLN B 112 -4.36 -8.73 19.86
N LEU B 113 -5.36 -7.85 19.93
CA LEU B 113 -5.61 -7.06 21.13
C LEU B 113 -6.79 -7.57 21.92
N ALA B 114 -7.53 -8.50 21.33
CA ALA B 114 -8.70 -9.06 22.00
C ALA B 114 -8.35 -10.35 22.65
N MET B 115 -7.20 -10.94 22.26
CA MET B 115 -6.70 -12.21 22.84
C MET B 115 -6.59 -12.23 24.36
N PRO B 116 -6.16 -11.12 24.97
CA PRO B 116 -6.16 -11.13 26.43
C PRO B 116 -7.50 -11.50 27.09
N LEU B 117 -8.55 -11.68 26.29
CA LEU B 117 -9.87 -11.98 26.85
C LEU B 117 -10.34 -13.38 26.56
N LEU B 118 -9.83 -13.97 25.50
CA LEU B 118 -10.29 -15.30 25.15
C LEU B 118 -9.81 -16.24 26.23
N PRO B 119 -10.51 -17.34 26.40
CA PRO B 119 -10.09 -18.37 27.36
C PRO B 119 -8.68 -18.90 27.08
N GLN B 120 -7.94 -19.18 28.15
CA GLN B 120 -6.59 -19.73 28.06
C GLN B 120 -6.52 -20.85 27.03
N GLU B 121 -7.39 -21.84 27.16
CA GLU B 121 -7.36 -22.99 26.24
C GLU B 121 -7.58 -22.66 24.74
N VAL B 122 -8.20 -21.51 24.46
CA VAL B 122 -8.45 -21.09 23.09
C VAL B 122 -7.16 -20.45 22.64
N GLN B 123 -6.55 -19.71 23.58
CA GLN B 123 -5.27 -18.99 23.35
C GLN B 123 -4.21 -20.01 23.05
N GLN B 124 -4.17 -21.08 23.83
CA GLN B 124 -3.31 -22.20 23.51
C GLN B 124 -3.48 -22.77 22.10
N GLN B 125 -4.71 -23.03 21.65
CA GLN B 125 -4.89 -23.63 20.31
C GLN B 125 -4.52 -22.58 19.33
N GLY B 126 -4.72 -21.34 19.73
CA GLY B 126 -4.46 -20.23 18.85
C GLY B 126 -5.63 -19.93 17.92
N VAL B 127 -5.95 -18.66 17.83
CA VAL B 127 -6.86 -18.19 16.82
C VAL B 127 -6.02 -17.97 15.57
N SER B 128 -6.64 -17.58 14.46
CA SER B 128 -5.95 -17.61 13.16
C SER B 128 -6.73 -16.97 12.05
N VAL B 129 -6.11 -16.02 11.35
CA VAL B 129 -6.83 -15.34 10.30
C VAL B 129 -6.14 -15.43 8.95
N GLU B 130 -6.96 -15.72 7.95
CA GLU B 130 -6.50 -16.07 6.62
C GLU B 130 -7.41 -15.36 5.65
N LYS B 131 -7.01 -15.35 4.38
CA LYS B 131 -7.84 -14.81 3.33
C LYS B 131 -8.61 -15.99 2.72
N SER B 132 -9.85 -15.78 2.29
CA SER B 132 -10.63 -16.89 1.69
C SER B 132 -10.48 -16.92 0.19
N SER B 133 -10.01 -18.06 -0.30
CA SER B 133 -9.78 -18.26 -1.73
C SER B 133 -9.95 -19.74 -2.08
N SER B 134 -11.10 -20.29 -1.67
CA SER B 134 -11.43 -21.73 -1.87
C SER B 134 -11.61 -22.08 -3.36
N SER B 135 -10.49 -21.96 -4.08
CA SER B 135 -10.34 -22.47 -5.42
C SER B 135 -9.01 -23.20 -5.36
N PHE B 136 -9.08 -24.50 -5.06
CA PHE B 136 -7.90 -25.34 -5.04
C PHE B 136 -7.33 -25.49 -6.43
N LEU B 137 -6.00 -25.39 -6.55
CA LEU B 137 -5.34 -25.69 -7.81
C LEU B 137 -5.40 -27.17 -8.06
N MET B 138 -5.06 -27.97 -7.04
CA MET B 138 -5.28 -29.40 -7.11
C MET B 138 -5.36 -30.03 -5.73
N VAL B 139 -5.70 -31.32 -5.68
CA VAL B 139 -5.79 -32.04 -4.40
C VAL B 139 -5.05 -33.37 -4.44
N VAL B 140 -3.85 -33.47 -3.89
CA VAL B 140 -3.20 -34.80 -3.88
C VAL B 140 -3.80 -35.60 -2.76
N GLY B 141 -3.87 -36.90 -2.97
CA GLY B 141 -4.26 -37.83 -1.93
C GLY B 141 -3.07 -38.74 -1.75
N VAL B 142 -3.02 -39.42 -0.60
CA VAL B 142 -1.91 -40.28 -0.27
C VAL B 142 -2.46 -41.51 0.44
N ILE B 143 -2.47 -42.63 -0.27
CA ILE B 143 -2.91 -43.93 0.24
C ILE B 143 -1.74 -44.85 0.56
N ASN B 144 -1.96 -45.78 1.50
CA ASN B 144 -1.09 -46.93 1.65
C ASN B 144 -1.70 -48.16 1.01
N THR B 145 -0.89 -48.83 0.18
CA THR B 145 -1.30 -49.97 -0.65
C THR B 145 -1.28 -51.27 0.14
N ASP B 146 -0.37 -51.35 1.11
CA ASP B 146 -0.24 -52.52 1.95
C ASP B 146 -1.38 -52.66 2.95
N GLY B 147 -1.99 -51.54 3.32
CA GLY B 147 -2.99 -51.52 4.38
C GLY B 147 -2.34 -51.54 5.76
N THR B 148 -1.07 -51.10 5.84
CA THR B 148 -0.37 -50.96 7.12
C THR B 148 -0.70 -49.65 7.84
N MET B 149 -0.72 -48.58 7.07
CA MET B 149 -0.76 -47.25 7.63
C MET B 149 -2.19 -46.67 7.82
N THR B 150 -2.48 -46.22 9.05
CA THR B 150 -3.77 -45.61 9.39
C THR B 150 -3.86 -44.21 8.80
N GLN B 151 -5.08 -43.67 8.76
CA GLN B 151 -5.31 -42.26 8.49
C GLN B 151 -4.20 -41.47 9.10
N GLU B 152 -4.05 -41.61 10.42
CA GLU B 152 -3.09 -40.84 11.20
C GLU B 152 -1.62 -41.07 10.85
N ASP B 153 -1.25 -42.35 10.68
CA ASP B 153 0.06 -42.74 10.13
C ASP B 153 0.42 -41.99 8.84
N ILE B 154 -0.48 -42.05 7.86
CA ILE B 154 -0.25 -41.46 6.56
C ILE B 154 -0.15 -39.93 6.69
N SER B 155 -1.12 -39.34 7.39
CA SER B 155 -1.16 -37.88 7.49
C SER B 155 0.15 -37.35 8.14
N ASP B 156 0.59 -37.98 9.23
CA ASP B 156 1.90 -37.68 9.78
C ASP B 156 3.00 -37.60 8.71
N TYR B 157 3.16 -38.68 7.95
CA TYR B 157 4.18 -38.73 6.90
C TYR B 157 4.05 -37.53 5.99
N VAL B 158 2.82 -37.27 5.50
CA VAL B 158 2.61 -36.13 4.62
C VAL B 158 3.04 -34.83 5.29
N ALA B 159 2.58 -34.60 6.52
CA ALA B 159 2.99 -33.42 7.27
C ALA B 159 4.49 -33.41 7.67
N ALA B 160 5.20 -34.50 7.39
CA ALA B 160 6.58 -34.61 7.83
C ALA B 160 7.65 -34.47 6.75
N ASN B 161 7.38 -35.07 5.58
CA ASN B 161 8.37 -35.19 4.50
C ASN B 161 7.90 -34.67 3.14
N MET B 162 6.66 -34.19 3.10
CA MET B 162 6.05 -33.78 1.84
C MET B 162 5.54 -32.37 1.91
N LYS B 163 4.70 -32.11 2.90
CA LYS B 163 3.90 -30.89 3.00
C LYS B 163 4.79 -29.67 2.77
N ASP B 164 5.97 -29.69 3.38
CA ASP B 164 6.85 -28.53 3.28
C ASP B 164 7.47 -28.44 1.90
N ALA B 165 7.92 -29.58 1.38
CA ALA B 165 8.46 -29.64 0.02
C ALA B 165 7.48 -29.04 -0.96
N ILE B 166 6.22 -29.48 -0.92
CA ILE B 166 5.18 -28.88 -1.75
C ILE B 166 4.97 -27.41 -1.35
N SER B 167 4.93 -27.17 -0.04
CA SER B 167 4.71 -25.83 0.52
C SER B 167 5.57 -24.79 -0.21
N ARG B 168 6.75 -25.21 -0.67
CA ARG B 168 7.80 -24.32 -1.20
C ARG B 168 8.00 -24.31 -2.74
N THR B 169 7.42 -25.28 -3.44
CA THR B 169 7.52 -25.35 -4.92
C THR B 169 6.89 -24.12 -5.58
N SER B 170 7.68 -23.41 -6.37
CA SER B 170 7.33 -22.09 -6.90
C SER B 170 6.01 -22.08 -7.67
N GLY B 171 5.11 -21.20 -7.23
CA GLY B 171 3.76 -21.13 -7.78
C GLY B 171 2.60 -21.41 -6.81
N VAL B 172 2.87 -22.19 -5.77
CA VAL B 172 1.86 -22.56 -4.77
C VAL B 172 1.53 -21.40 -3.84
N GLY B 173 0.27 -21.29 -3.46
CA GLY B 173 -0.15 -20.22 -2.59
C GLY B 173 -0.34 -20.74 -1.19
N ASP B 174 -0.93 -21.92 -1.08
CA ASP B 174 -1.36 -22.45 0.19
C ASP B 174 -1.42 -23.97 0.13
N VAL B 175 -1.15 -24.60 1.26
CA VAL B 175 -1.18 -26.03 1.40
C VAL B 175 -2.00 -26.36 2.65
N GLN B 176 -3.14 -27.04 2.48
CA GLN B 176 -3.86 -27.63 3.62
C GLN B 176 -3.43 -29.10 3.74
N LEU B 177 -3.69 -29.74 4.88
CA LEU B 177 -3.22 -31.09 5.11
C LEU B 177 -4.31 -31.91 5.73
N PHE B 178 -4.81 -32.88 4.97
CA PHE B 178 -5.90 -33.77 5.41
C PHE B 178 -5.50 -34.75 6.51
N GLY B 179 -5.39 -34.18 7.72
CA GLY B 179 -4.95 -34.91 8.92
C GLY B 179 -4.16 -33.95 9.78
N SER B 180 -3.33 -34.47 10.67
CA SER B 180 -2.38 -33.67 11.44
C SER B 180 -1.19 -34.56 11.57
N GLN B 181 -0.04 -34.00 11.92
CA GLN B 181 1.08 -34.88 12.30
C GLN B 181 0.64 -35.60 13.57
N TYR B 182 1.51 -36.44 14.09
CA TYR B 182 1.14 -37.19 15.28
C TYR B 182 0.92 -36.27 16.48
N ALA B 183 0.41 -36.86 17.55
CA ALA B 183 0.41 -36.21 18.86
C ALA B 183 0.54 -37.31 19.90
N MET B 184 1.31 -37.05 20.94
CA MET B 184 1.45 -37.96 22.05
C MET B 184 0.06 -38.14 22.65
N ARG B 185 -0.35 -39.37 22.89
CA ARG B 185 -1.68 -39.57 23.42
C ARG B 185 -1.81 -40.35 24.74
N ILE B 186 -1.88 -39.63 25.83
CA ILE B 186 -2.18 -40.20 27.13
C ILE B 186 -3.72 -40.41 27.26
N TRP B 187 -4.15 -41.68 27.26
CA TRP B 187 -5.56 -42.10 27.23
C TRP B 187 -6.01 -42.66 28.59
N MET B 188 -6.71 -41.83 29.35
CA MET B 188 -6.92 -42.10 30.77
C MET B 188 -7.91 -43.19 31.13
N ASN B 189 -7.64 -43.81 32.28
CA ASN B 189 -8.45 -44.89 32.82
C ASN B 189 -8.89 -44.62 34.25
N PRO B 190 -10.11 -44.07 34.41
CA PRO B 190 -10.69 -43.56 35.66
C PRO B 190 -10.53 -44.55 36.79
N ASN B 191 -10.30 -45.81 36.41
CA ASN B 191 -10.29 -46.90 37.35
C ASN B 191 -8.91 -47.07 37.90
N GLU B 192 -7.93 -47.35 37.03
CA GLU B 192 -6.53 -47.20 37.39
C GLU B 192 -6.37 -45.91 38.20
N LEU B 193 -6.95 -44.82 37.69
CA LEU B 193 -6.91 -43.56 38.39
C LEU B 193 -7.48 -43.63 39.80
N ASN B 194 -8.65 -44.27 39.94
CA ASN B 194 -9.36 -44.27 41.23
C ASN B 194 -8.73 -45.19 42.26
N LYS B 195 -7.94 -46.17 41.78
CA LYS B 195 -7.09 -47.02 42.65
C LYS B 195 -6.10 -46.18 43.41
N PHE B 196 -5.29 -45.42 42.68
CA PHE B 196 -4.18 -44.71 43.29
C PHE B 196 -4.55 -43.35 43.81
N GLN B 197 -5.85 -43.17 44.07
CA GLN B 197 -6.44 -41.89 44.54
C GLN B 197 -6.02 -40.70 43.67
N LEU B 198 -6.30 -40.78 42.37
CA LEU B 198 -5.84 -39.75 41.42
C LEU B 198 -6.90 -39.12 40.48
N THR B 199 -6.84 -37.80 40.35
CA THR B 199 -7.62 -37.08 39.34
C THR B 199 -6.83 -37.06 38.01
N PRO B 200 -7.49 -36.65 36.91
CA PRO B 200 -6.67 -36.34 35.73
C PRO B 200 -5.86 -35.04 35.92
N VAL B 201 -6.25 -34.19 36.88
CA VAL B 201 -5.51 -32.95 37.22
C VAL B 201 -4.10 -33.31 37.60
N ASP B 202 -3.99 -34.33 38.43
CA ASP B 202 -2.75 -34.97 38.73
C ASP B 202 -2.01 -35.41 37.49
N VAL B 203 -2.65 -36.17 36.59
CA VAL B 203 -1.94 -36.53 35.35
C VAL B 203 -1.46 -35.28 34.64
N ILE B 204 -2.40 -34.33 34.45
CA ILE B 204 -2.17 -33.04 33.79
C ILE B 204 -0.88 -32.40 34.34
N THR B 205 -0.82 -32.25 35.67
CA THR B 205 0.33 -31.65 36.33
C THR B 205 1.67 -32.38 36.07
N ALA B 206 1.85 -33.57 36.63
CA ALA B 206 3.04 -34.37 36.34
C ALA B 206 3.54 -34.24 34.89
N ILE B 207 2.62 -34.19 33.93
CA ILE B 207 3.03 -34.05 32.54
C ILE B 207 3.77 -32.73 32.32
N LYS B 208 3.22 -31.66 32.87
CA LYS B 208 3.83 -30.34 32.80
C LYS B 208 5.17 -30.23 33.52
N ALA B 209 5.25 -30.81 34.71
CA ALA B 209 6.49 -30.89 35.49
C ALA B 209 7.57 -31.59 34.69
N GLN B 210 7.21 -32.74 34.14
CA GLN B 210 8.19 -33.66 33.57
C GLN B 210 8.26 -33.70 32.05
N ASN B 211 7.71 -32.68 31.41
CA ASN B 211 7.91 -32.49 29.97
C ASN B 211 8.33 -31.08 29.66
N ALA B 212 8.37 -30.22 30.67
CA ALA B 212 8.88 -28.88 30.49
C ALA B 212 10.35 -28.94 30.04
N GLN B 213 10.86 -27.83 29.52
CA GLN B 213 12.28 -27.66 29.23
C GLN B 213 12.70 -26.39 29.97
N VAL B 214 13.89 -26.45 30.57
CA VAL B 214 14.27 -25.57 31.67
C VAL B 214 15.58 -24.84 31.36
N ALA B 215 15.59 -23.52 31.60
CA ALA B 215 16.79 -22.69 31.47
C ALA B 215 17.75 -23.09 32.55
N ALA B 216 19.04 -22.97 32.23
CA ALA B 216 20.07 -23.52 33.09
C ALA B 216 21.00 -22.42 33.56
N GLY B 217 21.77 -21.90 32.62
CA GLY B 217 22.89 -21.02 32.90
C GLY B 217 24.03 -21.50 32.04
N GLN B 218 25.24 -21.07 32.37
CA GLN B 218 26.38 -21.47 31.57
C GLN B 218 27.74 -21.28 32.23
N LEU B 219 28.50 -22.38 32.30
CA LEU B 219 29.89 -22.40 32.84
C LEU B 219 30.74 -21.24 32.34
N GLY B 220 31.24 -20.44 33.27
CA GLY B 220 32.06 -19.30 32.92
C GLY B 220 31.22 -18.26 32.23
N GLY B 221 30.04 -18.03 32.79
CA GLY B 221 29.19 -16.99 32.29
C GLY B 221 29.77 -15.62 32.56
N THR B 222 29.86 -14.84 31.49
CA THR B 222 29.92 -13.37 31.59
C THR B 222 28.94 -12.84 32.66
N PRO B 223 29.37 -11.88 33.52
CA PRO B 223 30.72 -11.32 33.64
C PRO B 223 31.58 -12.38 34.29
N PRO B 224 32.77 -12.62 33.71
CA PRO B 224 33.46 -13.73 34.29
C PRO B 224 34.26 -13.25 35.50
N VAL B 225 34.93 -14.20 36.13
CA VAL B 225 35.83 -13.93 37.21
C VAL B 225 37.19 -13.88 36.51
N LYS B 226 38.02 -12.93 36.91
CA LYS B 226 39.34 -12.70 36.30
C LYS B 226 40.03 -14.04 36.04
N GLY B 227 40.57 -14.20 34.83
CA GLY B 227 41.35 -15.39 34.45
C GLY B 227 40.55 -16.67 34.29
N GLN B 228 40.12 -16.91 33.07
CA GLN B 228 39.13 -17.95 32.85
C GLN B 228 39.47 -18.73 31.62
N GLN B 229 39.46 -20.04 31.75
CA GLN B 229 39.80 -20.87 30.61
C GLN B 229 38.58 -21.39 29.87
N LEU B 230 37.53 -21.78 30.59
CA LEU B 230 36.32 -22.33 29.93
C LEU B 230 35.01 -21.50 29.94
N ASN B 231 34.36 -21.53 28.79
CA ASN B 231 32.98 -21.09 28.62
C ASN B 231 32.12 -22.16 27.92
N ALA B 232 31.11 -22.68 28.60
CA ALA B 232 30.16 -23.63 27.98
C ALA B 232 28.68 -23.55 28.43
N SER B 233 27.77 -23.96 27.55
CA SER B 233 26.35 -23.89 27.86
C SER B 233 25.90 -25.08 28.68
N ILE B 234 25.42 -24.84 29.90
CA ILE B 234 24.72 -25.88 30.71
C ILE B 234 23.38 -26.23 30.04
N ILE B 235 23.09 -27.51 29.95
CA ILE B 235 21.82 -28.03 29.46
C ILE B 235 21.04 -28.68 30.60
N ALA B 236 20.03 -27.97 31.13
CA ALA B 236 19.10 -28.58 32.09
C ALA B 236 18.06 -29.43 31.37
N GLN B 237 16.91 -29.65 32.00
CA GLN B 237 15.83 -30.46 31.42
C GLN B 237 15.47 -30.06 29.97
N THR B 238 15.07 -31.03 29.17
CA THR B 238 14.28 -30.77 27.96
C THR B 238 13.09 -31.74 27.90
N ARG B 239 12.75 -32.21 26.72
CA ARG B 239 11.41 -32.74 26.57
C ARG B 239 11.42 -34.20 26.22
N LEU B 240 10.59 -34.98 26.90
CA LEU B 240 10.36 -36.35 26.50
C LEU B 240 10.18 -36.47 24.99
N THR B 241 10.52 -37.66 24.47
CA THR B 241 10.53 -37.87 23.02
C THR B 241 9.97 -39.21 22.57
N SER B 242 9.22 -39.88 23.42
CA SER B 242 8.74 -41.20 23.06
C SER B 242 7.60 -41.64 23.94
N THR B 243 6.71 -42.46 23.38
CA THR B 243 5.61 -43.02 24.19
C THR B 243 6.15 -43.71 25.46
N GLU B 244 7.35 -44.30 25.30
CA GLU B 244 8.08 -45.00 26.36
C GLU B 244 8.45 -44.03 27.46
N GLU B 245 9.26 -43.05 27.08
CA GLU B 245 9.69 -41.98 27.98
C GLU B 245 8.47 -41.39 28.66
N PHE B 246 7.38 -41.32 27.90
CA PHE B 246 6.15 -40.75 28.45
C PHE B 246 5.58 -41.62 29.55
N GLY B 247 5.25 -42.87 29.24
CA GLY B 247 4.84 -43.83 30.27
C GLY B 247 5.67 -43.86 31.56
N LYS B 248 6.98 -43.66 31.41
CA LYS B 248 7.93 -43.61 32.52
C LYS B 248 7.64 -42.49 33.52
N ILE B 249 7.01 -41.40 33.07
CA ILE B 249 6.57 -40.32 33.96
C ILE B 249 6.07 -40.87 35.30
N LEU B 250 6.71 -40.44 36.38
CA LEU B 250 6.28 -40.72 37.75
C LEU B 250 5.03 -39.87 38.15
N LEU B 251 4.19 -40.40 39.03
CA LEU B 251 2.94 -39.79 39.39
C LEU B 251 2.66 -39.77 40.86
N LYS B 252 3.10 -40.80 41.58
CA LYS B 252 2.85 -40.92 43.02
C LYS B 252 3.73 -41.93 43.75
N VAL B 253 3.92 -41.67 45.05
CA VAL B 253 4.57 -42.62 45.96
C VAL B 253 3.62 -42.96 47.12
N ASN B 254 3.04 -44.17 47.08
CA ASN B 254 2.09 -44.60 48.12
C ASN B 254 2.82 -45.06 49.38
N GLN B 255 2.07 -45.18 50.48
CA GLN B 255 2.61 -45.44 51.82
C GLN B 255 3.79 -46.41 51.83
N ASP B 256 3.63 -47.51 51.10
CA ASP B 256 4.57 -48.65 51.13
C ASP B 256 5.82 -48.49 50.23
N GLY B 257 6.36 -47.27 50.15
CA GLY B 257 7.47 -46.95 49.23
C GLY B 257 7.21 -47.42 47.81
N SER B 258 5.98 -47.19 47.33
CA SER B 258 5.48 -47.72 46.05
C SER B 258 5.63 -46.72 44.93
N ARG B 259 5.54 -47.21 43.68
CA ARG B 259 5.76 -46.35 42.52
C ARG B 259 4.73 -46.48 41.36
N VAL B 260 3.95 -45.40 41.20
CA VAL B 260 2.86 -45.29 40.22
C VAL B 260 3.27 -44.49 38.98
N LEU B 261 3.44 -45.17 37.86
CA LEU B 261 3.81 -44.49 36.63
C LEU B 261 2.56 -43.98 35.93
N LEU B 262 2.77 -43.25 34.83
CA LEU B 262 1.66 -42.73 34.03
C LEU B 262 1.07 -43.84 33.20
N ARG B 263 1.95 -44.71 32.70
CA ARG B 263 1.52 -45.83 31.87
C ARG B 263 0.67 -46.76 32.71
N ASP B 264 0.88 -46.70 34.02
CA ASP B 264 0.18 -47.51 34.99
C ASP B 264 -1.26 -47.11 35.09
N VAL B 265 -1.53 -45.84 34.81
CA VAL B 265 -2.92 -45.31 34.75
C VAL B 265 -3.41 -44.82 33.38
N ALA B 266 -2.79 -45.26 32.28
CA ALA B 266 -3.39 -45.03 30.95
C ALA B 266 -2.59 -45.61 29.80
N LYS B 267 -3.27 -45.86 28.69
CA LYS B 267 -2.61 -46.18 27.43
C LYS B 267 -1.82 -44.99 26.91
N ILE B 268 -0.81 -45.24 26.07
CA ILE B 268 0.08 -44.18 25.56
C ILE B 268 0.57 -44.42 24.16
N GLU B 269 -0.37 -44.49 23.21
CA GLU B 269 -0.02 -44.63 21.80
C GLU B 269 0.44 -43.30 21.26
N LEU B 270 0.18 -43.05 19.99
CA LEU B 270 0.74 -41.89 19.36
C LEU B 270 -0.18 -41.54 18.20
N GLY B 271 -1.38 -41.10 18.53
CA GLY B 271 -2.40 -40.83 17.51
C GLY B 271 -2.29 -39.48 16.84
N GLY B 272 -3.32 -39.15 16.08
CA GLY B 272 -3.52 -37.79 15.59
C GLY B 272 -4.12 -36.80 16.60
N GLU B 273 -4.28 -35.55 16.15
CA GLU B 273 -4.70 -34.45 16.98
C GLU B 273 -6.20 -34.43 17.03
N ASN B 274 -6.80 -34.60 15.87
CA ASN B 274 -8.24 -34.55 15.85
C ASN B 274 -8.83 -35.83 15.32
N TYR B 275 -9.69 -36.45 16.09
CA TYR B 275 -10.34 -37.66 15.62
C TYR B 275 -11.69 -37.45 14.96
N ASP B 276 -12.08 -36.19 14.70
CA ASP B 276 -13.40 -35.87 14.14
C ASP B 276 -13.61 -36.21 12.68
N ILE B 277 -12.60 -36.04 11.84
CA ILE B 277 -12.89 -36.40 10.47
C ILE B 277 -12.15 -37.68 10.04
N ILE B 278 -12.89 -38.53 9.32
CA ILE B 278 -12.37 -39.76 8.76
C ILE B 278 -12.46 -39.62 7.27
N ALA B 279 -11.31 -39.53 6.61
CA ALA B 279 -11.32 -39.58 5.18
C ALA B 279 -10.45 -40.71 4.65
N GLU B 280 -11.06 -41.44 3.74
CA GLU B 280 -10.41 -42.45 2.95
C GLU B 280 -10.85 -42.26 1.51
N PHE B 281 -10.17 -43.00 0.65
CA PHE B 281 -10.20 -42.80 -0.77
C PHE B 281 -10.35 -44.18 -1.34
N ASN B 282 -11.28 -44.34 -2.28
CA ASN B 282 -11.65 -45.66 -2.78
C ASN B 282 -11.51 -46.68 -1.65
N GLY B 283 -12.14 -46.33 -0.52
CA GLY B 283 -12.23 -47.21 0.63
C GLY B 283 -11.04 -47.40 1.54
N GLN B 284 -9.87 -46.90 1.18
CA GLN B 284 -8.67 -47.16 2.00
C GLN B 284 -8.21 -45.91 2.75
N PRO B 285 -7.55 -46.10 3.93
CA PRO B 285 -7.01 -44.99 4.71
C PRO B 285 -6.26 -43.98 3.87
N ALA B 286 -6.65 -42.72 3.99
CA ALA B 286 -6.13 -41.64 3.14
C ALA B 286 -5.58 -40.45 3.90
N SER B 287 -5.35 -39.36 3.16
CA SER B 287 -4.72 -38.14 3.68
C SER B 287 -4.35 -37.23 2.51
N GLY B 288 -3.79 -36.07 2.79
CA GLY B 288 -3.13 -35.35 1.71
C GLY B 288 -3.33 -33.86 1.57
N LEU B 289 -2.85 -33.32 0.45
CA LEU B 289 -2.82 -31.89 0.30
C LEU B 289 -3.82 -31.30 -0.68
N GLY B 290 -4.51 -30.28 -0.20
CA GLY B 290 -5.16 -29.34 -1.08
C GLY B 290 -4.24 -28.16 -1.32
N ILE B 291 -3.76 -28.02 -2.55
CA ILE B 291 -2.82 -26.98 -2.89
C ILE B 291 -3.58 -25.88 -3.61
N LYS B 292 -3.40 -24.64 -3.20
CA LYS B 292 -3.96 -23.52 -3.92
C LYS B 292 -2.83 -22.81 -4.69
N LEU B 293 -3.21 -21.88 -5.59
CA LEU B 293 -2.32 -21.19 -6.54
C LEU B 293 -1.96 -19.79 -6.03
N ALA B 294 -0.66 -19.51 -5.92
CA ALA B 294 -0.18 -18.19 -5.47
C ALA B 294 -0.65 -17.10 -6.43
N THR B 295 -1.01 -15.94 -5.89
CA THR B 295 -1.54 -14.84 -6.72
C THR B 295 -0.54 -14.43 -7.79
N GLY B 296 -0.96 -14.63 -9.05
CA GLY B 296 -0.13 -14.35 -10.20
C GLY B 296 0.85 -15.44 -10.61
N ALA B 297 0.62 -16.66 -10.15
CA ALA B 297 1.42 -17.78 -10.63
C ALA B 297 0.86 -18.32 -11.93
N ASN B 298 1.34 -19.47 -12.35
CA ASN B 298 0.85 -20.05 -13.56
C ASN B 298 0.27 -21.41 -13.21
N ALA B 299 -1.02 -21.59 -13.51
CA ALA B 299 -1.71 -22.82 -13.09
C ALA B 299 -1.03 -24.03 -13.70
N LEU B 300 -0.92 -24.00 -15.02
CA LEU B 300 -0.32 -25.09 -15.78
C LEU B 300 1.09 -25.28 -15.30
N ASP B 301 1.83 -24.17 -15.15
CA ASP B 301 3.23 -24.21 -14.68
C ASP B 301 3.45 -24.83 -13.30
N THR B 302 2.85 -24.22 -12.29
CA THR B 302 3.02 -24.73 -10.92
C THR B 302 2.46 -26.17 -10.86
N ALA B 303 1.36 -26.40 -11.59
CA ALA B 303 0.69 -27.70 -11.66
C ALA B 303 1.63 -28.82 -12.05
N ALA B 304 2.39 -28.62 -13.14
CA ALA B 304 3.46 -29.54 -13.47
C ALA B 304 4.50 -29.56 -12.33
N ALA B 305 5.20 -28.45 -12.14
CA ALA B 305 6.18 -28.27 -11.07
C ALA B 305 5.87 -28.97 -9.74
N ILE B 306 4.58 -29.07 -9.40
CA ILE B 306 4.21 -29.77 -8.17
C ILE B 306 4.22 -31.28 -8.33
N ARG B 307 3.81 -31.75 -9.52
CA ARG B 307 3.99 -33.16 -9.87
C ARG B 307 5.46 -33.51 -9.83
N ALA B 308 6.27 -32.62 -10.41
CA ALA B 308 7.72 -32.73 -10.42
C ALA B 308 8.30 -33.06 -9.04
N GLU B 309 7.89 -32.29 -8.04
CA GLU B 309 8.42 -32.48 -6.68
C GLU B 309 7.96 -33.81 -6.07
N LEU B 310 6.74 -34.18 -6.38
CA LEU B 310 6.16 -35.40 -5.85
C LEU B 310 6.96 -36.57 -6.35
N ALA B 311 7.15 -36.58 -7.66
CA ALA B 311 7.96 -37.55 -8.34
C ALA B 311 9.20 -37.91 -7.50
N LYS B 312 10.05 -36.92 -7.22
CA LYS B 312 11.33 -37.19 -6.58
C LYS B 312 11.24 -37.52 -5.08
N MET B 313 10.03 -37.61 -4.54
CA MET B 313 9.87 -38.11 -3.18
C MET B 313 9.44 -39.57 -3.20
N GLU B 314 8.84 -39.97 -4.32
CA GLU B 314 8.25 -41.31 -4.49
C GLU B 314 9.20 -42.52 -4.33
N PRO B 315 10.51 -42.36 -4.64
CA PRO B 315 11.49 -43.36 -4.24
C PRO B 315 11.51 -43.61 -2.74
N PHE B 316 11.64 -42.53 -1.96
CA PHE B 316 11.86 -42.61 -0.50
C PHE B 316 10.63 -42.95 0.37
N PHE B 317 9.46 -43.16 -0.25
CA PHE B 317 8.24 -43.50 0.47
C PHE B 317 8.37 -44.84 1.15
N PRO B 318 7.52 -45.13 2.14
CA PRO B 318 7.55 -46.45 2.76
C PRO B 318 6.93 -47.56 1.91
N SER B 319 6.65 -48.69 2.55
CA SER B 319 6.09 -49.87 1.89
C SER B 319 4.69 -49.62 1.31
N GLY B 320 4.67 -49.29 0.02
CA GLY B 320 3.43 -49.15 -0.74
C GLY B 320 2.68 -47.87 -0.43
N LEU B 321 3.27 -46.74 -0.79
CA LEU B 321 2.70 -45.44 -0.44
C LEU B 321 2.22 -44.66 -1.68
N LYS B 322 1.21 -45.19 -2.35
CA LYS B 322 0.74 -44.61 -3.61
C LYS B 322 0.16 -43.18 -3.44
N ILE B 323 0.30 -42.39 -4.49
CA ILE B 323 -0.10 -40.97 -4.54
C ILE B 323 -1.17 -40.85 -5.62
N VAL B 324 -2.20 -40.05 -5.36
CA VAL B 324 -3.36 -40.00 -6.27
C VAL B 324 -3.87 -38.56 -6.47
N TYR B 325 -4.49 -38.27 -7.61
CA TYR B 325 -4.80 -36.87 -7.90
C TYR B 325 -6.25 -36.56 -8.20
N PRO B 326 -7.15 -36.73 -7.21
CA PRO B 326 -8.57 -36.62 -7.52
C PRO B 326 -9.01 -35.25 -8.01
N TYR B 327 -8.14 -34.25 -7.97
CA TYR B 327 -8.49 -32.99 -8.59
C TYR B 327 -7.26 -32.30 -9.11
N ASP B 328 -7.39 -31.66 -10.27
CA ASP B 328 -6.31 -30.86 -10.85
C ASP B 328 -6.89 -29.92 -11.93
N THR B 329 -7.39 -28.76 -11.51
CA THR B 329 -7.91 -27.73 -12.41
C THR B 329 -7.32 -27.75 -13.84
N THR B 330 -6.06 -28.20 -13.95
CA THR B 330 -5.20 -28.08 -15.13
C THR B 330 -5.65 -28.76 -16.46
N PRO B 331 -5.90 -30.10 -16.46
CA PRO B 331 -6.61 -30.70 -17.58
C PRO B 331 -7.67 -29.81 -18.19
N PHE B 332 -8.58 -29.30 -17.38
CA PHE B 332 -9.62 -28.42 -17.91
C PHE B 332 -9.04 -27.19 -18.58
N VAL B 333 -8.14 -26.47 -17.92
CA VAL B 333 -7.67 -25.19 -18.44
C VAL B 333 -6.93 -25.35 -19.76
N LYS B 334 -6.01 -26.31 -19.81
CA LYS B 334 -5.37 -26.77 -21.04
C LYS B 334 -6.39 -27.00 -22.17
N ILE B 335 -7.30 -27.95 -21.96
CA ILE B 335 -8.35 -28.28 -22.92
C ILE B 335 -9.15 -27.03 -23.33
N SER B 336 -9.64 -26.27 -22.35
CA SER B 336 -10.22 -24.94 -22.59
C SER B 336 -9.37 -24.05 -23.49
N ILE B 337 -8.04 -24.13 -23.39
CA ILE B 337 -7.15 -23.27 -24.19
C ILE B 337 -6.86 -23.84 -25.59
N HIS B 338 -6.48 -25.12 -25.63
CA HIS B 338 -6.29 -25.82 -26.89
C HIS B 338 -7.55 -25.73 -27.78
N GLU B 339 -8.70 -25.54 -27.15
CA GLU B 339 -9.99 -25.34 -27.86
C GLU B 339 -10.24 -23.90 -28.30
N VAL B 340 -9.51 -22.94 -27.73
CA VAL B 340 -9.72 -21.57 -28.13
C VAL B 340 -8.70 -21.17 -29.20
N VAL B 341 -7.42 -21.36 -28.89
CA VAL B 341 -6.33 -21.18 -29.87
C VAL B 341 -6.70 -21.82 -31.23
N LYS B 342 -7.49 -22.90 -31.17
CA LYS B 342 -8.05 -23.59 -32.33
C LYS B 342 -9.10 -22.74 -33.03
N THR B 343 -10.12 -22.29 -32.30
CA THR B 343 -11.13 -21.42 -32.88
C THR B 343 -10.42 -20.26 -33.58
N LEU B 344 -9.26 -19.85 -33.06
CA LEU B 344 -8.44 -18.84 -33.71
C LEU B 344 -7.81 -19.31 -35.02
N VAL B 345 -7.11 -20.44 -35.00
CA VAL B 345 -6.63 -21.05 -36.23
C VAL B 345 -7.77 -21.27 -37.24
N GLU B 346 -8.82 -21.99 -36.84
CA GLU B 346 -9.99 -22.27 -37.69
C GLU B 346 -10.50 -21.05 -38.43
N ALA B 347 -10.83 -20.00 -37.69
CA ALA B 347 -11.28 -18.73 -38.28
C ALA B 347 -10.35 -18.18 -39.38
N ILE B 348 -9.03 -18.19 -39.14
CA ILE B 348 -8.08 -17.69 -40.14
C ILE B 348 -8.24 -18.47 -41.44
N ILE B 349 -8.23 -19.81 -41.35
CA ILE B 349 -8.40 -20.68 -42.52
C ILE B 349 -9.69 -20.37 -43.29
N LEU B 350 -10.80 -20.25 -42.56
CA LEU B 350 -12.07 -19.89 -43.18
C LEU B 350 -12.07 -18.48 -43.78
N VAL B 351 -11.22 -17.57 -43.32
CA VAL B 351 -11.13 -16.26 -43.98
C VAL B 351 -10.31 -16.39 -45.27
N PHE B 352 -9.28 -17.23 -45.22
CA PHE B 352 -8.52 -17.53 -46.40
C PHE B 352 -9.47 -18.08 -47.47
N LEU B 353 -10.32 -19.01 -47.03
CA LEU B 353 -11.24 -19.68 -47.92
C LEU B 353 -12.33 -18.78 -48.50
N VAL B 354 -12.92 -17.89 -47.69
CA VAL B 354 -14.01 -17.03 -48.18
C VAL B 354 -13.56 -15.84 -49.04
N MET B 355 -12.27 -15.52 -48.99
CA MET B 355 -11.69 -14.47 -49.83
C MET B 355 -11.28 -15.01 -51.20
N TYR B 356 -10.48 -16.08 -51.18
CA TYR B 356 -10.06 -16.80 -52.37
C TYR B 356 -11.24 -17.29 -53.23
N LEU B 357 -12.45 -17.25 -52.67
CA LEU B 357 -13.67 -17.72 -53.33
C LEU B 357 -14.59 -16.52 -53.60
N PHE B 358 -13.98 -15.34 -53.64
CA PHE B 358 -14.75 -14.12 -53.79
C PHE B 358 -13.92 -13.04 -54.46
N LEU B 359 -12.59 -13.16 -54.33
CA LEU B 359 -11.64 -12.24 -54.95
C LEU B 359 -10.70 -13.09 -55.73
N GLN B 360 -10.42 -14.28 -55.21
CA GLN B 360 -9.71 -15.36 -55.92
C GLN B 360 -8.25 -14.97 -56.23
N ASN B 361 -7.33 -15.39 -55.34
CA ASN B 361 -5.87 -15.21 -55.52
C ASN B 361 -5.09 -15.27 -54.20
N PHE B 362 -4.05 -16.11 -54.15
CA PHE B 362 -3.22 -16.29 -52.95
C PHE B 362 -2.59 -14.98 -52.40
N ARG B 363 -2.83 -13.85 -53.05
CA ARG B 363 -2.29 -12.56 -52.59
C ARG B 363 -3.27 -11.80 -51.68
N ALA B 364 -4.39 -11.36 -52.25
CA ALA B 364 -5.45 -10.67 -51.50
C ALA B 364 -5.86 -11.42 -50.24
N THR B 365 -5.74 -12.74 -50.30
CA THR B 365 -6.18 -13.61 -49.24
C THR B 365 -5.03 -14.00 -48.31
N LEU B 366 -3.85 -13.46 -48.58
CA LEU B 366 -2.74 -13.57 -47.65
C LEU B 366 -2.64 -12.29 -46.83
N ILE B 367 -3.42 -11.28 -47.18
CA ILE B 367 -3.41 -10.02 -46.42
C ILE B 367 -3.97 -10.15 -44.98
N PRO B 368 -5.28 -10.51 -44.81
CA PRO B 368 -5.74 -10.59 -43.43
C PRO B 368 -5.09 -11.77 -42.66
N THR B 369 -4.54 -12.74 -43.38
CA THR B 369 -3.95 -13.92 -42.76
C THR B 369 -2.60 -13.63 -42.06
N ILE B 370 -2.04 -12.45 -42.32
CA ILE B 370 -0.80 -11.98 -41.68
C ILE B 370 -1.04 -10.56 -41.14
N ALA B 371 -2.18 -10.39 -40.48
CA ALA B 371 -2.60 -9.08 -39.98
C ALA B 371 -3.48 -9.24 -38.74
N VAL B 372 -4.45 -10.14 -38.82
CA VAL B 372 -5.18 -10.56 -37.63
C VAL B 372 -4.23 -11.18 -36.59
N PRO B 373 -3.41 -12.20 -36.99
CA PRO B 373 -2.46 -12.75 -36.03
C PRO B 373 -1.49 -11.71 -35.45
N VAL B 374 -1.45 -10.52 -36.05
CA VAL B 374 -0.73 -9.38 -35.49
C VAL B 374 -1.56 -8.69 -34.38
N VAL B 375 -2.84 -8.43 -34.65
CA VAL B 375 -3.69 -7.80 -33.64
C VAL B 375 -3.79 -8.67 -32.40
N LEU B 376 -4.07 -9.96 -32.60
CA LEU B 376 -4.21 -10.87 -31.48
C LEU B 376 -2.94 -10.94 -30.65
N LEU B 377 -1.80 -11.18 -31.28
CA LEU B 377 -0.57 -11.21 -30.52
C LEU B 377 -0.40 -9.90 -29.80
N GLY B 378 -1.06 -8.86 -30.30
CA GLY B 378 -0.87 -7.52 -29.76
C GLY B 378 -1.81 -7.23 -28.62
N THR B 379 -2.94 -7.94 -28.58
CA THR B 379 -3.84 -7.82 -27.46
C THR B 379 -3.12 -8.39 -26.24
N PHE B 380 -2.55 -9.59 -26.37
CA PHE B 380 -1.77 -10.19 -25.29
C PHE B 380 -0.65 -9.29 -24.72
N ALA B 381 -0.59 -8.04 -25.18
CA ALA B 381 0.33 -7.07 -24.62
C ALA B 381 -0.46 -6.08 -23.80
N VAL B 382 -1.42 -5.40 -24.43
CA VAL B 382 -2.29 -4.48 -23.70
C VAL B 382 -3.18 -5.21 -22.69
N LEU B 383 -3.26 -6.53 -22.83
CA LEU B 383 -3.90 -7.38 -21.85
C LEU B 383 -2.96 -7.37 -20.65
N ALA B 384 -1.76 -7.93 -20.83
CA ALA B 384 -0.75 -7.92 -19.78
C ALA B 384 -0.40 -6.52 -19.27
N ALA B 385 -0.72 -5.49 -20.06
CA ALA B 385 -0.51 -4.08 -19.70
C ALA B 385 -1.41 -3.62 -18.55
N PHE B 386 -2.58 -4.26 -18.42
CA PHE B 386 -3.43 -3.98 -17.29
C PHE B 386 -3.40 -5.15 -16.31
N GLY B 387 -2.26 -5.85 -16.31
CA GLY B 387 -1.99 -6.96 -15.38
C GLY B 387 -2.98 -8.11 -15.46
N PHE B 388 -3.72 -8.19 -16.55
CA PHE B 388 -4.72 -9.24 -16.73
C PHE B 388 -4.04 -10.60 -16.84
N SER B 389 -4.83 -11.61 -17.19
CA SER B 389 -4.30 -12.93 -17.28
C SER B 389 -5.09 -13.73 -18.30
N ILE B 390 -4.43 -14.74 -18.85
CA ILE B 390 -5.11 -15.70 -19.69
C ILE B 390 -5.89 -16.65 -18.79
N ASN B 391 -7.21 -16.52 -18.85
CA ASN B 391 -8.14 -17.35 -18.13
C ASN B 391 -9.36 -17.58 -18.98
N THR B 392 -10.08 -18.65 -18.68
CA THR B 392 -11.36 -18.89 -19.32
C THR B 392 -12.10 -17.60 -19.79
N LEU B 393 -12.06 -16.52 -19.01
CA LEU B 393 -12.90 -15.35 -19.34
C LEU B 393 -12.31 -14.39 -20.38
N THR B 394 -10.98 -14.17 -20.33
CA THR B 394 -10.30 -13.36 -21.36
C THR B 394 -10.14 -14.11 -22.70
N MET B 395 -9.94 -15.43 -22.61
CA MET B 395 -9.87 -16.25 -23.79
C MET B 395 -11.19 -16.32 -24.52
N PHE B 396 -12.29 -16.20 -23.81
CA PHE B 396 -13.58 -16.14 -24.50
C PHE B 396 -13.89 -14.73 -24.99
N GLY B 397 -13.27 -13.73 -24.40
CA GLY B 397 -13.16 -12.44 -25.10
C GLY B 397 -12.25 -12.75 -26.29
N MET B 398 -12.05 -11.80 -27.19
CA MET B 398 -11.14 -11.99 -28.36
C MET B 398 -11.44 -13.16 -29.33
N VAL B 399 -12.01 -14.25 -28.85
CA VAL B 399 -12.65 -15.22 -29.74
C VAL B 399 -14.17 -15.03 -29.69
N LEU B 400 -14.56 -13.77 -29.52
CA LEU B 400 -15.95 -13.36 -29.43
C LEU B 400 -15.91 -12.03 -30.07
N ALA B 401 -14.70 -11.69 -30.52
CA ALA B 401 -14.36 -10.42 -31.12
C ALA B 401 -13.90 -10.69 -32.53
N ILE B 402 -13.43 -11.91 -32.73
CA ILE B 402 -12.91 -12.41 -34.00
C ILE B 402 -13.73 -11.89 -35.20
N GLY B 403 -15.05 -11.84 -35.04
CA GLY B 403 -15.93 -11.25 -36.04
C GLY B 403 -15.60 -9.80 -36.35
N LEU B 404 -15.41 -9.01 -35.30
CA LEU B 404 -15.07 -7.59 -35.47
C LEU B 404 -13.62 -7.40 -35.92
N LEU B 405 -12.78 -8.40 -35.65
CA LEU B 405 -11.37 -8.38 -36.01
C LEU B 405 -11.14 -8.68 -37.50
N VAL B 406 -12.09 -9.38 -38.10
CA VAL B 406 -12.07 -9.61 -39.54
C VAL B 406 -12.80 -8.48 -40.26
N ASP B 407 -14.08 -8.19 -39.93
CA ASP B 407 -14.78 -7.09 -40.62
C ASP B 407 -13.87 -5.87 -40.76
N ASP B 408 -13.07 -5.58 -39.73
CA ASP B 408 -12.03 -4.56 -39.84
C ASP B 408 -11.08 -4.82 -41.03
N ALA B 409 -10.54 -6.04 -41.12
CA ALA B 409 -9.53 -6.40 -42.14
C ALA B 409 -10.11 -6.59 -43.53
N ILE B 410 -11.08 -7.50 -43.67
CA ILE B 410 -11.75 -7.77 -44.94
C ILE B 410 -12.10 -6.48 -45.66
N VAL B 411 -12.87 -5.62 -45.00
CA VAL B 411 -13.42 -4.41 -45.63
C VAL B 411 -12.39 -3.40 -46.18
N VAL B 412 -11.15 -3.44 -45.70
CA VAL B 412 -10.08 -2.66 -46.31
C VAL B 412 -9.70 -3.29 -47.65
N VAL B 413 -9.14 -4.52 -47.57
CA VAL B 413 -8.70 -5.29 -48.73
C VAL B 413 -9.76 -5.44 -49.80
N GLU B 414 -11.01 -5.56 -49.39
CA GLU B 414 -12.10 -5.63 -50.34
C GLU B 414 -12.32 -4.26 -50.95
N ASN B 415 -12.33 -3.20 -50.14
CA ASN B 415 -12.56 -1.87 -50.73
C ASN B 415 -11.44 -1.45 -51.67
N VAL B 416 -10.36 -2.24 -51.71
CA VAL B 416 -9.29 -2.01 -52.69
C VAL B 416 -9.62 -2.70 -54.03
N GLU B 417 -9.99 -4.00 -54.01
CA GLU B 417 -10.44 -4.74 -55.22
C GLU B 417 -11.59 -4.08 -55.95
N ARG B 418 -12.42 -3.37 -55.19
CA ARG B 418 -13.57 -2.68 -55.73
C ARG B 418 -13.18 -1.55 -56.67
N VAL B 419 -12.39 -0.58 -56.20
CA VAL B 419 -11.97 0.54 -57.06
C VAL B 419 -10.89 0.13 -58.06
N MET B 420 -10.14 -0.91 -57.70
CA MET B 420 -9.09 -1.46 -58.54
C MET B 420 -9.70 -2.44 -59.57
N ALA B 421 -10.85 -2.06 -60.14
CA ALA B 421 -11.59 -2.85 -61.14
C ALA B 421 -12.83 -2.08 -61.63
N GLU B 422 -13.06 -0.90 -61.05
CA GLU B 422 -14.20 -0.06 -61.42
C GLU B 422 -13.72 1.26 -62.06
N GLU B 423 -12.49 1.64 -61.72
CA GLU B 423 -11.79 2.73 -62.38
C GLU B 423 -10.44 2.20 -62.86
N GLY B 424 -10.15 0.95 -62.48
CA GLY B 424 -8.96 0.22 -62.92
C GLY B 424 -7.63 0.89 -62.66
N LEU B 425 -7.51 1.56 -61.52
CA LEU B 425 -6.26 2.20 -61.06
C LEU B 425 -5.20 1.14 -60.67
N PRO B 426 -3.93 1.54 -60.45
CA PRO B 426 -2.82 0.59 -60.20
C PRO B 426 -2.80 -0.05 -58.78
N PRO B 427 -1.66 -0.62 -58.34
CA PRO B 427 -1.64 -1.10 -56.96
C PRO B 427 -1.51 0.03 -55.93
N LYS B 428 -0.29 0.57 -55.77
CA LYS B 428 0.05 1.59 -54.76
C LYS B 428 -0.96 2.76 -54.68
N GLU B 429 -1.29 3.31 -55.84
CA GLU B 429 -2.08 4.53 -55.92
C GLU B 429 -3.59 4.29 -55.82
N ALA B 430 -4.02 3.05 -56.06
CA ALA B 430 -5.44 2.68 -55.98
C ALA B 430 -5.95 2.59 -54.54
N THR B 431 -5.02 2.30 -53.62
CA THR B 431 -5.33 2.09 -52.21
C THR B 431 -5.65 3.42 -51.49
N ARG B 432 -5.17 4.55 -52.01
CA ARG B 432 -5.72 5.86 -51.61
C ARG B 432 -7.09 5.96 -52.26
N LYS B 433 -7.93 6.89 -51.79
CA LYS B 433 -9.32 6.99 -52.28
C LYS B 433 -10.16 5.82 -51.79
N SER B 434 -9.61 4.60 -51.93
CA SER B 434 -10.17 3.42 -51.29
C SER B 434 -10.28 3.68 -49.79
N MET B 435 -9.20 4.19 -49.21
CA MET B 435 -9.12 4.50 -47.78
C MET B 435 -9.27 5.99 -47.50
N GLY B 436 -9.92 6.69 -48.42
CA GLY B 436 -10.43 8.02 -48.17
C GLY B 436 -11.95 7.91 -48.10
N GLN B 437 -12.48 6.82 -48.67
CA GLN B 437 -13.90 6.50 -48.56
C GLN B 437 -14.22 5.89 -47.19
N ILE B 438 -13.30 5.07 -46.68
CA ILE B 438 -13.50 4.37 -45.41
C ILE B 438 -12.88 5.04 -44.18
N GLN B 439 -11.91 5.95 -44.41
CA GLN B 439 -11.17 6.67 -43.35
C GLN B 439 -11.94 6.76 -42.01
N GLY B 440 -12.76 7.79 -41.88
CA GLY B 440 -13.54 8.05 -40.66
C GLY B 440 -14.80 7.21 -40.49
N ALA B 441 -15.03 6.28 -41.40
CA ALA B 441 -16.05 5.27 -41.19
C ALA B 441 -15.46 4.12 -40.38
N LEU B 442 -14.12 4.04 -40.32
CA LEU B 442 -13.43 3.12 -39.42
C LEU B 442 -13.12 3.79 -38.08
N VAL B 443 -12.75 5.07 -38.17
CA VAL B 443 -12.46 5.91 -37.01
C VAL B 443 -13.75 6.39 -36.33
N GLY B 444 -14.88 5.85 -36.76
CA GLY B 444 -16.16 6.03 -36.09
C GLY B 444 -16.57 4.67 -35.58
N ILE B 445 -16.26 3.63 -36.35
CA ILE B 445 -16.31 2.24 -35.86
C ILE B 445 -15.65 2.24 -34.49
N ALA B 446 -14.45 2.80 -34.44
CA ALA B 446 -13.69 2.97 -33.21
C ALA B 446 -14.56 3.56 -32.09
N MET B 447 -14.88 4.85 -32.20
CA MET B 447 -15.57 5.56 -31.11
C MET B 447 -16.96 5.02 -30.81
N VAL B 448 -17.65 4.51 -31.82
CA VAL B 448 -18.97 3.88 -31.60
C VAL B 448 -18.89 2.54 -30.85
N LEU B 449 -18.02 1.62 -31.30
CA LEU B 449 -17.88 0.32 -30.62
C LEU B 449 -17.24 0.42 -29.23
N SER B 450 -16.44 1.45 -29.01
CA SER B 450 -16.01 1.80 -27.67
C SER B 450 -17.24 1.94 -26.81
N ALA B 451 -18.14 2.82 -27.22
CA ALA B 451 -19.36 3.09 -26.48
C ALA B 451 -20.26 1.87 -26.24
N VAL B 452 -20.13 0.81 -27.05
CA VAL B 452 -20.97 -0.37 -26.88
C VAL B 452 -20.37 -1.38 -25.90
N PHE B 453 -19.06 -1.28 -25.66
CA PHE B 453 -18.34 -2.20 -24.78
C PHE B 453 -17.86 -1.56 -23.47
N VAL B 454 -17.02 -0.52 -23.55
CA VAL B 454 -16.52 0.16 -22.34
C VAL B 454 -17.51 0.26 -21.17
N PRO B 455 -18.73 0.80 -21.38
CA PRO B 455 -19.68 0.93 -20.28
C PRO B 455 -20.09 -0.41 -19.67
N MET B 456 -19.44 -1.48 -20.09
CA MET B 456 -19.61 -2.79 -19.46
C MET B 456 -18.63 -3.00 -18.32
N ALA B 457 -17.45 -2.41 -18.41
CA ALA B 457 -16.44 -2.58 -17.36
C ALA B 457 -16.71 -1.60 -16.22
N PHE B 458 -17.99 -1.44 -15.93
CA PHE B 458 -18.47 -0.44 -15.00
C PHE B 458 -19.54 -1.01 -14.06
N PHE B 459 -20.10 -2.17 -14.40
CA PHE B 459 -21.07 -2.85 -13.54
C PHE B 459 -20.47 -3.14 -12.17
N GLY B 460 -21.13 -2.67 -11.11
CA GLY B 460 -20.63 -2.92 -9.75
C GLY B 460 -20.64 -4.39 -9.37
N GLY B 461 -19.98 -4.72 -8.26
CA GLY B 461 -20.08 -6.04 -7.62
C GLY B 461 -19.23 -7.15 -8.22
N SER B 462 -19.62 -8.41 -7.99
CA SER B 462 -18.79 -9.53 -8.41
C SER B 462 -18.86 -9.77 -9.90
N THR B 463 -20.07 -9.99 -10.37
CA THR B 463 -20.37 -10.13 -11.79
C THR B 463 -19.77 -8.95 -12.56
N GLY B 464 -19.75 -7.79 -11.90
CA GLY B 464 -19.08 -6.62 -12.42
C GLY B 464 -17.69 -6.94 -12.94
N ALA B 465 -16.94 -7.75 -12.19
CA ALA B 465 -15.56 -8.11 -12.56
C ALA B 465 -15.46 -9.00 -13.80
N ILE B 466 -16.39 -9.95 -13.93
CA ILE B 466 -16.52 -10.75 -15.15
C ILE B 466 -16.62 -9.82 -16.35
N TYR B 467 -17.63 -8.94 -16.37
CA TYR B 467 -17.80 -7.97 -17.45
C TYR B 467 -16.56 -7.18 -17.82
N ARG B 468 -15.80 -6.73 -16.83
CA ARG B 468 -14.50 -6.11 -17.07
C ARG B 468 -13.63 -7.03 -17.90
N GLN B 469 -13.59 -8.32 -17.54
CA GLN B 469 -12.72 -9.33 -18.17
C GLN B 469 -12.89 -9.38 -19.66
N PHE B 470 -14.15 -9.42 -20.09
CA PHE B 470 -14.50 -9.26 -21.48
C PHE B 470 -14.23 -7.83 -21.93
N SER B 471 -15.08 -6.91 -21.46
CA SER B 471 -14.97 -5.47 -21.73
C SER B 471 -13.58 -4.91 -22.00
N ILE B 472 -12.54 -5.41 -21.33
CA ILE B 472 -11.21 -4.97 -21.70
C ILE B 472 -10.77 -5.73 -22.93
N THR B 473 -10.59 -7.05 -22.81
CA THR B 473 -10.24 -7.87 -23.97
C THR B 473 -10.83 -7.37 -25.31
N ILE B 474 -12.16 -7.25 -25.42
CA ILE B 474 -12.81 -6.76 -26.67
C ILE B 474 -12.28 -5.40 -27.14
N VAL B 475 -12.47 -4.35 -26.33
CA VAL B 475 -11.98 -2.99 -26.66
C VAL B 475 -10.47 -2.96 -26.94
N SER B 476 -9.74 -3.84 -26.28
CA SER B 476 -8.29 -3.91 -26.40
C SER B 476 -7.93 -4.51 -27.76
N ALA B 477 -8.58 -5.61 -28.10
CA ALA B 477 -8.42 -6.20 -29.43
C ALA B 477 -8.97 -5.26 -30.51
N MET B 478 -10.13 -4.66 -30.23
CA MET B 478 -10.87 -3.82 -31.19
C MET B 478 -10.09 -2.58 -31.63
N ALA B 479 -9.77 -1.68 -30.70
CA ALA B 479 -9.05 -0.44 -31.02
C ALA B 479 -7.67 -0.69 -31.60
N LEU B 480 -7.07 -1.80 -31.17
CA LEU B 480 -5.81 -2.24 -31.72
C LEU B 480 -6.00 -2.68 -33.19
N SER B 481 -7.19 -3.18 -33.53
CA SER B 481 -7.53 -3.52 -34.93
C SER B 481 -7.66 -2.29 -35.80
N VAL B 482 -8.59 -1.41 -35.44
CA VAL B 482 -8.81 -0.15 -36.16
C VAL B 482 -7.51 0.65 -36.33
N LEU B 483 -6.47 0.27 -35.60
CA LEU B 483 -5.13 0.79 -35.82
C LEU B 483 -4.41 0.03 -36.93
N VAL B 484 -4.36 -1.30 -36.79
CA VAL B 484 -3.74 -2.18 -37.77
C VAL B 484 -4.34 -1.91 -39.14
N ALA B 485 -5.65 -1.61 -39.15
CA ALA B 485 -6.32 -1.32 -40.40
C ALA B 485 -5.97 0.08 -40.90
N LEU B 486 -5.59 0.99 -40.01
CA LEU B 486 -5.15 2.30 -40.48
C LEU B 486 -3.69 2.31 -40.89
N ILE B 487 -2.95 1.28 -40.50
CA ILE B 487 -1.51 1.37 -40.66
C ILE B 487 -0.91 0.26 -41.51
N LEU B 488 -1.00 -0.97 -41.05
CA LEU B 488 -0.36 -2.07 -41.76
C LEU B 488 -1.15 -2.55 -42.98
N THR B 489 -2.47 -2.71 -42.84
CA THR B 489 -3.28 -3.21 -43.97
C THR B 489 -3.32 -2.29 -45.19
N PRO B 490 -3.56 -0.97 -45.03
CA PRO B 490 -3.46 -0.16 -46.26
C PRO B 490 -2.11 -0.40 -46.93
N ALA B 491 -1.03 -0.32 -46.15
CA ALA B 491 0.31 -0.64 -46.60
C ALA B 491 0.50 -2.08 -47.11
N LEU B 492 -0.36 -3.00 -46.70
CA LEU B 492 -0.24 -4.37 -47.22
C LEU B 492 -1.05 -4.64 -48.50
N CYS B 493 -2.21 -3.99 -48.60
CA CYS B 493 -2.98 -3.91 -49.84
C CYS B 493 -2.07 -3.50 -51.00
N ALA B 494 -1.57 -2.27 -50.92
CA ALA B 494 -0.80 -1.69 -52.00
C ALA B 494 0.65 -2.20 -52.05
N THR B 495 0.85 -3.52 -51.98
CA THR B 495 2.20 -4.13 -52.05
C THR B 495 2.23 -5.59 -52.47
N MET B 496 1.18 -6.34 -52.15
CA MET B 496 1.05 -7.72 -52.62
C MET B 496 -0.25 -7.89 -53.43
N LEU B 497 -0.70 -6.81 -54.06
CA LEU B 497 -2.00 -6.80 -54.73
C LEU B 497 -1.86 -6.37 -56.18
N LYS B 498 -1.64 -7.37 -57.04
CA LYS B 498 -1.48 -7.14 -58.47
C LYS B 498 -2.70 -6.44 -59.05
N PRO B 499 -2.48 -5.48 -59.99
CA PRO B 499 -3.60 -4.67 -60.47
C PRO B 499 -4.61 -5.52 -61.19
N ILE B 500 -5.82 -4.99 -61.30
CA ILE B 500 -6.90 -5.64 -62.02
C ILE B 500 -7.48 -4.57 -62.99
N ALA B 501 -7.65 -4.96 -64.25
CA ALA B 501 -8.05 -4.03 -65.31
C ALA B 501 -9.52 -3.69 -65.16
N LYS B 502 -9.86 -2.40 -65.29
CA LYS B 502 -11.24 -1.89 -65.21
C LYS B 502 -12.27 -2.89 -65.79
N GLY B 503 -12.81 -3.75 -64.93
CA GLY B 503 -13.82 -4.73 -65.33
C GLY B 503 -13.35 -6.18 -65.39
N ASP B 504 -12.11 -6.45 -64.99
CA ASP B 504 -11.53 -7.80 -65.03
C ASP B 504 -12.48 -8.86 -64.42
N HIS B 505 -13.24 -8.46 -63.40
CA HIS B 505 -14.25 -9.30 -62.70
C HIS B 505 -13.91 -10.79 -62.59
N GLY B 506 -13.89 -11.47 -63.73
CA GLY B 506 -13.78 -12.91 -63.79
C GLY B 506 -15.14 -13.46 -64.13
N GLU B 507 -15.87 -12.73 -64.96
CA GLU B 507 -17.19 -13.14 -65.45
C GLU B 507 -17.12 -14.20 -66.56
N GLY B 508 -15.91 -14.58 -66.96
CA GLY B 508 -15.66 -15.69 -67.86
C GLY B 508 -14.33 -16.34 -67.51
N LYS B 509 -14.38 -17.54 -66.93
CA LYS B 509 -13.13 -18.22 -66.53
C LYS B 509 -13.23 -19.72 -66.74
N LYS B 510 -12.05 -20.37 -66.85
CA LYS B 510 -11.92 -21.82 -67.06
C LYS B 510 -12.24 -22.71 -65.83
N GLY B 511 -13.13 -22.24 -64.97
CA GLY B 511 -13.55 -23.02 -63.80
C GLY B 511 -14.74 -22.45 -63.05
N PHE B 512 -14.92 -22.97 -61.84
CA PHE B 512 -15.96 -22.55 -60.91
C PHE B 512 -15.86 -21.05 -60.69
N PHE B 513 -14.64 -20.57 -60.50
CA PHE B 513 -14.35 -19.17 -60.18
C PHE B 513 -15.05 -18.19 -61.13
N GLY B 514 -15.12 -18.60 -62.41
CA GLY B 514 -15.94 -17.92 -63.40
C GLY B 514 -17.37 -17.90 -62.93
N TRP B 515 -18.00 -19.07 -62.95
CA TRP B 515 -19.40 -19.23 -62.53
C TRP B 515 -19.81 -18.40 -61.31
N PHE B 516 -18.88 -18.23 -60.37
CA PHE B 516 -19.16 -17.46 -59.16
C PHE B 516 -19.51 -16.02 -59.51
N ASN B 517 -18.53 -15.24 -59.97
CA ASN B 517 -18.80 -13.85 -60.38
C ASN B 517 -19.93 -13.73 -61.40
N ARG B 518 -20.10 -14.78 -62.21
CA ARG B 518 -21.24 -14.90 -63.14
C ARG B 518 -22.54 -14.88 -62.31
N MET B 519 -22.79 -15.95 -61.55
CA MET B 519 -24.03 -16.09 -60.78
C MET B 519 -24.12 -15.21 -59.55
N PHE B 520 -22.98 -14.67 -59.10
CA PHE B 520 -23.00 -13.63 -58.08
C PHE B 520 -23.54 -12.36 -58.72
N GLU B 521 -22.99 -12.00 -59.88
CA GLU B 521 -23.40 -10.81 -60.61
C GLU B 521 -24.89 -10.79 -60.97
N LYS B 522 -25.40 -11.96 -61.39
CA LYS B 522 -26.83 -12.16 -61.50
C LYS B 522 -27.49 -11.75 -60.18
N SER B 523 -27.04 -12.37 -59.09
CA SER B 523 -27.66 -12.22 -57.77
C SER B 523 -27.42 -10.86 -57.12
N THR B 524 -26.31 -10.20 -57.50
CA THR B 524 -26.06 -8.81 -57.11
C THR B 524 -27.22 -8.01 -57.66
N HIS B 525 -27.45 -8.15 -58.96
CA HIS B 525 -28.54 -7.48 -59.67
C HIS B 525 -29.91 -7.97 -59.16
N HIS B 526 -30.04 -9.29 -59.08
CA HIS B 526 -31.23 -9.98 -58.54
C HIS B 526 -31.74 -9.32 -57.24
N TYR B 527 -30.83 -8.71 -56.50
CA TYR B 527 -31.17 -8.14 -55.21
C TYR B 527 -31.25 -6.61 -55.19
N THR B 528 -30.35 -5.93 -55.92
CA THR B 528 -30.17 -4.46 -55.80
C THR B 528 -31.38 -3.62 -56.11
N ASP B 529 -32.19 -4.07 -57.07
CA ASP B 529 -33.42 -3.38 -57.44
C ASP B 529 -34.62 -4.03 -56.77
N SER B 530 -34.34 -5.09 -56.00
CA SER B 530 -35.28 -5.65 -55.05
C SER B 530 -35.40 -4.68 -53.86
N VAL B 531 -34.27 -4.15 -53.42
CA VAL B 531 -34.22 -2.99 -52.53
C VAL B 531 -34.97 -1.84 -53.21
N GLY B 532 -34.67 -1.63 -54.49
CA GLY B 532 -35.35 -0.62 -55.33
C GLY B 532 -36.87 -0.73 -55.26
N GLY B 533 -37.38 -1.94 -55.44
CA GLY B 533 -38.80 -2.23 -55.28
C GLY B 533 -39.35 -1.67 -53.99
N ILE B 534 -38.67 -2.00 -52.88
CA ILE B 534 -39.08 -1.54 -51.55
C ILE B 534 -39.26 -0.02 -51.47
N LEU B 535 -38.36 0.73 -52.12
CA LEU B 535 -38.20 2.17 -51.88
C LEU B 535 -39.41 3.09 -52.12
N ARG B 536 -40.29 2.73 -53.05
CA ARG B 536 -41.46 3.56 -53.38
C ARG B 536 -42.48 3.56 -52.23
N SER B 537 -43.09 2.41 -52.00
CA SER B 537 -43.94 2.21 -50.83
C SER B 537 -43.10 1.53 -49.77
N THR B 538 -42.67 2.31 -48.77
CA THR B 538 -41.79 1.83 -47.71
C THR B 538 -42.53 1.51 -46.41
N GLY B 539 -43.68 2.16 -46.21
CA GLY B 539 -44.51 1.98 -45.00
C GLY B 539 -45.04 0.57 -44.74
N ARG B 540 -44.99 -0.30 -45.75
CA ARG B 540 -45.30 -1.73 -45.56
C ARG B 540 -44.16 -2.35 -44.77
N TYR B 541 -42.94 -1.84 -44.96
CA TYR B 541 -41.73 -2.41 -44.35
C TYR B 541 -41.44 -1.95 -42.92
N LEU B 542 -41.65 -0.67 -42.63
CA LEU B 542 -41.63 -0.17 -41.26
C LEU B 542 -42.58 -0.93 -40.32
N VAL B 543 -43.55 -1.61 -40.92
CA VAL B 543 -44.47 -2.45 -40.17
C VAL B 543 -43.79 -3.77 -39.81
N LEU B 544 -42.94 -4.31 -40.70
CA LEU B 544 -42.13 -5.49 -40.37
C LEU B 544 -41.11 -5.15 -39.27
N TYR B 545 -40.53 -3.95 -39.34
CA TYR B 545 -39.65 -3.45 -38.28
C TYR B 545 -40.34 -3.34 -36.92
N LEU B 546 -41.41 -2.56 -36.86
CA LEU B 546 -42.19 -2.38 -35.64
C LEU B 546 -42.72 -3.71 -35.06
N ILE B 547 -42.76 -4.76 -35.89
CA ILE B 547 -43.15 -6.10 -35.45
C ILE B 547 -41.88 -6.98 -35.39
N ILE B 548 -40.74 -6.31 -35.30
CA ILE B 548 -39.49 -6.96 -34.90
C ILE B 548 -38.92 -6.25 -33.67
N VAL B 549 -39.12 -4.93 -33.60
CA VAL B 549 -38.86 -4.14 -32.37
C VAL B 549 -39.66 -4.74 -31.22
N VAL B 550 -40.84 -5.28 -31.55
CA VAL B 550 -41.65 -6.00 -30.58
C VAL B 550 -41.26 -7.48 -30.53
N GLY B 551 -40.80 -8.02 -31.66
CA GLY B 551 -40.33 -9.40 -31.76
C GLY B 551 -39.34 -9.78 -30.68
N MET B 552 -38.24 -9.01 -30.58
CA MET B 552 -37.32 -9.16 -29.46
C MET B 552 -38.04 -8.82 -28.15
N ALA B 553 -38.67 -7.65 -28.09
CA ALA B 553 -39.33 -7.22 -26.85
C ALA B 553 -40.36 -8.20 -26.31
N TYR B 554 -40.90 -9.07 -27.17
CA TYR B 554 -41.80 -10.12 -26.70
C TYR B 554 -40.98 -11.23 -26.10
N LEU B 555 -39.97 -11.70 -26.83
CA LEU B 555 -38.94 -12.56 -26.25
C LEU B 555 -38.14 -11.71 -25.29
N PHE B 556 -36.91 -12.13 -24.97
CA PHE B 556 -36.00 -11.34 -24.14
C PHE B 556 -36.47 -11.36 -22.69
N VAL B 557 -37.67 -10.83 -22.47
CA VAL B 557 -38.33 -10.83 -21.15
C VAL B 557 -38.88 -12.22 -20.85
N ARG B 558 -39.25 -12.94 -21.91
CA ARG B 558 -39.65 -14.32 -21.77
C ARG B 558 -38.42 -15.20 -21.52
N LEU B 559 -37.26 -14.80 -22.04
CA LEU B 559 -35.99 -15.53 -21.85
C LEU B 559 -35.51 -15.54 -20.39
N PRO B 560 -35.21 -16.75 -19.85
CA PRO B 560 -34.60 -16.90 -18.51
C PRO B 560 -33.12 -16.49 -18.44
N SER B 561 -32.69 -15.96 -17.30
CA SER B 561 -31.31 -15.53 -17.14
C SER B 561 -30.51 -16.43 -16.19
N SER B 562 -29.18 -16.35 -16.31
CA SER B 562 -28.28 -16.98 -15.37
C SER B 562 -26.92 -16.25 -15.45
N PHE B 563 -25.87 -16.90 -14.92
CA PHE B 563 -24.56 -16.29 -14.86
C PHE B 563 -23.54 -17.07 -15.69
N LEU B 564 -23.31 -18.32 -15.36
CA LEU B 564 -22.41 -19.15 -16.12
C LEU B 564 -22.89 -20.58 -16.16
N PRO B 565 -23.03 -21.12 -17.39
CA PRO B 565 -23.20 -22.55 -17.65
C PRO B 565 -22.19 -23.39 -16.88
N ASP B 566 -22.68 -24.50 -16.35
CA ASP B 566 -21.81 -25.48 -15.73
C ASP B 566 -20.97 -26.13 -16.81
N GLU B 567 -20.02 -26.98 -16.43
CA GLU B 567 -19.38 -27.84 -17.41
C GLU B 567 -19.13 -29.17 -16.73
N ASP B 568 -18.89 -30.21 -17.51
CA ASP B 568 -18.40 -31.47 -16.95
C ASP B 568 -16.95 -31.22 -16.59
N GLN B 569 -16.74 -30.83 -15.33
CA GLN B 569 -15.44 -30.35 -14.85
C GLN B 569 -14.48 -31.47 -14.46
N GLY B 570 -15.00 -32.70 -14.42
CA GLY B 570 -14.17 -33.89 -14.18
C GLY B 570 -14.47 -34.53 -12.84
N VAL B 571 -14.70 -33.67 -11.84
CA VAL B 571 -15.16 -34.13 -10.54
C VAL B 571 -16.59 -33.69 -10.31
N PHE B 572 -17.19 -34.32 -9.31
CA PHE B 572 -18.47 -33.93 -8.78
C PHE B 572 -18.59 -34.57 -7.39
N MET B 573 -19.55 -34.13 -6.59
CA MET B 573 -19.63 -34.63 -5.23
C MET B 573 -21.03 -34.94 -4.73
N THR B 574 -21.06 -35.81 -3.70
CA THR B 574 -22.26 -36.28 -3.03
C THR B 574 -22.30 -35.79 -1.59
N MET B 575 -23.42 -35.17 -1.23
CA MET B 575 -23.79 -34.81 0.15
C MET B 575 -24.21 -36.05 0.95
N VAL B 576 -24.24 -35.95 2.28
CA VAL B 576 -24.68 -37.04 3.15
C VAL B 576 -25.04 -36.43 4.48
N GLN B 577 -26.34 -36.47 4.84
CA GLN B 577 -26.83 -35.97 6.14
C GLN B 577 -27.63 -36.99 6.92
N LEU B 578 -26.98 -37.68 7.85
CA LEU B 578 -27.65 -38.57 8.81
C LEU B 578 -28.24 -37.59 9.83
N PRO B 579 -29.33 -37.95 10.51
CA PRO B 579 -30.02 -36.92 11.26
C PRO B 579 -29.46 -36.65 12.68
N ALA B 580 -30.00 -35.62 13.34
CA ALA B 580 -29.67 -35.25 14.72
C ALA B 580 -29.17 -36.38 15.61
N GLY B 581 -27.88 -36.41 15.89
CA GLY B 581 -27.43 -37.32 16.93
C GLY B 581 -26.73 -38.52 16.34
N ALA B 582 -26.86 -38.70 15.03
CA ALA B 582 -26.23 -39.83 14.35
C ALA B 582 -24.72 -39.74 14.51
N THR B 583 -24.04 -40.88 14.58
CA THR B 583 -22.62 -40.86 14.89
C THR B 583 -21.70 -41.21 13.74
N GLN B 584 -20.45 -40.79 13.91
CA GLN B 584 -19.35 -41.00 12.95
C GLN B 584 -19.43 -42.38 12.27
N GLU B 585 -19.52 -43.44 13.08
CA GLU B 585 -19.68 -44.78 12.55
C GLU B 585 -20.94 -44.96 11.70
N ARG B 586 -22.12 -44.66 12.24
CA ARG B 586 -23.35 -44.68 11.40
C ARG B 586 -23.15 -43.93 10.08
N THR B 587 -22.50 -42.76 10.14
CA THR B 587 -22.28 -41.96 8.93
C THR B 587 -21.37 -42.66 7.93
N GLN B 588 -20.31 -43.31 8.43
CA GLN B 588 -19.32 -43.97 7.59
C GLN B 588 -19.96 -45.07 6.76
N LYS B 589 -20.81 -45.87 7.43
CA LYS B 589 -21.60 -46.91 6.77
C LYS B 589 -22.25 -46.34 5.50
N VAL B 590 -22.93 -45.22 5.63
CA VAL B 590 -23.57 -44.60 4.49
C VAL B 590 -22.59 -44.17 3.41
N LEU B 591 -21.45 -43.61 3.79
CA LEU B 591 -20.49 -43.24 2.75
C LEU B 591 -20.06 -44.46 1.93
N ASN B 592 -19.80 -45.57 2.62
CA ASN B 592 -19.43 -46.81 1.98
C ASN B 592 -20.41 -47.21 0.87
N GLU B 593 -21.69 -47.26 1.21
CA GLU B 593 -22.67 -47.50 0.16
C GLU B 593 -22.46 -46.53 -1.02
N VAL B 594 -22.36 -45.23 -0.74
CA VAL B 594 -22.13 -44.26 -1.81
C VAL B 594 -20.84 -44.56 -2.56
N THR B 595 -19.82 -45.00 -1.86
CA THR B 595 -18.61 -45.35 -2.57
C THR B 595 -18.88 -46.57 -3.47
N HIS B 596 -19.85 -47.41 -3.07
CA HIS B 596 -20.18 -48.62 -3.82
C HIS B 596 -20.96 -48.26 -5.07
N TYR B 597 -22.13 -47.60 -4.91
CA TYR B 597 -22.93 -47.17 -6.07
C TYR B 597 -22.06 -46.55 -7.14
N TYR B 598 -21.02 -45.82 -6.76
CA TYR B 598 -20.08 -45.31 -7.76
C TYR B 598 -19.11 -46.38 -8.31
N LEU B 599 -18.42 -47.14 -7.44
CA LEU B 599 -17.42 -48.11 -7.91
C LEU B 599 -17.99 -49.41 -8.52
N THR B 600 -19.25 -49.35 -8.94
CA THR B 600 -19.91 -50.50 -9.51
C THR B 600 -20.87 -49.97 -10.51
N LYS B 601 -22.08 -49.69 -10.03
CA LYS B 601 -23.15 -49.21 -10.86
C LYS B 601 -22.53 -48.28 -11.90
N GLU B 602 -21.39 -47.64 -11.56
CA GLU B 602 -20.69 -46.63 -12.41
C GLU B 602 -19.27 -46.79 -12.97
N LYS B 603 -18.49 -47.84 -12.53
CA LYS B 603 -17.13 -47.98 -13.09
C LYS B 603 -17.35 -47.71 -14.57
N ASN B 604 -16.32 -47.24 -15.26
CA ASN B 604 -16.45 -46.71 -16.63
C ASN B 604 -16.54 -45.18 -16.62
N ASN B 605 -17.02 -44.63 -15.51
CA ASN B 605 -17.00 -43.19 -15.32
C ASN B 605 -16.22 -42.71 -14.10
N VAL B 606 -16.69 -43.06 -12.90
CA VAL B 606 -15.96 -42.77 -11.66
C VAL B 606 -14.54 -43.32 -11.74
N GLU B 607 -13.56 -42.47 -11.45
CA GLU B 607 -12.15 -42.85 -11.39
C GLU B 607 -11.74 -43.08 -9.96
N SER B 608 -12.43 -42.36 -9.05
CA SER B 608 -12.19 -42.47 -7.60
C SER B 608 -13.27 -41.79 -6.76
N VAL B 609 -13.35 -42.25 -5.50
CA VAL B 609 -14.18 -41.61 -4.48
C VAL B 609 -13.36 -41.21 -3.26
N PHE B 610 -13.19 -39.89 -3.10
CA PHE B 610 -12.69 -39.26 -1.89
C PHE B 610 -13.82 -38.92 -0.94
N ALA B 611 -13.95 -39.68 0.13
CA ALA B 611 -15.08 -39.44 1.02
C ALA B 611 -14.59 -39.01 2.37
N VAL B 612 -15.14 -37.87 2.78
CA VAL B 612 -14.76 -37.21 4.01
C VAL B 612 -15.92 -37.30 4.98
N ASN B 613 -15.68 -37.96 6.13
CA ASN B 613 -16.66 -38.28 7.18
C ASN B 613 -16.39 -37.39 8.36
N GLY B 614 -17.28 -36.46 8.63
CA GLY B 614 -17.07 -35.57 9.73
C GLY B 614 -17.21 -34.16 9.23
N PHE B 615 -16.61 -33.88 8.07
CA PHE B 615 -16.88 -32.62 7.40
C PHE B 615 -17.90 -32.77 6.28
N GLY B 616 -19.11 -32.31 6.56
CA GLY B 616 -20.09 -32.12 5.52
C GLY B 616 -19.89 -30.67 5.19
N PHE B 617 -20.56 -30.21 4.14
CA PHE B 617 -20.37 -28.84 3.68
C PHE B 617 -21.40 -27.85 4.23
N ALA B 618 -22.36 -28.35 5.03
CA ALA B 618 -23.18 -27.43 5.85
C ALA B 618 -22.87 -27.55 7.35
N GLY B 619 -21.75 -28.21 7.64
CA GLY B 619 -21.32 -28.35 9.03
C GLY B 619 -20.16 -29.29 9.27
N ARG B 620 -19.65 -29.22 10.49
CA ARG B 620 -18.74 -30.22 11.00
C ARG B 620 -19.55 -31.00 12.05
N GLY B 621 -19.85 -32.25 11.79
CA GLY B 621 -20.54 -33.11 12.75
C GLY B 621 -20.25 -34.58 12.47
N GLN B 622 -20.26 -35.40 13.53
CA GLN B 622 -20.28 -36.87 13.41
C GLN B 622 -21.39 -37.36 12.45
N ASN B 623 -22.46 -36.57 12.30
CA ASN B 623 -23.61 -37.00 11.54
C ASN B 623 -23.63 -36.52 10.09
N THR B 624 -22.53 -35.93 9.64
CA THR B 624 -22.48 -35.46 8.24
C THR B 624 -21.18 -35.82 7.51
N GLY B 625 -21.31 -36.08 6.20
CA GLY B 625 -20.16 -36.38 5.37
C GLY B 625 -20.23 -35.70 4.02
N ILE B 626 -19.17 -35.91 3.24
CA ILE B 626 -19.11 -35.52 1.85
C ILE B 626 -18.17 -36.46 1.13
N ALA B 627 -18.51 -36.74 -0.12
CA ALA B 627 -17.72 -37.64 -0.96
C ALA B 627 -17.31 -36.90 -2.20
N PHE B 628 -16.01 -36.95 -2.51
CA PHE B 628 -15.50 -36.29 -3.69
C PHE B 628 -15.17 -37.26 -4.81
N VAL B 629 -16.05 -37.31 -5.80
CA VAL B 629 -15.89 -38.25 -6.91
C VAL B 629 -15.19 -37.63 -8.11
N SER B 630 -14.04 -38.21 -8.41
CA SER B 630 -13.27 -37.83 -9.57
C SER B 630 -13.51 -38.87 -10.66
N LEU B 631 -13.71 -38.40 -11.89
CA LEU B 631 -14.08 -39.26 -13.01
C LEU B 631 -12.93 -39.59 -13.97
N LYS B 632 -13.19 -40.56 -14.86
CA LYS B 632 -12.25 -40.90 -15.92
C LYS B 632 -12.37 -39.83 -16.99
N ASP B 633 -11.33 -39.69 -17.81
CA ASP B 633 -11.22 -38.62 -18.84
C ASP B 633 -12.48 -38.39 -19.70
N TRP B 634 -12.73 -37.15 -20.12
CA TRP B 634 -13.81 -36.80 -21.07
C TRP B 634 -13.83 -37.75 -22.27
N ALA B 635 -12.65 -38.24 -22.66
CA ALA B 635 -12.45 -39.16 -23.79
C ALA B 635 -13.26 -40.43 -23.63
N ASP B 636 -13.17 -41.02 -22.44
CA ASP B 636 -13.82 -42.30 -22.12
C ASP B 636 -15.24 -42.14 -21.63
N ARG B 637 -15.80 -40.96 -21.81
CA ARG B 637 -17.11 -40.72 -21.24
C ARG B 637 -17.96 -40.01 -22.29
N PRO B 638 -18.35 -40.78 -23.34
CA PRO B 638 -19.04 -40.23 -24.50
C PRO B 638 -20.55 -40.20 -24.32
N GLY B 639 -21.16 -39.09 -24.74
CA GLY B 639 -22.62 -38.95 -24.81
C GLY B 639 -23.30 -38.61 -23.49
N GLU B 640 -24.28 -37.71 -23.57
CA GLU B 640 -25.08 -37.24 -22.42
C GLU B 640 -25.22 -38.20 -21.23
N GLU B 641 -24.95 -39.49 -21.45
CA GLU B 641 -25.10 -40.53 -20.42
C GLU B 641 -23.78 -40.91 -19.78
N ASN B 642 -22.73 -40.20 -20.15
CA ASN B 642 -21.43 -40.38 -19.51
C ASN B 642 -20.89 -39.04 -18.97
N LYS B 643 -21.59 -37.96 -19.31
CA LYS B 643 -21.29 -36.63 -18.76
C LYS B 643 -22.06 -36.49 -17.44
N VAL B 644 -22.08 -35.29 -16.87
CA VAL B 644 -22.45 -35.19 -15.46
C VAL B 644 -23.88 -34.88 -15.06
N GLU B 645 -24.59 -33.99 -15.75
CA GLU B 645 -26.00 -33.84 -15.38
C GLU B 645 -26.70 -35.21 -15.51
N ALA B 646 -26.05 -36.12 -16.25
CA ALA B 646 -26.47 -37.53 -16.37
C ALA B 646 -26.11 -38.39 -15.15
N ILE B 647 -24.81 -38.63 -14.91
CA ILE B 647 -24.38 -39.48 -13.78
C ILE B 647 -25.01 -39.04 -12.44
N THR B 648 -25.17 -37.72 -12.31
CA THR B 648 -25.89 -37.11 -11.19
C THR B 648 -27.28 -37.65 -11.04
N MET B 649 -28.04 -37.70 -12.13
CA MET B 649 -29.42 -38.19 -12.05
C MET B 649 -29.45 -39.60 -11.49
N ARG B 650 -28.67 -40.49 -12.12
CA ARG B 650 -28.62 -41.90 -11.75
C ARG B 650 -28.16 -42.16 -10.30
N ALA B 651 -27.57 -41.14 -9.67
CA ALA B 651 -27.19 -41.16 -8.25
C ALA B 651 -28.24 -40.51 -7.35
N THR B 652 -28.62 -39.26 -7.66
CA THR B 652 -29.63 -38.50 -6.90
C THR B 652 -30.95 -39.27 -6.89
N ARG B 653 -31.37 -39.74 -8.07
CA ARG B 653 -32.42 -40.74 -8.14
C ARG B 653 -32.04 -41.93 -7.26
N ALA B 654 -30.96 -42.61 -7.65
CA ALA B 654 -30.52 -43.86 -7.01
C ALA B 654 -30.44 -43.83 -5.48
N PHE B 655 -30.36 -42.63 -4.92
CA PHE B 655 -30.08 -42.49 -3.49
C PHE B 655 -31.33 -42.16 -2.67
N SER B 656 -32.45 -42.76 -3.04
CA SER B 656 -33.66 -42.64 -2.27
C SER B 656 -33.99 -44.00 -1.67
N GLN B 657 -33.20 -44.99 -2.03
CA GLN B 657 -33.21 -46.31 -1.40
C GLN B 657 -32.50 -46.32 -0.02
N ILE B 658 -31.91 -45.18 0.37
CA ILE B 658 -31.28 -45.01 1.69
C ILE B 658 -32.30 -44.41 2.64
N LYS B 659 -32.91 -45.30 3.42
CA LYS B 659 -34.01 -44.98 4.33
C LYS B 659 -33.62 -43.92 5.36
N ASP B 660 -32.55 -44.18 6.11
CA ASP B 660 -31.96 -43.20 6.98
C ASP B 660 -30.79 -42.56 6.25
N ALA B 661 -30.71 -41.23 6.32
CA ALA B 661 -29.65 -40.42 5.69
C ALA B 661 -30.13 -39.68 4.44
N MET B 662 -30.27 -38.36 4.55
CA MET B 662 -30.59 -37.51 3.40
C MET B 662 -29.33 -37.32 2.56
N VAL B 663 -29.37 -37.77 1.30
CA VAL B 663 -28.14 -37.98 0.53
C VAL B 663 -28.16 -37.52 -0.93
N PHE B 664 -28.00 -36.22 -1.22
CA PHE B 664 -28.02 -35.75 -2.61
C PHE B 664 -26.70 -35.41 -3.27
N ALA B 665 -26.33 -36.15 -4.33
CA ALA B 665 -25.24 -35.78 -5.28
C ALA B 665 -25.54 -34.52 -6.14
N PHE B 666 -24.51 -33.69 -6.38
CA PHE B 666 -24.61 -32.49 -7.25
C PHE B 666 -23.32 -31.97 -7.88
N ASN B 667 -23.48 -31.01 -8.79
CA ASN B 667 -22.41 -30.49 -9.64
C ASN B 667 -22.07 -29.03 -9.31
N LEU B 668 -20.76 -28.78 -9.25
CA LEU B 668 -20.15 -27.49 -8.87
C LEU B 668 -20.26 -26.49 -10.00
N PRO B 669 -20.50 -25.21 -9.67
CA PRO B 669 -20.67 -24.23 -10.76
C PRO B 669 -19.32 -23.91 -11.34
N ALA B 670 -19.28 -23.13 -12.42
CA ALA B 670 -17.99 -22.80 -13.02
C ALA B 670 -17.12 -22.06 -11.99
N ILE B 671 -17.53 -20.85 -11.62
CA ILE B 671 -16.91 -20.07 -10.57
C ILE B 671 -17.56 -20.52 -9.27
N VAL B 672 -16.75 -21.07 -8.35
CA VAL B 672 -17.28 -21.75 -7.14
C VAL B 672 -18.14 -20.84 -6.19
N GLU B 673 -17.86 -19.54 -6.20
CA GLU B 673 -18.56 -18.57 -5.37
C GLU B 673 -19.73 -17.90 -6.09
N LEU B 674 -20.12 -18.45 -7.24
CA LEU B 674 -21.25 -17.95 -8.05
C LEU B 674 -22.51 -17.83 -7.18
N GLY B 675 -23.00 -18.97 -6.70
CA GLY B 675 -24.27 -19.05 -6.01
C GLY B 675 -25.40 -19.01 -7.01
N THR B 676 -26.32 -19.97 -6.89
CA THR B 676 -27.54 -20.09 -7.72
C THR B 676 -27.94 -18.82 -8.49
N ALA B 677 -28.14 -18.98 -9.81
CA ALA B 677 -28.54 -17.89 -10.71
C ALA B 677 -29.82 -17.15 -10.26
N THR B 678 -30.67 -17.89 -9.54
CA THR B 678 -31.94 -17.37 -9.03
C THR B 678 -32.10 -17.44 -7.48
N GLY B 679 -31.02 -17.75 -6.76
CA GLY B 679 -31.08 -17.89 -5.31
C GLY B 679 -30.85 -16.61 -4.50
N PHE B 680 -31.73 -16.38 -3.52
CA PHE B 680 -31.56 -15.26 -2.59
C PHE B 680 -30.95 -15.74 -1.28
N ASP B 681 -30.43 -14.77 -0.50
CA ASP B 681 -29.73 -15.05 0.77
C ASP B 681 -30.18 -14.07 1.87
N PHE B 682 -30.90 -14.60 2.85
CA PHE B 682 -31.71 -13.79 3.74
C PHE B 682 -31.28 -14.07 5.15
N GLU B 683 -31.13 -13.00 5.93
CA GLU B 683 -30.72 -13.15 7.30
C GLU B 683 -31.83 -12.62 8.12
N LEU B 684 -32.21 -13.45 9.10
CA LEU B 684 -33.17 -13.09 10.12
C LEU B 684 -32.38 -12.73 11.35
N ILE B 685 -32.71 -11.60 11.95
CA ILE B 685 -31.81 -10.94 12.86
C ILE B 685 -32.51 -10.65 14.19
N ASP B 686 -31.81 -10.91 15.29
CA ASP B 686 -32.42 -10.67 16.60
C ASP B 686 -32.06 -9.26 17.02
N GLN B 687 -33.05 -8.36 17.01
CA GLN B 687 -32.73 -6.94 17.22
C GLN B 687 -33.15 -6.28 18.49
N ALA B 688 -33.45 -7.05 19.53
CA ALA B 688 -33.85 -6.47 20.81
C ALA B 688 -33.87 -7.53 21.88
N GLY B 689 -32.78 -8.29 21.92
CA GLY B 689 -32.51 -9.19 23.03
C GLY B 689 -33.35 -10.43 23.03
N LEU B 690 -33.99 -10.70 21.91
CA LEU B 690 -35.06 -11.71 21.86
C LEU B 690 -34.67 -13.10 22.32
N GLY B 691 -33.50 -13.56 21.95
CA GLY B 691 -33.06 -14.86 22.43
C GLY B 691 -33.35 -15.93 21.40
N HIS B 692 -32.66 -17.07 21.55
CA HIS B 692 -32.73 -18.12 20.55
C HIS B 692 -34.15 -18.53 20.25
N GLU B 693 -34.89 -18.95 21.30
CA GLU B 693 -36.23 -19.53 21.16
C GLU B 693 -37.12 -18.61 20.41
N LYS B 694 -37.19 -17.38 20.88
CA LYS B 694 -38.04 -16.46 20.22
C LYS B 694 -37.65 -16.28 18.75
N LEU B 695 -36.37 -16.30 18.43
CA LEU B 695 -35.98 -16.12 17.03
C LEU B 695 -36.39 -17.34 16.24
N THR B 696 -36.41 -18.48 16.92
CA THR B 696 -36.55 -19.74 16.24
C THR B 696 -37.96 -19.78 15.78
N GLN B 697 -38.88 -19.35 16.65
CA GLN B 697 -40.30 -19.08 16.30
C GLN B 697 -40.48 -18.13 15.12
N ALA B 698 -40.14 -16.87 15.32
CA ALA B 698 -40.04 -15.91 14.25
C ALA B 698 -39.66 -16.60 12.97
N ARG B 699 -38.58 -17.37 13.01
CA ARG B 699 -38.02 -17.94 11.79
C ARG B 699 -39.08 -18.79 11.13
N ASN B 700 -39.74 -19.59 11.96
CA ASN B 700 -40.70 -20.59 11.52
C ASN B 700 -41.94 -19.93 10.97
N GLN B 701 -42.49 -19.01 11.77
CA GLN B 701 -43.50 -18.11 11.25
C GLN B 701 -43.11 -17.80 9.80
N LEU B 702 -42.06 -17.00 9.62
CA LEU B 702 -41.71 -16.54 8.28
C LEU B 702 -41.51 -17.68 7.30
N LEU B 703 -40.96 -18.76 7.79
CA LEU B 703 -40.61 -19.87 6.94
C LEU B 703 -41.91 -20.63 6.55
N ALA B 704 -42.87 -20.73 7.48
CA ALA B 704 -44.19 -21.33 7.19
C ALA B 704 -45.00 -20.44 6.28
N GLU B 705 -45.17 -19.18 6.66
CA GLU B 705 -45.80 -18.19 5.83
C GLU B 705 -45.15 -18.11 4.44
N ALA B 706 -43.87 -18.43 4.37
CA ALA B 706 -43.16 -18.35 3.09
C ALA B 706 -43.59 -19.49 2.20
N ALA B 707 -43.60 -20.70 2.75
CA ALA B 707 -43.83 -21.91 1.95
C ALA B 707 -45.30 -22.10 1.49
N LYS B 708 -46.17 -21.14 1.82
CA LYS B 708 -47.58 -21.11 1.33
C LYS B 708 -47.83 -20.08 0.21
N HIS B 709 -46.78 -19.78 -0.55
CA HIS B 709 -46.88 -18.99 -1.75
C HIS B 709 -46.01 -19.70 -2.80
N PRO B 710 -46.31 -20.98 -3.11
CA PRO B 710 -45.48 -21.67 -4.13
C PRO B 710 -45.54 -21.00 -5.51
N ASP B 711 -46.54 -20.14 -5.69
CA ASP B 711 -46.68 -19.29 -6.86
C ASP B 711 -45.40 -18.53 -7.13
N MET B 712 -44.73 -18.09 -6.06
CA MET B 712 -43.52 -17.26 -6.17
C MET B 712 -42.64 -17.39 -4.92
N LEU B 713 -41.72 -18.36 -4.93
CA LEU B 713 -40.86 -18.74 -3.79
C LEU B 713 -40.83 -20.27 -3.64
N THR B 714 -39.71 -20.89 -3.98
CA THR B 714 -39.57 -22.34 -3.85
C THR B 714 -38.33 -22.73 -3.06
N SER B 715 -38.51 -23.66 -2.12
CA SER B 715 -37.39 -24.19 -1.31
C SER B 715 -36.86 -23.18 -0.30
N VAL B 716 -37.75 -22.31 0.19
CA VAL B 716 -37.38 -21.41 1.27
C VAL B 716 -37.01 -22.28 2.47
N ARG B 717 -35.71 -22.45 2.71
CA ARG B 717 -35.22 -23.29 3.80
C ARG B 717 -34.26 -22.53 4.73
N PRO B 718 -34.13 -23.00 5.99
CA PRO B 718 -33.09 -22.54 6.89
C PRO B 718 -31.78 -23.20 6.53
N ASN B 719 -30.70 -22.42 6.48
CA ASN B 719 -29.38 -22.92 6.13
C ASN B 719 -28.62 -23.55 7.28
N GLY B 720 -28.92 -23.11 8.50
CA GLY B 720 -28.33 -23.74 9.68
C GLY B 720 -28.98 -25.04 10.17
N LEU B 721 -28.80 -25.31 11.47
CA LEU B 721 -29.21 -26.54 12.15
C LEU B 721 -30.35 -26.41 13.15
N GLU B 722 -31.06 -27.52 13.32
CA GLU B 722 -32.14 -27.62 14.28
C GLU B 722 -31.70 -27.95 15.69
N ASP B 723 -32.43 -27.47 16.68
CA ASP B 723 -32.02 -27.63 18.06
C ASP B 723 -31.96 -29.09 18.40
N THR B 724 -31.12 -29.46 19.35
CA THR B 724 -31.05 -30.88 19.64
C THR B 724 -30.81 -31.24 21.11
N PRO B 725 -30.91 -32.50 21.44
CA PRO B 725 -30.77 -32.72 22.85
C PRO B 725 -29.32 -32.88 23.32
N GLN B 726 -29.11 -32.49 24.58
CA GLN B 726 -27.83 -32.34 25.20
C GLN B 726 -28.00 -32.58 26.67
N PHE B 727 -26.96 -33.16 27.26
CA PHE B 727 -26.98 -33.78 28.56
C PHE B 727 -26.26 -32.86 29.48
N LYS B 728 -27.00 -32.24 30.38
CA LYS B 728 -26.45 -31.17 31.20
C LYS B 728 -26.10 -31.66 32.60
N ILE B 729 -24.82 -31.55 32.96
CA ILE B 729 -24.35 -32.08 34.23
C ILE B 729 -24.13 -31.04 35.30
N ASP B 730 -25.19 -30.34 35.64
CA ASP B 730 -25.28 -29.32 36.71
C ASP B 730 -24.69 -29.70 38.13
N ILE B 731 -23.77 -28.89 38.63
CA ILE B 731 -23.09 -29.11 39.93
C ILE B 731 -23.78 -28.40 41.07
N ASP B 732 -24.04 -29.12 42.16
CA ASP B 732 -24.44 -28.45 43.40
C ASP B 732 -23.21 -27.88 44.09
N GLN B 733 -23.21 -26.54 44.24
CA GLN B 733 -22.08 -25.79 44.81
C GLN B 733 -21.86 -26.09 46.29
N GLU B 734 -22.86 -25.72 47.09
CA GLU B 734 -22.95 -26.11 48.51
C GLU B 734 -22.33 -27.50 48.77
N LYS B 735 -22.93 -28.51 48.13
CA LYS B 735 -22.51 -29.91 48.24
C LYS B 735 -21.00 -30.03 48.10
N ALA B 736 -20.44 -29.52 47.01
CA ALA B 736 -19.01 -29.60 46.78
C ALA B 736 -18.19 -28.99 47.93
N GLN B 737 -18.64 -27.81 48.40
CA GLN B 737 -18.02 -27.12 49.54
C GLN B 737 -17.86 -28.13 50.70
N ALA B 738 -18.98 -28.47 51.35
CA ALA B 738 -19.07 -29.54 52.39
C ALA B 738 -18.04 -30.65 52.24
N LEU B 739 -18.05 -31.32 51.09
CA LEU B 739 -17.22 -32.50 50.93
C LEU B 739 -15.73 -32.13 50.78
N GLY B 740 -15.45 -30.86 50.55
CA GLY B 740 -14.08 -30.39 50.35
C GLY B 740 -13.63 -30.65 48.93
N VAL B 741 -14.51 -30.37 47.97
CA VAL B 741 -14.21 -30.64 46.57
C VAL B 741 -14.21 -29.36 45.74
N SER B 742 -13.04 -28.97 45.23
CA SER B 742 -12.87 -27.69 44.53
C SER B 742 -13.50 -27.72 43.15
N ILE B 743 -14.44 -26.81 42.90
CA ILE B 743 -15.00 -26.66 41.57
C ILE B 743 -14.00 -26.89 40.43
N ASN B 744 -12.87 -26.18 40.43
CA ASN B 744 -11.91 -26.31 39.33
C ASN B 744 -11.37 -27.74 39.19
N ASP B 745 -11.19 -28.41 40.32
CA ASP B 745 -10.80 -29.82 40.32
C ASP B 745 -11.88 -30.68 39.63
N ILE B 746 -13.12 -30.58 40.14
CA ILE B 746 -14.30 -31.13 39.47
C ILE B 746 -14.25 -30.87 37.99
N ASN B 747 -14.27 -29.59 37.63
CA ASN B 747 -14.38 -29.18 36.26
C ASN B 747 -13.36 -29.83 35.37
N THR B 748 -12.09 -29.55 35.62
CA THR B 748 -11.12 -30.05 34.66
C THR B 748 -11.13 -31.59 34.62
N THR B 749 -11.32 -32.27 35.75
CA THR B 749 -11.50 -33.71 35.73
C THR B 749 -12.50 -34.18 34.66
N LEU B 750 -13.72 -33.64 34.74
CA LEU B 750 -14.73 -33.96 33.77
C LEU B 750 -14.30 -33.51 32.39
N GLY B 751 -13.90 -32.24 32.30
CA GLY B 751 -13.55 -31.65 31.00
C GLY B 751 -12.48 -32.46 30.29
N ALA B 752 -11.38 -32.72 31.00
CA ALA B 752 -10.24 -33.52 30.55
C ALA B 752 -10.70 -34.88 30.07
N ALA B 753 -11.40 -35.61 30.97
CA ALA B 753 -11.91 -36.92 30.62
C ALA B 753 -12.69 -36.86 29.33
N TRP B 754 -13.71 -36.00 29.29
CA TRP B 754 -14.68 -36.08 28.25
C TRP B 754 -14.41 -35.27 27.03
N GLY B 755 -13.52 -34.28 27.15
CA GLY B 755 -13.26 -33.32 26.08
C GLY B 755 -11.86 -33.45 25.59
N GLY B 756 -10.96 -33.79 26.51
CA GLY B 756 -9.56 -33.85 26.14
C GLY B 756 -8.97 -32.53 26.45
N SER B 757 -7.66 -32.48 26.53
CA SER B 757 -6.95 -31.29 26.89
C SER B 757 -5.57 -31.46 26.37
N TYR B 758 -5.20 -30.59 25.43
CA TYR B 758 -3.82 -30.27 25.03
C TYR B 758 -2.97 -29.81 26.25
N VAL B 759 -1.88 -30.52 26.54
CA VAL B 759 -1.16 -30.24 27.77
C VAL B 759 0.02 -29.33 27.50
N ASN B 760 0.95 -29.81 26.68
CA ASN B 760 2.09 -29.02 26.27
C ASN B 760 2.66 -29.67 25.04
N ASP B 761 3.90 -29.35 24.72
CA ASP B 761 4.51 -29.96 23.56
C ASP B 761 5.62 -30.91 23.91
N PHE B 762 5.96 -31.78 22.96
CA PHE B 762 7.14 -32.59 23.02
C PHE B 762 7.77 -32.66 21.65
N ILE B 763 8.91 -33.32 21.55
CA ILE B 763 9.64 -33.35 20.29
C ILE B 763 9.80 -34.77 19.77
N ASP B 764 9.26 -34.99 18.57
CA ASP B 764 9.21 -36.30 17.93
C ASP B 764 9.97 -36.25 16.62
N ARG B 765 11.16 -36.86 16.60
CA ARG B 765 11.97 -36.95 15.38
C ARG B 765 12.28 -35.56 14.82
N GLY B 766 12.80 -34.74 15.74
CA GLY B 766 13.18 -33.35 15.46
C GLY B 766 12.00 -32.45 15.11
N ARG B 767 10.82 -32.78 15.64
CA ARG B 767 9.58 -32.05 15.34
C ARG B 767 8.72 -31.81 16.57
N VAL B 768 8.49 -30.54 16.88
CA VAL B 768 7.62 -30.20 17.99
C VAL B 768 6.18 -30.59 17.65
N LYS B 769 5.49 -31.16 18.64
CA LYS B 769 4.19 -31.78 18.44
C LYS B 769 3.41 -31.77 19.74
N LYS B 770 2.08 -31.73 19.63
CA LYS B 770 1.20 -31.54 20.79
C LYS B 770 1.13 -32.80 21.66
N VAL B 771 0.62 -32.65 22.87
CA VAL B 771 0.45 -33.75 23.81
C VAL B 771 -0.94 -33.52 24.38
N TYR B 772 -1.82 -34.51 24.22
CA TYR B 772 -3.22 -34.40 24.70
C TYR B 772 -3.52 -35.54 25.72
N VAL B 773 -4.19 -35.21 26.81
CA VAL B 773 -4.68 -36.24 27.69
C VAL B 773 -6.19 -36.27 27.54
N MET B 774 -6.76 -37.47 27.50
CA MET B 774 -8.19 -37.61 27.42
C MET B 774 -8.56 -39.05 27.74
N SER B 775 -9.58 -39.27 28.60
CA SER B 775 -10.16 -40.62 28.83
C SER B 775 -10.23 -41.59 27.64
N GLU B 776 -9.76 -42.84 27.84
CA GLU B 776 -9.93 -43.89 26.83
C GLU B 776 -11.39 -43.95 26.48
N ALA B 777 -11.73 -44.25 25.23
CA ALA B 777 -13.12 -44.06 24.74
C ALA B 777 -14.23 -44.88 25.44
N LYS B 778 -13.82 -45.99 26.10
CA LYS B 778 -14.75 -46.87 26.80
C LYS B 778 -15.34 -46.27 28.09
N TYR B 779 -14.60 -45.39 28.75
CA TYR B 779 -15.09 -44.75 29.95
C TYR B 779 -15.73 -43.39 29.69
N ARG B 780 -15.98 -43.06 28.42
CA ARG B 780 -16.55 -41.75 28.11
C ARG B 780 -17.58 -41.73 26.99
N MET B 781 -18.46 -42.74 26.98
CA MET B 781 -19.40 -42.90 25.87
C MET B 781 -20.85 -42.57 26.18
N LEU B 782 -21.33 -42.96 27.36
CA LEU B 782 -22.73 -42.74 27.73
C LEU B 782 -22.90 -42.09 29.10
N PRO B 783 -24.08 -41.48 29.36
CA PRO B 783 -24.27 -40.84 30.67
C PRO B 783 -23.93 -41.73 31.87
N ASP B 784 -24.19 -43.03 31.76
CA ASP B 784 -23.94 -43.95 32.87
C ASP B 784 -22.44 -44.06 33.19
N ASP B 785 -21.59 -43.75 32.20
CA ASP B 785 -20.13 -43.80 32.37
C ASP B 785 -19.64 -42.76 33.37
N ILE B 786 -20.42 -41.69 33.60
CA ILE B 786 -20.01 -40.64 34.55
C ILE B 786 -19.60 -41.40 35.82
N GLY B 787 -20.47 -42.33 36.24
CA GLY B 787 -20.22 -43.17 37.41
C GLY B 787 -18.75 -43.41 37.74
N ASP B 788 -17.97 -43.80 36.73
CA ASP B 788 -16.57 -44.21 36.87
C ASP B 788 -15.58 -43.15 37.40
N TRP B 789 -15.97 -41.87 37.32
CA TRP B 789 -15.03 -40.77 37.53
C TRP B 789 -15.03 -40.17 38.93
N TYR B 790 -13.91 -40.35 39.61
CA TYR B 790 -13.76 -39.82 40.94
C TYR B 790 -12.84 -38.61 40.94
N VAL B 791 -13.33 -37.56 41.58
CA VAL B 791 -12.53 -36.39 41.96
C VAL B 791 -11.95 -36.59 43.39
N ARG B 792 -10.88 -35.90 43.74
CA ARG B 792 -10.34 -36.01 45.10
C ARG B 792 -10.65 -34.78 45.96
N ALA B 793 -11.08 -35.02 47.19
CA ALA B 793 -11.46 -33.93 48.09
C ALA B 793 -10.30 -33.41 48.94
N ALA B 794 -10.58 -32.33 49.69
CA ALA B 794 -9.62 -31.62 50.55
C ALA B 794 -8.76 -32.54 51.39
N ASP B 795 -9.39 -33.61 51.89
CA ASP B 795 -8.82 -34.54 52.88
C ASP B 795 -8.35 -35.90 52.31
N GLY B 796 -8.08 -35.96 51.01
CA GLY B 796 -7.54 -37.17 50.39
C GLY B 796 -8.52 -38.29 50.05
N GLN B 797 -9.82 -38.04 50.18
CA GLN B 797 -10.85 -39.03 49.87
C GLN B 797 -11.35 -38.95 48.44
N MET B 798 -11.52 -40.10 47.79
CA MET B 798 -11.99 -40.16 46.40
C MET B 798 -13.51 -40.11 46.31
N VAL B 799 -14.05 -39.19 45.50
CA VAL B 799 -15.50 -38.83 45.53
C VAL B 799 -16.16 -38.79 44.14
N PRO B 800 -17.34 -39.42 44.00
CA PRO B 800 -17.96 -39.54 42.68
C PRO B 800 -19.06 -38.48 42.41
N PHE B 801 -19.27 -38.17 41.13
CA PHE B 801 -20.12 -37.04 40.72
C PHE B 801 -21.53 -37.02 41.31
N SER B 802 -22.08 -38.22 41.56
CA SER B 802 -23.38 -38.38 42.22
C SER B 802 -23.38 -37.73 43.61
N ALA B 803 -22.17 -37.61 44.18
CA ALA B 803 -21.96 -36.97 45.48
C ALA B 803 -22.39 -35.52 45.47
N PHE B 804 -22.11 -34.86 44.35
CA PHE B 804 -22.17 -33.41 44.27
C PHE B 804 -22.72 -32.78 42.98
N SER B 805 -23.51 -33.54 42.22
CA SER B 805 -24.01 -33.12 40.90
C SER B 805 -25.19 -33.98 40.47
N SER B 806 -25.90 -33.52 39.44
CA SER B 806 -27.06 -34.22 38.88
C SER B 806 -27.15 -33.98 37.41
N SER B 807 -27.74 -34.93 36.70
CA SER B 807 -27.81 -34.83 35.25
C SER B 807 -29.25 -34.48 34.82
N ARG B 808 -29.46 -34.19 33.54
CA ARG B 808 -30.78 -33.86 32.99
C ARG B 808 -30.70 -33.49 31.51
N TRP B 809 -31.59 -34.02 30.68
CA TRP B 809 -31.50 -33.71 29.25
C TRP B 809 -32.17 -32.38 28.90
N GLU B 810 -31.75 -31.74 27.81
CA GLU B 810 -32.36 -30.49 27.30
C GLU B 810 -32.04 -30.13 25.84
N TYR B 811 -32.71 -29.10 25.33
CA TYR B 811 -32.43 -28.67 23.96
C TYR B 811 -31.19 -27.74 23.75
N GLY B 812 -30.74 -27.60 22.51
CA GLY B 812 -29.39 -27.18 22.30
C GLY B 812 -29.09 -26.08 21.34
N SER B 813 -29.37 -26.31 20.07
CA SER B 813 -28.67 -25.58 19.01
C SER B 813 -27.18 -25.94 18.98
N PRO B 814 -26.82 -26.76 18.02
CA PRO B 814 -25.43 -27.07 18.01
C PRO B 814 -24.69 -26.12 17.07
N ARG B 815 -25.39 -25.16 16.50
CA ARG B 815 -24.74 -24.18 15.64
C ARG B 815 -25.44 -22.84 15.91
N LEU B 816 -24.67 -21.78 16.16
CA LEU B 816 -25.28 -20.50 16.44
C LEU B 816 -24.78 -19.47 15.44
N GLU B 817 -25.73 -18.88 14.70
CA GLU B 817 -25.43 -17.93 13.61
C GLU B 817 -25.59 -16.45 13.99
N ARG B 818 -24.68 -15.62 13.47
CA ARG B 818 -24.72 -14.22 13.76
C ARG B 818 -24.30 -13.44 12.54
N TYR B 819 -25.14 -12.45 12.27
CA TYR B 819 -24.92 -11.50 11.22
C TYR B 819 -24.69 -10.13 11.84
N ASN B 820 -23.80 -9.38 11.22
CA ASN B 820 -23.28 -8.13 11.74
C ASN B 820 -23.21 -8.02 13.26
N GLY B 821 -22.70 -9.08 13.90
CA GLY B 821 -22.58 -9.08 15.36
C GLY B 821 -23.80 -9.39 16.20
N LEU B 822 -25.03 -9.18 15.67
CA LEU B 822 -26.29 -9.69 16.31
C LEU B 822 -26.67 -11.13 15.91
N PRO B 823 -27.37 -11.89 16.79
CA PRO B 823 -27.68 -13.28 16.42
C PRO B 823 -28.67 -13.36 15.29
N SER B 824 -28.46 -14.33 14.42
CA SER B 824 -29.21 -14.37 13.21
C SER B 824 -29.50 -15.79 12.79
N MET B 825 -30.22 -15.91 11.68
CA MET B 825 -30.58 -17.19 11.11
C MET B 825 -30.66 -17.07 9.59
N GLU B 826 -29.92 -17.96 8.90
CA GLU B 826 -29.77 -17.86 7.45
C GLU B 826 -30.87 -18.63 6.78
N ILE B 827 -31.62 -17.87 5.99
CA ILE B 827 -32.74 -18.35 5.20
C ILE B 827 -32.34 -18.28 3.73
N LEU B 828 -32.40 -19.41 3.06
CA LEU B 828 -32.17 -19.52 1.62
C LEU B 828 -33.47 -19.84 0.88
N GLY B 829 -33.48 -19.61 -0.43
CA GLY B 829 -34.58 -20.04 -1.29
C GLY B 829 -34.47 -19.37 -2.64
N GLN B 830 -35.36 -19.74 -3.56
CA GLN B 830 -35.41 -19.11 -4.90
C GLN B 830 -36.78 -18.61 -5.30
N ALA B 831 -36.80 -17.69 -6.26
CA ALA B 831 -38.02 -17.21 -6.88
C ALA B 831 -38.62 -18.38 -7.67
N ALA B 832 -39.95 -18.55 -7.58
CA ALA B 832 -40.60 -19.77 -8.09
C ALA B 832 -40.62 -19.85 -9.62
N PRO B 833 -40.48 -21.08 -10.16
CA PRO B 833 -40.25 -21.25 -11.60
C PRO B 833 -41.17 -20.32 -12.36
N GLY B 834 -40.59 -19.30 -13.00
CA GLY B 834 -41.37 -18.29 -13.69
C GLY B 834 -41.02 -16.86 -13.33
N LYS B 835 -40.74 -16.61 -12.04
CA LYS B 835 -40.43 -15.24 -11.56
C LYS B 835 -38.94 -14.83 -11.52
N SER B 836 -38.70 -13.58 -11.15
CA SER B 836 -37.36 -12.99 -11.11
C SER B 836 -36.81 -13.02 -9.69
N THR B 837 -35.48 -13.18 -9.54
CA THR B 837 -34.86 -13.17 -8.20
C THR B 837 -35.30 -11.93 -7.41
N GLY B 838 -35.52 -10.83 -8.11
CA GLY B 838 -35.96 -9.57 -7.51
C GLY B 838 -37.37 -9.59 -6.98
N GLU B 839 -38.22 -10.43 -7.55
CA GLU B 839 -39.59 -10.41 -7.12
C GLU B 839 -39.71 -11.20 -5.83
N ALA B 840 -39.07 -12.37 -5.82
CA ALA B 840 -38.92 -13.16 -4.61
C ALA B 840 -38.47 -12.26 -3.45
N MET B 841 -37.32 -11.61 -3.65
CA MET B 841 -36.77 -10.68 -2.67
C MET B 841 -37.89 -9.83 -2.12
N GLU B 842 -38.46 -9.05 -3.02
CA GLU B 842 -39.57 -8.13 -2.76
C GLU B 842 -40.67 -8.75 -1.88
N LEU B 843 -41.04 -9.98 -2.19
CA LEU B 843 -42.08 -10.63 -1.41
C LEU B 843 -41.56 -10.94 0.00
N MET B 844 -40.47 -11.72 0.08
CA MET B 844 -39.80 -12.10 1.35
C MET B 844 -39.76 -10.96 2.36
N GLU B 845 -39.34 -9.78 1.89
CA GLU B 845 -39.29 -8.58 2.70
C GLU B 845 -40.65 -8.25 3.28
N GLN B 846 -41.69 -8.42 2.47
CA GLN B 846 -43.05 -8.12 2.89
C GLN B 846 -43.57 -9.13 3.90
N LEU B 847 -43.30 -10.42 3.65
CA LEU B 847 -43.54 -11.47 4.66
C LEU B 847 -42.78 -11.24 5.98
N ALA B 848 -41.57 -10.70 5.87
CA ALA B 848 -40.72 -10.49 7.05
C ALA B 848 -41.24 -9.33 7.90
N SER B 849 -41.60 -8.24 7.23
CA SER B 849 -42.19 -7.07 7.88
C SER B 849 -43.36 -7.37 8.82
N LYS B 850 -43.91 -8.58 8.71
CA LYS B 850 -45.05 -8.97 9.53
C LYS B 850 -44.75 -9.82 10.78
N LEU B 851 -43.48 -9.99 11.10
CA LEU B 851 -43.06 -10.83 12.23
C LEU B 851 -43.16 -10.13 13.61
N PRO B 852 -42.91 -10.85 14.74
CA PRO B 852 -42.98 -10.16 16.06
C PRO B 852 -41.94 -9.04 16.12
N THR B 853 -42.20 -8.02 16.93
CA THR B 853 -41.28 -6.86 16.97
C THR B 853 -39.95 -7.25 17.58
N GLY B 854 -38.89 -6.62 17.09
CA GLY B 854 -37.55 -6.96 17.55
C GLY B 854 -36.88 -7.96 16.63
N VAL B 855 -37.58 -8.32 15.56
CA VAL B 855 -37.09 -9.23 14.55
C VAL B 855 -36.81 -8.43 13.29
N GLY B 856 -35.60 -8.57 12.77
CA GLY B 856 -35.18 -7.78 11.65
C GLY B 856 -34.64 -8.72 10.61
N TYR B 857 -34.40 -8.17 9.42
CA TYR B 857 -33.91 -8.95 8.31
C TYR B 857 -32.84 -8.20 7.56
N ASP B 858 -32.09 -8.90 6.75
CA ASP B 858 -31.11 -8.21 5.96
C ASP B 858 -30.65 -9.21 4.94
N TRP B 859 -30.28 -8.72 3.76
CA TRP B 859 -29.81 -9.54 2.67
C TRP B 859 -28.29 -9.62 2.65
N THR B 860 -27.76 -10.75 2.18
CA THR B 860 -26.33 -10.90 1.98
C THR B 860 -25.85 -11.65 0.72
N GLY B 861 -24.53 -11.77 0.57
CA GLY B 861 -23.95 -12.61 -0.48
C GLY B 861 -24.44 -12.20 -1.82
N MET B 862 -24.53 -13.14 -2.75
CA MET B 862 -25.21 -12.93 -4.04
C MET B 862 -26.30 -11.85 -3.92
N SER B 863 -27.26 -12.09 -3.02
CA SER B 863 -28.43 -11.24 -2.93
C SER B 863 -28.12 -9.85 -2.35
N TYR B 864 -26.91 -9.67 -1.85
CA TYR B 864 -26.48 -8.35 -1.35
C TYR B 864 -25.86 -7.58 -2.49
N GLN B 865 -24.90 -8.22 -3.17
CA GLN B 865 -24.38 -7.77 -4.46
C GLN B 865 -25.57 -7.26 -5.27
N GLU B 866 -26.47 -8.17 -5.70
CA GLU B 866 -27.64 -7.79 -6.51
C GLU B 866 -28.42 -6.61 -5.93
N ARG B 867 -28.84 -6.67 -4.67
CA ARG B 867 -29.59 -5.54 -4.08
C ARG B 867 -28.89 -4.20 -4.36
N LEU B 868 -27.55 -4.15 -4.29
CA LEU B 868 -26.82 -2.90 -4.57
C LEU B 868 -26.59 -2.63 -6.06
N SER B 869 -25.84 -3.50 -6.73
CA SER B 869 -25.26 -3.20 -8.04
C SER B 869 -25.91 -3.80 -9.30
N GLY B 870 -27.02 -4.54 -9.16
CA GLY B 870 -27.51 -5.40 -10.24
C GLY B 870 -28.67 -4.88 -11.09
N ASN B 871 -28.84 -3.56 -11.04
CA ASN B 871 -29.99 -2.87 -11.61
C ASN B 871 -29.61 -1.89 -12.72
N GLN B 872 -28.36 -1.97 -13.18
CA GLN B 872 -27.70 -0.84 -13.85
C GLN B 872 -27.94 -0.68 -15.35
N ALA B 873 -28.04 -1.78 -16.09
CA ALA B 873 -28.03 -1.72 -17.56
C ALA B 873 -28.85 -0.55 -18.20
N PRO B 874 -30.18 -0.42 -17.90
CA PRO B 874 -31.01 0.76 -18.22
C PRO B 874 -30.30 2.10 -18.03
N SER B 875 -30.04 2.44 -16.78
CA SER B 875 -29.17 3.56 -16.44
C SER B 875 -27.88 3.61 -17.29
N LEU B 876 -27.15 2.50 -17.36
CA LEU B 876 -25.83 2.54 -17.99
C LEU B 876 -25.87 2.84 -19.46
N TYR B 877 -26.40 1.89 -20.22
CA TYR B 877 -26.50 2.00 -21.67
C TYR B 877 -27.24 3.24 -22.22
N ALA B 878 -28.10 3.86 -21.41
CA ALA B 878 -28.64 5.17 -21.77
C ALA B 878 -27.48 6.08 -22.18
N ILE B 879 -26.40 6.03 -21.40
CA ILE B 879 -25.21 6.88 -21.59
C ILE B 879 -24.31 6.39 -22.74
N SER B 880 -24.42 5.12 -23.06
CA SER B 880 -23.77 4.58 -24.24
C SER B 880 -24.48 5.10 -25.49
N LEU B 881 -25.80 4.93 -25.51
CA LEU B 881 -26.63 5.40 -26.60
C LEU B 881 -26.34 6.88 -26.90
N ILE B 882 -26.37 7.72 -25.86
CA ILE B 882 -26.04 9.15 -26.00
C ILE B 882 -24.66 9.38 -26.64
N VAL B 883 -23.74 8.44 -26.46
CA VAL B 883 -22.39 8.59 -27.01
C VAL B 883 -22.27 7.92 -28.39
N VAL B 884 -23.20 7.02 -28.69
CA VAL B 884 -23.27 6.42 -30.02
C VAL B 884 -23.84 7.43 -31.02
N PHE B 885 -24.88 8.14 -30.60
CA PHE B 885 -25.45 9.25 -31.33
C PHE B 885 -24.38 10.32 -31.58
N LEU B 886 -23.79 10.83 -30.50
CA LEU B 886 -22.75 11.85 -30.58
C LEU B 886 -21.51 11.45 -31.39
N CYS B 887 -21.21 10.16 -31.41
CA CYS B 887 -20.12 9.70 -32.26
C CYS B 887 -20.55 9.75 -33.72
N LEU B 888 -21.76 9.27 -33.97
CA LEU B 888 -22.32 9.21 -35.31
C LEU B 888 -22.53 10.60 -35.91
N ALA B 889 -23.18 11.48 -35.17
CA ALA B 889 -23.38 12.85 -35.64
C ALA B 889 -22.05 13.44 -36.14
N ALA B 890 -21.06 13.50 -35.26
CA ALA B 890 -19.68 13.90 -35.62
C ALA B 890 -19.21 13.33 -36.96
N LEU B 891 -19.24 12.01 -37.09
CA LEU B 891 -18.86 11.32 -38.34
C LEU B 891 -19.61 11.84 -39.57
N TYR B 892 -20.93 11.93 -39.44
CA TYR B 892 -21.80 12.30 -40.55
C TYR B 892 -22.20 13.78 -40.55
N GLU B 893 -21.48 14.63 -39.83
CA GLU B 893 -21.88 16.05 -39.66
C GLU B 893 -23.40 16.27 -39.67
N SER B 894 -24.15 15.32 -39.12
CA SER B 894 -25.60 15.39 -39.12
C SER B 894 -26.18 15.09 -37.75
N TRP B 895 -27.04 15.99 -37.31
CA TRP B 895 -27.80 15.84 -36.08
C TRP B 895 -28.90 14.78 -36.17
N SER B 896 -28.90 13.98 -37.24
CA SER B 896 -30.08 13.17 -37.60
C SER B 896 -29.77 11.86 -38.29
N ILE B 897 -28.79 11.89 -39.19
CA ILE B 897 -28.44 10.73 -40.02
C ILE B 897 -27.98 9.52 -39.21
N PRO B 898 -27.27 9.71 -38.06
CA PRO B 898 -27.01 8.68 -37.05
C PRO B 898 -28.17 7.69 -36.83
N PHE B 899 -29.39 8.24 -36.75
CA PHE B 899 -30.65 7.48 -36.63
C PHE B 899 -30.80 6.26 -37.55
N SER B 900 -30.36 6.39 -38.79
CA SER B 900 -30.38 5.29 -39.75
C SER B 900 -29.34 4.20 -39.46
N VAL B 901 -28.31 4.52 -38.66
CA VAL B 901 -27.34 3.52 -38.20
C VAL B 901 -27.90 2.83 -36.96
N MET B 902 -28.37 3.64 -36.01
CA MET B 902 -28.78 3.11 -34.72
C MET B 902 -29.91 2.10 -34.83
N LEU B 903 -30.90 2.37 -35.68
CA LEU B 903 -32.09 1.51 -35.77
C LEU B 903 -31.79 0.08 -36.27
N VAL B 904 -30.52 -0.17 -36.59
CA VAL B 904 -30.10 -1.53 -36.90
C VAL B 904 -29.90 -2.39 -35.63
N VAL B 905 -29.88 -1.76 -34.45
CA VAL B 905 -29.66 -2.51 -33.18
C VAL B 905 -30.56 -3.76 -33.09
N PRO B 906 -31.91 -3.58 -33.10
CA PRO B 906 -32.85 -4.70 -32.85
C PRO B 906 -32.78 -5.86 -33.85
N LEU B 907 -32.20 -5.58 -35.02
CA LEU B 907 -32.16 -6.54 -36.12
C LEU B 907 -31.29 -7.73 -35.76
N GLY B 908 -30.16 -7.45 -35.12
CA GLY B 908 -29.28 -8.49 -34.59
C GLY B 908 -29.89 -9.13 -33.35
N VAL B 909 -30.16 -8.30 -32.35
CA VAL B 909 -30.88 -8.69 -31.14
C VAL B 909 -31.80 -9.88 -31.41
N ILE B 910 -32.72 -9.71 -32.36
CA ILE B 910 -33.80 -10.66 -32.55
C ILE B 910 -33.32 -12.08 -32.92
N GLY B 911 -32.44 -12.17 -33.91
CA GLY B 911 -31.96 -13.46 -34.35
C GLY B 911 -31.15 -14.07 -33.25
N ALA B 912 -30.54 -13.22 -32.44
CA ALA B 912 -29.69 -13.69 -31.36
C ALA B 912 -30.54 -14.41 -30.30
N LEU B 913 -31.57 -13.72 -29.79
CA LEU B 913 -32.40 -14.29 -28.72
C LEU B 913 -33.34 -15.36 -29.26
N LEU B 914 -33.68 -15.21 -30.53
CA LEU B 914 -34.42 -16.24 -31.27
C LEU B 914 -33.72 -17.59 -31.11
N ALA B 915 -32.43 -17.62 -31.45
CA ALA B 915 -31.65 -18.86 -31.43
C ALA B 915 -31.39 -19.39 -30.02
N ALA B 916 -31.39 -18.51 -29.04
CA ALA B 916 -31.27 -18.96 -27.66
C ALA B 916 -32.59 -19.59 -27.22
N THR B 917 -33.70 -18.95 -27.58
CA THR B 917 -35.04 -19.46 -27.24
C THR B 917 -35.37 -20.80 -27.91
N PHE B 918 -35.34 -20.89 -29.25
CA PHE B 918 -35.63 -22.17 -29.93
C PHE B 918 -34.47 -23.19 -29.85
N ARG B 919 -33.78 -23.16 -28.71
CA ARG B 919 -32.63 -24.02 -28.44
C ARG B 919 -32.44 -24.27 -26.95
N GLY B 920 -33.25 -23.60 -26.14
CA GLY B 920 -33.26 -23.82 -24.69
C GLY B 920 -32.02 -23.31 -23.98
N LEU B 921 -31.87 -21.99 -23.95
CA LEU B 921 -30.76 -21.34 -23.28
C LEU B 921 -31.19 -20.15 -22.43
N THR B 922 -30.20 -19.48 -21.85
CA THR B 922 -30.43 -18.44 -20.86
C THR B 922 -29.77 -17.14 -21.25
N ASN B 923 -30.42 -16.03 -20.91
CA ASN B 923 -29.82 -14.72 -21.09
C ASN B 923 -28.75 -14.54 -20.04
N ASP B 924 -27.54 -14.95 -20.38
CA ASP B 924 -26.43 -14.90 -19.44
C ASP B 924 -25.32 -13.98 -19.95
N VAL B 925 -24.10 -14.14 -19.42
CA VAL B 925 -22.98 -13.26 -19.78
C VAL B 925 -22.40 -13.63 -21.13
N TYR B 926 -22.21 -14.93 -21.36
CA TYR B 926 -21.65 -15.42 -22.60
C TYR B 926 -22.57 -15.14 -23.78
N PHE B 927 -23.87 -15.12 -23.50
CA PHE B 927 -24.84 -14.76 -24.51
C PHE B 927 -24.85 -13.26 -24.63
N GLN B 928 -24.66 -12.59 -23.48
CA GLN B 928 -24.81 -11.15 -23.36
C GLN B 928 -23.71 -10.31 -24.04
N VAL B 929 -22.46 -10.75 -23.96
CA VAL B 929 -21.44 -10.08 -24.76
C VAL B 929 -21.67 -10.43 -26.23
N GLY B 930 -22.17 -11.65 -26.49
CA GLY B 930 -22.54 -12.08 -27.84
C GLY B 930 -23.41 -11.03 -28.50
N LEU B 931 -24.52 -10.72 -27.83
CA LEU B 931 -25.37 -9.59 -28.14
C LEU B 931 -24.64 -8.29 -28.37
N LEU B 932 -23.41 -8.16 -27.90
CA LEU B 932 -22.74 -6.89 -28.08
C LEU B 932 -21.88 -6.86 -29.34
N THR B 933 -21.17 -7.94 -29.65
CA THR B 933 -20.40 -8.03 -30.89
C THR B 933 -21.36 -8.14 -32.07
N THR B 934 -22.56 -8.63 -31.78
CA THR B 934 -23.60 -8.71 -32.79
C THR B 934 -24.25 -7.34 -33.06
N ILE B 935 -24.56 -6.58 -32.02
CA ILE B 935 -24.81 -5.15 -32.23
C ILE B 935 -23.57 -4.53 -32.90
N GLY B 936 -22.39 -5.11 -32.67
CA GLY B 936 -21.14 -4.48 -33.07
C GLY B 936 -20.83 -4.52 -34.56
N LEU B 937 -21.01 -5.71 -35.15
CA LEU B 937 -20.86 -5.89 -36.59
C LEU B 937 -21.97 -5.15 -37.30
N SER B 938 -23.21 -5.41 -36.89
CA SER B 938 -24.37 -4.88 -37.60
C SER B 938 -24.50 -3.33 -37.63
N ALA B 939 -23.78 -2.65 -36.75
CA ALA B 939 -23.75 -1.20 -36.70
C ALA B 939 -22.63 -0.66 -37.57
N LYS B 940 -21.59 -1.47 -37.73
CA LYS B 940 -20.39 -1.06 -38.45
C LYS B 940 -20.44 -1.49 -39.92
N ASN B 941 -21.38 -2.37 -40.23
CA ASN B 941 -21.77 -2.63 -41.61
C ASN B 941 -22.70 -1.52 -42.04
N ALA B 942 -23.66 -1.19 -41.17
CA ALA B 942 -24.55 -0.07 -41.42
C ALA B 942 -23.86 1.28 -41.33
N ILE B 943 -22.63 1.30 -40.82
CA ILE B 943 -21.87 2.56 -40.79
C ILE B 943 -21.37 2.86 -42.19
N LEU B 944 -20.74 1.86 -42.80
CA LEU B 944 -20.15 2.00 -44.13
C LEU B 944 -21.19 2.21 -45.22
N ILE B 945 -22.35 1.57 -45.09
CA ILE B 945 -23.45 1.76 -46.05
C ILE B 945 -23.99 3.20 -45.99
N VAL B 946 -24.47 3.62 -44.83
CA VAL B 946 -25.03 4.98 -44.63
C VAL B 946 -23.94 6.06 -44.79
N GLU B 947 -22.69 5.62 -44.93
CA GLU B 947 -21.56 6.49 -45.23
C GLU B 947 -21.53 6.75 -46.73
N PHE B 948 -21.36 5.68 -47.49
CA PHE B 948 -21.30 5.74 -48.95
C PHE B 948 -22.47 6.55 -49.54
N ALA B 949 -23.70 6.21 -49.14
CA ALA B 949 -24.91 6.91 -49.57
C ALA B 949 -24.89 8.41 -49.26
N LYS B 950 -24.39 8.76 -48.09
CA LYS B 950 -24.24 10.16 -47.70
C LYS B 950 -23.17 10.86 -48.56
N ASP B 951 -22.22 10.09 -49.10
CA ASP B 951 -21.09 10.63 -49.89
C ASP B 951 -21.42 10.93 -51.35
N LEU B 952 -21.59 9.88 -52.15
CA LEU B 952 -22.25 10.03 -53.44
C LEU B 952 -23.61 10.69 -53.14
N MET B 953 -23.57 12.02 -52.91
CA MET B 953 -24.71 12.88 -52.54
C MET B 953 -24.15 14.26 -52.12
N ASP B 954 -22.93 14.24 -51.59
CA ASP B 954 -22.16 15.44 -51.27
C ASP B 954 -20.89 15.47 -52.11
N LYS B 955 -20.39 14.27 -52.42
CA LYS B 955 -19.24 14.10 -53.30
C LYS B 955 -19.68 14.33 -54.75
N GLU B 956 -20.68 13.57 -55.20
CA GLU B 956 -21.15 13.61 -56.60
C GLU B 956 -22.52 14.27 -56.73
N GLY B 957 -23.22 14.43 -55.62
CA GLY B 957 -24.60 14.93 -55.64
C GLY B 957 -25.56 13.95 -56.30
N LYS B 958 -25.23 12.65 -56.24
CA LYS B 958 -26.07 11.57 -56.79
C LYS B 958 -27.49 11.52 -56.19
N GLY B 959 -28.25 10.47 -56.53
CA GLY B 959 -29.67 10.39 -56.17
C GLY B 959 -29.91 9.86 -54.78
N LEU B 960 -30.70 10.60 -53.98
CA LEU B 960 -31.06 10.19 -52.62
C LEU B 960 -31.51 8.74 -52.64
N ILE B 961 -32.16 8.37 -53.73
CA ILE B 961 -32.73 7.05 -53.93
C ILE B 961 -31.78 6.18 -54.79
N GLU B 962 -30.81 6.83 -55.44
CA GLU B 962 -29.91 6.16 -56.39
C GLU B 962 -28.54 5.92 -55.77
N ALA B 963 -28.06 6.89 -55.00
CA ALA B 963 -26.81 6.74 -54.22
C ALA B 963 -26.95 5.53 -53.33
N THR B 964 -28.15 5.37 -52.79
CA THR B 964 -28.50 4.27 -51.90
C THR B 964 -28.33 2.92 -52.57
N LEU B 965 -28.90 2.79 -53.78
CA LEU B 965 -28.79 1.57 -54.57
C LEU B 965 -27.34 1.30 -54.93
N ASP B 966 -26.60 2.40 -55.07
CA ASP B 966 -25.17 2.37 -55.36
C ASP B 966 -24.38 2.04 -54.11
N ALA B 967 -24.75 2.64 -52.99
CA ALA B 967 -24.15 2.32 -51.70
C ALA B 967 -24.38 0.84 -51.36
N VAL B 968 -25.64 0.47 -51.12
CA VAL B 968 -26.01 -0.93 -50.92
C VAL B 968 -25.24 -1.80 -51.89
N ARG B 969 -25.36 -1.47 -53.19
CA ARG B 969 -24.72 -2.18 -54.27
C ARG B 969 -23.28 -2.61 -53.96
N MET B 970 -22.43 -1.63 -53.66
CA MET B 970 -20.98 -1.85 -53.59
C MET B 970 -20.52 -2.49 -52.27
N ARG B 971 -21.30 -2.24 -51.21
CA ARG B 971 -21.01 -2.68 -49.85
C ARG B 971 -21.62 -4.06 -49.58
N LEU B 972 -22.36 -4.58 -50.55
CA LEU B 972 -23.03 -5.89 -50.43
C LEU B 972 -22.06 -7.05 -50.31
N ARG B 973 -21.04 -7.08 -51.18
CA ARG B 973 -20.09 -8.18 -51.20
C ARG B 973 -19.34 -8.37 -49.85
N PRO B 974 -18.73 -7.29 -49.30
CA PRO B 974 -18.07 -7.43 -48.00
C PRO B 974 -18.99 -8.12 -47.01
N ILE B 975 -20.09 -7.44 -46.64
CA ILE B 975 -21.12 -8.00 -45.77
C ILE B 975 -21.17 -9.54 -45.90
N LEU B 976 -21.59 -10.03 -47.07
CA LEU B 976 -21.68 -11.46 -47.33
C LEU B 976 -20.42 -12.25 -47.00
N MET B 977 -19.27 -11.79 -47.47
CA MET B 977 -18.00 -12.49 -47.24
C MET B 977 -17.71 -12.63 -45.75
N THR B 978 -17.82 -11.52 -45.03
CA THR B 978 -17.52 -11.42 -43.59
C THR B 978 -18.43 -12.35 -42.79
N SER B 979 -19.71 -12.35 -43.17
CA SER B 979 -20.71 -13.06 -42.41
C SER B 979 -20.74 -14.54 -42.75
N LEU B 980 -20.32 -14.89 -43.96
CA LEU B 980 -20.11 -16.30 -44.32
C LEU B 980 -18.99 -16.81 -43.44
N ALA B 981 -17.90 -16.05 -43.39
CA ALA B 981 -16.74 -16.35 -42.56
C ALA B 981 -17.15 -16.58 -41.12
N PHE B 982 -17.78 -15.57 -40.53
CA PHE B 982 -18.19 -15.63 -39.15
C PHE B 982 -19.06 -16.88 -38.96
N ILE B 983 -20.25 -16.86 -39.57
CA ILE B 983 -21.21 -17.94 -39.40
C ILE B 983 -20.61 -19.35 -39.58
N LEU B 984 -19.60 -19.48 -40.43
CA LEU B 984 -18.89 -20.76 -40.52
C LEU B 984 -17.88 -20.95 -39.39
N GLY B 985 -17.32 -19.86 -38.87
CA GLY B 985 -16.30 -19.94 -37.81
C GLY B 985 -16.85 -20.27 -36.44
N VAL B 986 -18.17 -20.06 -36.30
CA VAL B 986 -18.93 -20.22 -35.05
C VAL B 986 -19.59 -21.61 -34.98
N MET B 987 -20.05 -22.10 -36.14
CA MET B 987 -20.35 -23.54 -36.37
C MET B 987 -19.71 -24.48 -35.32
N PRO B 988 -18.34 -24.59 -35.28
CA PRO B 988 -17.72 -25.66 -34.48
C PRO B 988 -18.01 -25.58 -32.97
N LEU B 989 -18.20 -24.35 -32.47
CA LEU B 989 -18.58 -24.14 -31.08
C LEU B 989 -20.02 -24.58 -30.87
N VAL B 990 -20.90 -24.07 -31.74
CA VAL B 990 -22.34 -24.12 -31.56
C VAL B 990 -22.90 -25.53 -31.38
N ILE B 991 -22.17 -26.53 -31.88
CA ILE B 991 -22.55 -27.92 -31.68
C ILE B 991 -21.78 -28.56 -30.51
N SER B 992 -20.57 -28.07 -30.24
CA SER B 992 -19.65 -28.71 -29.27
C SER B 992 -20.29 -29.08 -27.94
N THR B 993 -20.11 -30.36 -27.57
CA THR B 993 -20.41 -30.88 -26.24
C THR B 993 -19.12 -31.52 -25.70
N GLY B 994 -19.07 -31.84 -24.41
CA GLY B 994 -17.84 -32.35 -23.81
C GLY B 994 -16.94 -31.23 -23.31
N ALA B 995 -15.73 -31.60 -22.89
CA ALA B 995 -14.82 -30.69 -22.17
C ALA B 995 -15.07 -29.19 -22.37
N GLY B 996 -15.92 -28.62 -21.52
CA GLY B 996 -16.18 -27.19 -21.55
C GLY B 996 -17.19 -26.72 -22.58
N SER B 997 -18.13 -27.61 -22.92
CA SER B 997 -19.16 -27.31 -23.94
C SER B 997 -20.01 -26.11 -23.62
N GLY B 998 -20.66 -26.12 -22.46
CA GLY B 998 -21.55 -25.04 -22.07
C GLY B 998 -20.93 -23.67 -22.28
N ALA B 999 -19.63 -23.57 -21.99
CA ALA B 999 -18.85 -22.36 -22.27
C ALA B 999 -19.03 -22.02 -23.75
N GLN B 1000 -18.51 -22.91 -24.59
CA GLN B 1000 -18.60 -22.79 -26.04
C GLN B 1000 -20.05 -22.49 -26.47
N ASN B 1001 -20.96 -23.42 -26.20
CA ASN B 1001 -22.37 -23.33 -26.61
C ASN B 1001 -22.99 -21.94 -26.43
N ALA B 1002 -22.71 -21.30 -25.30
CA ALA B 1002 -23.46 -20.14 -24.89
C ALA B 1002 -23.07 -18.89 -25.66
N VAL B 1003 -21.77 -18.77 -25.91
CA VAL B 1003 -21.23 -17.69 -26.75
C VAL B 1003 -21.66 -17.84 -28.21
N GLY B 1004 -21.45 -19.04 -28.76
CA GLY B 1004 -21.84 -19.37 -30.13
C GLY B 1004 -23.32 -19.19 -30.41
N THR B 1005 -24.14 -20.13 -29.94
CA THR B 1005 -25.57 -20.21 -30.26
C THR B 1005 -26.38 -18.88 -30.21
N GLY B 1006 -25.83 -17.85 -29.59
CA GLY B 1006 -26.52 -16.57 -29.50
C GLY B 1006 -26.03 -15.64 -30.58
N VAL B 1007 -24.73 -15.70 -30.84
CA VAL B 1007 -24.08 -14.83 -31.83
C VAL B 1007 -24.37 -15.29 -33.27
N MET B 1008 -24.35 -16.62 -33.49
CA MET B 1008 -24.59 -17.23 -34.81
C MET B 1008 -25.96 -16.88 -35.42
N GLY B 1009 -27.04 -17.17 -34.69
CA GLY B 1009 -28.39 -16.86 -35.13
C GLY B 1009 -28.67 -15.36 -35.22
N GLY B 1010 -27.97 -14.59 -34.41
CA GLY B 1010 -28.06 -13.12 -34.45
C GLY B 1010 -27.27 -12.52 -35.58
N MET B 1011 -26.35 -13.32 -36.13
CA MET B 1011 -25.60 -12.96 -37.34
C MET B 1011 -26.46 -13.21 -38.57
N VAL B 1012 -27.21 -14.31 -38.53
CA VAL B 1012 -28.15 -14.67 -39.57
C VAL B 1012 -29.14 -13.54 -39.85
N THR B 1013 -29.83 -13.07 -38.82
CA THR B 1013 -30.86 -12.04 -39.03
C THR B 1013 -30.25 -10.64 -39.10
N ALA B 1014 -29.18 -10.41 -38.35
CA ALA B 1014 -28.44 -9.15 -38.40
C ALA B 1014 -27.99 -8.83 -39.83
N THR B 1015 -27.73 -9.89 -40.58
CA THR B 1015 -27.14 -9.82 -41.90
C THR B 1015 -28.19 -10.11 -42.98
N VAL B 1016 -28.57 -11.39 -43.08
CA VAL B 1016 -29.60 -11.89 -44.01
C VAL B 1016 -30.94 -11.16 -43.77
N LEU B 1017 -30.86 -9.83 -43.59
CA LEU B 1017 -32.00 -9.01 -43.16
C LEU B 1017 -31.70 -7.51 -43.04
N ALA B 1018 -30.47 -7.16 -42.72
CA ALA B 1018 -30.12 -5.74 -42.70
C ALA B 1018 -29.71 -5.31 -44.10
N ILE B 1019 -29.48 -6.31 -44.96
CA ILE B 1019 -29.33 -6.11 -46.40
C ILE B 1019 -30.49 -5.26 -46.88
N PHE B 1020 -31.71 -5.77 -46.70
CA PHE B 1020 -32.93 -5.03 -47.07
C PHE B 1020 -33.09 -3.72 -46.27
N PHE B 1021 -32.82 -3.79 -44.96
CA PHE B 1021 -33.23 -2.74 -44.02
C PHE B 1021 -32.43 -1.45 -43.94
N VAL B 1022 -31.11 -1.54 -43.83
CA VAL B 1022 -30.31 -0.31 -43.72
C VAL B 1022 -30.61 0.78 -44.81
N PRO B 1023 -30.75 0.39 -46.10
CA PRO B 1023 -31.09 1.41 -47.08
C PRO B 1023 -32.52 1.92 -46.87
N VAL B 1024 -33.42 1.04 -46.46
CA VAL B 1024 -34.78 1.47 -46.10
C VAL B 1024 -34.70 2.58 -45.07
N PHE B 1025 -33.83 2.39 -44.08
CA PHE B 1025 -33.66 3.39 -43.04
C PHE B 1025 -33.14 4.68 -43.64
N PHE B 1026 -32.03 4.60 -44.37
CA PHE B 1026 -31.37 5.80 -44.90
C PHE B 1026 -32.35 6.71 -45.62
N VAL B 1027 -33.07 6.13 -46.57
CA VAL B 1027 -34.12 6.82 -47.31
C VAL B 1027 -35.10 7.49 -46.34
N VAL B 1028 -35.85 6.70 -45.56
CA VAL B 1028 -36.86 7.24 -44.63
C VAL B 1028 -36.27 8.31 -43.69
N VAL B 1029 -35.06 8.07 -43.20
CA VAL B 1029 -34.42 8.94 -42.20
C VAL B 1029 -33.98 10.25 -42.84
N ARG B 1030 -33.50 10.18 -44.09
CA ARG B 1030 -33.08 11.39 -44.81
C ARG B 1030 -34.29 12.27 -45.09
N ARG B 1031 -35.34 11.67 -45.64
CA ARG B 1031 -36.53 12.41 -46.04
C ARG B 1031 -37.44 12.80 -44.86
N ARG B 1032 -36.82 13.11 -43.73
CA ARG B 1032 -37.53 13.58 -42.55
C ARG B 1032 -37.28 15.06 -42.26
N PHE B 1033 -36.10 15.56 -42.60
CA PHE B 1033 -35.83 17.01 -42.54
C PHE B 1033 -34.78 17.40 -43.59
N MET C 1 10.97 22.21 -39.03
CA MET C 1 10.69 23.17 -37.91
C MET C 1 11.68 24.34 -37.81
N PRO C 2 13.00 24.06 -37.75
CA PRO C 2 14.10 25.03 -37.47
C PRO C 2 13.96 26.49 -37.93
N ASN C 3 13.40 26.69 -39.12
CA ASN C 3 13.24 28.02 -39.71
C ASN C 3 12.30 28.93 -38.92
N PHE C 4 11.33 28.32 -38.24
CA PHE C 4 10.45 29.01 -37.29
C PHE C 4 11.29 29.95 -36.43
N PHE C 5 12.45 29.42 -36.01
CA PHE C 5 13.31 30.04 -35.00
C PHE C 5 14.50 30.78 -35.58
N ILE C 6 14.88 30.46 -36.82
CA ILE C 6 15.81 31.32 -37.54
C ILE C 6 15.14 32.69 -37.78
N ASP C 7 13.91 32.68 -38.27
CA ASP C 7 13.09 33.91 -38.37
C ASP C 7 12.64 34.42 -37.00
N ARG C 8 12.84 33.61 -35.95
CA ARG C 8 12.49 33.97 -34.56
C ARG C 8 13.56 33.58 -33.53
N PRO C 9 14.57 34.45 -33.30
CA PRO C 9 15.68 33.98 -32.49
C PRO C 9 15.55 34.37 -31.02
N ILE C 10 14.59 35.24 -30.70
CA ILE C 10 14.27 35.60 -29.31
C ILE C 10 13.56 34.41 -28.65
N PHE C 11 12.52 33.92 -29.33
CA PHE C 11 11.78 32.70 -29.01
C PHE C 11 12.74 31.49 -28.84
N ALA C 12 13.74 31.38 -29.71
CA ALA C 12 14.74 30.29 -29.64
C ALA C 12 15.72 30.43 -28.48
N TRP C 13 15.87 31.65 -27.97
CA TRP C 13 16.58 31.88 -26.70
C TRP C 13 15.64 31.60 -25.52
N VAL C 14 14.41 32.10 -25.60
CA VAL C 14 13.39 31.93 -24.56
C VAL C 14 13.12 30.47 -24.15
N ILE C 15 12.96 29.58 -25.14
CA ILE C 15 12.82 28.13 -24.92
C ILE C 15 14.03 27.60 -24.14
N ALA C 16 15.23 27.90 -24.63
CA ALA C 16 16.46 27.41 -24.01
C ALA C 16 16.94 28.21 -22.80
N ILE C 17 16.03 28.83 -22.06
CA ILE C 17 16.38 29.38 -20.75
C ILE C 17 15.31 28.94 -19.77
N ILE C 18 14.08 28.83 -20.28
CA ILE C 18 12.97 28.18 -19.56
C ILE C 18 13.42 26.78 -19.19
N ILE C 19 13.99 26.06 -20.17
CA ILE C 19 14.64 24.77 -19.90
C ILE C 19 15.74 24.95 -18.83
N MET C 20 16.65 25.90 -19.07
CA MET C 20 17.80 26.16 -18.21
C MET C 20 17.42 26.36 -16.76
N LEU C 21 16.43 27.22 -16.49
CA LEU C 21 16.12 27.51 -15.09
C LEU C 21 15.32 26.42 -14.40
N ALA C 22 14.31 25.89 -15.09
CA ALA C 22 13.59 24.73 -14.62
C ALA C 22 14.60 23.66 -14.13
N GLY C 23 15.74 23.56 -14.78
CA GLY C 23 16.75 22.60 -14.34
C GLY C 23 17.58 23.02 -13.14
N GLY C 24 18.05 24.26 -13.13
CA GLY C 24 18.89 24.76 -12.04
C GLY C 24 18.14 24.80 -10.74
N LEU C 25 16.82 24.96 -10.84
CA LEU C 25 15.94 24.87 -9.70
C LEU C 25 15.90 23.42 -9.22
N ALA C 26 15.67 22.52 -10.17
CA ALA C 26 15.71 21.11 -9.89
C ALA C 26 17.04 20.77 -9.25
N ILE C 27 18.05 21.59 -9.51
CA ILE C 27 19.38 21.39 -8.93
C ILE C 27 19.36 21.58 -7.42
N LEU C 28 18.64 22.60 -6.97
CA LEU C 28 18.61 22.84 -5.54
C LEU C 28 17.54 22.05 -4.76
N LYS C 29 16.64 21.36 -5.48
CA LYS C 29 15.60 20.52 -4.84
C LYS C 29 15.91 19.02 -4.84
N LEU C 30 16.75 18.60 -5.78
CA LEU C 30 17.06 17.17 -5.95
C LEU C 30 17.89 16.60 -4.82
N PRO C 31 17.44 15.47 -4.26
CA PRO C 31 18.15 14.57 -3.36
C PRO C 31 19.54 14.19 -3.88
N VAL C 32 20.38 13.66 -2.99
CA VAL C 32 21.76 13.30 -3.34
C VAL C 32 22.27 12.12 -2.51
N ALA C 33 22.89 11.14 -3.17
CA ALA C 33 23.63 10.09 -2.47
C ALA C 33 24.54 9.38 -3.46
N GLN C 34 25.17 8.29 -3.00
CA GLN C 34 26.09 7.54 -3.84
C GLN C 34 25.30 6.86 -4.94
N TYR C 35 24.73 5.72 -4.58
CA TYR C 35 23.84 4.99 -5.45
C TYR C 35 22.44 5.27 -4.98
N PRO C 36 21.44 5.20 -5.88
CA PRO C 36 20.05 5.15 -5.42
C PRO C 36 19.85 3.84 -4.63
N THR C 37 18.63 3.60 -4.16
CA THR C 37 18.32 2.30 -3.57
C THR C 37 18.50 1.30 -4.70
N ILE C 38 19.43 0.37 -4.50
CA ILE C 38 19.72 -0.60 -5.54
C ILE C 38 19.58 -2.05 -5.04
N ALA C 39 19.94 -2.30 -3.78
CA ALA C 39 19.88 -3.65 -3.19
C ALA C 39 18.43 -4.08 -2.90
N PRO C 40 18.10 -5.36 -3.11
CA PRO C 40 16.73 -5.80 -2.93
C PRO C 40 16.33 -5.68 -1.43
N PRO C 41 15.01 -5.55 -1.13
CA PRO C 41 14.70 -5.26 0.25
C PRO C 41 14.54 -6.53 1.09
N ALA C 42 14.85 -6.40 2.38
CA ALA C 42 14.75 -7.54 3.24
C ALA C 42 13.85 -7.21 4.41
N VAL C 43 13.19 -8.27 4.93
CA VAL C 43 12.46 -8.26 6.19
C VAL C 43 13.05 -9.33 7.11
N THR C 44 13.18 -9.01 8.40
CA THR C 44 13.74 -9.94 9.36
C THR C 44 12.76 -10.16 10.49
N ILE C 45 12.23 -11.37 10.58
CA ILE C 45 11.51 -11.88 11.76
C ILE C 45 12.61 -12.13 12.75
N SER C 46 12.31 -11.93 14.03
CA SER C 46 13.32 -12.13 15.06
C SER C 46 12.74 -12.51 16.41
N ALA C 47 12.99 -13.73 16.86
CA ALA C 47 12.52 -14.19 18.15
C ALA C 47 13.66 -14.67 19.04
N SER C 48 13.32 -15.15 20.24
CA SER C 48 14.30 -15.64 21.21
C SER C 48 13.66 -16.55 22.27
N TYR C 49 14.38 -17.64 22.61
CA TYR C 49 13.87 -18.70 23.51
C TYR C 49 14.76 -18.81 24.76
N PRO C 50 14.74 -17.78 25.65
CA PRO C 50 15.85 -17.59 26.58
C PRO C 50 16.44 -18.88 27.07
N GLY C 51 17.76 -19.04 26.84
CA GLY C 51 18.55 -20.21 27.23
C GLY C 51 18.04 -21.54 26.71
N ALA C 52 18.14 -21.78 25.41
CA ALA C 52 17.81 -23.07 24.87
C ALA C 52 18.91 -23.38 23.88
N ASP C 53 19.26 -24.66 23.76
CA ASP C 53 20.31 -25.08 22.85
C ASP C 53 19.77 -24.88 21.47
N ALA C 54 20.65 -24.65 20.50
CA ALA C 54 20.22 -24.37 19.15
C ALA C 54 19.28 -25.43 18.65
N LYS C 55 19.71 -26.71 18.62
CA LYS C 55 18.80 -27.80 18.18
C LYS C 55 17.41 -27.62 18.78
N THR C 56 17.32 -27.58 20.10
CA THR C 56 16.05 -27.20 20.78
C THR C 56 15.25 -26.01 20.15
N VAL C 57 15.90 -24.85 20.00
CA VAL C 57 15.35 -23.66 19.39
C VAL C 57 14.97 -23.90 17.92
N GLN C 58 15.98 -24.26 17.12
CA GLN C 58 15.85 -24.62 15.70
C GLN C 58 14.55 -25.33 15.44
N ASP C 59 14.29 -26.31 16.29
CA ASP C 59 13.20 -27.22 16.07
C ASP C 59 11.87 -26.58 16.43
N THR C 60 11.80 -25.90 17.58
CA THR C 60 10.52 -25.38 18.09
C THR C 60 10.14 -23.97 17.70
N VAL C 61 11.14 -23.13 17.40
CA VAL C 61 10.80 -21.84 16.85
C VAL C 61 11.08 -21.91 15.36
N THR C 62 12.33 -21.63 14.99
CA THR C 62 12.76 -21.38 13.61
C THR C 62 11.94 -22.09 12.55
N GLN C 63 11.80 -23.41 12.71
CA GLN C 63 11.07 -24.25 11.79
C GLN C 63 9.65 -23.76 11.67
N VAL C 64 8.94 -23.79 12.80
CA VAL C 64 7.54 -23.45 12.80
C VAL C 64 7.24 -22.16 12.04
N ILE C 65 8.13 -21.18 12.19
CA ILE C 65 8.03 -19.92 11.47
C ILE C 65 8.27 -20.22 10.00
N GLU C 66 9.49 -20.65 9.69
CA GLU C 66 9.91 -21.04 8.33
C GLU C 66 8.87 -21.77 7.49
N GLN C 67 8.26 -22.80 8.06
CA GLN C 67 7.31 -23.60 7.28
C GLN C 67 6.09 -22.80 6.90
N ASN C 68 5.70 -21.87 7.76
CA ASN C 68 4.70 -20.85 7.45
C ASN C 68 5.13 -19.71 6.52
N MET C 69 6.38 -19.67 6.08
CA MET C 69 6.84 -18.52 5.27
C MET C 69 6.64 -18.71 3.77
N ASN C 70 5.53 -19.30 3.36
CA ASN C 70 5.29 -19.60 1.95
C ASN C 70 4.24 -18.69 1.34
N GLY C 71 4.27 -18.59 0.01
CA GLY C 71 3.25 -17.86 -0.74
C GLY C 71 3.30 -16.41 -0.33
N ILE C 72 4.52 -15.91 -0.33
CA ILE C 72 4.78 -14.53 -0.08
C ILE C 72 5.29 -14.01 -1.41
N ASP C 73 4.50 -13.12 -2.03
CA ASP C 73 4.84 -12.53 -3.34
C ASP C 73 6.27 -11.98 -3.37
N ASN C 74 6.91 -12.11 -4.53
CA ASN C 74 8.29 -11.63 -4.78
C ASN C 74 9.31 -12.08 -3.75
N LEU C 75 9.02 -13.16 -3.04
CA LEU C 75 10.00 -13.70 -2.14
C LEU C 75 11.07 -14.13 -3.07
N MET C 76 12.28 -13.65 -2.84
CA MET C 76 13.42 -14.08 -3.66
C MET C 76 14.13 -15.24 -2.99
N TYR C 77 14.41 -15.09 -1.71
CA TYR C 77 14.95 -16.16 -0.88
C TYR C 77 14.90 -15.79 0.58
N MET C 78 15.03 -16.80 1.43
CA MET C 78 15.13 -16.59 2.86
C MET C 78 16.26 -17.43 3.47
N SER C 79 16.76 -16.97 4.61
CA SER C 79 17.80 -17.67 5.32
C SER C 79 17.65 -17.42 6.81
N SER C 80 17.78 -18.48 7.58
CA SER C 80 17.61 -18.33 8.99
C SER C 80 18.71 -19.05 9.75
N ASN C 81 18.92 -18.60 10.97
CA ASN C 81 19.91 -19.15 11.84
C ASN C 81 19.48 -19.01 13.30
N SER C 82 19.87 -19.99 14.12
CA SER C 82 19.43 -20.06 15.49
C SER C 82 20.55 -20.54 16.42
N ASP C 83 20.93 -19.71 17.39
CA ASP C 83 22.10 -19.96 18.24
C ASP C 83 21.78 -20.78 19.49
N SER C 84 22.74 -20.81 20.43
CA SER C 84 22.63 -21.58 21.68
C SER C 84 22.18 -20.70 22.84
N THR C 85 22.26 -19.40 22.63
CA THR C 85 21.79 -18.42 23.59
C THR C 85 20.25 -18.38 23.56
N GLY C 86 19.69 -19.10 22.57
CA GLY C 86 18.26 -19.14 22.31
C GLY C 86 17.89 -17.83 21.65
N THR C 87 17.76 -17.87 20.32
CA THR C 87 17.66 -16.67 19.50
C THR C 87 17.56 -17.03 18.03
N VAL C 88 16.60 -16.42 17.34
CA VAL C 88 16.37 -16.78 15.98
C VAL C 88 16.23 -15.57 15.09
N GLN C 89 16.76 -15.68 13.88
CA GLN C 89 16.75 -14.58 12.98
C GLN C 89 16.32 -15.12 11.63
N ILE C 90 15.05 -14.94 11.30
CA ILE C 90 14.67 -15.32 9.97
C ILE C 90 14.83 -14.06 9.12
N THR C 91 15.42 -14.21 7.94
CA THR C 91 15.48 -13.10 7.04
C THR C 91 14.94 -13.50 5.71
N LEU C 92 14.02 -12.67 5.21
CA LEU C 92 13.40 -12.81 3.91
C LEU C 92 13.80 -11.64 3.02
N THR C 93 14.25 -11.96 1.82
CA THR C 93 14.75 -10.99 0.86
C THR C 93 13.82 -11.09 -0.32
N PHE C 94 13.64 -9.96 -1.00
CA PHE C 94 12.63 -9.91 -2.03
C PHE C 94 13.24 -9.45 -3.32
N GLU C 95 12.56 -9.71 -4.44
CA GLU C 95 12.90 -9.04 -5.68
C GLU C 95 12.88 -7.51 -5.57
N SER C 96 13.84 -6.87 -6.22
CA SER C 96 13.91 -5.42 -6.28
C SER C 96 12.68 -4.97 -7.01
N GLY C 97 12.14 -3.85 -6.58
CA GLY C 97 10.81 -3.48 -7.01
C GLY C 97 9.88 -3.62 -5.82
N THR C 98 9.82 -4.83 -5.25
CA THR C 98 8.91 -5.17 -4.15
C THR C 98 8.77 -3.97 -3.23
N ASP C 99 7.51 -3.60 -2.92
CA ASP C 99 7.20 -2.54 -1.96
C ASP C 99 7.31 -3.10 -0.55
N ALA C 100 8.34 -2.67 0.15
CA ALA C 100 8.76 -3.29 1.40
C ALA C 100 7.69 -3.22 2.49
N ASP C 101 6.86 -2.20 2.48
CA ASP C 101 5.82 -2.11 3.49
C ASP C 101 4.71 -3.14 3.30
N ILE C 102 4.38 -3.42 2.04
CA ILE C 102 3.48 -4.54 1.75
C ILE C 102 4.22 -5.83 2.02
N ALA C 103 5.50 -5.87 1.63
CA ALA C 103 6.36 -7.00 1.93
C ALA C 103 6.31 -7.29 3.43
N GLN C 104 6.47 -6.26 4.24
CA GLN C 104 6.47 -6.42 5.69
C GLN C 104 5.16 -7.05 6.09
N VAL C 105 4.06 -6.52 5.56
CA VAL C 105 2.72 -6.95 5.92
C VAL C 105 2.49 -8.43 5.67
N GLN C 106 2.79 -8.88 4.45
CA GLN C 106 2.59 -10.26 4.08
C GLN C 106 3.28 -11.16 5.09
N VAL C 107 4.44 -10.73 5.57
CA VAL C 107 5.22 -11.55 6.47
C VAL C 107 4.55 -11.67 7.82
N GLN C 108 4.22 -10.53 8.43
CA GLN C 108 3.41 -10.47 9.65
C GLN C 108 2.10 -11.29 9.49
N ASN C 109 1.55 -11.30 8.30
CA ASN C 109 0.34 -12.07 8.14
C ASN C 109 0.52 -13.57 8.31
N LYS C 110 1.49 -14.14 7.56
CA LYS C 110 2.01 -15.50 7.76
C LYS C 110 2.57 -15.69 9.17
N LEU C 111 3.31 -14.73 9.71
CA LEU C 111 3.78 -14.87 11.09
C LEU C 111 2.67 -15.33 12.00
N GLN C 112 1.70 -14.45 12.19
CA GLN C 112 0.45 -14.76 12.87
C GLN C 112 0.19 -16.27 12.96
N LEU C 113 0.03 -16.93 11.80
CA LEU C 113 -0.40 -18.33 11.75
C LEU C 113 0.56 -19.25 12.51
N ALA C 114 1.86 -18.96 12.42
CA ALA C 114 2.86 -19.68 13.20
C ALA C 114 2.69 -19.43 14.71
N MET C 115 2.54 -18.16 15.09
CA MET C 115 2.67 -17.72 16.49
C MET C 115 2.14 -18.61 17.60
N PRO C 116 0.82 -18.89 17.60
CA PRO C 116 0.26 -19.70 18.68
C PRO C 116 0.99 -21.03 18.84
N LEU C 117 1.44 -21.58 17.71
CA LEU C 117 2.25 -22.82 17.70
C LEU C 117 3.61 -22.79 18.43
N LEU C 118 4.25 -21.62 18.57
CA LEU C 118 5.56 -21.51 19.27
C LEU C 118 5.48 -21.58 20.79
N PRO C 119 6.54 -22.12 21.46
CA PRO C 119 6.63 -22.11 22.92
C PRO C 119 6.12 -20.83 23.56
N GLN C 120 5.48 -20.99 24.71
CA GLN C 120 5.02 -19.88 25.54
C GLN C 120 6.10 -18.83 25.77
N GLU C 121 7.24 -19.22 26.36
CA GLU C 121 8.24 -18.22 26.69
C GLU C 121 8.81 -17.49 25.47
N VAL C 122 8.63 -18.06 24.28
CA VAL C 122 9.03 -17.33 23.09
C VAL C 122 8.03 -16.20 22.89
N GLN C 123 6.74 -16.55 22.93
CA GLN C 123 5.66 -15.57 22.77
C GLN C 123 5.77 -14.49 23.84
N GLN C 124 6.16 -14.90 25.05
CA GLN C 124 6.52 -13.98 26.15
C GLN C 124 7.57 -12.94 25.75
N GLN C 125 8.55 -13.37 24.97
CA GLN C 125 9.75 -12.58 24.76
C GLN C 125 9.50 -11.54 23.71
N GLY C 126 8.37 -11.69 23.02
CA GLY C 126 8.09 -10.92 21.82
C GLY C 126 8.78 -11.50 20.60
N VAL C 127 8.10 -11.48 19.46
CA VAL C 127 8.76 -11.74 18.18
C VAL C 127 8.46 -10.60 17.20
N SER C 128 9.52 -9.99 16.67
CA SER C 128 9.45 -8.75 15.91
C SER C 128 9.63 -9.01 14.43
N VAL C 129 8.89 -8.26 13.61
CA VAL C 129 8.92 -8.41 12.19
C VAL C 129 9.18 -7.04 11.62
N GLU C 130 10.34 -6.86 11.00
CA GLU C 130 10.72 -5.54 10.44
C GLU C 130 11.60 -5.60 9.22
N LYS C 131 11.52 -4.54 8.41
CA LYS C 131 12.44 -4.31 7.29
C LYS C 131 13.84 -4.19 7.89
N SER C 132 14.85 -4.70 7.18
CA SER C 132 16.22 -4.81 7.69
C SER C 132 17.28 -4.28 6.71
N SER C 133 18.56 -4.50 7.04
CA SER C 133 19.72 -4.15 6.21
C SER C 133 20.99 -4.56 6.96
N SER C 134 21.95 -5.14 6.25
CA SER C 134 23.02 -5.89 6.92
C SER C 134 24.20 -5.07 7.45
N SER C 135 24.19 -3.77 7.17
CA SER C 135 25.32 -2.94 7.56
C SER C 135 24.96 -1.53 8.00
N PHE C 136 25.73 -1.05 8.96
CA PHE C 136 25.52 0.25 9.56
C PHE C 136 25.78 1.41 8.63
N LEU C 137 24.86 2.36 8.61
CA LEU C 137 25.14 3.66 8.04
C LEU C 137 26.41 4.22 8.67
N MET C 138 26.65 3.89 9.95
CA MET C 138 27.70 4.53 10.75
C MET C 138 27.79 4.03 12.18
N VAL C 139 28.66 4.66 12.98
CA VAL C 139 28.82 4.29 14.40
C VAL C 139 29.24 5.50 15.23
N VAL C 140 28.31 6.36 15.64
CA VAL C 140 28.68 7.21 16.74
C VAL C 140 29.26 6.31 17.82
N GLY C 141 30.27 6.82 18.51
CA GLY C 141 30.85 6.19 19.70
C GLY C 141 30.85 7.21 20.83
N VAL C 142 31.14 6.75 22.04
CA VAL C 142 31.13 7.63 23.20
C VAL C 142 32.18 7.21 24.24
N ILE C 143 33.06 8.17 24.60
CA ILE C 143 34.09 8.02 25.68
C ILE C 143 34.02 9.09 26.77
N ASN C 144 34.65 8.78 27.90
CA ASN C 144 34.89 9.79 28.92
C ASN C 144 36.35 10.19 28.85
N THR C 145 36.62 11.47 29.10
CA THR C 145 38.00 11.98 29.18
C THR C 145 38.30 12.58 30.56
N ASP C 146 38.35 11.71 31.57
CA ASP C 146 38.73 11.99 32.96
C ASP C 146 38.06 11.00 33.92
N GLY C 147 38.13 9.71 33.56
CA GLY C 147 37.60 8.60 34.37
C GLY C 147 36.54 8.81 35.45
N THR C 148 35.78 9.93 35.43
CA THR C 148 34.59 10.09 36.29
C THR C 148 33.49 9.09 35.85
N MET C 149 33.82 8.26 34.86
CA MET C 149 32.92 7.23 34.33
C MET C 149 33.69 5.98 33.95
N THR C 150 33.05 4.84 34.18
CA THR C 150 33.60 3.55 33.85
C THR C 150 32.88 2.99 32.62
N GLN C 151 33.34 1.84 32.14
CA GLN C 151 32.68 1.06 31.07
C GLN C 151 31.14 0.96 31.27
N GLU C 152 30.74 0.57 32.48
CA GLU C 152 29.34 0.52 32.88
C GLU C 152 28.75 1.94 32.87
N ASP C 153 29.22 2.77 33.80
CA ASP C 153 28.82 4.19 33.89
C ASP C 153 28.50 4.83 32.53
N ILE C 154 29.29 4.50 31.52
CA ILE C 154 29.14 5.14 30.23
C ILE C 154 27.94 4.56 29.53
N SER C 155 28.04 3.27 29.21
CA SER C 155 27.07 2.56 28.41
C SER C 155 25.65 2.89 28.77
N ASP C 156 25.37 2.85 30.07
CA ASP C 156 24.08 3.32 30.56
C ASP C 156 23.74 4.74 30.11
N TYR C 157 24.65 5.72 30.26
CA TYR C 157 24.24 7.10 29.88
C TYR C 157 23.73 7.06 28.46
N VAL C 158 24.54 6.45 27.61
CA VAL C 158 24.27 6.39 26.19
C VAL C 158 22.87 5.78 25.92
N ALA C 159 22.54 4.72 26.68
CA ALA C 159 21.33 3.88 26.50
C ALA C 159 20.11 4.61 26.96
N ALA C 160 20.16 4.98 28.22
CA ALA C 160 19.04 5.57 28.88
C ALA C 160 18.89 7.03 28.50
N ASN C 161 19.71 7.52 27.57
CA ASN C 161 19.68 8.96 27.28
C ASN C 161 19.66 9.40 25.83
N MET C 162 19.92 8.48 24.92
CA MET C 162 20.14 8.89 23.56
C MET C 162 19.98 7.76 22.56
N LYS C 163 19.77 6.55 23.04
CA LYS C 163 19.53 5.45 22.14
C LYS C 163 18.07 5.49 21.76
N ASP C 164 17.22 5.66 22.79
CA ASP C 164 15.81 5.95 22.59
C ASP C 164 15.61 7.15 21.66
N ALA C 165 16.41 8.19 21.91
CA ALA C 165 16.31 9.46 21.21
C ALA C 165 16.81 9.40 19.77
N ILE C 166 17.78 8.52 19.53
CA ILE C 166 18.33 8.39 18.19
C ILE C 166 17.33 7.60 17.38
N SER C 167 17.03 6.39 17.85
CA SER C 167 16.29 5.38 17.05
C SER C 167 14.95 5.85 16.53
N ARG C 168 14.56 7.06 16.92
CA ARG C 168 13.33 7.68 16.45
C ARG C 168 13.63 8.80 15.49
N THR C 169 14.91 9.17 15.36
CA THR C 169 15.31 10.28 14.48
C THR C 169 15.18 9.92 13.00
N SER C 170 14.75 10.90 12.22
CA SER C 170 14.40 10.70 10.80
C SER C 170 15.49 10.10 9.94
N GLY C 171 15.16 8.94 9.36
CA GLY C 171 16.06 8.20 8.49
C GLY C 171 16.62 6.96 9.15
N VAL C 172 16.62 6.95 10.49
CA VAL C 172 17.25 5.89 11.27
C VAL C 172 16.48 4.55 11.32
N GLY C 173 17.08 3.52 10.72
CA GLY C 173 16.59 2.15 10.84
C GLY C 173 16.71 1.64 12.26
N ASP C 174 17.09 0.37 12.37
CA ASP C 174 17.49 -0.25 13.63
C ASP C 174 18.67 0.52 14.29
N VAL C 175 18.97 0.23 15.56
CA VAL C 175 20.10 0.84 16.29
C VAL C 175 20.65 -0.15 17.32
N GLN C 176 21.91 -0.55 17.22
CA GLN C 176 22.45 -1.47 18.26
C GLN C 176 23.36 -0.80 19.26
N LEU C 177 23.16 -1.15 20.52
CA LEU C 177 23.88 -0.51 21.60
C LEU C 177 25.08 -1.37 21.97
N PHE C 178 26.23 -0.71 22.11
CA PHE C 178 27.46 -1.40 22.43
C PHE C 178 27.71 -1.37 23.91
N GLY C 179 27.12 -2.35 24.56
CA GLY C 179 27.14 -2.45 26.01
C GLY C 179 25.75 -2.76 26.46
N SER C 180 25.42 -2.30 27.65
CA SER C 180 24.14 -2.59 28.26
C SER C 180 23.67 -1.40 29.04
N GLN C 181 22.34 -1.25 29.09
CA GLN C 181 21.71 -0.25 29.93
C GLN C 181 21.90 -0.70 31.36
N TYR C 182 21.59 0.14 32.33
CA TYR C 182 21.71 -0.30 33.71
C TYR C 182 20.59 -1.20 34.19
N ALA C 183 21.00 -2.33 34.76
CA ALA C 183 20.11 -3.20 35.55
C ALA C 183 20.21 -2.85 37.03
N MET C 184 19.31 -3.39 37.83
CA MET C 184 19.60 -3.45 39.23
C MET C 184 20.12 -4.87 39.58
N ARG C 185 21.43 -5.02 39.70
CA ARG C 185 22.01 -6.35 40.00
C ARG C 185 21.86 -6.83 41.42
N ILE C 186 21.88 -8.15 41.53
CA ILE C 186 21.79 -8.85 42.80
C ILE C 186 22.64 -10.07 42.55
N TRP C 187 23.81 -10.06 43.19
CA TRP C 187 24.84 -11.05 42.93
C TRP C 187 24.87 -11.91 44.16
N MET C 188 24.41 -13.14 43.99
CA MET C 188 24.12 -13.96 45.13
C MET C 188 25.32 -14.78 45.59
N ASN C 189 25.27 -15.12 46.87
CA ASN C 189 26.36 -15.77 47.54
C ASN C 189 25.81 -16.99 48.24
N PRO C 190 26.21 -18.20 47.78
CA PRO C 190 25.63 -19.47 48.26
C PRO C 190 25.84 -19.69 49.75
N ASN C 191 27.01 -19.28 50.26
CA ASN C 191 27.38 -19.42 51.68
C ASN C 191 26.66 -18.37 52.53
N GLU C 192 27.00 -17.08 52.33
CA GLU C 192 26.28 -15.95 52.94
C GLU C 192 24.79 -16.34 53.02
N LEU C 193 24.30 -16.95 51.93
CA LEU C 193 22.90 -17.34 51.77
C LEU C 193 22.50 -18.60 52.55
N ASN C 194 22.88 -19.77 52.05
CA ASN C 194 22.64 -21.04 52.75
C ASN C 194 22.97 -21.05 54.26
N LYS C 195 23.71 -20.05 54.71
CA LYS C 195 23.90 -19.79 56.14
C LYS C 195 22.53 -19.71 56.80
N PHE C 196 21.67 -18.84 56.29
CA PHE C 196 20.35 -18.63 56.87
C PHE C 196 19.33 -19.53 56.19
N GLN C 197 19.86 -20.45 55.37
CA GLN C 197 19.07 -21.53 54.78
C GLN C 197 18.01 -20.92 53.89
N LEU C 198 18.47 -20.22 52.86
CA LEU C 198 17.59 -19.56 51.92
C LEU C 198 17.97 -19.92 50.49
N THR C 199 16.97 -19.92 49.61
CA THR C 199 17.16 -20.19 48.18
C THR C 199 17.00 -18.93 47.36
N PRO C 200 17.47 -18.95 46.10
CA PRO C 200 17.24 -17.79 45.26
C PRO C 200 15.73 -17.65 45.02
N VAL C 201 15.00 -18.72 45.31
CA VAL C 201 13.56 -18.70 45.23
C VAL C 201 12.99 -17.75 46.27
N ASP C 202 13.61 -17.71 47.44
CA ASP C 202 13.20 -16.80 48.51
C ASP C 202 13.55 -15.40 48.09
N VAL C 203 14.79 -15.26 47.64
CA VAL C 203 15.32 -13.98 47.15
C VAL C 203 14.40 -13.40 46.08
N ILE C 204 13.91 -14.25 45.17
CA ILE C 204 12.97 -13.76 44.16
C ILE C 204 11.63 -13.32 44.79
N THR C 205 10.95 -14.24 45.47
CA THR C 205 9.70 -13.94 46.14
C THR C 205 9.77 -12.58 46.81
N ALA C 206 10.95 -12.31 47.37
CA ALA C 206 11.19 -11.18 48.25
C ALA C 206 11.10 -9.86 47.49
N ILE C 207 11.93 -9.76 46.44
CA ILE C 207 12.03 -8.60 45.58
C ILE C 207 10.69 -8.40 44.93
N LYS C 208 10.13 -9.54 44.50
CA LYS C 208 8.83 -9.56 43.89
C LYS C 208 7.73 -8.99 44.80
N ALA C 209 7.89 -9.05 46.11
CA ALA C 209 6.85 -8.51 46.98
C ALA C 209 7.21 -7.20 47.65
N GLN C 210 8.42 -6.74 47.40
CA GLN C 210 8.95 -5.65 48.19
C GLN C 210 9.27 -4.54 47.25
N ASN C 211 9.46 -4.91 45.99
CA ASN C 211 9.61 -3.94 44.93
C ASN C 211 8.43 -4.01 43.94
N ALA C 212 7.30 -3.48 44.34
CA ALA C 212 6.16 -3.54 43.47
C ALA C 212 5.48 -2.19 43.35
N GLN C 213 4.70 -2.00 42.30
CA GLN C 213 3.72 -0.86 42.22
C GLN C 213 2.36 -1.47 42.40
N VAL C 214 1.37 -0.71 42.85
CA VAL C 214 0.11 -1.36 43.25
C VAL C 214 -1.05 -0.41 43.19
N ALA C 215 -1.91 -0.49 42.17
CA ALA C 215 -3.05 0.50 42.14
C ALA C 215 -3.86 0.42 43.43
N ALA C 216 -4.26 1.58 43.96
CA ALA C 216 -5.08 1.55 45.16
C ALA C 216 -6.42 2.30 45.10
N GLY C 217 -6.87 2.73 43.94
CA GLY C 217 -8.14 3.43 43.89
C GLY C 217 -8.12 4.88 44.38
N GLN C 218 -9.29 5.55 44.31
CA GLN C 218 -9.47 6.93 44.78
C GLN C 218 -10.29 7.06 46.09
N LEU C 219 -10.16 8.21 46.74
CA LEU C 219 -11.06 8.70 47.77
C LEU C 219 -12.20 9.55 47.14
N GLY C 220 -13.45 9.25 47.48
CA GLY C 220 -14.56 10.01 46.92
C GLY C 220 -14.73 9.89 45.41
N GLY C 221 -14.25 8.78 44.85
CA GLY C 221 -14.42 8.52 43.43
C GLY C 221 -15.86 8.27 42.98
N THR C 222 -16.10 8.41 41.67
CA THR C 222 -17.38 8.11 41.04
C THR C 222 -17.65 6.61 41.03
N PRO C 223 -18.90 6.21 41.31
CA PRO C 223 -20.02 7.09 41.61
C PRO C 223 -19.95 7.40 43.11
N PRO C 224 -20.05 8.70 43.45
CA PRO C 224 -19.87 9.10 44.81
C PRO C 224 -21.24 9.24 45.47
N VAL C 225 -21.21 9.23 46.80
CA VAL C 225 -22.34 9.58 47.67
C VAL C 225 -22.75 11.04 47.38
N LYS C 226 -24.06 11.36 47.28
CA LYS C 226 -24.47 12.79 47.08
C LYS C 226 -23.82 13.73 48.11
N GLY C 227 -23.26 14.82 47.61
CA GLY C 227 -22.54 15.79 48.44
C GLY C 227 -21.15 15.37 48.88
N GLN C 228 -20.46 14.58 48.06
CA GLN C 228 -19.07 14.33 48.33
C GLN C 228 -18.36 15.62 48.06
N GLN C 229 -17.28 15.85 48.80
CA GLN C 229 -16.54 17.10 48.73
C GLN C 229 -15.07 16.85 48.43
N LEU C 230 -14.48 15.87 49.11
CA LEU C 230 -13.13 15.47 48.81
C LEU C 230 -13.10 14.45 47.63
N ASN C 231 -12.14 14.61 46.71
CA ASN C 231 -11.80 13.54 45.78
C ASN C 231 -10.30 13.37 45.52
N ALA C 232 -9.66 12.35 46.07
CA ALA C 232 -8.19 12.21 45.87
C ALA C 232 -7.72 10.81 45.70
N SER C 233 -6.59 10.66 45.00
CA SER C 233 -5.94 9.34 44.83
C SER C 233 -5.44 8.68 46.11
N ILE C 234 -5.47 7.37 46.15
CA ILE C 234 -4.93 6.71 47.30
C ILE C 234 -3.63 6.05 46.91
N ILE C 235 -2.50 6.51 47.41
CA ILE C 235 -1.23 5.89 46.94
C ILE C 235 -0.81 4.72 47.83
N ALA C 236 -0.63 3.55 47.21
CA ALA C 236 -0.28 2.36 48.00
C ALA C 236 1.18 2.08 47.80
N GLN C 237 1.57 0.80 47.92
CA GLN C 237 2.97 0.41 47.72
C GLN C 237 3.53 1.07 46.46
N THR C 238 4.79 1.51 46.50
CA THR C 238 5.46 1.95 45.26
C THR C 238 6.84 1.38 45.14
N ARG C 239 7.60 1.90 44.20
CA ARG C 239 8.71 1.11 43.67
C ARG C 239 10.08 1.48 44.18
N LEU C 240 10.93 0.47 44.37
CA LEU C 240 12.26 0.74 44.89
C LEU C 240 13.15 1.40 43.83
N THR C 241 13.98 2.36 44.27
CA THR C 241 14.79 3.21 43.37
C THR C 241 16.29 3.23 43.63
N SER C 242 16.77 2.53 44.66
CA SER C 242 18.19 2.64 45.02
C SER C 242 18.81 1.38 45.61
N THR C 243 20.09 1.15 45.33
CA THR C 243 20.77 -0.07 45.88
C THR C 243 20.58 -0.11 47.38
N GLU C 244 20.29 1.04 47.98
CA GLU C 244 20.01 1.09 49.40
C GLU C 244 18.83 0.19 49.77
N GLU C 245 17.67 0.39 49.13
CA GLU C 245 16.47 -0.35 49.53
C GLU C 245 16.57 -1.82 49.14
N PHE C 246 17.13 -2.09 47.98
CA PHE C 246 17.34 -3.45 47.57
C PHE C 246 18.27 -4.12 48.59
N GLY C 247 19.29 -3.41 49.04
CA GLY C 247 20.13 -3.88 50.15
C GLY C 247 19.34 -4.31 51.38
N LYS C 248 18.40 -3.48 51.80
CA LYS C 248 17.62 -3.75 53.01
C LYS C 248 16.27 -4.49 52.82
N ILE C 249 16.15 -5.31 51.76
CA ILE C 249 15.00 -6.21 51.58
C ILE C 249 15.00 -7.21 52.75
N LEU C 250 13.84 -7.44 53.37
CA LEU C 250 13.79 -8.38 54.48
C LEU C 250 13.59 -9.78 53.95
N LEU C 251 14.58 -10.63 54.20
CA LEU C 251 14.60 -11.95 53.61
C LEU C 251 14.21 -13.02 54.57
N LYS C 252 14.39 -12.77 55.86
CA LYS C 252 14.19 -13.79 56.90
C LYS C 252 14.25 -13.14 58.25
N VAL C 253 13.29 -13.52 59.11
CA VAL C 253 13.29 -13.10 60.51
C VAL C 253 13.62 -14.29 61.44
N ASN C 254 14.90 -14.42 61.80
CA ASN C 254 15.36 -15.54 62.63
C ASN C 254 14.55 -15.77 63.91
N GLN C 255 14.67 -16.98 64.44
CA GLN C 255 14.12 -17.40 65.74
C GLN C 255 14.31 -16.36 66.85
N ASP C 256 15.57 -15.96 67.10
CA ASP C 256 15.92 -15.00 68.16
C ASP C 256 15.47 -13.53 68.00
N GLY C 257 15.08 -13.15 66.79
CA GLY C 257 14.72 -11.75 66.49
C GLY C 257 15.76 -11.10 65.58
N SER C 258 16.80 -11.87 65.25
CA SER C 258 17.80 -11.51 64.25
C SER C 258 17.17 -11.48 62.86
N ARG C 259 17.66 -10.58 62.01
CA ARG C 259 17.03 -10.31 60.70
C ARG C 259 17.99 -10.37 59.54
N VAL C 260 17.72 -11.25 58.58
CA VAL C 260 18.57 -11.37 57.39
C VAL C 260 18.08 -10.41 56.31
N LEU C 261 18.88 -9.39 56.04
CA LEU C 261 18.59 -8.46 54.98
C LEU C 261 19.25 -8.93 53.70
N LEU C 262 18.78 -8.43 52.57
CA LEU C 262 19.26 -8.93 51.29
C LEU C 262 20.78 -8.74 51.14
N ARG C 263 21.30 -7.64 51.69
CA ARG C 263 22.74 -7.38 51.61
C ARG C 263 23.54 -8.48 52.35
N ASP C 264 22.89 -9.11 53.33
CA ASP C 264 23.49 -10.20 54.08
C ASP C 264 23.75 -11.45 53.20
N VAL C 265 22.97 -11.63 52.11
CA VAL C 265 23.20 -12.78 51.21
C VAL C 265 23.63 -12.46 49.75
N ALA C 266 23.73 -11.18 49.40
CA ALA C 266 24.18 -10.83 48.05
C ALA C 266 24.72 -9.43 48.03
N LYS C 267 25.39 -9.07 46.93
CA LYS C 267 25.92 -7.72 46.78
C LYS C 267 24.95 -6.95 45.90
N ILE C 268 24.65 -5.71 46.27
CA ILE C 268 23.60 -4.94 45.59
C ILE C 268 24.19 -3.70 44.91
N GLU C 269 24.27 -3.74 43.59
CA GLU C 269 24.85 -2.64 42.85
C GLU C 269 24.26 -2.54 41.47
N LEU C 270 24.11 -1.31 40.97
CA LEU C 270 23.83 -1.07 39.54
C LEU C 270 24.77 -1.85 38.62
N GLY C 271 24.43 -1.90 37.34
CA GLY C 271 25.17 -2.75 36.43
C GLY C 271 24.30 -3.19 35.30
N GLY C 272 24.92 -3.56 34.19
CA GLY C 272 24.19 -3.88 32.98
C GLY C 272 23.19 -5.03 33.05
N GLU C 273 22.40 -5.14 32.00
CA GLU C 273 21.55 -6.29 31.77
C GLU C 273 22.40 -7.46 31.29
N ASN C 274 23.53 -7.16 30.65
CA ASN C 274 24.49 -8.19 30.27
C ASN C 274 25.91 -7.70 29.97
N TYR C 275 26.88 -8.51 30.41
CA TYR C 275 28.30 -8.19 30.28
C TYR C 275 28.91 -8.91 29.08
N ASP C 276 28.22 -8.78 27.94
CA ASP C 276 28.50 -9.57 26.76
C ASP C 276 29.09 -8.74 25.62
N ILE C 277 28.90 -7.44 25.70
CA ILE C 277 29.47 -6.55 24.68
C ILE C 277 30.37 -5.48 25.28
N ILE C 278 31.68 -5.71 25.13
CA ILE C 278 32.66 -4.80 25.64
C ILE C 278 33.25 -4.02 24.46
N ALA C 279 33.33 -2.70 24.60
CA ALA C 279 33.72 -1.83 23.49
C ALA C 279 34.92 -0.97 23.83
N GLU C 280 35.89 -0.93 22.92
CA GLU C 280 37.11 -0.16 23.08
C GLU C 280 37.27 0.85 21.95
N PHE C 281 37.41 2.14 22.28
CA PHE C 281 37.76 3.12 21.25
C PHE C 281 39.20 3.54 21.33
N ASN C 282 40.01 2.96 20.47
CA ASN C 282 41.46 3.04 20.57
C ASN C 282 41.85 2.56 21.95
N GLY C 283 41.63 1.27 22.19
CA GLY C 283 42.00 0.62 23.46
C GLY C 283 41.47 1.26 24.74
N GLN C 284 40.87 2.44 24.61
CA GLN C 284 40.24 3.15 25.73
C GLN C 284 38.78 2.67 25.90
N PRO C 285 38.34 2.40 27.14
CA PRO C 285 36.95 1.98 27.44
C PRO C 285 35.93 3.00 26.94
N ALA C 286 34.91 2.52 26.21
CA ALA C 286 33.95 3.39 25.51
C ALA C 286 32.63 2.69 25.21
N SER C 287 31.67 3.42 24.66
CA SER C 287 30.38 2.87 24.24
C SER C 287 29.97 3.37 22.85
N GLY C 288 28.85 2.86 22.34
CA GLY C 288 28.43 3.23 21.01
C GLY C 288 27.04 2.83 20.54
N LEU C 289 26.67 3.45 19.43
CA LEU C 289 25.38 3.30 18.79
C LEU C 289 25.57 2.94 17.32
N GLY C 290 25.28 1.71 16.96
CA GLY C 290 25.42 1.35 15.57
C GLY C 290 24.26 1.82 14.70
N ILE C 291 24.21 3.09 14.31
CA ILE C 291 23.10 3.58 13.50
C ILE C 291 23.02 2.95 12.09
N LYS C 292 22.07 2.02 11.86
CA LYS C 292 21.72 1.49 10.50
C LYS C 292 20.82 2.43 9.67
N LEU C 293 20.72 2.17 8.37
CA LEU C 293 19.88 3.00 7.52
C LEU C 293 18.52 2.40 7.15
N ALA C 294 17.47 3.17 7.39
CA ALA C 294 16.13 2.78 6.97
C ALA C 294 16.10 2.61 5.46
N THR C 295 15.57 1.48 4.99
CA THR C 295 15.41 1.23 3.55
C THR C 295 14.63 2.42 2.92
N GLY C 296 15.17 3.03 1.87
CA GLY C 296 14.49 4.16 1.24
C GLY C 296 14.85 5.51 1.83
N ALA C 297 15.51 5.50 2.97
CA ALA C 297 15.96 6.72 3.60
C ALA C 297 17.21 7.23 2.90
N ASN C 298 17.36 8.55 2.86
CA ASN C 298 18.51 9.20 2.24
C ASN C 298 19.79 9.15 3.09
N ALA C 299 20.72 8.27 2.73
CA ALA C 299 21.95 8.06 3.48
C ALA C 299 22.59 9.36 3.91
N LEU C 300 22.69 10.29 2.98
CA LEU C 300 23.34 11.56 3.25
C LEU C 300 22.56 12.40 4.26
N ASP C 301 21.26 12.55 4.04
CA ASP C 301 20.42 13.44 4.87
C ASP C 301 20.04 12.87 6.23
N THR C 302 19.95 11.55 6.32
CA THR C 302 19.70 10.89 7.58
C THR C 302 20.86 11.21 8.52
N ALA C 303 22.09 11.00 8.02
CA ALA C 303 23.30 11.24 8.78
C ALA C 303 23.35 12.66 9.32
N ALA C 304 22.77 13.60 8.56
CA ALA C 304 22.62 14.98 9.02
C ALA C 304 21.75 15.02 10.27
N ALA C 305 20.55 14.43 10.20
CA ALA C 305 19.59 14.39 11.32
C ALA C 305 20.10 13.67 12.57
N ILE C 306 21.17 12.87 12.41
CA ILE C 306 21.82 12.19 13.54
C ILE C 306 22.63 13.19 14.37
N ARG C 307 23.43 14.03 13.72
CA ARG C 307 24.18 15.02 14.46
C ARG C 307 23.30 16.18 14.88
N ALA C 308 22.16 16.34 14.21
CA ALA C 308 21.15 17.34 14.58
C ALA C 308 20.63 17.00 15.95
N GLU C 309 20.26 15.73 16.12
CA GLU C 309 19.86 15.18 17.41
C GLU C 309 21.04 15.21 18.41
N LEU C 310 22.20 14.69 17.99
CA LEU C 310 23.41 14.64 18.82
C LEU C 310 23.82 16.01 19.37
N ALA C 311 23.63 17.04 18.55
CA ALA C 311 23.88 18.42 18.96
C ALA C 311 23.08 18.82 20.21
N LYS C 312 21.80 18.41 20.24
CA LYS C 312 20.87 18.71 21.35
C LYS C 312 21.21 17.94 22.61
N MET C 313 21.88 16.79 22.43
CA MET C 313 22.28 15.88 23.51
C MET C 313 23.46 16.45 24.29
N GLU C 314 24.37 17.13 23.57
CA GLU C 314 25.61 17.67 24.15
C GLU C 314 25.46 18.50 25.42
N PRO C 315 24.58 19.53 25.40
CA PRO C 315 24.55 20.41 26.57
C PRO C 315 24.38 19.64 27.86
N PHE C 316 23.35 18.82 27.89
CA PHE C 316 22.95 18.16 29.12
C PHE C 316 23.87 17.02 29.51
N PHE C 317 25.01 16.90 28.83
CA PHE C 317 25.94 15.81 29.08
C PHE C 317 26.54 15.97 30.44
N PRO C 318 26.87 14.83 31.09
CA PRO C 318 27.62 14.83 32.33
C PRO C 318 29.05 15.33 32.12
N SER C 319 29.76 15.56 33.22
CA SER C 319 31.07 16.19 33.22
C SER C 319 32.12 15.53 32.32
N GLY C 320 32.19 16.03 31.08
CA GLY C 320 33.24 15.66 30.14
C GLY C 320 33.02 14.34 29.44
N LEU C 321 32.05 14.33 28.53
CA LEU C 321 31.70 13.14 27.76
C LEU C 321 31.88 13.43 26.27
N LYS C 322 32.77 12.67 25.63
CA LYS C 322 33.16 12.95 24.25
C LYS C 322 32.51 12.00 23.23
N ILE C 323 31.67 12.58 22.37
CA ILE C 323 31.17 11.91 21.17
C ILE C 323 32.33 11.71 20.19
N VAL C 324 32.27 10.64 19.42
CA VAL C 324 33.37 10.20 18.62
C VAL C 324 32.82 9.48 17.38
N TYR C 325 33.51 9.63 16.26
CA TYR C 325 32.97 9.14 15.01
C TYR C 325 33.79 8.03 14.31
N PRO C 326 33.99 6.89 14.98
CA PRO C 326 34.87 5.83 14.48
C PRO C 326 34.41 5.08 13.25
N TYR C 327 33.39 5.57 12.55
CA TYR C 327 32.88 4.87 11.37
C TYR C 327 31.74 5.66 10.73
N ASP C 328 31.85 5.84 9.43
CA ASP C 328 30.92 6.66 8.70
C ASP C 328 31.19 6.40 7.23
N THR C 329 30.18 5.86 6.57
CA THR C 329 30.27 5.57 5.17
C THR C 329 29.95 6.82 4.34
N THR C 330 29.64 7.94 4.99
CA THR C 330 29.20 9.16 4.26
C THR C 330 30.19 10.32 4.04
N PRO C 331 31.40 10.25 4.66
CA PRO C 331 32.47 11.10 4.13
C PRO C 331 32.76 10.61 2.73
N PHE C 332 32.91 9.29 2.60
CA PHE C 332 33.19 8.67 1.31
C PHE C 332 32.17 8.99 0.20
N VAL C 333 30.96 9.39 0.59
CA VAL C 333 29.98 9.84 -0.39
C VAL C 333 30.44 11.17 -0.94
N LYS C 334 30.51 12.19 -0.08
CA LYS C 334 30.66 13.58 -0.56
C LYS C 334 31.94 13.81 -1.36
N ILE C 335 32.95 12.97 -1.09
CA ILE C 335 34.17 12.96 -1.87
C ILE C 335 33.94 12.28 -3.22
N SER C 336 33.54 11.01 -3.22
CA SER C 336 33.35 10.26 -4.45
C SER C 336 32.41 10.96 -5.46
N ILE C 337 31.53 11.81 -4.94
CA ILE C 337 30.55 12.52 -5.76
C ILE C 337 31.12 13.86 -6.26
N HIS C 338 32.05 14.44 -5.51
CA HIS C 338 32.81 15.65 -5.89
C HIS C 338 33.69 15.34 -7.11
N GLU C 339 34.49 14.28 -6.96
CA GLU C 339 35.32 13.68 -8.00
C GLU C 339 34.63 13.51 -9.34
N VAL C 340 33.36 13.15 -9.30
CA VAL C 340 32.56 13.07 -10.51
C VAL C 340 32.18 14.46 -11.00
N VAL C 341 31.64 15.31 -10.13
CA VAL C 341 31.30 16.68 -10.55
C VAL C 341 32.60 17.39 -10.99
N LYS C 342 33.74 16.96 -10.44
CA LYS C 342 35.06 17.35 -10.94
C LYS C 342 35.15 16.92 -12.41
N THR C 343 35.21 15.59 -12.61
CA THR C 343 35.27 14.99 -13.95
C THR C 343 34.32 15.63 -14.95
N LEU C 344 33.22 16.20 -14.46
CA LEU C 344 32.20 16.79 -15.31
C LEU C 344 32.74 18.07 -15.90
N VAL C 345 33.20 18.99 -15.06
CA VAL C 345 33.79 20.21 -15.59
C VAL C 345 35.04 19.87 -16.41
N GLU C 346 35.94 19.02 -15.88
CA GLU C 346 37.08 18.54 -16.67
C GLU C 346 36.60 18.17 -18.06
N ALA C 347 35.66 17.23 -18.15
CA ALA C 347 35.02 16.89 -19.42
C ALA C 347 34.38 18.07 -20.18
N ILE C 348 33.75 19.02 -19.49
CA ILE C 348 33.19 20.22 -20.16
C ILE C 348 34.33 21.07 -20.73
N ILE C 349 35.48 21.04 -20.06
CA ILE C 349 36.65 21.79 -20.53
C ILE C 349 37.37 21.00 -21.63
N LEU C 350 37.64 19.74 -21.34
CA LEU C 350 38.38 18.86 -22.23
C LEU C 350 37.60 18.60 -23.52
N VAL C 351 36.51 19.35 -23.71
CA VAL C 351 35.71 19.32 -24.93
C VAL C 351 35.64 20.71 -25.56
N PHE C 352 35.92 21.74 -24.76
CA PHE C 352 36.04 23.10 -25.27
C PHE C 352 37.28 23.27 -26.15
N LEU C 353 38.36 22.55 -25.82
CA LEU C 353 39.53 22.44 -26.72
C LEU C 353 39.16 21.81 -28.06
N VAL C 354 38.76 20.53 -28.04
CA VAL C 354 38.46 19.74 -29.24
C VAL C 354 37.42 20.38 -30.17
N MET C 355 36.72 21.39 -29.65
CA MET C 355 35.68 22.12 -30.40
C MET C 355 36.16 23.45 -30.96
N TYR C 356 37.34 23.88 -30.54
CA TYR C 356 37.86 25.20 -30.86
C TYR C 356 39.11 25.04 -31.69
N LEU C 357 40.13 24.45 -31.09
CA LEU C 357 41.34 24.00 -31.78
C LEU C 357 40.94 22.95 -32.84
N PHE C 358 40.04 23.35 -33.74
CA PHE C 358 39.40 22.48 -34.74
C PHE C 358 38.33 23.29 -35.50
N LEU C 359 37.50 24.05 -34.78
CA LEU C 359 36.56 25.00 -35.38
C LEU C 359 37.11 26.43 -35.37
N GLN C 360 38.31 26.59 -34.81
CA GLN C 360 39.03 27.87 -34.72
C GLN C 360 38.39 28.97 -33.85
N ASN C 361 37.21 29.45 -34.23
CA ASN C 361 36.61 30.69 -33.69
C ASN C 361 36.32 30.81 -32.16
N PHE C 362 36.33 32.05 -31.67
CA PHE C 362 35.94 32.39 -30.28
C PHE C 362 34.42 32.50 -30.07
N ARG C 363 33.64 32.10 -31.08
CA ARG C 363 32.17 32.20 -31.08
C ARG C 363 31.52 30.91 -31.58
N ALA C 364 32.11 30.32 -32.62
CA ALA C 364 31.59 29.08 -33.19
C ALA C 364 32.00 27.89 -32.32
N THR C 365 32.65 28.20 -31.20
CA THR C 365 32.84 27.25 -30.14
C THR C 365 31.94 27.65 -28.97
N LEU C 366 31.06 28.60 -29.23
CA LEU C 366 30.01 28.91 -28.29
C LEU C 366 28.76 28.11 -28.69
N ILE C 367 28.40 28.10 -29.98
CA ILE C 367 27.15 27.46 -30.48
C ILE C 367 27.01 25.95 -30.16
N PRO C 368 28.13 25.19 -30.18
CA PRO C 368 28.04 23.80 -29.76
C PRO C 368 28.46 23.60 -28.30
N THR C 369 28.86 24.69 -27.64
CA THR C 369 29.03 24.66 -26.19
C THR C 369 27.70 25.01 -25.49
N ILE C 370 27.00 26.02 -26.00
CA ILE C 370 25.66 26.45 -25.50
C ILE C 370 24.63 25.30 -25.46
N ALA C 371 24.99 24.13 -26.01
CA ALA C 371 24.16 22.94 -25.85
C ALA C 371 24.32 22.42 -24.43
N VAL C 372 25.57 22.19 -24.02
CA VAL C 372 25.92 21.55 -22.74
C VAL C 372 25.19 22.07 -21.47
N PRO C 373 24.99 23.40 -21.33
CA PRO C 373 24.13 23.77 -20.19
C PRO C 373 22.63 23.60 -20.42
N VAL C 374 22.10 23.92 -21.60
CA VAL C 374 20.65 23.81 -21.82
C VAL C 374 20.22 22.33 -21.79
N VAL C 375 21.09 21.46 -22.28
CA VAL C 375 20.86 20.02 -22.21
C VAL C 375 20.89 19.53 -20.75
N LEU C 376 22.02 19.68 -20.08
CA LEU C 376 22.21 19.13 -18.73
C LEU C 376 21.20 19.63 -17.70
N LEU C 377 20.98 20.94 -17.67
CA LEU C 377 20.00 21.54 -16.76
C LEU C 377 18.61 21.01 -17.03
N GLY C 378 18.14 21.12 -18.26
CA GLY C 378 16.89 20.47 -18.66
C GLY C 378 16.79 18.95 -18.52
N THR C 379 17.95 18.29 -18.34
CA THR C 379 18.03 16.83 -18.06
C THR C 379 17.75 16.54 -16.60
N PHE C 380 18.24 17.46 -15.75
CA PHE C 380 17.93 17.49 -14.34
C PHE C 380 16.42 17.68 -14.14
N ALA C 381 15.88 18.71 -14.78
CA ALA C 381 14.43 18.98 -14.77
C ALA C 381 13.66 17.70 -15.07
N VAL C 382 14.16 16.91 -16.01
CA VAL C 382 13.58 15.59 -16.27
C VAL C 382 13.94 14.59 -15.16
N LEU C 383 15.12 14.74 -14.57
CA LEU C 383 15.51 13.92 -13.45
C LEU C 383 14.53 14.11 -12.30
N ALA C 384 14.26 15.38 -12.00
CA ALA C 384 13.31 15.74 -10.94
C ALA C 384 11.97 15.11 -11.22
N ALA C 385 11.30 15.56 -12.27
CA ALA C 385 10.04 14.98 -12.69
C ALA C 385 9.95 13.50 -12.31
N PHE C 386 10.84 12.66 -12.81
CA PHE C 386 10.74 11.21 -12.58
C PHE C 386 11.29 10.74 -11.24
N GLY C 387 11.64 11.68 -10.37
CA GLY C 387 11.98 11.36 -9.00
C GLY C 387 13.33 10.71 -8.76
N PHE C 388 14.19 10.71 -9.77
CA PHE C 388 15.56 10.22 -9.60
C PHE C 388 16.43 11.21 -8.83
N SER C 389 17.57 10.75 -8.34
CA SER C 389 18.47 11.57 -7.53
C SER C 389 19.75 11.94 -8.29
N ILE C 390 20.38 13.03 -7.86
CA ILE C 390 21.75 13.28 -8.22
C ILE C 390 22.61 12.20 -7.52
N ASN C 391 23.19 11.33 -8.32
CA ASN C 391 24.04 10.28 -7.80
C ASN C 391 25.10 9.91 -8.82
N THR C 392 26.15 9.21 -8.37
CA THR C 392 27.26 8.87 -9.25
C THR C 392 26.72 8.29 -10.55
N LEU C 393 25.79 7.35 -10.42
CA LEU C 393 25.27 6.65 -11.57
C LEU C 393 24.43 7.52 -12.52
N THR C 394 23.76 8.56 -12.03
CA THR C 394 23.19 9.51 -12.98
C THR C 394 24.23 10.53 -13.41
N MET C 395 25.19 10.82 -12.53
CA MET C 395 26.30 11.70 -12.87
C MET C 395 27.10 11.11 -14.04
N PHE C 396 27.60 9.90 -13.85
CA PHE C 396 28.33 9.18 -14.88
C PHE C 396 27.64 9.37 -16.20
N GLY C 397 26.36 9.02 -16.24
CA GLY C 397 25.54 9.22 -17.43
C GLY C 397 25.77 10.60 -18.02
N MET C 398 25.78 11.62 -17.15
CA MET C 398 25.83 13.01 -17.60
C MET C 398 27.21 13.49 -18.01
N VAL C 399 28.23 12.84 -17.47
CA VAL C 399 29.60 13.17 -17.82
C VAL C 399 29.96 12.43 -19.10
N LEU C 400 29.22 11.37 -19.38
CA LEU C 400 29.48 10.46 -20.48
C LEU C 400 28.67 10.91 -21.68
N ALA C 401 27.43 11.35 -21.43
CA ALA C 401 26.64 12.04 -22.45
C ALA C 401 27.13 13.48 -22.62
N ILE C 402 28.42 13.68 -22.32
CA ILE C 402 29.12 14.96 -22.51
C ILE C 402 29.59 15.10 -23.97
N GLY C 403 30.40 14.15 -24.42
CA GLY C 403 30.75 14.08 -25.83
C GLY C 403 29.66 13.32 -26.56
N LEU C 404 28.41 13.73 -26.35
CA LEU C 404 27.28 13.05 -26.97
C LEU C 404 26.09 13.98 -27.25
N LEU C 405 25.72 14.79 -26.27
CA LEU C 405 24.65 15.76 -26.47
C LEU C 405 25.10 16.86 -27.42
N VAL C 406 26.41 16.89 -27.64
CA VAL C 406 27.04 17.91 -28.49
C VAL C 406 27.04 17.54 -29.97
N ASP C 407 27.00 16.23 -30.26
CA ASP C 407 27.09 15.74 -31.63
C ASP C 407 26.17 16.47 -32.60
N ASP C 408 24.88 16.48 -32.27
CA ASP C 408 23.89 17.07 -33.15
C ASP C 408 23.96 18.60 -33.20
N ALA C 409 24.68 19.21 -32.27
CA ALA C 409 24.95 20.65 -32.32
C ALA C 409 26.29 20.95 -32.99
N ILE C 410 27.08 19.90 -33.24
CA ILE C 410 28.32 20.03 -34.00
C ILE C 410 28.10 19.69 -35.48
N VAL C 411 27.14 18.80 -35.74
CA VAL C 411 26.71 18.52 -37.11
C VAL C 411 26.03 19.74 -37.75
N VAL C 412 25.31 20.54 -36.96
CA VAL C 412 24.64 21.76 -37.45
C VAL C 412 25.63 22.92 -37.66
N VAL C 413 26.83 22.80 -37.10
CA VAL C 413 27.82 23.86 -37.23
C VAL C 413 28.96 23.55 -38.24
N GLU C 414 29.51 22.34 -38.22
CA GLU C 414 30.45 21.93 -39.25
C GLU C 414 29.86 22.13 -40.67
N ASN C 415 28.56 21.84 -40.83
CA ASN C 415 27.90 21.80 -42.12
C ASN C 415 27.25 23.15 -42.49
N VAL C 416 27.51 24.18 -41.71
CA VAL C 416 27.20 25.55 -42.12
C VAL C 416 28.54 26.26 -42.36
N GLU C 417 29.61 25.76 -41.76
CA GLU C 417 30.97 26.24 -42.05
C GLU C 417 31.45 25.74 -43.40
N ARG C 418 31.16 24.47 -43.69
CA ARG C 418 31.48 23.85 -44.97
C ARG C 418 30.44 24.29 -46.03
N VAL C 419 29.70 25.35 -45.73
CA VAL C 419 28.77 25.99 -46.69
C VAL C 419 29.00 27.51 -46.84
N MET C 420 29.30 28.21 -45.74
CA MET C 420 29.72 29.63 -45.82
C MET C 420 31.01 29.67 -46.64
N ALA C 421 31.87 28.67 -46.43
CA ALA C 421 33.21 28.59 -47.06
C ALA C 421 33.30 27.57 -48.19
N GLU C 422 32.71 27.94 -49.33
CA GLU C 422 32.65 27.10 -50.53
C GLU C 422 31.66 27.76 -51.46
N GLU C 423 30.57 28.24 -50.88
CA GLU C 423 29.64 29.11 -51.57
C GLU C 423 29.52 30.39 -50.75
N GLY C 424 29.72 31.53 -51.41
CA GLY C 424 29.62 32.81 -50.72
C GLY C 424 28.21 33.06 -50.24
N LEU C 425 27.92 32.63 -49.02
CA LEU C 425 26.59 32.79 -48.43
C LEU C 425 26.66 33.38 -47.02
N PRO C 426 25.62 34.15 -46.62
CA PRO C 426 25.56 34.85 -45.34
C PRO C 426 25.22 33.91 -44.17
N PRO C 427 24.83 34.46 -43.01
CA PRO C 427 24.16 33.60 -42.05
C PRO C 427 22.89 32.89 -42.63
N LYS C 428 21.76 33.61 -42.70
CA LYS C 428 20.41 33.02 -42.92
C LYS C 428 20.37 31.88 -43.91
N GLU C 429 21.07 32.05 -45.04
CA GLU C 429 21.05 31.08 -46.12
C GLU C 429 21.96 29.87 -45.96
N ALA C 430 23.25 30.11 -45.65
CA ALA C 430 24.18 29.02 -45.36
C ALA C 430 23.59 28.14 -44.27
N THR C 431 22.66 28.73 -43.53
CA THR C 431 21.85 28.01 -42.57
C THR C 431 20.68 27.28 -43.31
N ARG C 432 19.53 27.93 -43.49
CA ARG C 432 18.30 27.27 -44.02
C ARG C 432 18.55 26.13 -45.01
N LYS C 433 19.60 26.28 -45.81
CA LYS C 433 19.90 25.35 -46.88
C LYS C 433 20.59 24.07 -46.39
N SER C 434 21.46 24.21 -45.39
CA SER C 434 22.10 23.05 -44.75
C SER C 434 21.12 22.24 -43.93
N MET C 435 20.24 22.95 -43.20
CA MET C 435 19.15 22.38 -42.39
C MET C 435 18.27 21.42 -43.17
N GLY C 436 18.12 21.68 -44.46
CA GLY C 436 17.52 20.70 -45.37
C GLY C 436 18.37 19.45 -45.45
N GLN C 437 19.69 19.65 -45.60
CA GLN C 437 20.58 18.53 -45.88
C GLN C 437 21.09 17.78 -44.64
N ILE C 438 20.68 18.21 -43.44
CA ILE C 438 21.16 17.54 -42.23
C ILE C 438 20.10 16.80 -41.39
N GLN C 439 18.87 17.32 -41.35
CA GLN C 439 17.84 16.84 -40.42
C GLN C 439 17.83 15.34 -40.23
N GLY C 440 17.61 14.61 -41.31
CA GLY C 440 17.58 13.15 -41.28
C GLY C 440 18.78 12.49 -40.60
N ALA C 441 19.91 13.20 -40.57
CA ALA C 441 21.16 12.68 -40.00
C ALA C 441 21.25 12.86 -38.48
N LEU C 442 20.89 14.06 -38.02
CA LEU C 442 20.82 14.39 -36.59
C LEU C 442 19.90 13.43 -35.85
N VAL C 443 18.62 13.53 -36.17
CA VAL C 443 17.59 12.60 -35.73
C VAL C 443 18.03 11.13 -35.61
N GLY C 444 18.79 10.64 -36.58
CA GLY C 444 19.30 9.27 -36.53
C GLY C 444 20.23 9.08 -35.36
N ILE C 445 21.10 10.08 -35.13
CA ILE C 445 22.04 10.06 -34.00
C ILE C 445 21.27 10.06 -32.66
N ALA C 446 20.17 10.82 -32.58
CA ALA C 446 19.27 10.76 -31.43
C ALA C 446 18.51 9.42 -31.35
N MET C 447 17.97 8.98 -32.48
CA MET C 447 17.34 7.67 -32.60
C MET C 447 18.18 6.57 -32.01
N VAL C 448 19.30 6.29 -32.67
CA VAL C 448 20.10 5.12 -32.37
C VAL C 448 20.77 5.20 -31.00
N LEU C 449 20.97 6.41 -30.51
CA LEU C 449 21.52 6.59 -29.17
C LEU C 449 20.49 6.46 -28.04
N SER C 450 19.24 6.85 -28.28
CA SER C 450 18.16 6.53 -27.34
C SER C 450 17.82 5.05 -27.47
N ALA C 451 16.93 4.75 -28.41
CA ALA C 451 16.60 3.39 -28.80
C ALA C 451 17.43 2.31 -28.10
N VAL C 452 18.75 2.45 -28.10
CA VAL C 452 19.65 1.41 -27.57
C VAL C 452 19.67 1.33 -26.02
N PHE C 453 19.57 2.50 -25.37
CA PHE C 453 19.59 2.57 -23.91
C PHE C 453 18.26 2.15 -23.26
N VAL C 454 17.17 2.33 -24.00
CA VAL C 454 15.78 2.08 -23.58
C VAL C 454 15.46 0.63 -23.13
N PRO C 455 15.64 -0.38 -24.00
CA PRO C 455 15.23 -1.70 -23.56
C PRO C 455 16.06 -2.21 -22.39
N MET C 456 17.16 -1.51 -22.10
CA MET C 456 18.00 -1.85 -20.96
C MET C 456 17.26 -1.59 -19.64
N ALA C 457 16.34 -0.64 -19.67
CA ALA C 457 15.67 -0.18 -18.47
C ALA C 457 14.60 -1.16 -17.91
N PHE C 458 13.85 -1.81 -18.80
CA PHE C 458 12.85 -2.81 -18.42
C PHE C 458 13.48 -4.08 -17.83
N PHE C 459 14.71 -3.98 -17.32
CA PHE C 459 15.37 -5.09 -16.65
C PHE C 459 15.36 -4.86 -15.15
N GLY C 460 15.60 -5.92 -14.40
CA GLY C 460 15.53 -5.83 -12.95
C GLY C 460 16.72 -6.50 -12.33
N GLY C 461 16.69 -6.59 -11.00
CA GLY C 461 17.83 -6.98 -10.19
C GLY C 461 18.54 -5.68 -9.88
N SER C 462 19.44 -5.68 -8.88
CA SER C 462 20.22 -4.50 -8.55
C SER C 462 20.77 -3.85 -9.82
N THR C 463 21.10 -4.74 -10.76
CA THR C 463 21.61 -4.40 -12.09
C THR C 463 20.68 -3.47 -12.87
N GLY C 464 19.46 -3.93 -13.14
CA GLY C 464 18.40 -3.06 -13.68
C GLY C 464 18.30 -1.67 -13.06
N ALA C 465 18.46 -1.61 -11.74
CA ALA C 465 18.45 -0.35 -11.00
C ALA C 465 19.58 0.59 -11.46
N ILE C 466 20.80 0.05 -11.52
CA ILE C 466 21.91 0.79 -12.04
C ILE C 466 21.60 1.22 -13.47
N TYR C 467 21.39 0.25 -14.36
CA TYR C 467 21.02 0.53 -15.74
C TYR C 467 20.16 1.79 -15.88
N ARG C 468 19.04 1.82 -15.16
CA ARG C 468 18.04 2.90 -15.33
C ARG C 468 18.60 4.27 -15.02
N GLN C 469 19.58 4.34 -14.12
CA GLN C 469 20.17 5.61 -13.80
C GLN C 469 20.68 6.24 -15.09
N PHE C 470 21.39 5.43 -15.88
CA PHE C 470 21.88 5.83 -17.18
C PHE C 470 20.73 6.10 -18.16
N SER C 471 19.89 5.11 -18.40
CA SER C 471 18.74 5.27 -19.31
C SER C 471 17.99 6.57 -19.14
N ILE C 472 17.65 6.95 -17.91
CA ILE C 472 17.03 8.23 -17.73
C ILE C 472 17.97 9.33 -18.26
N THR C 473 19.19 9.43 -17.75
CA THR C 473 20.06 10.57 -18.12
C THR C 473 20.32 10.66 -19.64
N ILE C 474 20.88 9.60 -20.20
CA ILE C 474 21.28 9.56 -21.60
C ILE C 474 20.11 9.83 -22.55
N VAL C 475 19.02 9.07 -22.42
CA VAL C 475 17.86 9.23 -23.32
C VAL C 475 17.33 10.68 -23.28
N SER C 476 17.28 11.26 -22.08
CA SER C 476 16.96 12.67 -21.95
C SER C 476 17.91 13.52 -22.79
N ALA C 477 19.20 13.45 -22.46
CA ALA C 477 20.25 14.20 -23.16
C ALA C 477 20.05 14.22 -24.68
N MET C 478 19.85 13.05 -25.29
CA MET C 478 19.66 12.93 -26.74
C MET C 478 18.42 13.72 -27.15
N ALA C 479 17.25 13.28 -26.70
CA ALA C 479 15.99 13.95 -26.97
C ALA C 479 16.03 15.47 -26.71
N LEU C 480 16.93 15.89 -25.83
CA LEU C 480 17.17 17.31 -25.65
C LEU C 480 18.11 17.83 -26.75
N SER C 481 19.27 17.18 -26.91
CA SER C 481 20.29 17.58 -27.89
C SER C 481 19.72 17.72 -29.31
N VAL C 482 18.81 16.82 -29.70
CA VAL C 482 18.13 16.91 -30.99
C VAL C 482 17.12 18.04 -31.01
N LEU C 483 16.58 18.37 -29.84
CA LEU C 483 15.61 19.45 -29.75
C LEU C 483 16.32 20.79 -29.74
N VAL C 484 17.53 20.83 -29.17
CA VAL C 484 18.32 22.07 -29.13
C VAL C 484 18.86 22.46 -30.52
N ALA C 485 19.57 21.52 -31.14
CA ALA C 485 20.14 21.70 -32.45
C ALA C 485 19.10 21.46 -33.54
N LEU C 486 18.02 22.24 -33.49
CA LEU C 486 16.87 22.16 -34.40
C LEU C 486 15.97 23.29 -34.03
N ILE C 487 16.20 23.86 -32.84
CA ILE C 487 15.48 25.05 -32.41
C ILE C 487 16.52 26.13 -32.21
N LEU C 488 17.36 25.97 -31.20
CA LEU C 488 18.23 27.05 -30.83
C LEU C 488 19.47 27.06 -31.73
N THR C 489 20.22 25.94 -31.74
CA THR C 489 21.50 25.88 -32.48
C THR C 489 21.44 26.58 -33.85
N PRO C 490 20.46 26.21 -34.72
CA PRO C 490 20.16 27.00 -35.92
C PRO C 490 20.08 28.51 -35.69
N ALA C 491 18.97 28.99 -35.11
CA ALA C 491 18.74 30.44 -34.91
C ALA C 491 19.93 31.23 -34.29
N LEU C 492 20.97 30.53 -33.87
CA LEU C 492 22.22 31.18 -33.46
C LEU C 492 23.09 31.54 -34.66
N CYS C 493 23.43 30.54 -35.48
CA CYS C 493 24.15 30.73 -36.75
C CYS C 493 23.53 31.86 -37.60
N ALA C 494 22.20 31.83 -37.72
CA ALA C 494 21.43 32.86 -38.44
C ALA C 494 21.51 34.26 -37.84
N THR C 495 22.00 34.36 -36.60
CA THR C 495 22.12 35.65 -35.92
C THR C 495 23.46 35.88 -35.19
N MET C 496 24.32 34.87 -35.16
CA MET C 496 25.62 35.02 -34.50
C MET C 496 26.86 34.46 -35.24
N LEU C 497 26.65 33.83 -36.39
CA LEU C 497 27.79 33.41 -37.22
C LEU C 497 28.41 34.52 -38.09
N LYS C 498 29.73 34.66 -37.97
CA LYS C 498 30.55 35.55 -38.81
C LYS C 498 30.61 34.97 -40.22
N PRO C 499 30.20 35.77 -41.24
CA PRO C 499 30.13 35.29 -42.62
C PRO C 499 31.50 34.88 -43.17
N ILE C 500 31.53 33.77 -43.90
CA ILE C 500 32.72 33.45 -44.68
C ILE C 500 32.52 33.63 -46.20
N ALA C 501 33.57 34.16 -46.85
CA ALA C 501 33.58 34.42 -48.29
C ALA C 501 34.09 33.19 -49.06
N LYS C 502 33.62 33.05 -50.31
CA LYS C 502 33.73 31.83 -51.14
C LYS C 502 35.10 31.10 -51.12
N GLY C 503 35.09 29.86 -51.64
CA GLY C 503 36.28 29.00 -51.81
C GLY C 503 37.34 29.03 -50.72
N ASP C 504 36.93 29.37 -49.49
CA ASP C 504 37.82 29.69 -48.38
C ASP C 504 38.29 28.49 -47.49
N HIS C 505 39.52 28.59 -47.01
CA HIS C 505 40.03 27.75 -45.94
C HIS C 505 41.11 28.49 -45.11
N GLY C 506 41.46 29.70 -45.57
CA GLY C 506 42.31 30.66 -44.83
C GLY C 506 43.71 30.25 -44.38
N GLU C 507 44.21 29.11 -44.88
CA GLU C 507 45.47 28.48 -44.44
C GLU C 507 46.71 29.36 -44.42
N GLY C 508 46.76 30.36 -45.33
CA GLY C 508 47.87 31.31 -45.45
C GLY C 508 47.72 32.53 -44.57
N LYS C 509 46.78 32.46 -43.64
CA LYS C 509 46.58 33.43 -42.57
C LYS C 509 46.63 32.67 -41.25
N LYS C 510 46.83 33.41 -40.15
CA LYS C 510 47.09 32.84 -38.80
C LYS C 510 48.40 32.02 -38.78
N GLY C 511 48.58 31.16 -37.79
CA GLY C 511 49.79 30.38 -37.65
C GLY C 511 49.53 28.92 -37.32
N PHE C 512 49.37 28.63 -36.03
CA PHE C 512 49.18 27.27 -35.50
C PHE C 512 47.85 26.61 -35.94
N PHE C 513 46.90 27.44 -36.35
CA PHE C 513 45.62 26.98 -36.89
C PHE C 513 45.72 26.65 -38.38
N GLY C 514 46.41 27.49 -39.15
CA GLY C 514 46.78 27.19 -40.54
C GLY C 514 47.68 25.97 -40.63
N TRP C 515 48.55 25.80 -39.62
CA TRP C 515 49.39 24.62 -39.40
C TRP C 515 48.56 23.34 -39.47
N PHE C 516 47.55 23.27 -38.60
CA PHE C 516 46.55 22.20 -38.56
C PHE C 516 45.77 22.08 -39.87
N ASN C 517 45.18 23.19 -40.31
CA ASN C 517 44.34 23.20 -41.52
C ASN C 517 44.92 22.45 -42.72
N ARG C 518 46.23 22.56 -42.94
CA ARG C 518 46.92 21.77 -43.97
C ARG C 518 46.93 20.29 -43.57
N MET C 519 47.52 20.03 -42.40
CA MET C 519 47.58 18.71 -41.76
C MET C 519 46.20 18.02 -41.75
N PHE C 520 45.15 18.79 -42.06
CA PHE C 520 43.80 18.27 -42.26
C PHE C 520 43.46 18.23 -43.76
N GLU C 521 43.57 19.37 -44.42
CA GLU C 521 43.15 19.53 -45.82
C GLU C 521 43.82 18.57 -46.77
N LYS C 522 45.14 18.46 -46.63
CA LYS C 522 45.92 17.51 -47.43
C LYS C 522 45.41 16.10 -47.18
N SER C 523 45.04 15.86 -45.91
CA SER C 523 44.80 14.52 -45.33
C SER C 523 43.41 13.94 -45.61
N THR C 524 42.39 14.80 -45.61
CA THR C 524 41.05 14.38 -46.02
C THR C 524 41.01 14.19 -47.53
N HIS C 525 41.85 14.95 -48.24
CA HIS C 525 42.02 14.75 -49.67
C HIS C 525 42.83 13.47 -49.91
N HIS C 526 43.79 13.19 -49.02
CA HIS C 526 44.56 11.94 -49.04
C HIS C 526 43.63 10.76 -48.81
N TYR C 527 43.04 10.69 -47.61
CA TYR C 527 42.11 9.63 -47.21
C TYR C 527 41.06 9.30 -48.29
N THR C 528 40.37 10.32 -48.79
CA THR C 528 39.31 10.15 -49.79
C THR C 528 39.76 9.27 -50.96
N ASP C 529 41.00 9.51 -51.41
CA ASP C 529 41.63 8.75 -52.49
C ASP C 529 41.97 7.32 -52.04
N SER C 530 42.59 7.21 -50.85
CA SER C 530 42.95 5.91 -50.26
C SER C 530 41.73 5.07 -49.88
N VAL C 531 40.57 5.72 -49.80
CA VAL C 531 39.31 5.03 -49.56
C VAL C 531 38.73 4.49 -50.88
N GLY C 532 39.04 5.16 -51.99
CA GLY C 532 38.57 4.78 -53.33
C GLY C 532 39.15 3.45 -53.82
N GLY C 533 40.41 3.20 -53.45
CA GLY C 533 41.10 1.95 -53.78
C GLY C 533 40.52 0.78 -52.99
N ILE C 534 40.16 1.06 -51.75
CA ILE C 534 39.40 0.15 -50.90
C ILE C 534 38.06 -0.19 -51.56
N LEU C 535 37.34 0.85 -51.99
CA LEU C 535 36.03 0.72 -52.63
C LEU C 535 36.10 -0.06 -53.95
N ARG C 536 37.29 -0.12 -54.55
CA ARG C 536 37.50 -0.96 -55.72
C ARG C 536 37.62 -2.42 -55.29
N SER C 537 38.75 -2.78 -54.69
CA SER C 537 38.99 -4.15 -54.20
C SER C 537 38.25 -4.43 -52.88
N THR C 538 37.07 -5.04 -52.97
CA THR C 538 36.13 -5.08 -51.83
C THR C 538 36.26 -6.29 -50.88
N GLY C 539 35.77 -7.47 -51.29
CA GLY C 539 35.93 -8.73 -50.52
C GLY C 539 37.38 -9.00 -50.07
N ARG C 540 38.28 -8.19 -50.62
CA ARG C 540 39.66 -8.13 -50.15
C ARG C 540 39.70 -7.32 -48.83
N TYR C 541 38.70 -7.57 -47.97
CA TYR C 541 38.54 -6.88 -46.67
C TYR C 541 37.67 -7.64 -45.67
N LEU C 542 36.71 -8.40 -46.20
CA LEU C 542 35.86 -9.28 -45.40
C LEU C 542 36.61 -10.55 -44.97
N VAL C 543 37.94 -10.49 -45.00
CA VAL C 543 38.78 -11.55 -44.45
C VAL C 543 39.64 -10.92 -43.35
N LEU C 544 39.80 -9.61 -43.43
CA LEU C 544 40.27 -8.78 -42.31
C LEU C 544 39.11 -8.70 -41.30
N TYR C 545 37.95 -8.28 -41.81
CA TYR C 545 36.69 -8.22 -41.05
C TYR C 545 36.28 -9.54 -40.39
N LEU C 546 36.31 -10.64 -41.14
CA LEU C 546 36.03 -11.96 -40.61
C LEU C 546 36.82 -12.16 -39.31
N ILE C 547 38.13 -11.90 -39.36
CA ILE C 547 38.99 -12.25 -38.24
C ILE C 547 39.03 -11.12 -37.20
N ILE C 548 38.66 -9.92 -37.64
CA ILE C 548 38.39 -8.81 -36.73
C ILE C 548 37.25 -9.18 -35.77
N VAL C 549 36.17 -9.75 -36.33
CA VAL C 549 35.05 -10.29 -35.54
C VAL C 549 35.51 -11.42 -34.58
N VAL C 550 36.19 -12.44 -35.12
CA VAL C 550 36.59 -13.59 -34.29
C VAL C 550 37.59 -13.22 -33.18
N GLY C 551 38.40 -12.19 -33.37
CA GLY C 551 39.21 -11.68 -32.27
C GLY C 551 38.35 -10.98 -31.24
N MET C 552 37.32 -10.27 -31.72
CA MET C 552 36.36 -9.60 -30.86
C MET C 552 35.59 -10.65 -30.12
N ALA C 553 34.98 -11.55 -30.87
CA ALA C 553 34.27 -12.70 -30.29
C ALA C 553 35.24 -13.68 -29.62
N TYR C 554 36.38 -13.17 -29.16
CA TYR C 554 37.41 -13.99 -28.54
C TYR C 554 37.93 -13.31 -27.29
N LEU C 555 38.27 -12.02 -27.45
CA LEU C 555 38.55 -11.17 -26.30
C LEU C 555 37.37 -11.16 -25.36
N PHE C 556 36.18 -11.42 -25.92
CA PHE C 556 34.95 -11.76 -25.20
C PHE C 556 35.18 -12.95 -24.28
N VAL C 557 34.83 -14.15 -24.77
CA VAL C 557 35.03 -15.42 -24.08
C VAL C 557 36.33 -15.51 -23.26
N ARG C 558 37.30 -14.66 -23.60
CA ARG C 558 38.59 -14.59 -22.92
C ARG C 558 38.46 -13.82 -21.61
N LEU C 559 37.78 -12.67 -21.68
CA LEU C 559 37.68 -11.68 -20.59
C LEU C 559 36.77 -12.08 -19.42
N PRO C 560 37.32 -12.06 -18.18
CA PRO C 560 36.56 -12.38 -16.98
C PRO C 560 35.54 -11.31 -16.59
N SER C 561 34.52 -11.72 -15.84
CA SER C 561 33.44 -10.84 -15.43
C SER C 561 33.41 -10.75 -13.92
N SER C 562 33.22 -9.53 -13.41
CA SER C 562 32.98 -9.29 -12.00
C SER C 562 31.60 -8.64 -11.82
N PHE C 563 31.25 -8.29 -10.58
CA PHE C 563 30.04 -7.52 -10.39
C PHE C 563 30.35 -6.03 -10.43
N LEU C 564 31.05 -5.54 -9.42
CA LEU C 564 31.33 -4.11 -9.37
C LEU C 564 32.66 -3.82 -8.69
N PRO C 565 33.35 -2.77 -9.15
CA PRO C 565 34.61 -2.28 -8.58
C PRO C 565 34.50 -1.95 -7.10
N ASP C 566 35.50 -2.39 -6.31
CA ASP C 566 35.59 -2.07 -4.89
C ASP C 566 36.27 -0.73 -4.71
N GLU C 567 36.38 -0.23 -3.47
CA GLU C 567 37.29 0.91 -3.22
C GLU C 567 37.61 1.32 -1.81
N ASP C 568 38.44 2.36 -1.73
CA ASP C 568 38.81 2.96 -0.48
C ASP C 568 37.62 3.79 -0.03
N GLN C 569 36.90 3.28 0.96
CA GLN C 569 35.71 3.96 1.46
C GLN C 569 36.03 4.76 2.72
N GLY C 570 37.32 4.82 3.04
CA GLY C 570 37.84 5.67 4.11
C GLY C 570 37.78 4.93 5.43
N VAL C 571 37.39 3.66 5.33
CA VAL C 571 37.08 2.79 6.48
C VAL C 571 37.08 1.33 6.03
N PHE C 572 37.25 0.41 7.00
CA PHE C 572 37.23 -1.04 6.75
C PHE C 572 37.00 -1.85 8.04
N MET C 573 36.97 -3.18 7.94
CA MET C 573 36.63 -4.05 9.08
C MET C 573 37.56 -5.23 9.26
N THR C 574 37.78 -5.61 10.52
CA THR C 574 38.55 -6.80 10.88
C THR C 574 37.75 -7.69 11.85
N MET C 575 37.61 -8.96 11.49
CA MET C 575 36.92 -9.89 12.38
C MET C 575 37.90 -10.77 13.13
N VAL C 576 37.58 -10.98 14.39
CA VAL C 576 38.31 -11.90 15.25
C VAL C 576 37.37 -13.04 15.56
N GLN C 577 37.89 -14.26 15.63
CA GLN C 577 37.04 -15.32 16.06
C GLN C 577 37.81 -16.50 16.63
N LEU C 578 37.98 -16.50 17.96
CA LEU C 578 38.70 -17.58 18.67
C LEU C 578 37.98 -18.91 18.56
N PRO C 579 38.73 -20.01 18.71
CA PRO C 579 38.12 -21.33 18.62
C PRO C 579 37.02 -21.61 19.65
N ALA C 580 36.34 -22.74 19.45
CA ALA C 580 35.33 -23.29 20.36
C ALA C 580 35.66 -23.23 21.87
N GLY C 581 34.85 -22.47 22.61
CA GLY C 581 34.87 -22.49 24.08
C GLY C 581 35.72 -21.39 24.66
N ALA C 582 36.37 -20.65 23.77
CA ALA C 582 37.23 -19.53 24.15
C ALA C 582 36.44 -18.42 24.84
N THR C 583 37.06 -17.77 25.82
CA THR C 583 36.36 -16.80 26.66
C THR C 583 36.57 -15.31 26.35
N GLN C 584 35.88 -14.46 27.12
CA GLN C 584 35.87 -13.01 26.90
C GLN C 584 37.26 -12.45 27.06
N GLU C 585 37.93 -12.88 28.13
CA GLU C 585 39.33 -12.55 28.48
C GLU C 585 40.25 -12.74 27.27
N ARG C 586 40.32 -13.98 26.78
CA ARG C 586 41.19 -14.40 25.69
C ARG C 586 41.06 -13.53 24.43
N THR C 587 39.81 -13.32 24.01
CA THR C 587 39.51 -12.52 22.83
C THR C 587 39.87 -11.07 23.12
N GLN C 588 39.56 -10.63 24.34
CA GLN C 588 39.78 -9.24 24.75
C GLN C 588 41.21 -8.88 24.40
N LYS C 589 42.11 -9.82 24.72
CA LYS C 589 43.54 -9.71 24.45
C LYS C 589 43.83 -9.81 22.95
N VAL C 590 43.49 -10.93 22.32
CA VAL C 590 43.47 -10.95 20.83
C VAL C 590 42.97 -9.64 20.19
N LEU C 591 41.92 -9.05 20.74
CA LEU C 591 41.44 -7.77 20.22
C LEU C 591 42.41 -6.63 20.52
N ASN C 592 42.99 -6.65 21.72
CA ASN C 592 43.99 -5.67 22.12
C ASN C 592 45.17 -5.70 21.16
N GLU C 593 45.56 -6.93 20.75
CA GLU C 593 46.58 -7.16 19.75
C GLU C 593 46.23 -6.44 18.48
N VAL C 594 45.14 -6.91 17.87
CA VAL C 594 44.57 -6.29 16.66
C VAL C 594 44.59 -4.76 16.74
N THR C 595 44.16 -4.20 17.86
CA THR C 595 44.17 -2.74 18.03
C THR C 595 45.56 -2.12 18.01
N HIS C 596 46.56 -2.86 18.54
CA HIS C 596 47.93 -2.34 18.60
C HIS C 596 48.47 -2.20 17.19
N TYR C 597 48.63 -3.34 16.50
CA TYR C 597 49.12 -3.34 15.13
C TYR C 597 48.56 -2.18 14.27
N TYR C 598 47.28 -1.86 14.39
CA TYR C 598 46.74 -0.74 13.62
C TYR C 598 47.28 0.60 14.09
N LEU C 599 47.52 0.73 15.39
CA LEU C 599 47.94 2.01 15.96
C LEU C 599 49.46 2.14 16.18
N THR C 600 50.20 1.16 15.69
CA THR C 600 51.66 1.21 15.66
C THR C 600 52.13 0.96 14.22
N LYS C 601 52.09 -0.31 13.82
CA LYS C 601 52.54 -0.80 12.51
C LYS C 601 51.70 -0.31 11.31
N GLU C 602 51.16 0.91 11.42
CA GLU C 602 50.25 1.47 10.43
C GLU C 602 49.65 2.78 10.94
N LYS C 603 50.29 3.41 11.91
CA LYS C 603 49.76 4.60 12.59
C LYS C 603 49.75 5.89 11.73
N ASN C 604 49.81 5.72 10.42
CA ASN C 604 49.87 6.85 9.50
C ASN C 604 48.93 6.69 8.32
N ASN C 605 48.22 5.57 8.28
CA ASN C 605 47.05 5.36 7.41
C ASN C 605 45.73 5.31 8.20
N VAL C 606 45.76 4.50 9.27
CA VAL C 606 44.72 4.40 10.29
C VAL C 606 44.48 5.76 10.97
N GLU C 607 43.30 5.91 11.59
CA GLU C 607 42.93 7.14 12.25
C GLU C 607 42.33 6.84 13.62
N SER C 608 41.66 5.69 13.75
CA SER C 608 40.99 5.27 14.99
C SER C 608 40.50 3.83 14.89
N VAL C 609 40.50 3.10 16.00
CA VAL C 609 39.97 1.72 16.07
C VAL C 609 38.92 1.43 17.16
N PHE C 610 37.70 1.15 16.70
CA PHE C 610 36.61 0.78 17.57
C PHE C 610 36.57 -0.73 17.64
N ALA C 611 36.81 -1.30 18.81
CA ALA C 611 36.86 -2.76 18.94
C ALA C 611 35.70 -3.22 19.77
N VAL C 612 34.97 -4.20 19.25
CA VAL C 612 33.85 -4.69 19.99
C VAL C 612 34.05 -6.17 20.27
N ASN C 613 34.16 -6.47 21.55
CA ASN C 613 34.25 -7.83 22.07
C ASN C 613 32.87 -8.41 22.36
N GLY C 614 32.49 -9.43 21.60
CA GLY C 614 31.25 -10.14 21.85
C GLY C 614 30.26 -10.02 20.71
N PHE C 615 30.58 -9.16 19.75
CA PHE C 615 29.65 -8.88 18.66
C PHE C 615 30.25 -9.26 17.31
N GLY C 616 30.24 -10.56 17.00
CA GLY C 616 30.51 -11.01 15.64
C GLY C 616 29.48 -10.42 14.65
N PHE C 617 29.75 -10.59 13.37
CA PHE C 617 28.67 -10.38 12.42
C PHE C 617 28.06 -11.75 12.13
N ALA C 618 28.92 -12.76 12.20
CA ALA C 618 28.56 -14.16 11.95
C ALA C 618 28.03 -14.90 13.19
N GLY C 619 27.41 -14.14 14.11
CA GLY C 619 26.90 -14.69 15.37
C GLY C 619 27.64 -14.20 16.60
N ARG C 620 26.92 -13.56 17.52
CA ARG C 620 27.50 -13.07 18.77
C ARG C 620 27.95 -14.20 19.71
N GLY C 621 28.55 -13.84 20.84
CA GLY C 621 29.10 -14.82 21.76
C GLY C 621 30.44 -14.36 22.29
N GLN C 622 31.12 -15.23 23.04
CA GLN C 622 32.37 -14.86 23.70
C GLN C 622 33.59 -15.01 22.77
N ASN C 623 33.73 -16.20 22.18
CA ASN C 623 34.81 -16.50 21.28
C ASN C 623 34.64 -15.76 19.94
N THR C 624 34.47 -14.45 20.00
CA THR C 624 34.09 -13.70 18.82
C THR C 624 34.26 -12.20 19.07
N GLY C 625 34.70 -11.47 18.06
CA GLY C 625 34.81 -10.00 18.15
C GLY C 625 34.87 -9.34 16.77
N ILE C 626 34.65 -8.02 16.75
CA ILE C 626 34.76 -7.25 15.52
C ILE C 626 35.36 -5.91 15.91
N ALA C 627 36.16 -5.34 15.01
CA ALA C 627 36.69 -4.00 15.25
C ALA C 627 36.65 -3.13 14.00
N PHE C 628 35.98 -1.98 14.13
CA PHE C 628 35.77 -1.02 13.04
C PHE C 628 36.93 -0.06 12.95
N VAL C 629 37.65 -0.14 11.84
CA VAL C 629 38.85 0.67 11.63
C VAL C 629 38.53 1.86 10.74
N SER C 630 38.77 3.07 11.24
CA SER C 630 38.59 4.29 10.44
C SER C 630 39.91 4.91 9.98
N LEU C 631 40.03 5.16 8.69
CA LEU C 631 41.28 5.67 8.12
C LEU C 631 41.27 7.19 8.17
N LYS C 632 42.46 7.79 8.13
CA LYS C 632 42.59 9.25 7.98
C LYS C 632 42.16 9.63 6.57
N ASP C 633 42.25 10.91 6.23
CA ASP C 633 41.77 11.36 4.93
C ASP C 633 42.43 10.60 3.76
N TRP C 634 41.83 10.68 2.57
CA TRP C 634 42.42 10.16 1.34
C TRP C 634 43.53 11.10 0.85
N ALA C 635 43.37 12.39 1.14
CA ALA C 635 44.41 13.39 0.86
C ALA C 635 45.64 13.19 1.76
N ASP C 636 45.70 12.04 2.45
CA ASP C 636 46.79 11.70 3.36
C ASP C 636 47.27 10.27 3.18
N ARG C 637 46.60 9.52 2.33
CA ARG C 637 47.06 8.16 2.04
C ARG C 637 47.30 8.03 0.53
N PRO C 638 48.25 8.82 -0.02
CA PRO C 638 48.47 8.81 -1.46
C PRO C 638 49.12 7.52 -1.96
N GLY C 639 48.76 7.12 -3.17
CA GLY C 639 49.37 5.98 -3.82
C GLY C 639 48.86 4.67 -3.27
N GLU C 640 48.27 3.89 -4.17
CA GLU C 640 47.72 2.55 -3.91
C GLU C 640 48.12 1.82 -2.61
N GLU C 641 49.42 1.84 -2.28
CA GLU C 641 49.99 1.17 -1.10
C GLU C 641 49.42 1.68 0.22
N ASN C 642 48.62 2.75 0.12
CA ASN C 642 47.93 3.39 1.24
C ASN C 642 46.40 3.43 1.10
N LYS C 643 45.91 2.88 0.00
CA LYS C 643 44.49 2.69 -0.17
C LYS C 643 44.08 1.42 0.59
N VAL C 644 42.77 1.28 0.84
CA VAL C 644 42.25 0.20 1.69
C VAL C 644 42.80 -1.13 1.19
N GLU C 645 42.83 -1.27 -0.13
CA GLU C 645 43.41 -2.40 -0.80
C GLU C 645 44.51 -3.12 -0.01
N ALA C 646 45.69 -2.50 0.04
CA ALA C 646 46.90 -3.10 0.62
C ALA C 646 46.86 -3.17 2.16
N ILE C 647 46.48 -2.04 2.80
CA ILE C 647 46.33 -1.94 4.27
C ILE C 647 45.81 -3.23 4.87
N THR C 648 44.78 -3.73 4.20
CA THR C 648 44.09 -4.96 4.54
C THR C 648 44.90 -6.18 4.15
N MET C 649 45.29 -6.25 2.87
CA MET C 649 46.08 -7.34 2.31
C MET C 649 47.25 -7.69 3.25
N ARG C 650 47.83 -6.63 3.84
CA ARG C 650 48.86 -6.69 4.87
C ARG C 650 48.31 -7.39 6.10
N ALA C 651 47.50 -6.64 6.84
CA ALA C 651 46.79 -7.10 8.03
C ALA C 651 46.34 -8.56 7.98
N THR C 652 45.64 -8.96 6.92
CA THR C 652 45.27 -10.36 6.70
C THR C 652 46.48 -11.25 6.98
N ARG C 653 47.53 -11.11 6.17
CA ARG C 653 48.75 -11.89 6.31
C ARG C 653 49.58 -11.47 7.55
N ALA C 654 49.61 -10.17 7.87
CA ALA C 654 50.21 -9.72 9.12
C ALA C 654 49.67 -10.54 10.31
N PHE C 655 48.34 -10.46 10.52
CA PHE C 655 47.65 -11.19 11.60
C PHE C 655 47.51 -12.70 11.38
N SER C 656 48.01 -13.20 10.25
CA SER C 656 48.04 -14.64 9.99
C SER C 656 49.06 -15.31 10.90
N GLN C 657 49.83 -14.48 11.61
CA GLN C 657 50.72 -14.93 12.68
C GLN C 657 49.94 -15.72 13.76
N ILE C 658 48.96 -15.05 14.35
CA ILE C 658 48.43 -15.35 15.69
C ILE C 658 48.02 -16.81 15.97
N LYS C 659 48.48 -17.31 17.12
CA LYS C 659 48.26 -18.69 17.57
C LYS C 659 46.87 -18.82 18.19
N ASP C 660 46.06 -19.72 17.63
CA ASP C 660 44.69 -20.05 18.11
C ASP C 660 43.64 -18.93 17.94
N ALA C 661 43.48 -18.45 16.70
CA ALA C 661 42.59 -17.31 16.36
C ALA C 661 42.58 -17.02 14.85
N MET C 662 41.40 -17.16 14.21
CA MET C 662 41.26 -16.74 12.80
C MET C 662 40.91 -15.26 12.73
N VAL C 663 41.80 -14.46 12.14
CA VAL C 663 41.67 -13.01 12.13
C VAL C 663 41.87 -12.45 10.72
N PHE C 664 40.80 -11.93 10.12
CA PHE C 664 40.85 -11.39 8.76
C PHE C 664 40.47 -9.94 8.81
N ALA C 665 41.10 -9.12 7.97
CA ALA C 665 40.57 -7.79 7.64
C ALA C 665 39.90 -7.92 6.28
N PHE C 666 39.26 -6.87 5.82
CA PHE C 666 38.65 -6.88 4.47
C PHE C 666 38.12 -5.51 4.06
N ASN C 667 38.13 -5.27 2.74
CA ASN C 667 37.38 -4.17 2.17
C ASN C 667 35.93 -4.59 2.12
N LEU C 668 35.04 -3.65 2.46
CA LEU C 668 33.62 -3.85 2.33
C LEU C 668 33.21 -3.62 0.87
N PRO C 669 32.18 -4.33 0.39
CA PRO C 669 31.71 -4.12 -0.97
C PRO C 669 31.31 -2.67 -1.23
N ALA C 670 31.08 -2.34 -2.49
CA ALA C 670 30.63 -1.00 -2.84
C ALA C 670 29.13 -0.81 -2.57
N ILE C 671 28.37 -1.93 -2.48
CA ILE C 671 26.96 -1.88 -2.08
C ILE C 671 26.65 -2.58 -0.74
N VAL C 672 26.85 -1.84 0.35
CA VAL C 672 27.01 -2.43 1.68
C VAL C 672 25.73 -3.08 2.26
N GLU C 673 24.58 -2.91 1.60
CA GLU C 673 23.33 -3.51 2.08
C GLU C 673 23.21 -5.00 1.77
N LEU C 674 23.98 -5.47 0.80
CA LEU C 674 23.92 -6.87 0.41
C LEU C 674 24.96 -7.78 1.07
N GLY C 675 26.11 -7.21 1.37
CA GLY C 675 27.17 -7.92 2.06
C GLY C 675 27.96 -6.93 2.89
N THR C 676 28.84 -7.44 3.72
CA THR C 676 29.66 -6.57 4.56
C THR C 676 31.15 -6.72 4.25
N ALA C 677 31.56 -7.93 3.83
CA ALA C 677 32.94 -8.18 3.36
C ALA C 677 32.93 -8.54 1.89
N THR C 678 33.73 -7.85 1.10
CA THR C 678 33.82 -8.15 -0.33
C THR C 678 34.31 -9.58 -0.59
N GLY C 679 33.85 -10.16 -1.69
CA GLY C 679 34.16 -11.54 -1.99
C GLY C 679 32.94 -12.30 -2.43
N PHE C 680 32.57 -13.35 -1.71
CA PHE C 680 31.42 -14.11 -2.12
C PHE C 680 30.63 -14.79 -1.01
N ASP C 681 29.34 -14.99 -1.28
CA ASP C 681 28.37 -15.61 -0.38
C ASP C 681 27.98 -16.93 -1.00
N PHE C 682 28.49 -18.00 -0.43
CA PHE C 682 28.26 -19.31 -0.99
C PHE C 682 27.50 -20.11 0.06
N GLU C 683 26.39 -20.73 -0.33
CA GLU C 683 25.58 -21.50 0.65
C GLU C 683 25.67 -22.98 0.34
N LEU C 684 25.90 -23.75 1.40
CA LEU C 684 26.01 -25.18 1.25
C LEU C 684 24.76 -25.82 1.81
N ILE C 685 23.76 -25.93 0.94
CA ILE C 685 22.45 -26.51 1.26
C ILE C 685 22.60 -28.01 1.55
N ASP C 686 21.49 -28.68 1.84
CA ASP C 686 21.50 -30.09 2.20
C ASP C 686 20.22 -30.78 1.69
N GLN C 687 20.17 -30.95 0.37
CA GLN C 687 18.99 -31.43 -0.35
C GLN C 687 18.48 -32.83 0.02
N ALA C 688 19.28 -33.61 0.76
CA ALA C 688 18.95 -35.03 0.95
C ALA C 688 18.67 -35.41 2.41
N GLY C 689 18.53 -34.40 3.25
CA GLY C 689 18.26 -34.62 4.67
C GLY C 689 19.29 -35.58 5.20
N LEU C 690 20.54 -35.10 5.24
CA LEU C 690 21.73 -35.91 5.57
C LEU C 690 22.04 -35.95 7.05
N GLY C 691 22.18 -34.76 7.65
CA GLY C 691 22.52 -34.61 9.07
C GLY C 691 23.49 -33.47 9.20
N HIS C 692 23.48 -32.77 10.35
CA HIS C 692 24.50 -31.77 10.63
C HIS C 692 25.92 -32.36 10.56
N GLU C 693 26.04 -33.59 11.08
CA GLU C 693 27.26 -34.36 11.04
C GLU C 693 27.86 -34.36 9.62
N LYS C 694 27.13 -35.00 8.72
CA LYS C 694 27.57 -35.34 7.37
C LYS C 694 27.98 -34.11 6.56
N LEU C 695 27.23 -33.01 6.72
CA LEU C 695 27.49 -31.77 6.00
C LEU C 695 28.72 -31.09 6.58
N THR C 696 28.77 -31.03 7.92
CA THR C 696 29.93 -30.52 8.65
C THR C 696 31.22 -31.10 8.03
N GLN C 697 31.24 -32.42 7.85
CA GLN C 697 32.31 -33.12 7.13
C GLN C 697 32.43 -32.58 5.71
N ALA C 698 31.38 -32.73 4.92
CA ALA C 698 31.31 -32.22 3.53
C ALA C 698 31.76 -30.77 3.29
N ARG C 699 31.92 -29.99 4.35
CA ARG C 699 32.46 -28.63 4.23
C ARG C 699 33.97 -28.59 4.48
N ASN C 700 34.46 -29.55 5.26
CA ASN C 700 35.90 -29.70 5.40
C ASN C 700 36.49 -30.18 4.08
N GLN C 701 35.75 -31.05 3.41
CA GLN C 701 36.09 -31.49 2.08
C GLN C 701 36.12 -30.34 1.09
N LEU C 702 35.58 -29.18 1.47
CA LEU C 702 35.52 -28.04 0.54
C LEU C 702 36.45 -26.87 0.92
N LEU C 703 36.38 -26.45 2.19
CA LEU C 703 37.25 -25.41 2.72
C LEU C 703 38.71 -25.77 2.40
N ALA C 704 39.05 -27.04 2.60
CA ALA C 704 40.38 -27.55 2.33
C ALA C 704 40.72 -27.39 0.84
N GLU C 705 39.91 -28.01 0.00
CA GLU C 705 40.20 -28.09 -1.43
C GLU C 705 40.02 -26.75 -2.18
N ALA C 706 40.05 -25.66 -1.39
CA ALA C 706 40.03 -24.30 -1.91
C ALA C 706 41.31 -23.58 -1.49
N ALA C 707 42.00 -24.11 -0.48
CA ALA C 707 43.39 -23.72 -0.21
C ALA C 707 44.31 -24.33 -1.27
N LYS C 708 43.90 -25.48 -1.84
CA LYS C 708 44.55 -26.10 -3.02
C LYS C 708 44.72 -25.18 -4.24
N HIS C 709 43.89 -24.15 -4.39
CA HIS C 709 44.12 -23.18 -5.45
C HIS C 709 44.23 -21.76 -4.88
N PRO C 710 45.33 -21.45 -4.13
CA PRO C 710 45.52 -20.11 -3.57
C PRO C 710 45.91 -19.10 -4.65
N ASP C 711 46.20 -19.64 -5.84
CA ASP C 711 46.37 -18.85 -7.06
C ASP C 711 45.03 -18.27 -7.54
N MET C 712 43.93 -18.67 -6.90
CA MET C 712 42.59 -18.25 -7.31
C MET C 712 41.70 -17.74 -6.17
N LEU C 713 41.71 -18.44 -5.04
CA LEU C 713 40.84 -18.12 -3.91
C LEU C 713 41.63 -17.79 -2.67
N THR C 714 41.54 -16.53 -2.21
CA THR C 714 42.05 -16.13 -0.89
C THR C 714 40.95 -16.16 0.20
N SER C 715 41.37 -16.25 1.46
CA SER C 715 40.52 -16.01 2.65
C SER C 715 39.18 -16.78 2.77
N VAL C 716 39.10 -18.00 2.25
CA VAL C 716 37.85 -18.77 2.36
C VAL C 716 37.55 -19.13 3.80
N ARG C 717 36.33 -18.86 4.25
CA ARG C 717 35.89 -19.30 5.59
C ARG C 717 34.37 -19.58 5.71
N PRO C 718 33.96 -20.42 6.69
CA PRO C 718 32.55 -20.46 7.03
C PRO C 718 32.20 -19.21 7.86
N ASN C 719 30.98 -18.72 7.71
CA ASN C 719 30.53 -17.61 8.51
C ASN C 719 30.24 -18.12 9.93
N GLY C 720 29.76 -19.36 10.01
CA GLY C 720 29.25 -19.96 11.25
C GLY C 720 30.23 -20.26 12.36
N LEU C 721 29.71 -20.85 13.44
CA LEU C 721 30.54 -21.25 14.57
C LEU C 721 30.59 -22.78 14.67
N GLU C 722 31.42 -23.29 15.58
CA GLU C 722 31.87 -24.67 15.48
C GLU C 722 31.49 -25.50 16.68
N ASP C 723 30.97 -26.69 16.42
CA ASP C 723 30.36 -27.60 17.42
C ASP C 723 31.08 -27.72 18.79
N THR C 724 30.72 -26.82 19.70
CA THR C 724 31.40 -26.68 20.99
C THR C 724 31.11 -27.84 21.96
N PRO C 725 31.73 -27.82 23.15
CA PRO C 725 31.31 -28.69 24.23
C PRO C 725 30.08 -28.13 24.92
N GLN C 726 29.27 -29.02 25.48
CA GLN C 726 28.15 -28.61 26.31
C GLN C 726 28.13 -29.40 27.60
N PHE C 727 28.00 -28.69 28.71
CA PHE C 727 27.82 -29.33 30.00
C PHE C 727 26.35 -29.74 30.15
N LYS C 728 26.09 -31.04 30.22
CA LYS C 728 24.75 -31.56 30.42
C LYS C 728 24.60 -32.03 31.86
N ILE C 729 24.06 -31.15 32.70
CA ILE C 729 23.63 -31.46 34.07
C ILE C 729 22.48 -32.48 34.05
N ASP C 730 21.97 -32.89 35.22
CA ASP C 730 20.81 -33.79 35.24
C ASP C 730 20.18 -33.93 36.62
N ILE C 731 19.03 -33.28 36.79
CA ILE C 731 18.23 -33.48 37.98
C ILE C 731 17.51 -34.82 37.88
N ASP C 732 17.56 -35.58 38.97
CA ASP C 732 16.91 -36.88 39.03
C ASP C 732 15.62 -36.75 39.85
N GLN C 733 14.56 -36.34 39.16
CA GLN C 733 13.26 -36.07 39.78
C GLN C 733 12.87 -37.18 40.74
N GLU C 734 13.27 -38.40 40.38
CA GLU C 734 13.10 -39.57 41.23
C GLU C 734 13.78 -39.36 42.59
N LYS C 735 15.11 -39.23 42.55
CA LYS C 735 15.91 -39.13 43.78
C LYS C 735 15.50 -37.94 44.64
N ALA C 736 15.54 -36.75 44.06
CA ALA C 736 15.27 -35.49 44.75
C ALA C 736 13.98 -35.45 45.58
N GLN C 737 12.90 -36.05 45.05
CA GLN C 737 11.61 -36.11 45.74
C GLN C 737 11.74 -36.85 47.08
N ALA C 738 12.47 -37.96 47.07
CA ALA C 738 12.70 -38.75 48.28
C ALA C 738 13.23 -37.91 49.43
N LEU C 739 14.11 -36.97 49.12
CA LEU C 739 14.72 -36.09 50.11
C LEU C 739 13.77 -34.98 50.52
N GLY C 740 12.75 -34.73 49.70
CA GLY C 740 11.72 -33.75 50.04
C GLY C 740 11.90 -32.38 49.41
N VAL C 741 12.41 -32.34 48.18
CA VAL C 741 12.62 -31.07 47.49
C VAL C 741 11.33 -30.63 46.79
N SER C 742 11.49 -29.78 45.78
CA SER C 742 10.45 -29.53 44.79
C SER C 742 11.14 -29.13 43.51
N ILE C 743 10.76 -29.80 42.43
CA ILE C 743 11.39 -29.63 41.12
C ILE C 743 11.59 -28.20 40.62
N ASN C 744 10.66 -27.29 40.94
CA ASN C 744 10.84 -25.87 40.59
C ASN C 744 11.97 -25.27 41.38
N ASP C 745 11.97 -25.55 42.67
CA ASP C 745 12.99 -25.04 43.58
C ASP C 745 14.40 -25.44 43.12
N ILE C 746 14.52 -26.69 42.65
CA ILE C 746 15.74 -27.09 41.95
C ILE C 746 15.90 -26.09 40.79
N ASN C 747 15.06 -26.26 39.76
CA ASN C 747 15.18 -25.50 38.52
C ASN C 747 15.32 -23.99 38.72
N THR C 748 14.50 -23.39 39.60
CA THR C 748 14.59 -21.96 39.89
C THR C 748 15.99 -21.63 40.33
N THR C 749 16.42 -22.25 41.43
CA THR C 749 17.80 -22.17 41.90
C THR C 749 18.82 -22.40 40.75
N LEU C 750 18.71 -23.52 40.05
CA LEU C 750 19.67 -23.75 39.01
C LEU C 750 19.73 -22.56 38.03
N GLY C 751 18.59 -22.20 37.45
CA GLY C 751 18.42 -21.09 36.49
C GLY C 751 18.78 -19.71 37.02
N ALA C 752 18.26 -19.37 38.20
CA ALA C 752 18.49 -18.05 38.78
C ALA C 752 19.95 -17.87 39.10
N ALA C 753 20.57 -18.92 39.64
CA ALA C 753 21.97 -18.88 39.98
C ALA C 753 22.84 -18.85 38.73
N TRP C 754 22.75 -19.88 37.92
CA TRP C 754 23.71 -19.97 36.86
C TRP C 754 23.38 -19.00 35.73
N GLY C 755 22.12 -19.05 35.29
CA GLY C 755 21.65 -18.26 34.17
C GLY C 755 21.40 -16.84 34.58
N GLY C 756 20.84 -16.66 35.77
CA GLY C 756 20.27 -15.35 36.17
C GLY C 756 18.80 -15.21 35.77
N SER C 757 18.07 -14.31 36.44
CA SER C 757 16.64 -14.18 36.17
C SER C 757 16.24 -12.72 36.27
N TYR C 758 15.37 -12.27 35.34
CA TYR C 758 14.70 -10.94 35.39
C TYR C 758 13.58 -11.10 36.39
N VAL C 759 13.57 -10.31 37.44
CA VAL C 759 12.58 -10.52 38.47
C VAL C 759 11.44 -9.52 38.30
N ASN C 760 11.78 -8.26 38.11
CA ASN C 760 10.82 -7.22 37.77
C ASN C 760 11.55 -5.94 37.43
N ASP C 761 10.90 -4.79 37.64
CA ASP C 761 11.44 -3.51 37.23
C ASP C 761 11.58 -2.57 38.42
N PHE C 762 12.57 -1.68 38.34
CA PHE C 762 12.83 -0.67 39.36
C PHE C 762 12.98 0.72 38.71
N ILE C 763 13.04 1.80 39.50
CA ILE C 763 12.87 3.13 38.89
C ILE C 763 14.12 4.01 38.94
N ASP C 764 15.20 3.53 38.32
CA ASP C 764 16.47 4.27 38.24
C ASP C 764 16.37 5.73 37.77
N ARG C 765 16.35 6.64 38.73
CA ARG C 765 16.30 8.07 38.45
C ARG C 765 15.20 8.48 37.50
N GLY C 766 14.07 7.80 37.62
CA GLY C 766 12.87 8.09 36.83
C GLY C 766 12.78 7.25 35.57
N ARG C 767 13.66 6.25 35.44
CA ARG C 767 13.66 5.41 34.25
C ARG C 767 13.41 3.99 34.61
N VAL C 768 12.35 3.42 34.07
CA VAL C 768 12.00 2.06 34.41
C VAL C 768 13.14 1.32 33.80
N LYS C 769 13.78 0.45 34.59
CA LYS C 769 14.92 -0.36 34.14
C LYS C 769 14.83 -1.77 34.76
N LYS C 770 15.46 -2.76 34.10
CA LYS C 770 15.30 -4.16 34.50
C LYS C 770 15.88 -4.41 35.93
N VAL C 771 15.75 -5.63 36.45
CA VAL C 771 16.22 -5.99 37.79
C VAL C 771 16.44 -7.47 37.90
N TYR C 772 17.69 -7.87 38.08
CA TYR C 772 18.09 -9.27 37.97
C TYR C 772 18.66 -9.84 39.24
N VAL C 773 18.75 -11.16 39.29
CA VAL C 773 19.46 -11.86 40.36
C VAL C 773 20.30 -12.97 39.75
N MET C 774 21.60 -12.97 40.07
CA MET C 774 22.43 -14.00 39.49
C MET C 774 23.21 -14.92 40.44
N SER C 775 24.17 -14.35 41.16
CA SER C 775 25.27 -15.12 41.78
C SER C 775 26.56 -14.47 41.34
N GLU C 776 27.41 -14.14 42.30
CA GLU C 776 28.72 -13.62 41.93
C GLU C 776 29.40 -14.63 41.01
N ALA C 777 30.29 -14.14 40.16
CA ALA C 777 30.84 -14.94 39.09
C ALA C 777 31.57 -16.16 39.64
N LYS C 778 32.16 -15.98 40.81
CA LYS C 778 33.04 -16.98 41.39
C LYS C 778 32.33 -18.23 41.96
N TYR C 779 31.01 -18.34 41.78
CA TYR C 779 30.31 -19.56 42.20
C TYR C 779 29.67 -20.30 41.05
N ARG C 780 29.97 -19.84 39.84
CA ARG C 780 29.30 -20.30 38.63
C ARG C 780 30.27 -20.36 37.44
N MET C 781 31.45 -20.91 37.72
CA MET C 781 32.45 -21.25 36.70
C MET C 781 32.64 -22.76 36.63
N LEU C 782 33.25 -23.35 37.67
CA LEU C 782 33.56 -24.79 37.64
C LEU C 782 32.35 -25.72 37.82
N PRO C 783 32.35 -26.80 37.04
CA PRO C 783 31.43 -27.91 37.18
C PRO C 783 31.32 -28.52 38.58
N ASP C 784 32.12 -28.02 39.50
CA ASP C 784 32.17 -28.58 40.85
C ASP C 784 31.55 -27.58 41.78
N ASP C 785 31.50 -26.34 41.29
CA ASP C 785 30.67 -25.30 41.87
C ASP C 785 29.25 -25.81 42.04
N ILE C 786 28.72 -26.48 41.01
CA ILE C 786 27.40 -27.08 41.10
C ILE C 786 27.14 -27.51 42.53
N GLY C 787 28.16 -28.12 43.16
CA GLY C 787 28.07 -28.56 44.54
C GLY C 787 27.73 -27.45 45.53
N ASP C 788 28.23 -26.24 45.25
CA ASP C 788 28.10 -25.04 46.12
C ASP C 788 26.68 -24.59 46.45
N TRP C 789 25.71 -25.06 45.66
CA TRP C 789 24.34 -24.59 45.71
C TRP C 789 23.45 -25.61 46.37
N TYR C 790 22.66 -25.13 47.33
CA TYR C 790 21.93 -26.00 48.21
C TYR C 790 20.44 -25.67 48.24
N VAL C 791 19.63 -26.50 47.61
CA VAL C 791 18.17 -26.35 47.69
C VAL C 791 17.70 -26.72 49.11
N ARG C 792 16.68 -26.01 49.61
CA ARG C 792 16.03 -26.39 50.88
C ARG C 792 15.02 -27.50 50.61
N ALA C 793 14.81 -28.37 51.60
CA ALA C 793 13.79 -29.42 51.51
C ALA C 793 12.49 -29.02 52.24
N ALA C 794 11.41 -29.76 51.95
CA ALA C 794 10.06 -29.49 52.46
C ALA C 794 9.88 -29.65 53.97
N ASP C 795 10.59 -30.60 54.58
CA ASP C 795 10.65 -30.70 56.05
C ASP C 795 11.36 -29.50 56.66
N GLY C 796 12.59 -29.25 56.20
CA GLY C 796 13.40 -28.13 56.66
C GLY C 796 14.89 -28.43 56.48
N GLN C 797 15.20 -29.64 56.02
CA GLN C 797 16.57 -30.07 55.69
C GLN C 797 17.18 -29.14 54.64
N MET C 798 18.43 -29.38 54.24
CA MET C 798 19.09 -28.49 53.27
C MET C 798 19.95 -29.16 52.18
N VAL C 799 19.39 -30.14 51.48
CA VAL C 799 20.08 -30.92 50.44
C VAL C 799 21.12 -30.20 49.55
N PRO C 800 22.28 -30.86 49.32
CA PRO C 800 23.21 -30.39 48.30
C PRO C 800 22.67 -30.70 46.93
N PHE C 801 23.07 -29.92 45.94
CA PHE C 801 22.67 -30.25 44.58
C PHE C 801 23.17 -31.62 44.18
N SER C 802 24.25 -32.03 44.84
CA SER C 802 24.96 -33.28 44.53
C SER C 802 24.18 -34.54 44.89
N ALA C 803 23.16 -34.38 45.74
CA ALA C 803 22.27 -35.47 46.09
C ALA C 803 21.03 -35.56 45.19
N PHE C 804 21.18 -35.15 43.93
CA PHE C 804 20.21 -35.47 42.86
C PHE C 804 20.72 -35.12 41.45
N SER C 805 21.75 -34.28 41.37
CA SER C 805 22.39 -33.94 40.10
C SER C 805 23.15 -35.12 39.47
N SER C 806 23.79 -34.87 38.34
CA SER C 806 24.82 -35.76 37.75
C SER C 806 25.32 -35.22 36.40
N SER C 807 26.56 -34.73 36.35
CA SER C 807 27.18 -34.21 35.12
C SER C 807 27.35 -35.22 33.95
N ARG C 808 28.00 -34.76 32.88
CA ARG C 808 28.35 -35.54 31.68
C ARG C 808 28.59 -34.53 30.58
N TRP C 809 29.21 -34.94 29.48
CA TRP C 809 29.48 -34.00 28.40
C TRP C 809 28.84 -34.40 27.09
N GLU C 810 28.73 -33.41 26.19
CA GLU C 810 28.18 -33.66 24.87
C GLU C 810 28.58 -32.56 23.88
N TYR C 811 28.44 -32.89 22.60
CA TYR C 811 28.73 -31.94 21.51
C TYR C 811 27.43 -31.43 20.87
N GLY C 812 27.54 -30.94 19.64
CA GLY C 812 26.41 -30.30 18.96
C GLY C 812 26.74 -28.86 18.64
N SER C 813 26.07 -28.32 17.64
CA SER C 813 26.36 -26.97 17.15
C SER C 813 25.91 -25.89 18.13
N PRO C 814 26.68 -24.81 18.20
CA PRO C 814 26.26 -23.61 18.91
C PRO C 814 25.36 -22.70 18.05
N ARG C 815 25.34 -22.96 16.73
CA ARG C 815 24.67 -22.07 15.77
C ARG C 815 24.42 -22.70 14.38
N LEU C 816 23.17 -23.15 14.16
CA LEU C 816 22.69 -23.76 12.93
C LEU C 816 22.17 -22.74 11.97
N GLU C 817 22.64 -22.81 10.73
CA GLU C 817 22.16 -21.93 9.68
C GLU C 817 21.23 -22.74 8.80
N ARG C 818 20.28 -22.06 8.16
CA ARG C 818 19.38 -22.67 7.20
C ARG C 818 19.23 -21.71 6.07
N TYR C 819 19.44 -22.20 4.86
CA TYR C 819 19.12 -21.41 3.68
C TYR C 819 17.97 -22.07 2.93
N ASN C 820 17.13 -21.21 2.36
CA ASN C 820 15.84 -21.57 1.80
C ASN C 820 15.10 -22.77 2.41
N GLY C 821 15.05 -22.83 3.74
CA GLY C 821 14.23 -23.83 4.40
C GLY C 821 15.04 -25.04 4.80
N LEU C 822 15.92 -25.47 3.89
CA LEU C 822 16.89 -26.52 4.14
C LEU C 822 18.11 -26.01 4.94
N PRO C 823 18.84 -26.93 5.62
CA PRO C 823 20.04 -26.58 6.39
C PRO C 823 21.16 -26.13 5.50
N SER C 824 22.02 -25.27 6.03
CA SER C 824 23.12 -24.73 5.26
C SER C 824 24.37 -24.46 6.09
N MET C 825 25.51 -24.37 5.41
CA MET C 825 26.68 -23.69 5.93
C MET C 825 27.00 -22.55 4.97
N GLU C 826 27.03 -21.32 5.48
CA GLU C 826 27.32 -20.21 4.60
C GLU C 826 28.82 -20.13 4.50
N ILE C 827 29.31 -19.89 3.29
CA ILE C 827 30.74 -19.80 3.00
C ILE C 827 31.07 -18.46 2.34
N LEU C 828 32.13 -17.82 2.79
CA LEU C 828 32.61 -16.60 2.14
C LEU C 828 34.00 -16.83 1.61
N GLY C 829 34.47 -15.88 0.82
CA GLY C 829 35.81 -15.92 0.26
C GLY C 829 36.08 -14.74 -0.67
N GLN C 830 37.36 -14.50 -0.93
CA GLN C 830 37.84 -13.52 -1.91
C GLN C 830 38.55 -14.23 -3.07
N ALA C 831 38.82 -13.50 -4.15
CA ALA C 831 39.65 -14.02 -5.23
C ALA C 831 41.13 -13.57 -5.09
N ALA C 832 42.07 -14.50 -5.29
CA ALA C 832 43.51 -14.19 -5.22
C ALA C 832 43.87 -12.96 -6.06
N PRO C 833 44.80 -12.11 -5.56
CA PRO C 833 45.18 -10.86 -6.22
C PRO C 833 45.43 -11.04 -7.72
N GLY C 834 44.70 -10.28 -8.54
CA GLY C 834 44.82 -10.37 -9.99
C GLY C 834 43.71 -11.14 -10.72
N LYS C 835 43.01 -12.02 -10.01
CA LYS C 835 41.88 -12.77 -10.60
C LYS C 835 40.55 -12.03 -10.31
N SER C 836 39.51 -12.33 -11.11
CA SER C 836 38.21 -11.66 -10.99
C SER C 836 37.15 -12.48 -10.25
N THR C 837 36.34 -11.76 -9.48
CA THR C 837 35.28 -12.36 -8.63
C THR C 837 34.52 -13.50 -9.35
N GLY C 838 34.39 -13.38 -10.68
CA GLY C 838 33.68 -14.36 -11.49
C GLY C 838 34.44 -15.67 -11.50
N GLU C 839 35.73 -15.58 -11.81
CA GLU C 839 36.60 -16.74 -11.83
C GLU C 839 36.50 -17.45 -10.50
N ALA C 840 36.75 -16.70 -9.41
CA ALA C 840 36.65 -17.23 -8.05
C ALA C 840 35.33 -17.98 -7.81
N MET C 841 34.23 -17.39 -8.29
CA MET C 841 32.92 -18.03 -8.23
C MET C 841 32.95 -19.34 -9.01
N GLU C 842 33.44 -19.27 -10.25
CA GLU C 842 33.38 -20.43 -11.16
C GLU C 842 34.31 -21.55 -10.73
N LEU C 843 35.47 -21.22 -10.17
CA LEU C 843 36.26 -22.25 -9.52
C LEU C 843 35.32 -22.97 -8.54
N MET C 844 34.86 -22.25 -7.53
CA MET C 844 33.96 -22.80 -6.52
C MET C 844 32.85 -23.73 -7.04
N GLU C 845 32.11 -23.29 -8.05
CA GLU C 845 31.05 -24.13 -8.64
C GLU C 845 31.56 -25.48 -9.10
N GLN C 846 32.78 -25.48 -9.61
CA GLN C 846 33.49 -26.71 -9.98
C GLN C 846 33.63 -27.63 -8.76
N LEU C 847 34.41 -27.18 -7.76
CA LEU C 847 34.65 -27.89 -6.48
C LEU C 847 33.35 -28.36 -5.81
N ALA C 848 32.32 -27.51 -5.90
CA ALA C 848 30.97 -27.85 -5.45
C ALA C 848 30.47 -29.17 -6.07
N SER C 849 30.32 -29.21 -7.40
CA SER C 849 29.74 -30.38 -8.07
C SER C 849 30.47 -31.73 -7.84
N LYS C 850 31.62 -31.70 -7.19
CA LYS C 850 32.37 -32.93 -6.84
C LYS C 850 32.28 -33.25 -5.32
N LEU C 851 31.06 -33.30 -4.79
CA LEU C 851 30.81 -33.45 -3.33
C LEU C 851 29.83 -34.61 -3.08
N PRO C 852 29.66 -35.04 -1.80
CA PRO C 852 28.65 -36.10 -1.56
C PRO C 852 27.31 -35.75 -2.22
N THR C 853 26.41 -36.72 -2.37
CA THR C 853 25.18 -36.41 -3.11
C THR C 853 24.06 -35.98 -2.20
N GLY C 854 23.27 -35.02 -2.71
CA GLY C 854 22.25 -34.30 -1.95
C GLY C 854 22.87 -33.20 -1.12
N VAL C 855 24.16 -32.94 -1.34
CA VAL C 855 24.86 -31.83 -0.72
C VAL C 855 25.10 -30.81 -1.84
N GLY C 856 24.05 -30.08 -2.18
CA GLY C 856 24.10 -29.03 -3.21
C GLY C 856 24.53 -27.67 -2.68
N TYR C 857 24.34 -26.64 -3.49
CA TYR C 857 24.87 -25.33 -3.16
C TYR C 857 24.08 -24.18 -3.78
N ASP C 858 24.25 -23.00 -3.20
CA ASP C 858 23.73 -21.83 -3.83
C ASP C 858 24.51 -20.58 -3.50
N TRP C 859 24.24 -19.56 -4.30
CA TRP C 859 24.89 -18.29 -4.16
C TRP C 859 23.88 -17.30 -3.61
N THR C 860 24.29 -16.55 -2.60
CA THR C 860 23.37 -15.61 -1.99
C THR C 860 23.92 -14.20 -2.01
N GLY C 861 23.21 -13.30 -1.35
CA GLY C 861 23.56 -11.89 -1.24
C GLY C 861 24.29 -11.26 -2.40
N MET C 862 25.47 -10.75 -2.07
CA MET C 862 26.41 -10.10 -2.98
C MET C 862 26.55 -10.86 -4.29
N SER C 863 26.92 -12.13 -4.16
CA SER C 863 27.13 -13.04 -5.27
C SER C 863 25.88 -13.11 -6.13
N TYR C 864 24.76 -13.50 -5.52
CA TYR C 864 23.54 -13.86 -6.26
C TYR C 864 23.13 -12.78 -7.26
N GLN C 865 23.41 -11.52 -6.91
CA GLN C 865 23.18 -10.38 -7.79
C GLN C 865 24.14 -10.30 -8.98
N GLU C 866 25.37 -10.77 -8.79
CA GLU C 866 26.36 -10.85 -9.88
C GLU C 866 26.00 -11.95 -10.90
N ARG C 867 25.79 -13.18 -10.41
CA ARG C 867 25.30 -14.26 -11.27
C ARG C 867 24.15 -13.77 -12.15
N LEU C 868 23.20 -13.05 -11.56
CA LEU C 868 22.02 -12.62 -12.28
C LEU C 868 22.38 -11.56 -13.32
N SER C 869 23.42 -10.76 -13.04
CA SER C 869 23.96 -9.79 -13.99
C SER C 869 24.45 -10.47 -15.28
N GLY C 870 25.23 -11.55 -15.12
CA GLY C 870 25.71 -12.38 -16.22
C GLY C 870 24.57 -12.87 -17.10
N ASN C 871 23.78 -13.80 -16.56
CA ASN C 871 22.66 -14.43 -17.27
C ASN C 871 21.85 -13.53 -18.19
N GLN C 872 21.67 -12.27 -17.81
CA GLN C 872 20.82 -11.39 -18.61
C GLN C 872 21.55 -10.51 -19.66
N ALA C 873 22.89 -10.39 -19.52
CA ALA C 873 23.74 -9.71 -20.53
C ALA C 873 23.43 -10.14 -21.98
N PRO C 874 23.56 -11.45 -22.31
CA PRO C 874 23.15 -11.92 -23.63
C PRO C 874 21.86 -11.25 -24.13
N SER C 875 20.76 -11.42 -23.40
CA SER C 875 19.48 -10.83 -23.80
C SER C 875 19.55 -9.30 -23.87
N LEU C 876 20.43 -8.73 -23.04
CA LEU C 876 20.60 -7.28 -22.99
C LEU C 876 21.14 -6.73 -24.32
N TYR C 877 22.21 -7.35 -24.83
CA TYR C 877 22.77 -6.96 -26.12
C TYR C 877 21.87 -7.38 -27.30
N ALA C 878 21.32 -8.59 -27.22
CA ALA C 878 20.35 -9.09 -28.22
C ALA C 878 19.17 -8.15 -28.53
N ILE C 879 18.29 -7.94 -27.57
CA ILE C 879 17.10 -7.13 -27.83
C ILE C 879 17.49 -5.68 -28.08
N SER C 880 18.60 -5.25 -27.47
CA SER C 880 19.14 -3.91 -27.68
C SER C 880 19.41 -3.66 -29.16
N LEU C 881 20.18 -4.57 -29.76
CA LEU C 881 20.42 -4.55 -31.20
C LEU C 881 19.08 -4.55 -31.94
N ILE C 882 18.27 -5.61 -31.77
CA ILE C 882 16.97 -5.74 -32.44
C ILE C 882 16.19 -4.41 -32.53
N VAL C 883 16.29 -3.60 -31.48
CA VAL C 883 15.59 -2.33 -31.41
C VAL C 883 16.21 -1.35 -32.38
N VAL C 884 17.54 -1.27 -32.36
CA VAL C 884 18.29 -0.36 -33.25
C VAL C 884 18.03 -0.72 -34.73
N PHE C 885 18.30 -1.98 -35.08
CA PHE C 885 17.92 -2.53 -36.38
C PHE C 885 16.52 -2.00 -36.76
N LEU C 886 15.53 -2.32 -35.94
CA LEU C 886 14.15 -1.85 -36.12
C LEU C 886 13.94 -0.33 -36.13
N CYS C 887 14.71 0.39 -35.32
CA CYS C 887 14.61 1.86 -35.25
C CYS C 887 15.10 2.53 -36.52
N LEU C 888 16.03 1.88 -37.20
CA LEU C 888 16.63 2.42 -38.40
C LEU C 888 15.79 2.08 -39.62
N ALA C 889 15.27 0.86 -39.67
CA ALA C 889 14.40 0.46 -40.78
C ALA C 889 13.20 1.44 -40.90
N ALA C 890 12.47 1.63 -39.81
CA ALA C 890 11.48 2.71 -39.74
C ALA C 890 12.05 4.03 -40.27
N LEU C 891 13.33 4.29 -40.00
CA LEU C 891 13.92 5.62 -40.22
C LEU C 891 14.28 5.88 -41.68
N TYR C 892 15.21 5.10 -42.20
CA TYR C 892 15.73 5.30 -43.56
C TYR C 892 15.01 4.40 -44.55
N GLU C 893 13.76 4.08 -44.19
CA GLU C 893 12.82 3.30 -44.99
C GLU C 893 13.38 2.06 -45.67
N SER C 894 14.58 1.67 -45.26
CA SER C 894 15.31 0.61 -45.92
C SER C 894 14.94 -0.77 -45.36
N TRP C 895 15.96 -1.55 -45.03
CA TRP C 895 15.85 -2.97 -44.68
C TRP C 895 17.28 -3.46 -44.84
N SER C 896 18.10 -2.56 -45.36
CA SER C 896 19.48 -2.81 -45.79
C SER C 896 20.45 -1.73 -45.30
N ILE C 897 20.05 -0.47 -45.46
CA ILE C 897 20.69 0.65 -44.75
C ILE C 897 20.88 0.28 -43.27
N PRO C 898 19.80 -0.17 -42.60
CA PRO C 898 20.00 -0.75 -41.28
C PRO C 898 20.95 -1.95 -41.35
N PHE C 899 20.59 -2.98 -42.13
CA PHE C 899 21.35 -4.24 -42.22
C PHE C 899 22.83 -4.06 -42.54
N SER C 900 23.21 -2.84 -42.91
CA SER C 900 24.58 -2.43 -43.23
C SER C 900 25.25 -1.69 -42.06
N VAL C 901 24.49 -0.80 -41.42
CA VAL C 901 24.92 -0.14 -40.18
C VAL C 901 25.23 -1.22 -39.14
N MET C 902 24.30 -2.15 -38.95
CA MET C 902 24.42 -3.19 -37.94
C MET C 902 25.72 -3.98 -38.06
N LEU C 903 26.33 -3.91 -39.24
CA LEU C 903 27.60 -4.59 -39.49
C LEU C 903 28.79 -3.80 -38.91
N VAL C 904 28.58 -2.52 -38.60
CA VAL C 904 29.65 -1.66 -38.05
C VAL C 904 29.82 -1.85 -36.53
N VAL C 905 28.81 -2.43 -35.88
CA VAL C 905 28.83 -2.65 -34.43
C VAL C 905 30.05 -3.43 -33.94
N PRO C 906 30.31 -4.64 -34.51
CA PRO C 906 31.40 -5.53 -34.07
C PRO C 906 32.78 -4.88 -34.02
N LEU C 907 32.98 -3.82 -34.81
CA LEU C 907 34.27 -3.15 -34.87
C LEU C 907 34.55 -2.24 -33.67
N GLY C 908 33.56 -1.43 -33.29
CA GLY C 908 33.63 -0.60 -32.09
C GLY C 908 33.81 -1.42 -30.82
N VAL C 909 33.09 -2.54 -30.73
CA VAL C 909 33.23 -3.45 -29.58
C VAL C 909 34.67 -3.91 -29.38
N ILE C 910 35.24 -4.58 -30.38
CA ILE C 910 36.57 -5.17 -30.23
C ILE C 910 37.57 -4.22 -29.56
N GLY C 911 37.54 -2.96 -29.99
CA GLY C 911 38.44 -1.96 -29.44
C GLY C 911 38.13 -1.72 -27.99
N ALA C 912 36.84 -1.61 -27.69
CA ALA C 912 36.36 -1.59 -26.31
C ALA C 912 36.92 -2.76 -25.51
N LEU C 913 36.68 -3.99 -25.98
CA LEU C 913 37.21 -5.22 -25.35
C LEU C 913 38.69 -5.06 -25.02
N LEU C 914 39.47 -4.80 -26.07
CA LEU C 914 40.90 -4.59 -25.97
C LEU C 914 41.28 -3.61 -24.87
N ALA C 915 40.66 -2.43 -24.91
CA ALA C 915 40.96 -1.33 -23.99
C ALA C 915 40.91 -1.75 -22.52
N ALA C 916 40.14 -2.80 -22.23
CA ALA C 916 40.11 -3.38 -20.91
C ALA C 916 40.91 -4.67 -20.86
N THR C 917 40.71 -5.56 -21.84
CA THR C 917 41.37 -6.88 -21.82
C THR C 917 42.82 -6.68 -21.41
N PHE C 918 43.49 -5.73 -22.04
CA PHE C 918 44.81 -5.32 -21.57
C PHE C 918 44.78 -3.94 -20.87
N ARG C 919 44.06 -3.91 -19.74
CA ARG C 919 44.10 -2.82 -18.74
C ARG C 919 43.91 -3.47 -17.38
N GLY C 920 43.76 -4.80 -17.40
CA GLY C 920 43.53 -5.60 -16.20
C GLY C 920 42.12 -5.50 -15.64
N LEU C 921 41.16 -5.23 -16.52
CA LEU C 921 39.80 -4.95 -16.10
C LEU C 921 38.88 -6.14 -16.29
N THR C 922 37.60 -5.93 -15.98
CA THR C 922 36.62 -7.00 -15.89
C THR C 922 35.31 -6.66 -16.59
N ASN C 923 34.60 -7.72 -17.03
CA ASN C 923 33.27 -7.60 -17.62
C ASN C 923 32.23 -7.53 -16.50
N ASP C 924 32.41 -6.50 -15.69
CA ASP C 924 31.49 -6.17 -14.63
C ASP C 924 30.30 -5.49 -15.23
N VAL C 925 29.51 -4.87 -14.35
CA VAL C 925 28.28 -4.24 -14.75
C VAL C 925 28.56 -3.03 -15.62
N TYR C 926 29.45 -2.16 -15.18
CA TYR C 926 29.83 -0.95 -15.93
C TYR C 926 30.27 -1.22 -17.39
N PHE C 927 30.97 -2.32 -17.60
CA PHE C 927 31.35 -2.64 -18.96
C PHE C 927 30.11 -2.80 -19.83
N GLN C 928 29.17 -3.64 -19.38
CA GLN C 928 27.95 -3.95 -20.13
C GLN C 928 27.17 -2.69 -20.57
N VAL C 929 27.29 -1.63 -19.77
CA VAL C 929 26.77 -0.32 -20.10
C VAL C 929 27.66 0.28 -21.18
N GLY C 930 28.96 0.32 -20.91
CA GLY C 930 29.94 0.66 -21.95
C GLY C 930 29.54 0.04 -23.29
N LEU C 931 29.44 -1.29 -23.35
CA LEU C 931 29.09 -2.01 -24.60
C LEU C 931 27.82 -1.52 -25.27
N LEU C 932 26.78 -1.27 -24.49
CA LEU C 932 25.54 -0.74 -25.07
C LEU C 932 25.74 0.69 -25.52
N THR C 933 26.78 1.35 -25.01
CA THR C 933 27.11 2.70 -25.42
C THR C 933 28.00 2.65 -26.66
N THR C 934 28.85 1.62 -26.75
CA THR C 934 29.66 1.43 -27.94
C THR C 934 28.75 1.24 -29.12
N ILE C 935 27.88 0.24 -29.03
CA ILE C 935 26.86 0.00 -30.06
C ILE C 935 26.31 1.31 -30.64
N GLY C 936 25.86 2.22 -29.78
CA GLY C 936 25.27 3.49 -30.23
C GLY C 936 26.23 4.51 -30.81
N LEU C 937 27.49 4.46 -30.37
CA LEU C 937 28.53 5.32 -30.90
C LEU C 937 29.02 4.78 -32.26
N SER C 938 29.19 3.47 -32.33
CA SER C 938 29.40 2.73 -33.57
C SER C 938 28.15 2.83 -34.44
N ALA C 939 27.51 3.99 -34.48
CA ALA C 939 26.33 4.16 -35.30
C ALA C 939 26.25 5.56 -35.88
N LYS C 940 26.54 6.57 -35.05
CA LYS C 940 26.69 7.92 -35.60
C LYS C 940 27.86 7.89 -36.59
N ASN C 941 28.96 7.25 -36.18
CA ASN C 941 30.05 6.90 -37.09
C ASN C 941 29.57 5.82 -38.08
N ALA C 942 28.62 6.18 -38.93
CA ALA C 942 27.96 5.25 -39.85
C ALA C 942 26.61 5.80 -40.33
N ILE C 943 26.02 6.71 -39.55
CA ILE C 943 24.86 7.46 -40.02
C ILE C 943 25.40 8.60 -40.87
N LEU C 944 26.52 9.15 -40.42
CA LEU C 944 27.11 10.32 -41.05
C LEU C 944 27.68 10.06 -42.45
N ILE C 945 27.89 8.79 -42.81
CA ILE C 945 28.23 8.46 -44.19
C ILE C 945 26.98 7.98 -44.96
N VAL C 946 26.22 7.08 -44.33
CA VAL C 946 25.15 6.32 -44.98
C VAL C 946 23.90 7.16 -45.23
N GLU C 947 23.54 8.01 -44.26
CA GLU C 947 22.44 8.94 -44.48
C GLU C 947 22.84 9.97 -45.54
N PHE C 948 24.13 10.30 -45.61
CA PHE C 948 24.61 11.21 -46.65
C PHE C 948 25.03 10.50 -47.94
N ALA C 949 24.83 9.19 -48.00
CA ALA C 949 25.07 8.43 -49.21
C ALA C 949 23.76 8.09 -49.94
N LYS C 950 22.85 7.36 -49.28
CA LYS C 950 21.52 7.11 -49.85
C LYS C 950 20.84 8.43 -50.17
N ASP C 951 21.40 9.51 -49.63
CA ASP C 951 20.87 10.86 -49.78
C ASP C 951 21.09 11.33 -51.21
N LEU C 952 22.36 11.47 -51.61
CA LEU C 952 22.72 11.87 -52.99
C LEU C 952 22.16 10.86 -53.98
N MET C 953 22.63 9.62 -53.90
CA MET C 953 22.07 8.51 -54.65
C MET C 953 20.57 8.66 -54.95
N ASP C 954 19.79 9.05 -53.94
CA ASP C 954 18.34 9.18 -54.10
C ASP C 954 17.84 10.64 -54.16
N LYS C 955 18.76 11.61 -54.08
CA LYS C 955 18.40 13.03 -54.04
C LYS C 955 19.01 13.78 -55.22
N GLU C 956 20.27 13.45 -55.51
CA GLU C 956 20.98 13.95 -56.70
C GLU C 956 20.80 12.96 -57.83
N GLY C 957 20.89 11.69 -57.47
CA GLY C 957 21.05 10.62 -58.44
C GLY C 957 22.51 10.45 -58.80
N LYS C 958 23.41 10.58 -57.82
CA LYS C 958 24.83 10.23 -58.02
C LYS C 958 24.94 8.70 -58.08
N GLY C 959 26.12 8.17 -58.38
CA GLY C 959 26.29 6.73 -58.53
C GLY C 959 26.50 6.06 -57.19
N LEU C 960 26.64 4.73 -57.18
CA LEU C 960 26.97 4.04 -55.94
C LEU C 960 28.30 4.56 -55.41
N ILE C 961 29.41 4.25 -56.09
CA ILE C 961 30.73 4.69 -55.61
C ILE C 961 30.92 6.20 -55.83
N GLU C 962 30.06 6.76 -56.68
CA GLU C 962 30.01 8.20 -56.93
C GLU C 962 29.49 9.01 -55.74
N ALA C 963 28.58 8.43 -54.95
CA ALA C 963 28.02 9.10 -53.77
C ALA C 963 28.68 8.66 -52.46
N THR C 964 29.16 7.41 -52.43
CA THR C 964 29.91 6.86 -51.30
C THR C 964 31.21 7.62 -51.06
N LEU C 965 31.77 8.17 -52.14
CA LEU C 965 32.95 9.02 -52.08
C LEU C 965 32.62 10.49 -51.77
N ASP C 966 31.51 10.98 -52.32
CA ASP C 966 31.02 12.34 -52.01
C ASP C 966 30.56 12.49 -50.55
N ALA C 967 29.98 11.41 -50.03
CA ALA C 967 29.65 11.33 -48.60
C ALA C 967 30.91 11.27 -47.75
N VAL C 968 31.65 10.16 -47.85
CA VAL C 968 32.85 9.90 -47.06
C VAL C 968 33.77 11.12 -46.80
N ARG C 969 33.70 12.15 -47.66
CA ARG C 969 34.46 13.41 -47.45
C ARG C 969 33.63 14.62 -46.97
N MET C 970 32.45 14.86 -47.54
CA MET C 970 31.60 15.98 -47.11
C MET C 970 31.17 15.88 -45.63
N ARG C 971 31.35 14.69 -45.06
CA ARG C 971 31.15 14.42 -43.63
C ARG C 971 32.25 13.51 -43.06
N LEU C 972 33.48 14.01 -43.03
CA LEU C 972 34.52 13.36 -42.27
C LEU C 972 34.89 14.21 -41.07
N ARG C 973 35.10 15.50 -41.33
CA ARG C 973 35.13 16.52 -40.27
C ARG C 973 34.07 16.19 -39.18
N PRO C 974 32.78 16.04 -39.57
CA PRO C 974 31.75 15.61 -38.63
C PRO C 974 32.13 14.36 -37.81
N ILE C 975 32.63 13.31 -38.46
CA ILE C 975 33.03 12.10 -37.74
C ILE C 975 34.24 12.32 -36.82
N LEU C 976 35.05 13.32 -37.13
CA LEU C 976 36.31 13.51 -36.46
C LEU C 976 36.21 14.34 -35.19
N MET C 977 35.47 15.45 -35.27
CA MET C 977 35.23 16.28 -34.08
C MET C 977 34.51 15.44 -33.03
N THR C 978 33.37 14.85 -33.42
CA THR C 978 32.48 14.09 -32.53
C THR C 978 33.16 12.90 -31.88
N SER C 979 33.70 12.00 -32.69
CA SER C 979 34.32 10.79 -32.17
C SER C 979 35.38 11.11 -31.13
N LEU C 980 36.16 12.17 -31.36
CA LEU C 980 37.23 12.55 -30.44
C LEU C 980 36.76 13.38 -29.24
N ALA C 981 35.67 14.13 -29.40
CA ALA C 981 35.09 14.92 -28.30
C ALA C 981 34.48 14.04 -27.21
N PHE C 982 33.90 12.91 -27.62
CA PHE C 982 33.55 11.86 -26.69
C PHE C 982 34.84 11.35 -26.07
N ILE C 983 35.85 11.10 -26.91
CA ILE C 983 37.13 10.53 -26.48
C ILE C 983 37.83 11.38 -25.41
N LEU C 984 37.57 12.70 -25.45
CA LEU C 984 38.13 13.67 -24.50
C LEU C 984 37.19 14.09 -23.35
N GLY C 985 35.89 13.87 -23.54
CA GLY C 985 34.90 14.03 -22.48
C GLY C 985 35.02 12.91 -21.46
N VAL C 986 35.29 11.69 -21.93
CA VAL C 986 35.43 10.52 -21.06
C VAL C 986 36.89 10.21 -20.73
N MET C 987 37.77 11.08 -21.20
CA MET C 987 39.18 10.93 -20.90
C MET C 987 39.40 11.17 -19.41
N PRO C 988 38.75 12.23 -18.86
CA PRO C 988 39.03 12.61 -17.48
C PRO C 988 38.71 11.50 -16.47
N LEU C 989 37.72 10.66 -16.77
CA LEU C 989 37.34 9.61 -15.84
C LEU C 989 38.04 8.26 -16.05
N VAL C 990 38.85 8.13 -17.10
CA VAL C 990 39.75 6.95 -17.19
C VAL C 990 41.05 7.24 -16.46
N ILE C 991 41.35 8.54 -16.35
CA ILE C 991 42.55 9.06 -15.70
C ILE C 991 42.27 9.52 -14.26
N SER C 992 41.17 9.03 -13.68
CA SER C 992 40.72 9.47 -12.36
C SER C 992 41.19 8.55 -11.23
N THR C 993 41.35 9.13 -10.04
CA THR C 993 41.75 8.38 -8.82
C THR C 993 41.35 9.00 -7.48
N GLY C 994 41.88 8.39 -6.41
CA GLY C 994 41.64 8.82 -5.03
C GLY C 994 40.43 8.11 -4.49
N ALA C 995 39.27 8.72 -4.74
CA ALA C 995 38.00 8.16 -4.34
C ALA C 995 37.07 8.20 -5.52
N GLY C 996 36.30 7.13 -5.72
CA GLY C 996 35.35 7.07 -6.84
C GLY C 996 36.06 6.46 -8.02
N SER C 997 37.26 6.97 -8.28
CA SER C 997 38.39 6.19 -8.79
C SER C 997 37.96 4.86 -9.44
N GLY C 998 37.86 3.82 -8.60
CA GLY C 998 37.55 2.44 -9.04
C GLY C 998 36.44 2.29 -10.06
N ALA C 999 35.31 2.94 -9.81
CA ALA C 999 34.17 2.94 -10.73
C ALA C 999 34.48 3.81 -11.95
N GLN C 1000 34.77 5.09 -11.71
CA GLN C 1000 35.12 6.03 -12.77
C GLN C 1000 35.89 5.33 -13.90
N ASN C 1001 36.93 4.60 -13.54
CA ASN C 1001 37.74 3.87 -14.53
C ASN C 1001 36.90 2.94 -15.38
N ALA C 1002 36.23 1.98 -14.74
CA ALA C 1002 35.44 0.97 -15.43
C ALA C 1002 34.48 1.58 -16.46
N VAL C 1003 33.87 2.71 -16.13
CA VAL C 1003 32.90 3.38 -17.02
C VAL C 1003 33.53 4.11 -18.19
N GLY C 1004 34.73 4.68 -18.00
CA GLY C 1004 35.45 5.40 -19.07
C GLY C 1004 36.26 4.53 -20.03
N THR C 1005 37.15 3.71 -19.45
CA THR C 1005 37.95 2.72 -20.18
C THR C 1005 37.19 2.03 -21.32
N GLY C 1006 36.15 1.27 -20.99
CA GLY C 1006 35.39 0.53 -21.98
C GLY C 1006 34.96 1.38 -23.18
N VAL C 1007 34.68 2.65 -22.95
CA VAL C 1007 34.15 3.51 -24.01
C VAL C 1007 35.17 4.45 -24.64
N MET C 1008 36.45 4.20 -24.37
CA MET C 1008 37.51 4.88 -25.11
C MET C 1008 37.91 3.92 -26.23
N GLY C 1009 38.44 2.76 -25.86
CA GLY C 1009 38.77 1.70 -26.82
C GLY C 1009 37.72 1.50 -27.89
N GLY C 1010 36.47 1.80 -27.54
CA GLY C 1010 35.36 1.71 -28.48
C GLY C 1010 35.24 2.90 -29.41
N MET C 1011 35.47 4.10 -28.90
CA MET C 1011 35.35 5.29 -29.71
C MET C 1011 36.63 5.53 -30.52
N VAL C 1012 37.68 4.81 -30.14
CA VAL C 1012 38.91 4.79 -30.92
C VAL C 1012 38.65 3.87 -32.13
N THR C 1013 38.37 2.60 -31.89
CA THR C 1013 38.21 1.62 -32.98
C THR C 1013 36.79 1.59 -33.56
N ALA C 1014 36.20 2.77 -33.68
CA ALA C 1014 34.95 2.94 -34.40
C ALA C 1014 34.97 4.35 -34.92
N THR C 1015 36.15 4.93 -34.88
CA THR C 1015 36.48 6.10 -35.67
C THR C 1015 37.51 5.63 -36.69
N VAL C 1016 38.56 4.99 -36.19
CA VAL C 1016 39.63 4.44 -37.01
C VAL C 1016 39.04 3.46 -38.02
N LEU C 1017 38.77 2.24 -37.57
CA LEU C 1017 38.33 1.17 -38.46
C LEU C 1017 37.05 1.51 -39.20
N ALA C 1018 36.27 2.43 -38.64
CA ALA C 1018 34.94 2.78 -39.16
C ALA C 1018 34.95 3.53 -40.48
N ILE C 1019 35.52 4.74 -40.50
CA ILE C 1019 35.56 5.58 -41.72
C ILE C 1019 36.12 4.84 -42.94
N PHE C 1020 37.06 3.93 -42.70
CA PHE C 1020 37.44 2.93 -43.70
C PHE C 1020 36.22 2.02 -43.88
N PHE C 1021 36.03 1.12 -42.93
CA PHE C 1021 35.10 0.01 -43.09
C PHE C 1021 33.65 0.26 -43.49
N VAL C 1022 33.13 1.44 -43.21
CA VAL C 1022 31.71 1.71 -43.52
C VAL C 1022 31.38 1.88 -45.02
N PRO C 1023 32.04 2.81 -45.74
CA PRO C 1023 31.73 2.88 -47.17
C PRO C 1023 31.86 1.51 -47.83
N VAL C 1024 32.82 0.72 -47.37
CA VAL C 1024 32.93 -0.69 -47.75
C VAL C 1024 31.54 -1.29 -47.75
N PHE C 1025 30.91 -1.29 -46.58
CA PHE C 1025 29.63 -1.98 -46.33
C PHE C 1025 28.44 -1.40 -47.08
N PHE C 1026 28.36 -0.07 -47.15
CA PHE C 1026 27.28 0.60 -47.88
C PHE C 1026 27.23 0.04 -49.29
N VAL C 1027 28.38 0.00 -49.95
CA VAL C 1027 28.52 -0.60 -51.27
C VAL C 1027 28.20 -2.10 -51.16
N VAL C 1028 29.07 -2.82 -50.45
CA VAL C 1028 28.96 -4.27 -50.25
C VAL C 1028 27.53 -4.75 -50.07
N VAL C 1029 26.70 -3.94 -49.41
CA VAL C 1029 25.30 -4.27 -49.14
C VAL C 1029 24.37 -3.62 -50.17
N ARG C 1030 24.54 -2.31 -50.38
CA ARG C 1030 23.78 -1.55 -51.37
C ARG C 1030 23.91 -2.17 -52.76
N ARG C 1031 25.15 -2.48 -53.14
CA ARG C 1031 25.46 -3.25 -54.34
C ARG C 1031 24.81 -4.63 -54.21
N ARG C 1032 25.21 -5.38 -53.17
CA ARG C 1032 24.75 -6.75 -52.92
C ARG C 1032 23.24 -7.02 -53.03
N PHE C 1033 22.41 -5.99 -52.89
CA PHE C 1033 20.97 -6.09 -53.19
C PHE C 1033 20.35 -4.69 -53.03
#